data_8BON
#
_entry.id   8BON
#
_cell.length_a   1.00
_cell.length_b   1.00
_cell.length_c   1.00
_cell.angle_alpha   90.00
_cell.angle_beta   90.00
_cell.angle_gamma   90.00
#
_symmetry.space_group_name_H-M   'P 1'
#
loop_
_entity.id
_entity.type
_entity.pdbx_description
1 polymer 'Spike glycoprotein,Fibritin'
2 polymer 'Macrocyclic peptide S1B3inL1'
3 branched 2-acetamido-2-deoxy-beta-D-glucopyranose-(1-4)-2-acetamido-2-deoxy-beta-D-glucopyranose
4 non-polymer 2-acetamido-2-deoxy-beta-D-glucopyranose
#
loop_
_entity_poly.entity_id
_entity_poly.type
_entity_poly.pdbx_seq_one_letter_code
_entity_poly.pdbx_strand_id
1 'polypeptide(L)'
;QCVNLTTRTQLPPAYTNSFTRGVYYPDKVFRSSVLHSTQDLFLPFFSNVTWFHAIHVSGTNGTKRFDNPVLPFNDGVYFA
STEKSNIIRGWIFGTTLDSKTQSLLIVNNATNVVIKVCEFQFCNDPFLGVYYHKNNKSWMESEFRVYSSANNCTFEYVSQ
PFLMDLEGKQGNFKNLREFVFKNIDGYFKIYSKHTPINLVRDLPQGFSALEPLVDLPIGINITRFQTLLALHRSYLTPGD
SSSGWTAGAAAYYVGYLQPRTFLLKYNENGTITDAVDCALDPLSETKCTLKSFTVEKGIYQTSNFRVQPTESIVRFPNIT
NLCPFGEVFNATRFASVYAWNRKRISNCVADYSVLYNSASFSTFKCYGVSPTKLNDLCFTNVYADSFVIRGDEVRQIAPG
QTGKIADYNYKLPDDFTGCVIAWNSNNLDSKVGGNYNYLYRLFRKSNLKPFERDISTEIYQAGSTPCNGVEGFNCYFPLQ
SYGFQPTNGVGYQPYRVVVLSFELLHAPATVCGPKKSTNLVKNKCVNFNFNGLTGTGVLTESNKKFLPFQQFGRDIADTT
DAVRDPQTLEILDITPCSFGGVSVITPGTNTSNQVAVLYQDVNCTEVPVAIHADQLTPTWRVYSTGSNVFQTRAGCLIGA
EHVNNSYECDIPIGAGICASYQTQTNSPAAARSVASQSIIAYTMSLGAENSVAYSNNSIAIPTNFTISVTTEILPVSMTK
TSVDCTMYICGDSTECSNLLLQYGSFCTQLNRALTGIAVEQDKNTQEVFAQVKQIYKTPPIKDFGGFNFSQILPDPSKPS
KRSPIEDLLFNKVTLADAGFIKQYGDCLGDIAARDLICAQKFNGLTVLPPLLTDEMIAQYTSALLAGTITSGWTFGAGPA
LQIPFPMQMAYRFNGIGVTQNVLYENQKLIANQFNSAIGKIQDSLSSTPSALGKLQDVVNQNAQALNTLVKQLSSNFGAI
SSVLNDILSRLDPPEAEVQIDRLITGRLQSLQTYVTQQLIRAAEIRASANLAATKMSECVLGQSKRVDFCGKGYHLMSFP
QSAPHGVVFLHVTYVPAQEKNFTTAPAICHDGKAHFPREGVFVSNGTHWFVTQRNFYEPQIITTDNTFVSGNCDVVIGIV
NNTVYDPLQPELDSFKEELDKYFKNHTSPDVDLGDISGINASVVNIQKEIDRLNEVAKNLNESLIDLQELGKYEQGSGYI
PEAPRDGQAYVRKDGEWVLLSTFLGRSLEVLFQGPGHHHHHHHHSAWSHPQFEKGGGSGGGGSGGSAWSHPQFEK
;
B,A,C
2 'polypeptide(L)' YRRPREQIIIGSLWVF(CCS)G(NH2) E,D,F
#
loop_
_chem_comp.id
_chem_comp.type
_chem_comp.name
_chem_comp.formula
NAG D-saccharide, beta linking 2-acetamido-2-deoxy-beta-D-glucopyranose 'C8 H15 N O6'
NH2 non-polymer 'AMINO GROUP' 'H2 N'
#
# COMPACT_ATOMS: atom_id res chain seq x y z
N GLN A 1 -20.95 -42.48 -58.70
CA GLN A 1 -19.79 -42.41 -59.59
C GLN A 1 -19.30 -40.98 -59.74
N CYS A 2 -18.04 -40.75 -59.43
CA CYS A 2 -17.46 -39.43 -59.56
C CYS A 2 -17.36 -39.02 -61.02
N VAL A 3 -17.70 -37.75 -61.30
CA VAL A 3 -17.65 -37.22 -62.65
C VAL A 3 -16.96 -35.86 -62.62
N ASN A 4 -16.48 -35.43 -63.78
CA ASN A 4 -15.83 -34.14 -63.95
C ASN A 4 -16.75 -33.25 -64.76
N LEU A 5 -17.27 -32.19 -64.14
CA LEU A 5 -18.18 -31.29 -64.81
C LEU A 5 -17.42 -30.41 -65.80
N THR A 6 -18.04 -30.13 -66.94
CA THR A 6 -17.46 -29.33 -68.00
C THR A 6 -18.37 -28.13 -68.30
N THR A 7 -18.05 -27.41 -69.36
CA THR A 7 -18.79 -26.23 -69.80
C THR A 7 -18.83 -25.15 -68.71
N ARG A 8 -17.77 -25.05 -67.93
CA ARG A 8 -17.65 -24.04 -66.87
C ARG A 8 -16.49 -23.12 -67.19
N THR A 9 -16.77 -21.81 -67.21
CA THR A 9 -15.76 -20.81 -67.52
C THR A 9 -15.14 -20.31 -66.22
N GLN A 10 -13.83 -20.51 -66.08
CA GLN A 10 -13.13 -20.07 -64.88
C GLN A 10 -12.99 -18.56 -64.87
N LEU A 11 -13.28 -17.94 -63.73
CA LEU A 11 -13.17 -16.50 -63.57
C LEU A 11 -12.61 -16.20 -62.19
N PRO A 12 -11.89 -15.09 -62.03
CA PRO A 12 -11.41 -14.70 -60.71
C PRO A 12 -12.58 -14.38 -59.78
N PRO A 13 -12.47 -14.74 -58.51
CA PRO A 13 -13.57 -14.45 -57.58
C PRO A 13 -13.71 -12.96 -57.31
N ALA A 14 -14.94 -12.55 -57.03
CA ALA A 14 -15.24 -11.16 -56.71
C ALA A 14 -15.05 -10.92 -55.21
N TYR A 15 -15.32 -9.69 -54.78
CA TYR A 15 -15.19 -9.31 -53.38
C TYR A 15 -16.29 -8.32 -53.03
N THR A 16 -16.67 -8.30 -51.76
CA THR A 16 -17.72 -7.42 -51.28
C THR A 16 -17.44 -7.05 -49.83
N ASN A 17 -18.28 -6.18 -49.28
CA ASN A 17 -18.09 -5.62 -47.95
C ASN A 17 -19.08 -6.24 -46.98
N SER A 18 -18.59 -6.63 -45.81
CA SER A 18 -19.43 -7.20 -44.75
C SER A 18 -19.70 -6.10 -43.73
N PHE A 19 -20.84 -5.44 -43.88
CA PHE A 19 -21.20 -4.31 -43.02
C PHE A 19 -21.66 -4.83 -41.67
N THR A 20 -20.67 -5.06 -40.78
CA THR A 20 -20.90 -5.54 -39.42
C THR A 20 -21.73 -6.83 -39.42
N ARG A 21 -21.14 -7.86 -40.02
CA ARG A 21 -21.77 -9.16 -40.15
C ARG A 21 -20.93 -10.23 -39.48
N GLY A 22 -21.60 -11.26 -38.96
CA GLY A 22 -20.92 -12.40 -38.39
C GLY A 22 -20.50 -12.23 -36.94
N VAL A 23 -21.41 -11.75 -36.11
CA VAL A 23 -21.18 -11.63 -34.68
C VAL A 23 -22.09 -12.62 -33.97
N TYR A 24 -21.49 -13.52 -33.21
CA TYR A 24 -22.21 -14.60 -32.55
C TYR A 24 -22.13 -14.44 -31.04
N TYR A 25 -22.93 -15.24 -30.34
CA TYR A 25 -22.88 -15.25 -28.88
C TYR A 25 -21.64 -15.99 -28.43
N PRO A 26 -20.75 -15.36 -27.66
CA PRO A 26 -19.48 -16.04 -27.33
C PRO A 26 -19.64 -17.17 -26.34
N ASP A 27 -20.44 -16.99 -25.29
CA ASP A 27 -20.62 -18.00 -24.27
C ASP A 27 -22.10 -18.16 -23.96
N LYS A 28 -22.44 -19.30 -23.36
CA LYS A 28 -23.82 -19.62 -23.02
C LYS A 28 -24.20 -19.01 -21.67
N VAL A 29 -24.01 -17.69 -21.57
CA VAL A 29 -24.30 -16.94 -20.37
C VAL A 29 -25.28 -15.82 -20.73
N PHE A 30 -26.37 -15.72 -19.98
CA PHE A 30 -27.37 -14.70 -20.23
C PHE A 30 -26.94 -13.37 -19.64
N ARG A 31 -27.01 -12.31 -20.43
CA ARG A 31 -26.75 -10.97 -19.96
C ARG A 31 -27.80 -10.03 -20.53
N SER A 32 -28.19 -9.03 -19.75
CA SER A 32 -29.24 -8.11 -20.14
C SER A 32 -28.88 -6.70 -19.72
N SER A 33 -29.12 -5.75 -20.62
CA SER A 33 -28.90 -4.32 -20.37
C SER A 33 -27.48 -4.06 -19.86
N VAL A 34 -26.51 -4.62 -20.55
CA VAL A 34 -25.11 -4.49 -20.17
C VAL A 34 -24.25 -4.53 -21.42
N LEU A 35 -23.15 -3.77 -21.39
CA LEU A 35 -22.14 -3.81 -22.45
C LEU A 35 -21.00 -4.71 -21.99
N HIS A 36 -20.77 -5.78 -22.73
CA HIS A 36 -19.77 -6.78 -22.37
C HIS A 36 -18.65 -6.78 -23.41
N SER A 37 -17.42 -6.62 -22.94
CA SER A 37 -16.25 -6.61 -23.81
C SER A 37 -15.58 -7.97 -23.72
N THR A 38 -15.75 -8.78 -24.77
CA THR A 38 -15.21 -10.12 -24.84
C THR A 38 -14.19 -10.22 -25.97
N GLN A 39 -13.21 -11.08 -25.78
CA GLN A 39 -12.18 -11.34 -26.79
C GLN A 39 -12.41 -12.76 -27.30
N ASP A 40 -12.61 -12.89 -28.61
CA ASP A 40 -12.85 -14.19 -29.21
C ASP A 40 -12.61 -14.07 -30.72
N LEU A 41 -12.67 -15.21 -31.40
CA LEU A 41 -12.48 -15.25 -32.84
C LEU A 41 -13.72 -14.66 -33.51
N PHE A 42 -13.62 -13.40 -33.93
CA PHE A 42 -14.70 -12.70 -34.59
C PHE A 42 -14.29 -12.32 -36.00
N LEU A 43 -15.28 -12.12 -36.87
CA LEU A 43 -15.02 -11.60 -38.20
C LEU A 43 -14.84 -10.09 -38.12
N PRO A 44 -13.69 -9.54 -38.52
CA PRO A 44 -13.48 -8.10 -38.40
C PRO A 44 -14.50 -7.31 -39.21
N PHE A 45 -14.91 -6.16 -38.66
CA PHE A 45 -15.91 -5.33 -39.32
C PHE A 45 -15.36 -4.78 -40.63
N PHE A 46 -16.23 -4.66 -41.63
CA PHE A 46 -15.88 -4.12 -42.94
C PHE A 46 -14.70 -4.89 -43.54
N SER A 47 -14.76 -6.22 -43.45
CA SER A 47 -13.71 -7.06 -44.00
C SER A 47 -13.90 -7.24 -45.50
N ASN A 48 -13.02 -8.03 -46.10
CA ASN A 48 -13.05 -8.30 -47.54
C ASN A 48 -13.36 -9.79 -47.72
N VAL A 49 -14.65 -10.11 -47.78
CA VAL A 49 -15.10 -11.49 -47.91
C VAL A 49 -15.21 -11.85 -49.39
N THR A 50 -14.78 -13.07 -49.73
CA THR A 50 -14.81 -13.52 -51.11
C THR A 50 -16.24 -13.78 -51.56
N TRP A 51 -16.51 -13.49 -52.83
CA TRP A 51 -17.83 -13.66 -53.43
C TRP A 51 -17.77 -14.76 -54.48
N PHE A 52 -18.66 -15.74 -54.35
CA PHE A 52 -18.77 -16.84 -55.31
C PHE A 52 -20.16 -16.85 -55.92
N HIS A 53 -20.22 -17.22 -57.20
CA HIS A 53 -21.48 -17.22 -57.96
C HIS A 53 -21.87 -18.63 -58.34
N ALA A 54 -23.16 -18.94 -58.19
CA ALA A 54 -23.74 -20.21 -58.63
C ALA A 54 -24.99 -19.85 -59.44
N ILE A 55 -24.80 -19.60 -60.74
CA ILE A 55 -25.88 -19.14 -61.59
C ILE A 55 -25.63 -19.63 -63.01
N HIS A 56 -26.71 -19.81 -63.78
CA HIS A 56 -26.60 -20.31 -65.14
C HIS A 56 -26.09 -19.24 -66.10
N VAL A 57 -26.84 -18.15 -66.23
CA VAL A 57 -26.53 -17.07 -67.17
C VAL A 57 -26.31 -17.60 -68.58
N THR A 63 -23.13 -18.22 -68.63
CA THR A 63 -21.72 -18.58 -68.59
C THR A 63 -21.49 -19.78 -67.70
N LYS A 64 -22.58 -20.34 -67.18
CA LYS A 64 -22.56 -21.53 -66.32
C LYS A 64 -21.65 -21.31 -65.11
N ARG A 65 -21.99 -20.29 -64.33
CA ARG A 65 -21.23 -19.99 -63.11
C ARG A 65 -21.57 -21.04 -62.06
N PHE A 66 -20.64 -21.96 -61.82
CA PHE A 66 -20.80 -23.01 -60.82
C PHE A 66 -19.53 -23.01 -59.96
N ASP A 67 -19.52 -22.18 -58.92
CA ASP A 67 -18.36 -22.00 -58.07
C ASP A 67 -18.38 -23.06 -56.97
N ASN A 68 -17.50 -24.05 -57.08
CA ASN A 68 -17.33 -25.08 -56.06
C ASN A 68 -15.84 -25.29 -55.80
N PRO A 69 -15.16 -24.31 -55.24
CA PRO A 69 -13.72 -24.42 -55.00
C PRO A 69 -13.43 -25.16 -53.71
N VAL A 70 -12.14 -25.24 -53.38
CA VAL A 70 -11.67 -25.82 -52.13
C VAL A 70 -10.94 -24.70 -51.38
N LEU A 71 -11.63 -24.09 -50.41
CA LEU A 71 -11.06 -22.95 -49.70
C LEU A 71 -10.34 -23.39 -48.43
N PRO A 72 -9.28 -22.69 -48.06
CA PRO A 72 -8.57 -23.02 -46.82
C PRO A 72 -9.44 -22.75 -45.61
N PHE A 73 -9.18 -23.53 -44.54
CA PHE A 73 -9.89 -23.39 -43.27
C PHE A 73 -8.88 -22.86 -42.25
N ASN A 74 -8.85 -21.53 -42.11
CA ASN A 74 -8.01 -20.89 -41.12
C ASN A 74 -8.67 -20.96 -39.74
N ASP A 75 -8.18 -20.17 -38.79
CA ASP A 75 -8.67 -20.18 -37.41
C ASP A 75 -10.18 -20.32 -37.33
N GLY A 76 -10.91 -19.66 -38.23
CA GLY A 76 -12.34 -19.80 -38.30
C GLY A 76 -12.84 -19.32 -39.65
N VAL A 77 -14.03 -19.79 -40.02
CA VAL A 77 -14.64 -19.46 -41.30
C VAL A 77 -16.05 -18.97 -41.07
N TYR A 78 -16.39 -17.84 -41.67
CA TYR A 78 -17.76 -17.30 -41.65
C TYR A 78 -18.36 -17.58 -43.01
N PHE A 79 -19.36 -18.44 -43.05
CA PHE A 79 -20.03 -18.83 -44.29
C PHE A 79 -21.41 -18.19 -44.33
N ALA A 80 -21.65 -17.37 -45.35
CA ALA A 80 -22.94 -16.73 -45.55
C ALA A 80 -23.43 -17.07 -46.96
N SER A 81 -24.72 -17.39 -47.07
CA SER A 81 -25.29 -17.82 -48.34
C SER A 81 -26.75 -17.38 -48.40
N THR A 82 -27.01 -16.25 -49.05
CA THR A 82 -28.38 -15.87 -49.35
C THR A 82 -28.93 -16.84 -50.41
N GLU A 83 -30.19 -17.24 -50.24
CA GLU A 83 -30.72 -18.30 -51.07
C GLU A 83 -32.23 -18.16 -51.21
N LYS A 84 -32.76 -18.77 -52.26
CA LYS A 84 -34.20 -18.84 -52.49
C LYS A 84 -34.68 -20.21 -52.93
N SER A 85 -33.78 -21.14 -53.26
CA SER A 85 -34.18 -22.46 -53.71
C SER A 85 -33.34 -23.59 -53.09
N ASN A 86 -32.56 -23.30 -52.05
CA ASN A 86 -31.78 -24.30 -51.34
C ASN A 86 -30.80 -25.03 -52.27
N ILE A 87 -30.08 -24.26 -53.09
CA ILE A 87 -29.07 -24.83 -53.95
C ILE A 87 -27.94 -25.42 -53.12
N ILE A 88 -27.47 -24.68 -52.12
CA ILE A 88 -26.40 -25.14 -51.25
C ILE A 88 -26.98 -26.06 -50.19
N ARG A 89 -26.48 -27.29 -50.14
CA ARG A 89 -26.99 -28.30 -49.20
C ARG A 89 -26.15 -28.39 -47.93
N GLY A 90 -24.86 -28.63 -48.06
CA GLY A 90 -24.01 -28.78 -46.91
C GLY A 90 -22.57 -28.47 -47.23
N TRP A 91 -21.68 -29.00 -46.40
CA TRP A 91 -20.25 -28.74 -46.52
C TRP A 91 -19.49 -30.01 -46.19
N ILE A 92 -18.24 -30.07 -46.65
CA ILE A 92 -17.32 -31.15 -46.33
C ILE A 92 -16.04 -30.54 -45.78
N PHE A 93 -15.53 -31.11 -44.70
CA PHE A 93 -14.35 -30.61 -44.02
C PHE A 93 -13.32 -31.72 -43.91
N GLY A 94 -12.06 -31.37 -44.13
CA GLY A 94 -10.99 -32.36 -44.05
C GLY A 94 -9.65 -31.70 -44.25
N THR A 95 -8.60 -32.51 -44.14
CA THR A 95 -7.23 -32.04 -44.30
C THR A 95 -6.53 -32.58 -45.53
N THR A 96 -6.97 -33.74 -46.05
CA THR A 96 -6.35 -34.32 -47.24
C THR A 96 -7.39 -34.57 -48.32
N LEU A 97 -8.61 -34.91 -47.91
CA LEU A 97 -9.72 -35.16 -48.83
C LEU A 97 -9.39 -36.27 -49.82
N ASP A 98 -8.70 -37.32 -49.35
CA ASP A 98 -8.40 -38.45 -50.20
C ASP A 98 -8.59 -39.79 -49.47
N SER A 99 -9.42 -39.82 -48.45
CA SER A 99 -9.75 -41.00 -47.63
C SER A 99 -8.57 -41.48 -46.80
N LYS A 100 -7.40 -40.85 -46.91
CA LYS A 100 -6.27 -41.24 -46.06
C LYS A 100 -6.42 -40.72 -44.64
N THR A 101 -7.14 -39.61 -44.46
CA THR A 101 -7.35 -39.01 -43.15
C THR A 101 -8.85 -38.80 -42.94
N GLN A 102 -9.22 -38.71 -41.67
CA GLN A 102 -10.63 -38.53 -41.31
C GLN A 102 -11.15 -37.19 -41.82
N SER A 103 -12.38 -37.20 -42.31
CA SER A 103 -13.01 -36.00 -42.85
C SER A 103 -14.44 -35.89 -42.34
N LEU A 104 -14.94 -34.66 -42.29
CA LEU A 104 -16.29 -34.39 -41.84
C LEU A 104 -17.20 -34.16 -43.05
N LEU A 105 -18.46 -34.55 -42.90
CA LEU A 105 -19.43 -34.43 -43.98
C LEU A 105 -20.77 -34.00 -43.40
N ILE A 106 -21.25 -32.84 -43.82
CA ILE A 106 -22.57 -32.33 -43.46
C ILE A 106 -23.39 -32.22 -44.73
N VAL A 107 -24.54 -32.90 -44.77
CA VAL A 107 -25.43 -32.86 -45.92
C VAL A 107 -26.86 -32.68 -45.43
N ASN A 108 -27.52 -31.62 -45.89
CA ASN A 108 -28.95 -31.42 -45.68
C ASN A 108 -29.64 -31.73 -47.00
N ASN A 109 -29.91 -33.02 -47.24
CA ASN A 109 -30.48 -33.45 -48.51
C ASN A 109 -31.99 -33.22 -48.50
N ALA A 110 -32.68 -33.79 -49.49
CA ALA A 110 -34.11 -33.57 -49.64
C ALA A 110 -34.93 -34.23 -48.53
N THR A 111 -34.33 -35.09 -47.72
CA THR A 111 -35.05 -35.80 -46.67
C THR A 111 -34.59 -35.43 -45.27
N ASN A 112 -33.29 -35.54 -45.00
CA ASN A 112 -32.76 -35.36 -43.65
C ASN A 112 -31.57 -34.40 -43.68
N VAL A 113 -31.10 -34.06 -42.48
CA VAL A 113 -29.81 -33.40 -42.30
C VAL A 113 -28.88 -34.41 -41.63
N VAL A 114 -27.72 -34.64 -42.23
CA VAL A 114 -26.83 -35.72 -41.84
C VAL A 114 -25.47 -35.14 -41.48
N ILE A 115 -24.95 -35.51 -40.32
CA ILE A 115 -23.61 -35.14 -39.89
C ILE A 115 -22.83 -36.43 -39.68
N LYS A 116 -21.74 -36.59 -40.42
CA LYS A 116 -20.90 -37.76 -40.33
C LYS A 116 -19.44 -37.35 -40.30
N VAL A 117 -18.62 -38.18 -39.67
CA VAL A 117 -17.17 -38.01 -39.66
C VAL A 117 -16.53 -39.36 -39.96
N CYS A 118 -15.90 -39.48 -41.12
CA CYS A 118 -15.34 -40.74 -41.58
C CYS A 118 -14.11 -40.44 -42.44
N GLU A 119 -13.58 -41.49 -43.06
CA GLU A 119 -12.50 -41.33 -44.04
C GLU A 119 -13.07 -41.35 -45.46
N PHE A 120 -13.90 -40.34 -45.74
CA PHE A 120 -14.57 -40.26 -47.03
C PHE A 120 -13.58 -40.01 -48.15
N GLN A 121 -13.82 -40.66 -49.29
CA GLN A 121 -13.05 -40.44 -50.51
C GLN A 121 -13.88 -39.52 -51.40
N PHE A 122 -13.71 -38.22 -51.22
CA PHE A 122 -14.48 -37.25 -51.97
C PHE A 122 -14.03 -37.22 -53.43
N CYS A 123 -14.98 -36.95 -54.32
CA CYS A 123 -14.68 -36.83 -55.73
C CYS A 123 -13.96 -35.51 -56.01
N ASN A 124 -13.48 -35.36 -57.24
CA ASN A 124 -12.82 -34.12 -57.62
C ASN A 124 -13.78 -32.94 -57.56
N ASP A 125 -15.02 -33.14 -58.02
CA ASP A 125 -16.05 -32.11 -57.99
C ASP A 125 -17.31 -32.70 -57.37
N PRO A 126 -17.33 -32.88 -56.05
CA PRO A 126 -18.53 -33.42 -55.41
C PRO A 126 -19.70 -32.45 -55.51
N PHE A 127 -20.90 -33.03 -55.56
CA PHE A 127 -22.12 -32.24 -55.68
C PHE A 127 -23.30 -33.12 -55.33
N LEU A 128 -24.51 -32.55 -55.46
CA LEU A 128 -25.75 -33.28 -55.28
C LEU A 128 -26.54 -33.20 -56.58
N GLY A 129 -27.05 -34.35 -57.03
CA GLY A 129 -27.76 -34.40 -58.30
C GLY A 129 -29.27 -34.38 -58.17
N VAL A 130 -29.89 -33.30 -58.63
CA VAL A 130 -31.34 -33.16 -58.62
C VAL A 130 -31.81 -33.11 -60.06
N TYR A 131 -32.72 -34.01 -60.43
CA TYR A 131 -33.26 -34.09 -61.78
C TYR A 131 -34.70 -33.61 -61.78
N TYR A 132 -35.02 -32.72 -62.72
CA TYR A 132 -36.38 -32.22 -62.86
C TYR A 132 -37.22 -33.23 -63.63
N HIS A 133 -38.39 -33.57 -63.07
CA HIS A 133 -39.24 -34.57 -63.70
C HIS A 133 -39.84 -34.02 -64.98
N LYS A 134 -39.71 -34.79 -66.06
CA LYS A 134 -40.27 -34.37 -67.34
C LYS A 134 -41.78 -34.59 -67.40
N ASN A 135 -42.25 -35.70 -66.83
CA ASN A 135 -43.68 -36.03 -66.92
C ASN A 135 -44.53 -35.04 -66.14
N ASN A 136 -44.10 -34.64 -64.95
CA ASN A 136 -44.86 -33.71 -64.13
C ASN A 136 -43.92 -32.71 -63.48
N LYS A 137 -44.49 -31.61 -63.01
CA LYS A 137 -43.74 -30.53 -62.36
C LYS A 137 -43.36 -30.99 -60.96
N SER A 138 -42.24 -31.72 -60.88
CA SER A 138 -41.76 -32.25 -59.61
C SER A 138 -40.24 -32.33 -59.65
N TRP A 139 -39.64 -32.35 -58.46
CA TRP A 139 -38.19 -32.43 -58.32
C TRP A 139 -37.83 -33.53 -57.34
N MET A 140 -36.69 -34.17 -57.59
CA MET A 140 -36.23 -35.25 -56.73
C MET A 140 -34.74 -35.41 -56.92
N GLU A 141 -34.02 -35.56 -55.80
CA GLU A 141 -32.55 -35.67 -55.82
C GLU A 141 -32.19 -37.08 -56.30
N SER A 142 -32.06 -37.21 -57.62
CA SER A 142 -31.83 -38.53 -58.22
C SER A 142 -30.40 -39.02 -58.04
N GLU A 143 -29.42 -38.13 -58.06
CA GLU A 143 -28.01 -38.50 -58.06
C GLU A 143 -27.36 -38.09 -56.74
N PHE A 144 -26.49 -38.97 -56.24
CA PHE A 144 -25.69 -38.71 -55.05
C PHE A 144 -24.25 -39.08 -55.38
N ARG A 145 -23.45 -38.08 -55.75
CA ARG A 145 -22.08 -38.28 -56.23
C ARG A 145 -21.11 -37.47 -55.39
N VAL A 146 -21.26 -37.53 -54.07
CA VAL A 146 -20.40 -36.77 -53.18
C VAL A 146 -19.06 -37.49 -52.97
N TYR A 147 -19.11 -38.74 -52.55
CA TYR A 147 -17.91 -39.50 -52.22
C TYR A 147 -18.02 -40.91 -52.78
N SER A 148 -16.89 -41.60 -52.82
CA SER A 148 -16.84 -42.96 -53.33
C SER A 148 -17.14 -43.99 -52.24
N SER A 149 -16.33 -43.99 -51.18
CA SER A 149 -16.50 -44.94 -50.10
C SER A 149 -15.86 -44.40 -48.83
N ALA A 150 -16.25 -44.98 -47.69
CA ALA A 150 -15.73 -44.62 -46.39
C ALA A 150 -15.02 -45.83 -45.79
N ASN A 151 -13.80 -45.61 -45.29
CA ASN A 151 -13.01 -46.69 -44.72
C ASN A 151 -13.34 -46.95 -43.26
N ASN A 152 -13.28 -45.91 -42.42
CA ASN A 152 -13.59 -46.01 -41.01
C ASN A 152 -14.48 -44.85 -40.59
N CYS A 153 -15.30 -45.07 -39.57
CA CYS A 153 -16.22 -44.06 -39.08
C CYS A 153 -16.18 -44.06 -37.56
N THR A 154 -16.47 -42.90 -36.97
CA THR A 154 -16.41 -42.76 -35.52
C THR A 154 -17.67 -42.16 -34.92
N PHE A 155 -18.36 -41.28 -35.66
CA PHE A 155 -19.54 -40.62 -35.14
C PHE A 155 -20.45 -40.20 -36.28
N GLU A 156 -21.73 -40.57 -36.16
CA GLU A 156 -22.75 -40.22 -37.13
C GLU A 156 -23.90 -39.54 -36.41
N TYR A 157 -24.70 -38.79 -37.17
CA TYR A 157 -25.92 -38.18 -36.62
C TYR A 157 -26.86 -37.90 -37.78
N VAL A 158 -28.09 -38.41 -37.68
CA VAL A 158 -29.13 -38.17 -38.68
C VAL A 158 -30.39 -37.72 -37.95
N SER A 159 -30.97 -36.61 -38.40
CA SER A 159 -32.18 -36.08 -37.79
C SER A 159 -33.42 -36.68 -38.46
N GLN A 160 -34.59 -36.28 -37.96
CA GLN A 160 -35.84 -36.80 -38.48
C GLN A 160 -36.07 -36.32 -39.91
N PRO A 161 -36.70 -37.14 -40.76
CA PRO A 161 -36.94 -36.73 -42.14
C PRO A 161 -37.88 -35.53 -42.24
N PHE A 162 -37.63 -34.71 -43.26
CA PHE A 162 -38.46 -33.54 -43.51
C PHE A 162 -38.37 -33.20 -44.99
N LEU A 163 -39.38 -32.47 -45.48
CA LEU A 163 -39.50 -32.13 -46.89
C LEU A 163 -39.52 -30.62 -47.05
N MET A 164 -38.74 -30.12 -48.00
CA MET A 164 -38.65 -28.70 -48.31
C MET A 164 -39.27 -28.42 -49.67
N ASP A 165 -39.15 -27.16 -50.13
CA ASP A 165 -39.78 -26.76 -51.38
C ASP A 165 -39.16 -27.50 -52.57
N LEU A 166 -37.83 -27.53 -52.65
CA LEU A 166 -37.08 -28.20 -53.72
C LEU A 166 -37.44 -27.65 -55.10
N GLU A 167 -37.94 -26.42 -55.18
CA GLU A 167 -38.32 -25.80 -56.44
C GLU A 167 -37.28 -24.77 -56.84
N GLY A 168 -36.80 -24.87 -58.08
CA GLY A 168 -35.79 -23.97 -58.57
C GLY A 168 -36.34 -22.63 -59.03
N LYS A 169 -36.70 -21.77 -58.08
CA LYS A 169 -37.22 -20.45 -58.42
C LYS A 169 -36.17 -19.63 -59.16
N GLN A 170 -36.62 -18.87 -60.16
CA GLN A 170 -35.74 -18.02 -60.95
C GLN A 170 -35.84 -16.55 -60.55
N GLY A 171 -36.50 -16.25 -59.44
CA GLY A 171 -36.69 -14.87 -59.01
C GLY A 171 -35.48 -14.27 -58.32
N ASN A 172 -35.72 -13.51 -57.26
CA ASN A 172 -34.67 -12.89 -56.48
C ASN A 172 -34.53 -13.55 -55.12
N PHE A 173 -33.37 -13.35 -54.50
CA PHE A 173 -33.11 -13.94 -53.19
C PHE A 173 -34.04 -13.34 -52.14
N LYS A 174 -34.50 -14.18 -51.22
CA LYS A 174 -35.45 -13.76 -50.19
C LYS A 174 -35.02 -14.07 -48.78
N ASN A 175 -34.12 -15.02 -48.55
CA ASN A 175 -33.66 -15.36 -47.21
C ASN A 175 -32.15 -15.45 -47.21
N LEU A 176 -31.55 -15.10 -46.06
CA LEU A 176 -30.10 -15.10 -45.89
C LEU A 176 -29.73 -16.05 -44.77
N ARG A 177 -28.82 -16.98 -45.05
CA ARG A 177 -28.31 -17.92 -44.07
C ARG A 177 -26.84 -17.64 -43.82
N GLU A 178 -26.48 -17.46 -42.56
CA GLU A 178 -25.10 -17.20 -42.15
C GLU A 178 -24.64 -18.29 -41.20
N PHE A 179 -23.41 -18.76 -41.40
CA PHE A 179 -22.84 -19.81 -40.57
C PHE A 179 -21.43 -19.44 -40.17
N VAL A 180 -21.06 -19.77 -38.94
CA VAL A 180 -19.70 -19.59 -38.44
C VAL A 180 -19.21 -20.95 -37.97
N PHE A 181 -18.05 -21.37 -38.49
CA PHE A 181 -17.45 -22.64 -38.14
C PHE A 181 -16.18 -22.40 -37.35
N LYS A 182 -16.09 -23.00 -36.17
CA LYS A 182 -14.92 -22.90 -35.32
C LYS A 182 -14.41 -24.29 -34.99
N ASN A 183 -13.09 -24.45 -34.97
CA ASN A 183 -12.45 -25.71 -34.69
C ASN A 183 -11.54 -25.62 -33.47
N ILE A 184 -12.05 -25.01 -32.40
CA ILE A 184 -11.29 -24.93 -31.17
C ILE A 184 -11.16 -26.32 -30.56
N ASP A 185 -10.30 -26.43 -29.54
CA ASP A 185 -9.87 -27.70 -28.98
C ASP A 185 -11.01 -28.69 -28.75
N GLY A 186 -10.95 -29.84 -29.44
CA GLY A 186 -11.85 -30.94 -29.24
C GLY A 186 -13.22 -30.76 -29.85
N TYR A 187 -13.66 -29.53 -30.07
CA TYR A 187 -15.01 -29.25 -30.51
C TYR A 187 -15.05 -28.76 -31.96
N PHE A 188 -16.27 -28.68 -32.48
CA PHE A 188 -16.51 -28.10 -33.79
C PHE A 188 -17.85 -27.37 -33.70
N LYS A 189 -17.80 -26.08 -33.41
CA LYS A 189 -18.99 -25.30 -33.08
C LYS A 189 -19.56 -24.63 -34.33
N ILE A 190 -20.87 -24.73 -34.48
CA ILE A 190 -21.59 -24.15 -35.61
C ILE A 190 -22.60 -23.15 -35.08
N TYR A 191 -22.57 -21.93 -35.62
CA TYR A 191 -23.52 -20.88 -35.27
C TYR A 191 -24.28 -20.49 -36.53
N SER A 192 -25.57 -20.19 -36.38
CA SER A 192 -26.40 -19.91 -37.55
C SER A 192 -27.51 -18.94 -37.18
N LYS A 193 -28.03 -18.28 -38.23
CA LYS A 193 -29.15 -17.37 -38.09
C LYS A 193 -29.79 -17.18 -39.47
N HIS A 194 -31.10 -17.09 -39.50
CA HIS A 194 -31.85 -16.90 -40.74
C HIS A 194 -32.61 -15.58 -40.69
N THR A 195 -32.49 -14.79 -41.75
CA THR A 195 -33.07 -13.46 -41.81
C THR A 195 -33.68 -13.27 -43.20
N PRO A 196 -34.96 -12.89 -43.28
CA PRO A 196 -35.58 -12.69 -44.59
C PRO A 196 -35.39 -11.31 -45.22
N ILE A 197 -34.71 -11.30 -46.36
CA ILE A 197 -34.26 -10.05 -46.98
C ILE A 197 -34.90 -9.90 -48.35
N ASN A 198 -34.57 -8.81 -49.04
CA ASN A 198 -35.05 -8.56 -50.40
C ASN A 198 -34.00 -7.73 -51.12
N LEU A 199 -33.16 -8.40 -51.91
CA LEU A 199 -32.08 -7.73 -52.62
C LEU A 199 -31.67 -8.56 -53.82
N VAL A 200 -30.95 -7.92 -54.74
CA VAL A 200 -30.48 -8.59 -55.94
C VAL A 200 -29.08 -9.16 -55.72
N ARG A 201 -28.19 -8.39 -55.09
CA ARG A 201 -26.82 -8.84 -54.85
C ARG A 201 -26.29 -8.11 -53.62
N ASP A 202 -25.02 -8.39 -53.29
CA ASP A 202 -24.30 -7.78 -52.17
C ASP A 202 -24.85 -8.22 -50.83
N LEU A 203 -24.00 -8.22 -49.81
CA LEU A 203 -24.40 -8.62 -48.47
C LEU A 203 -25.14 -7.47 -47.80
N PRO A 204 -26.34 -7.70 -47.26
CA PRO A 204 -27.13 -6.61 -46.70
C PRO A 204 -26.48 -5.98 -45.48
N GLN A 205 -26.80 -4.71 -45.26
CA GLN A 205 -26.31 -3.98 -44.09
C GLN A 205 -27.09 -4.43 -42.86
N GLY A 206 -26.88 -3.74 -41.74
CA GLY A 206 -27.55 -4.09 -40.51
C GLY A 206 -26.76 -5.07 -39.67
N PHE A 207 -27.31 -5.36 -38.50
CA PHE A 207 -26.67 -6.21 -37.52
C PHE A 207 -27.55 -7.41 -37.20
N SER A 208 -26.92 -8.57 -37.03
CA SER A 208 -27.63 -9.79 -36.67
C SER A 208 -26.69 -10.68 -35.88
N ALA A 209 -27.24 -11.35 -34.86
CA ALA A 209 -26.46 -12.22 -33.98
C ALA A 209 -26.72 -13.67 -34.35
N LEU A 210 -25.65 -14.46 -34.43
CA LEU A 210 -25.75 -15.87 -34.80
C LEU A 210 -25.79 -16.70 -33.53
N GLU A 211 -26.93 -17.33 -33.26
CA GLU A 211 -27.09 -18.19 -32.10
C GLU A 211 -26.37 -19.53 -32.32
N PRO A 212 -25.86 -20.14 -31.26
CA PRO A 212 -25.22 -21.45 -31.42
C PRO A 212 -26.20 -22.51 -31.89
N LEU A 213 -25.69 -23.45 -32.67
CA LEU A 213 -26.53 -24.51 -33.22
C LEU A 213 -26.14 -25.89 -32.70
N VAL A 214 -24.90 -26.32 -32.89
CA VAL A 214 -24.44 -27.64 -32.46
C VAL A 214 -23.02 -27.54 -31.96
N ASP A 215 -22.66 -28.47 -31.06
CA ASP A 215 -21.29 -28.64 -30.59
C ASP A 215 -20.89 -30.09 -30.84
N LEU A 216 -19.85 -30.30 -31.62
CA LEU A 216 -19.45 -31.64 -32.01
C LEU A 216 -18.13 -32.03 -31.36
N PRO A 217 -18.13 -32.94 -30.38
CA PRO A 217 -16.87 -33.37 -29.74
C PRO A 217 -16.15 -34.45 -30.54
N ILE A 218 -15.49 -34.03 -31.63
CA ILE A 218 -14.81 -34.95 -32.53
C ILE A 218 -13.30 -34.72 -32.55
N GLY A 219 -12.86 -33.47 -32.51
CA GLY A 219 -11.44 -33.16 -32.46
C GLY A 219 -10.65 -33.65 -33.67
N ILE A 220 -11.15 -33.39 -34.86
CA ILE A 220 -10.46 -33.80 -36.08
C ILE A 220 -9.62 -32.63 -36.59
N ASN A 221 -8.64 -32.94 -37.43
CA ASN A 221 -7.77 -31.94 -38.02
C ASN A 221 -8.38 -31.44 -39.32
N ILE A 222 -8.71 -30.15 -39.36
CA ILE A 222 -9.35 -29.52 -40.52
C ILE A 222 -8.44 -28.40 -41.01
N THR A 223 -8.16 -28.40 -42.32
CA THR A 223 -7.33 -27.37 -42.92
C THR A 223 -8.02 -26.76 -44.12
N ARG A 224 -8.87 -27.52 -44.79
CA ARG A 224 -9.59 -27.05 -45.96
C ARG A 224 -11.05 -27.49 -45.87
N PHE A 225 -11.91 -26.80 -46.61
CA PHE A 225 -13.32 -27.17 -46.66
C PHE A 225 -13.87 -26.87 -48.04
N GLN A 226 -15.00 -27.48 -48.35
CA GLN A 226 -15.63 -27.35 -49.66
C GLN A 226 -17.14 -27.42 -49.48
N THR A 227 -17.86 -26.59 -50.22
CA THR A 227 -19.32 -26.56 -50.15
C THR A 227 -19.92 -27.54 -51.13
N LEU A 228 -21.17 -27.92 -50.87
CA LEU A 228 -21.91 -28.87 -51.70
C LEU A 228 -23.13 -28.16 -52.28
N LEU A 229 -23.34 -28.34 -53.58
CA LEU A 229 -24.45 -27.71 -54.28
C LEU A 229 -25.33 -28.77 -54.93
N ALA A 230 -26.59 -28.42 -55.15
CA ALA A 230 -27.56 -29.31 -55.77
C ALA A 230 -27.72 -28.92 -57.23
N LEU A 231 -27.16 -29.74 -58.12
CA LEU A 231 -27.27 -29.49 -59.55
C LEU A 231 -28.70 -29.69 -60.03
N HIS A 232 -29.15 -28.81 -60.91
CA HIS A 232 -30.46 -28.90 -61.52
C HIS A 232 -30.30 -29.43 -62.94
N ARG A 233 -30.98 -30.53 -63.24
CA ARG A 233 -30.92 -31.16 -64.56
C ARG A 233 -32.33 -31.35 -65.10
N SER A 234 -32.52 -31.02 -66.37
CA SER A 234 -33.82 -31.10 -67.00
C SER A 234 -33.65 -31.25 -68.51
N TYR A 235 -34.74 -31.60 -69.17
CA TYR A 235 -34.73 -31.74 -70.63
C TYR A 235 -34.46 -30.42 -71.34
N LEU A 236 -34.68 -29.29 -70.67
CA LEU A 236 -34.42 -27.99 -71.28
C LEU A 236 -32.93 -27.71 -71.42
N THR A 237 -32.06 -28.53 -70.84
CA THR A 237 -30.61 -28.38 -70.92
C THR A 237 -30.04 -29.68 -71.46
N PRO A 238 -30.07 -29.89 -72.78
CA PRO A 238 -29.58 -31.15 -73.35
C PRO A 238 -28.09 -31.32 -73.13
N GLY A 239 -27.68 -32.57 -73.01
CA GLY A 239 -26.28 -32.90 -72.77
C GLY A 239 -26.15 -34.27 -72.13
N ASP A 240 -25.12 -34.42 -71.31
CA ASP A 240 -24.86 -35.68 -70.62
C ASP A 240 -24.74 -35.45 -69.12
N SER A 241 -24.32 -36.48 -68.39
CA SER A 241 -24.16 -36.36 -66.94
C SER A 241 -23.04 -35.40 -66.56
N SER A 242 -22.15 -35.08 -67.48
CA SER A 242 -21.03 -34.19 -67.19
C SER A 242 -21.25 -32.75 -67.62
N SER A 243 -22.20 -32.50 -68.52
CA SER A 243 -22.45 -31.16 -69.03
C SER A 243 -23.92 -30.77 -69.09
N GLY A 244 -24.84 -31.71 -68.98
CA GLY A 244 -26.26 -31.38 -69.05
C GLY A 244 -26.84 -31.00 -67.71
N TRP A 245 -26.51 -29.80 -67.23
CA TRP A 245 -26.97 -29.35 -65.92
C TRP A 245 -27.04 -27.82 -65.91
N THR A 246 -27.81 -27.31 -64.96
CA THR A 246 -27.87 -25.88 -64.69
C THR A 246 -27.78 -25.65 -63.19
N ALA A 247 -27.18 -24.52 -62.81
CA ALA A 247 -26.95 -24.20 -61.42
C ALA A 247 -28.04 -23.33 -60.81
N GLY A 248 -29.09 -23.02 -61.56
CA GLY A 248 -30.12 -22.14 -61.03
C GLY A 248 -29.58 -20.74 -60.82
N ALA A 249 -29.73 -20.22 -59.61
CA ALA A 249 -29.23 -18.89 -59.27
C ALA A 249 -28.94 -18.86 -57.78
N ALA A 250 -27.66 -18.81 -57.43
CA ALA A 250 -27.24 -18.80 -56.03
C ALA A 250 -25.93 -18.05 -55.91
N ALA A 251 -25.65 -17.58 -54.69
CA ALA A 251 -24.41 -16.86 -54.42
C ALA A 251 -24.14 -16.93 -52.92
N TYR A 252 -22.93 -17.33 -52.56
CA TYR A 252 -22.54 -17.46 -51.16
C TYR A 252 -21.22 -16.73 -50.92
N TYR A 253 -21.08 -16.18 -49.71
CA TYR A 253 -19.92 -15.40 -49.32
C TYR A 253 -19.15 -16.16 -48.24
N VAL A 254 -17.83 -16.07 -48.29
CA VAL A 254 -16.96 -16.74 -47.34
C VAL A 254 -16.07 -15.69 -46.67
N GLY A 255 -16.07 -15.68 -45.33
CA GLY A 255 -15.20 -14.81 -44.59
C GLY A 255 -14.42 -15.61 -43.57
N TYR A 256 -13.29 -15.03 -43.14
CA TYR A 256 -12.34 -15.72 -42.26
C TYR A 256 -12.30 -15.02 -40.91
N LEU A 257 -12.41 -15.79 -39.85
CA LEU A 257 -12.37 -15.24 -38.50
C LEU A 257 -10.96 -14.86 -38.10
N GLN A 258 -10.85 -13.90 -37.19
CA GLN A 258 -9.59 -13.44 -36.65
C GLN A 258 -9.74 -13.21 -35.16
N PRO A 259 -8.64 -13.28 -34.40
CA PRO A 259 -8.71 -12.95 -32.97
C PRO A 259 -8.93 -11.46 -32.76
N ARG A 260 -10.11 -11.09 -32.30
CA ARG A 260 -10.49 -9.69 -32.13
C ARG A 260 -11.19 -9.51 -30.80
N THR A 261 -11.25 -8.25 -30.37
CA THR A 261 -11.96 -7.86 -29.14
C THR A 261 -13.16 -7.03 -29.54
N PHE A 262 -14.34 -7.45 -29.09
CA PHE A 262 -15.59 -6.77 -29.41
C PHE A 262 -16.28 -6.34 -28.14
N LEU A 263 -16.99 -5.21 -28.20
CA LEU A 263 -17.77 -4.71 -27.08
C LEU A 263 -19.24 -4.98 -27.40
N LEU A 264 -19.71 -6.13 -26.94
CA LEU A 264 -21.06 -6.57 -27.25
C LEU A 264 -22.08 -5.80 -26.42
N LYS A 265 -23.22 -5.49 -27.03
CA LYS A 265 -24.31 -4.79 -26.36
C LYS A 265 -25.51 -5.71 -26.25
N TYR A 266 -26.03 -5.86 -25.03
CA TYR A 266 -27.21 -6.67 -24.75
C TYR A 266 -28.36 -5.78 -24.34
N ASN A 267 -29.54 -6.04 -24.87
CA ASN A 267 -30.73 -5.27 -24.51
C ASN A 267 -31.38 -5.90 -23.28
N GLU A 268 -32.60 -5.46 -22.95
CA GLU A 268 -33.27 -5.99 -21.77
C GLU A 268 -33.70 -7.44 -21.96
N ASN A 269 -33.90 -7.87 -23.20
CA ASN A 269 -34.35 -9.23 -23.49
C ASN A 269 -33.19 -10.22 -23.61
N GLY A 270 -31.96 -9.76 -23.50
CA GLY A 270 -30.81 -10.65 -23.54
C GLY A 270 -30.23 -10.90 -24.90
N THR A 271 -30.83 -10.38 -25.96
CA THR A 271 -30.31 -10.58 -27.31
C THR A 271 -29.34 -9.46 -27.67
N ILE A 272 -28.28 -9.82 -28.39
CA ILE A 272 -27.27 -8.85 -28.77
C ILE A 272 -27.83 -7.94 -29.85
N THR A 273 -27.75 -6.63 -29.62
CA THR A 273 -28.33 -5.65 -30.53
C THR A 273 -27.31 -4.84 -31.31
N ASP A 274 -26.10 -4.68 -30.80
CA ASP A 274 -25.08 -3.91 -31.50
C ASP A 274 -23.71 -4.29 -30.94
N ALA A 275 -22.68 -3.99 -31.69
CA ALA A 275 -21.32 -4.26 -31.27
C ALA A 275 -20.36 -3.34 -32.01
N VAL A 276 -19.18 -3.15 -31.43
CA VAL A 276 -18.12 -2.36 -32.04
C VAL A 276 -16.84 -3.16 -32.05
N ASP A 277 -16.11 -3.10 -33.16
CA ASP A 277 -14.82 -3.75 -33.29
C ASP A 277 -13.75 -2.86 -32.67
N CYS A 278 -13.13 -3.33 -31.59
CA CYS A 278 -12.20 -2.48 -30.84
C CYS A 278 -10.88 -2.25 -31.57
N ALA A 279 -10.73 -2.62 -32.84
CA ALA A 279 -9.49 -2.37 -33.57
C ALA A 279 -9.74 -1.78 -34.95
N LEU A 280 -10.98 -1.43 -35.27
CA LEU A 280 -11.30 -0.96 -36.61
C LEU A 280 -10.71 0.42 -36.88
N ASP A 281 -10.89 1.35 -35.95
CA ASP A 281 -10.46 2.73 -36.12
C ASP A 281 -10.37 3.37 -34.75
N PRO A 282 -9.68 4.52 -34.64
CA PRO A 282 -9.52 5.14 -33.31
C PRO A 282 -10.83 5.46 -32.61
N LEU A 283 -11.89 5.79 -33.34
CA LEU A 283 -13.17 6.06 -32.68
C LEU A 283 -13.70 4.81 -31.97
N SER A 284 -13.57 3.64 -32.61
CA SER A 284 -13.99 2.41 -31.96
C SER A 284 -13.10 2.09 -30.76
N GLU A 285 -11.82 2.40 -30.84
CA GLU A 285 -10.94 2.23 -29.68
C GLU A 285 -11.38 3.12 -28.53
N THR A 286 -11.77 4.36 -28.82
CA THR A 286 -12.27 5.24 -27.78
C THR A 286 -13.57 4.70 -27.19
N LYS A 287 -14.46 4.18 -28.04
CA LYS A 287 -15.70 3.60 -27.53
C LYS A 287 -15.43 2.40 -26.62
N CYS A 288 -14.48 1.55 -27.00
CA CYS A 288 -14.18 0.37 -26.20
C CYS A 288 -13.48 0.75 -24.89
N THR A 289 -12.62 1.77 -24.92
CA THR A 289 -11.95 2.21 -23.70
C THR A 289 -12.95 2.77 -22.70
N LEU A 290 -13.90 3.56 -23.16
CA LEU A 290 -14.91 4.15 -22.27
C LEU A 290 -16.00 3.16 -21.87
N LYS A 291 -16.01 1.96 -22.44
CA LYS A 291 -17.03 0.96 -22.18
C LYS A 291 -18.43 1.51 -22.47
N SER A 292 -18.54 2.29 -23.53
CA SER A 292 -19.82 2.87 -23.91
C SER A 292 -19.87 3.04 -25.42
N PHE A 293 -21.08 3.06 -25.95
CA PHE A 293 -21.30 3.28 -27.38
C PHE A 293 -21.38 4.76 -27.74
N THR A 294 -21.44 5.65 -26.75
CA THR A 294 -21.56 7.07 -26.97
C THR A 294 -20.35 7.77 -26.38
N VAL A 295 -19.74 8.65 -27.16
CA VAL A 295 -18.56 9.41 -26.74
C VAL A 295 -18.90 10.89 -26.84
N GLU A 296 -18.71 11.60 -25.73
CA GLU A 296 -18.93 13.04 -25.72
C GLU A 296 -17.71 13.77 -26.28
N LYS A 297 -17.85 15.06 -26.49
CA LYS A 297 -16.76 15.87 -27.00
C LYS A 297 -15.62 15.92 -26.00
N GLY A 298 -14.40 15.73 -26.50
CA GLY A 298 -13.24 15.80 -25.65
C GLY A 298 -12.07 15.06 -26.28
N ILE A 299 -11.01 14.91 -25.48
CA ILE A 299 -9.81 14.19 -25.86
C ILE A 299 -9.62 13.05 -24.87
N TYR A 300 -9.44 11.84 -25.38
CA TYR A 300 -9.37 10.64 -24.55
C TYR A 300 -8.08 9.89 -24.83
N GLN A 301 -7.45 9.41 -23.76
CA GLN A 301 -6.22 8.62 -23.86
C GLN A 301 -6.60 7.16 -23.96
N THR A 302 -6.43 6.57 -25.15
CA THR A 302 -6.92 5.23 -25.43
C THR A 302 -5.83 4.17 -25.39
N SER A 303 -4.64 4.44 -25.93
CA SER A 303 -3.63 3.42 -26.06
C SER A 303 -2.25 4.04 -25.86
N ASN A 304 -1.23 3.18 -25.91
CA ASN A 304 0.16 3.58 -25.82
C ASN A 304 0.89 3.20 -27.09
N PHE A 305 1.90 3.99 -27.44
CA PHE A 305 2.66 3.82 -28.66
C PHE A 305 4.09 3.41 -28.31
N ARG A 306 4.60 2.40 -29.00
CA ARG A 306 5.94 1.89 -28.75
C ARG A 306 6.63 1.54 -30.06
N VAL A 307 7.90 1.92 -30.19
CA VAL A 307 8.70 1.56 -31.34
C VAL A 307 9.42 0.26 -31.04
N GLN A 308 9.10 -0.79 -31.77
CA GLN A 308 9.68 -2.09 -31.52
C GLN A 308 11.12 -2.14 -32.01
N PRO A 309 11.97 -2.93 -31.36
CA PRO A 309 13.36 -3.07 -31.82
C PRO A 309 13.41 -3.78 -33.17
N THR A 310 14.09 -3.16 -34.13
CA THR A 310 14.14 -3.71 -35.47
C THR A 310 14.95 -5.00 -35.51
N GLU A 311 16.09 -5.04 -34.82
CA GLU A 311 16.95 -6.22 -34.81
C GLU A 311 17.68 -6.28 -33.49
N SER A 312 18.25 -7.46 -33.22
CA SER A 312 18.99 -7.73 -32.00
C SER A 312 20.45 -7.99 -32.33
N ILE A 313 21.35 -7.37 -31.56
CA ILE A 313 22.79 -7.50 -31.78
C ILE A 313 23.47 -7.92 -30.49
N VAL A 314 24.60 -8.60 -30.64
CA VAL A 314 25.44 -9.01 -29.52
C VAL A 314 26.87 -8.56 -29.83
N ARG A 315 27.51 -7.92 -28.86
CA ARG A 315 28.87 -7.39 -29.05
C ARG A 315 29.73 -7.80 -27.86
N PHE A 316 30.68 -8.69 -28.12
CA PHE A 316 31.66 -9.18 -27.15
C PHE A 316 33.06 -8.77 -27.56
N PRO A 317 34.00 -8.71 -26.62
CA PRO A 317 35.36 -8.26 -26.96
C PRO A 317 36.05 -9.22 -27.91
N ASN A 318 37.23 -8.81 -28.35
CA ASN A 318 38.05 -9.65 -29.22
C ASN A 318 38.45 -10.91 -28.48
N ILE A 319 38.58 -12.01 -29.25
CA ILE A 319 38.87 -13.30 -28.64
C ILE A 319 40.20 -13.24 -27.93
N THR A 320 40.20 -13.64 -26.66
CA THR A 320 41.39 -13.59 -25.82
C THR A 320 42.29 -14.78 -26.12
N ASN A 321 43.27 -15.02 -25.25
CA ASN A 321 44.21 -16.13 -25.43
C ASN A 321 43.44 -17.45 -25.52
N LEU A 322 43.56 -18.11 -26.67
CA LEU A 322 42.90 -19.39 -26.86
C LEU A 322 43.52 -20.46 -25.97
N CYS A 323 42.67 -21.37 -25.50
CA CYS A 323 43.16 -22.49 -24.71
C CYS A 323 44.03 -23.40 -25.58
N PRO A 324 45.14 -23.90 -25.05
CA PRO A 324 46.05 -24.71 -25.88
C PRO A 324 45.51 -26.11 -26.15
N PHE A 325 44.31 -26.20 -26.74
CA PHE A 325 43.77 -27.49 -27.12
C PHE A 325 44.47 -28.05 -28.35
N GLY A 326 45.00 -27.19 -29.22
CA GLY A 326 45.73 -27.62 -30.39
C GLY A 326 47.16 -28.05 -30.13
N GLU A 327 47.62 -27.91 -28.89
CA GLU A 327 48.97 -28.34 -28.50
C GLU A 327 48.96 -29.70 -27.82
N VAL A 328 47.93 -30.00 -27.03
CA VAL A 328 47.83 -31.31 -26.40
C VAL A 328 47.17 -32.35 -27.30
N PHE A 329 46.39 -31.91 -28.29
CA PHE A 329 45.77 -32.84 -29.23
C PHE A 329 46.66 -33.16 -30.42
N ASN A 330 47.54 -32.24 -30.82
CA ASN A 330 48.40 -32.41 -31.98
C ASN A 330 49.83 -32.75 -31.59
N ALA A 331 50.07 -33.15 -30.35
CA ALA A 331 51.42 -33.47 -29.91
C ALA A 331 51.97 -34.68 -30.65
N THR A 332 53.24 -34.58 -31.06
CA THR A 332 53.86 -35.67 -31.80
C THR A 332 54.00 -36.93 -30.96
N ARG A 333 54.40 -36.78 -29.69
CA ARG A 333 54.60 -37.91 -28.80
C ARG A 333 53.69 -37.79 -27.59
N PHE A 334 53.30 -38.93 -27.04
CA PHE A 334 52.40 -39.00 -25.91
C PHE A 334 52.93 -40.01 -24.88
N ALA A 335 52.53 -39.79 -23.64
CA ALA A 335 52.98 -40.64 -22.55
C ALA A 335 52.30 -42.01 -22.59
N SER A 336 52.85 -42.94 -21.81
CA SER A 336 52.33 -44.29 -21.77
C SER A 336 51.01 -44.35 -21.01
N VAL A 337 50.33 -45.49 -21.13
CA VAL A 337 49.03 -45.66 -20.48
C VAL A 337 49.19 -45.63 -18.96
N TYR A 338 50.18 -46.34 -18.43
CA TYR A 338 50.37 -46.39 -16.99
C TYR A 338 50.92 -45.09 -16.43
N ALA A 339 51.56 -44.27 -17.27
CA ALA A 339 52.13 -42.99 -16.87
C ALA A 339 51.48 -41.86 -17.64
N TRP A 340 50.15 -41.88 -17.74
CA TRP A 340 49.43 -40.87 -18.51
C TRP A 340 49.66 -39.48 -17.91
N ASN A 341 49.96 -38.52 -18.77
CA ASN A 341 50.20 -37.16 -18.33
C ASN A 341 48.89 -36.39 -18.20
N ARG A 342 48.88 -35.42 -17.28
CA ARG A 342 47.72 -34.58 -17.03
C ARG A 342 48.05 -33.16 -17.46
N LYS A 343 47.19 -32.60 -18.30
CA LYS A 343 47.37 -31.25 -18.83
C LYS A 343 46.35 -30.32 -18.20
N ARG A 344 46.83 -29.20 -17.64
CA ARG A 344 45.97 -28.23 -17.00
C ARG A 344 45.61 -27.12 -17.98
N ILE A 345 44.32 -26.87 -18.13
CA ILE A 345 43.81 -25.83 -19.01
C ILE A 345 42.96 -24.88 -18.18
N SER A 346 43.39 -23.63 -18.09
CA SER A 346 42.67 -22.63 -17.30
C SER A 346 43.08 -21.24 -17.76
N ASN A 347 42.25 -20.26 -17.40
CA ASN A 347 42.50 -18.85 -17.71
C ASN A 347 42.68 -18.62 -19.20
N CYS A 348 41.76 -19.16 -19.99
CA CYS A 348 41.78 -19.03 -21.44
C CYS A 348 40.38 -19.26 -21.97
N VAL A 349 40.21 -19.05 -23.27
CA VAL A 349 38.96 -19.31 -23.95
C VAL A 349 39.09 -20.59 -24.75
N ALA A 350 38.14 -21.50 -24.57
CA ALA A 350 38.13 -22.78 -25.26
C ALA A 350 37.17 -22.75 -26.44
N ASP A 351 37.23 -23.80 -27.25
CA ASP A 351 36.36 -23.91 -28.42
C ASP A 351 36.08 -25.39 -28.66
N TYR A 352 34.96 -25.87 -28.13
CA TYR A 352 34.55 -27.26 -28.34
C TYR A 352 33.75 -27.45 -29.61
N SER A 353 33.21 -26.38 -30.18
CA SER A 353 32.42 -26.49 -31.41
C SER A 353 33.29 -26.99 -32.57
N VAL A 354 34.51 -26.47 -32.69
CA VAL A 354 35.40 -26.91 -33.76
C VAL A 354 35.82 -28.35 -33.55
N LEU A 355 36.04 -28.76 -32.30
CA LEU A 355 36.40 -30.14 -32.00
C LEU A 355 35.25 -31.09 -32.36
N TYR A 356 34.02 -30.71 -32.02
CA TYR A 356 32.87 -31.55 -32.36
C TYR A 356 32.67 -31.61 -33.87
N ASN A 357 32.86 -30.50 -34.56
CA ASN A 357 32.65 -30.42 -36.01
C ASN A 357 33.90 -30.72 -36.80
N SER A 358 34.99 -31.13 -36.15
CA SER A 358 36.22 -31.46 -36.87
C SER A 358 36.04 -32.69 -37.76
N ALA A 359 35.18 -33.62 -37.35
CA ALA A 359 34.88 -34.84 -38.09
C ALA A 359 36.11 -35.71 -38.31
N SER A 360 37.16 -35.51 -37.52
CA SER A 360 38.37 -36.31 -37.62
C SER A 360 38.53 -37.29 -36.46
N PHE A 361 37.60 -37.31 -35.52
CA PHE A 361 37.67 -38.19 -34.36
C PHE A 361 36.68 -39.33 -34.52
N SER A 362 37.18 -40.56 -34.38
CA SER A 362 36.34 -41.74 -34.57
C SER A 362 35.23 -41.81 -33.52
N THR A 363 35.56 -41.51 -32.26
CA THR A 363 34.61 -41.61 -31.16
C THR A 363 34.53 -40.28 -30.44
N PHE A 364 33.31 -39.81 -30.21
CA PHE A 364 33.05 -38.56 -29.48
C PHE A 364 31.87 -38.84 -28.55
N LYS A 365 32.17 -39.28 -27.33
CA LYS A 365 31.15 -39.61 -26.34
C LYS A 365 31.26 -38.67 -25.15
N CYS A 366 30.13 -38.06 -24.78
CA CYS A 366 30.06 -37.15 -23.64
C CYS A 366 29.16 -37.75 -22.58
N TYR A 367 29.63 -37.73 -21.33
CA TYR A 367 28.87 -38.26 -20.20
C TYR A 367 28.54 -37.11 -19.26
N GLY A 368 27.26 -36.94 -18.96
CA GLY A 368 26.83 -35.91 -18.04
C GLY A 368 26.76 -34.50 -18.62
N VAL A 369 27.02 -34.34 -19.91
CA VAL A 369 26.97 -33.02 -20.53
C VAL A 369 26.64 -33.20 -22.01
N SER A 370 25.87 -32.26 -22.56
CA SER A 370 25.51 -32.31 -23.97
C SER A 370 26.63 -31.75 -24.82
N PRO A 371 27.09 -32.48 -25.84
CA PRO A 371 28.22 -31.98 -26.65
C PRO A 371 27.93 -30.66 -27.36
N THR A 372 26.66 -30.35 -27.62
CA THR A 372 26.30 -29.13 -28.30
C THR A 372 25.77 -28.04 -27.36
N LYS A 373 25.90 -28.24 -26.05
CA LYS A 373 25.36 -27.31 -25.07
C LYS A 373 26.41 -26.71 -24.13
N LEU A 374 27.63 -27.23 -24.11
CA LEU A 374 28.66 -26.66 -23.24
C LEU A 374 29.42 -25.52 -23.89
N ASN A 375 29.05 -25.12 -25.12
CA ASN A 375 29.71 -23.99 -25.76
C ASN A 375 29.49 -22.71 -24.97
N ASP A 376 28.27 -22.49 -24.46
CA ASP A 376 27.96 -21.35 -23.63
C ASP A 376 28.05 -21.67 -22.14
N LEU A 377 28.91 -22.63 -21.78
CA LEU A 377 29.11 -23.02 -20.39
C LEU A 377 30.56 -22.72 -19.99
N CYS A 378 30.73 -22.37 -18.72
CA CYS A 378 32.03 -21.98 -18.19
C CYS A 378 32.45 -22.92 -17.07
N PHE A 379 33.72 -23.31 -17.07
CA PHE A 379 34.28 -24.21 -16.07
C PHE A 379 35.54 -23.62 -15.48
N THR A 380 35.75 -23.87 -14.19
CA THR A 380 36.92 -23.30 -13.51
C THR A 380 38.21 -23.95 -13.98
N ASN A 381 38.25 -25.27 -14.02
CA ASN A 381 39.45 -26.01 -14.38
C ASN A 381 39.12 -27.05 -15.45
N VAL A 382 40.03 -27.23 -16.39
CA VAL A 382 39.91 -28.21 -17.46
C VAL A 382 41.11 -29.14 -17.41
N TYR A 383 40.86 -30.43 -17.35
CA TYR A 383 41.91 -31.45 -17.30
C TYR A 383 41.94 -32.23 -18.61
N ALA A 384 43.12 -32.35 -19.19
CA ALA A 384 43.31 -33.06 -20.45
C ALA A 384 44.30 -34.20 -20.23
N ASP A 385 43.80 -35.44 -20.30
CA ASP A 385 44.62 -36.63 -20.19
C ASP A 385 44.70 -37.30 -21.55
N SER A 386 45.92 -37.49 -22.05
CA SER A 386 46.14 -38.04 -23.38
C SER A 386 47.10 -39.22 -23.31
N PHE A 387 46.77 -40.28 -24.03
CA PHE A 387 47.60 -41.49 -24.10
C PHE A 387 47.12 -42.30 -25.30
N VAL A 388 47.76 -43.44 -25.51
CA VAL A 388 47.48 -44.31 -26.65
C VAL A 388 46.76 -45.55 -26.13
N ILE A 389 45.64 -45.89 -26.77
CA ILE A 389 44.80 -47.02 -26.37
C ILE A 389 44.59 -47.92 -27.57
N ARG A 390 44.67 -49.23 -27.36
CA ARG A 390 44.47 -50.19 -28.43
C ARG A 390 43.07 -50.08 -29.02
N GLY A 391 42.92 -50.57 -30.25
CA GLY A 391 41.64 -50.46 -30.93
C GLY A 391 40.52 -51.18 -30.21
N ASP A 392 40.79 -52.37 -29.71
CA ASP A 392 39.78 -53.11 -28.97
C ASP A 392 39.57 -52.59 -27.56
N GLU A 393 40.52 -51.80 -27.04
CA GLU A 393 40.42 -51.25 -25.69
C GLU A 393 39.75 -49.89 -25.65
N VAL A 394 39.48 -49.28 -26.81
CA VAL A 394 38.90 -47.93 -26.82
C VAL A 394 37.49 -47.95 -26.25
N ARG A 395 36.78 -49.08 -26.34
CA ARG A 395 35.44 -49.17 -25.81
C ARG A 395 35.41 -49.27 -24.28
N GLN A 396 36.55 -49.53 -23.65
CA GLN A 396 36.62 -49.68 -22.20
C GLN A 396 36.94 -48.38 -21.49
N ILE A 397 37.19 -47.29 -22.23
CA ILE A 397 37.49 -45.99 -21.61
C ILE A 397 36.14 -45.30 -21.42
N ALA A 398 35.47 -45.64 -20.31
CA ALA A 398 34.17 -45.09 -19.99
C ALA A 398 33.88 -45.38 -18.53
N PRO A 399 33.06 -44.55 -17.87
CA PRO A 399 32.70 -44.83 -16.48
C PRO A 399 31.94 -46.14 -16.35
N GLY A 400 32.21 -46.86 -15.27
CA GLY A 400 31.55 -48.12 -15.02
C GLY A 400 32.08 -49.30 -15.81
N GLN A 401 33.20 -49.14 -16.52
CA GLN A 401 33.78 -50.20 -17.31
C GLN A 401 34.74 -51.05 -16.47
N THR A 402 34.95 -52.29 -16.90
CA THR A 402 35.83 -53.23 -16.23
C THR A 402 36.78 -53.84 -17.24
N GLY A 403 38.05 -53.88 -16.90
CA GLY A 403 39.05 -54.46 -17.79
C GLY A 403 40.43 -54.31 -17.18
N LYS A 404 41.42 -54.85 -17.90
CA LYS A 404 42.80 -54.79 -17.42
C LYS A 404 43.28 -53.34 -17.32
N ILE A 405 43.13 -52.58 -18.41
CA ILE A 405 43.55 -51.19 -18.39
C ILE A 405 42.59 -50.36 -17.52
N ALA A 406 41.29 -50.65 -17.60
CA ALA A 406 40.31 -49.87 -16.85
C ALA A 406 40.48 -50.03 -15.34
N ASP A 407 41.12 -51.10 -14.89
CA ASP A 407 41.29 -51.34 -13.46
C ASP A 407 42.71 -51.17 -12.95
N TYR A 408 43.72 -51.40 -13.80
CA TYR A 408 45.11 -51.35 -13.37
C TYR A 408 45.90 -50.21 -14.01
N ASN A 409 45.35 -49.53 -15.02
CA ASN A 409 46.04 -48.45 -15.69
C ASN A 409 45.33 -47.11 -15.52
N TYR A 410 44.04 -47.04 -15.83
CA TYR A 410 43.29 -45.80 -15.71
C TYR A 410 41.83 -46.13 -15.43
N LYS A 411 41.34 -45.74 -14.26
CA LYS A 411 39.96 -45.98 -13.85
C LYS A 411 39.22 -44.65 -13.81
N LEU A 412 38.11 -44.57 -14.55
CA LEU A 412 37.30 -43.37 -14.54
C LEU A 412 36.33 -43.37 -13.36
N PRO A 413 36.01 -42.21 -12.82
CA PRO A 413 35.02 -42.15 -11.74
C PRO A 413 33.64 -42.57 -12.21
N ASP A 414 32.85 -43.09 -11.27
CA ASP A 414 31.48 -43.46 -11.58
C ASP A 414 30.65 -42.25 -11.99
N ASP A 415 30.88 -41.11 -11.33
CA ASP A 415 30.21 -39.87 -11.67
C ASP A 415 31.07 -38.97 -12.55
N PHE A 416 31.90 -39.56 -13.40
CA PHE A 416 32.77 -38.80 -14.28
C PHE A 416 31.95 -38.00 -15.29
N THR A 417 32.36 -36.76 -15.51
CA THR A 417 31.70 -35.88 -16.47
C THR A 417 32.73 -35.33 -17.45
N GLY A 418 32.28 -35.09 -18.67
CA GLY A 418 33.11 -34.58 -19.74
C GLY A 418 32.92 -35.39 -21.01
N CYS A 419 33.83 -35.20 -21.96
CA CYS A 419 33.78 -35.87 -23.24
C CYS A 419 35.10 -36.55 -23.52
N VAL A 420 35.03 -37.73 -24.14
CA VAL A 420 36.22 -38.49 -24.51
C VAL A 420 36.47 -38.32 -25.99
N ILE A 421 37.75 -38.33 -26.36
CA ILE A 421 38.18 -38.14 -27.74
C ILE A 421 38.94 -39.38 -28.19
N ALA A 422 38.65 -39.85 -29.41
CA ALA A 422 39.32 -41.02 -29.95
C ALA A 422 39.33 -40.94 -31.47
N TRP A 423 40.48 -41.24 -32.06
CA TRP A 423 40.62 -41.26 -33.51
C TRP A 423 41.73 -42.24 -33.88
N ASN A 424 41.69 -42.68 -35.14
CA ASN A 424 42.67 -43.65 -35.62
C ASN A 424 44.06 -43.01 -35.71
N SER A 425 45.08 -43.76 -35.29
CA SER A 425 46.45 -43.28 -35.31
C SER A 425 47.40 -44.36 -35.81
N ASN A 426 46.92 -45.28 -36.64
CA ASN A 426 47.78 -46.34 -37.15
C ASN A 426 48.83 -45.79 -38.11
N ASN A 427 48.56 -44.65 -38.75
CA ASN A 427 49.51 -44.05 -39.68
C ASN A 427 50.60 -43.26 -38.97
N LEU A 428 50.50 -43.06 -37.66
CA LEU A 428 51.47 -42.29 -36.90
C LEU A 428 52.06 -43.05 -35.73
N ASP A 429 51.26 -43.86 -35.03
CA ASP A 429 51.72 -44.60 -33.86
C ASP A 429 52.22 -46.00 -34.20
N SER A 430 52.22 -46.38 -35.47
CA SER A 430 52.69 -47.69 -35.91
C SER A 430 53.80 -47.52 -36.92
N LYS A 431 54.82 -48.39 -36.83
CA LYS A 431 55.97 -48.33 -37.71
C LYS A 431 56.35 -49.74 -38.14
N VAL A 432 57.15 -49.81 -39.21
CA VAL A 432 57.59 -51.10 -39.73
C VAL A 432 58.49 -51.78 -38.71
N GLY A 433 58.23 -53.05 -38.45
CA GLY A 433 58.97 -53.81 -37.47
C GLY A 433 58.38 -53.80 -36.08
N GLY A 434 57.33 -53.02 -35.84
CA GLY A 434 56.69 -52.98 -34.53
C GLY A 434 57.16 -51.81 -33.68
N ASN A 435 56.20 -51.12 -33.05
CA ASN A 435 56.50 -50.01 -32.16
C ASN A 435 56.35 -50.50 -30.73
N TYR A 436 57.43 -50.33 -29.94
CA TYR A 436 57.45 -50.81 -28.56
C TYR A 436 57.72 -49.69 -27.56
N ASN A 437 57.33 -48.45 -27.90
CA ASN A 437 57.54 -47.32 -27.02
C ASN A 437 56.38 -47.07 -26.07
N TYR A 438 55.32 -47.87 -26.14
CA TYR A 438 54.13 -47.69 -25.32
C TYR A 438 54.07 -48.80 -24.26
N LEU A 439 53.89 -48.39 -23.01
CA LEU A 439 53.85 -49.31 -21.88
C LEU A 439 52.50 -49.18 -21.17
N TYR A 440 52.02 -50.29 -20.62
CA TYR A 440 50.79 -50.30 -19.86
C TYR A 440 50.83 -51.43 -18.84
N ARG A 441 50.23 -51.17 -17.67
CA ARG A 441 50.35 -52.07 -16.53
C ARG A 441 49.40 -53.25 -16.67
N LEU A 442 49.83 -54.41 -16.18
CA LEU A 442 49.01 -55.63 -16.18
C LEU A 442 48.87 -56.26 -14.81
N PHE A 443 49.87 -56.14 -13.94
CA PHE A 443 49.86 -56.78 -12.63
C PHE A 443 49.81 -55.72 -11.54
N ARG A 444 48.84 -55.86 -10.64
CA ARG A 444 48.71 -54.95 -9.51
C ARG A 444 47.97 -55.66 -8.38
N LYS A 445 48.11 -55.13 -7.17
CA LYS A 445 47.50 -55.75 -6.01
C LYS A 445 45.99 -55.52 -5.96
N SER A 446 45.52 -54.39 -6.46
CA SER A 446 44.10 -54.07 -6.40
C SER A 446 43.76 -53.11 -7.54
N ASN A 447 42.45 -52.95 -7.77
CA ASN A 447 41.98 -52.06 -8.81
C ASN A 447 42.35 -50.62 -8.49
N LEU A 448 42.66 -49.84 -9.52
CA LEU A 448 43.04 -48.45 -9.34
C LEU A 448 41.83 -47.61 -8.96
N LYS A 449 42.05 -46.65 -8.06
CA LYS A 449 41.01 -45.70 -7.70
C LYS A 449 40.77 -44.73 -8.85
N PRO A 450 39.61 -44.08 -8.88
CA PRO A 450 39.36 -43.08 -9.92
C PRO A 450 40.38 -41.96 -9.87
N PHE A 451 40.81 -41.51 -11.05
CA PHE A 451 41.80 -40.44 -11.20
C PHE A 451 43.08 -40.76 -10.44
N GLU A 452 43.56 -41.99 -10.57
CA GLU A 452 44.78 -42.44 -9.94
C GLU A 452 45.78 -42.89 -10.99
N ARG A 453 47.05 -42.54 -10.78
CA ARG A 453 48.13 -42.88 -11.69
C ARG A 453 49.20 -43.64 -10.92
N ASP A 454 49.65 -44.76 -11.46
CA ASP A 454 50.65 -45.61 -10.83
C ASP A 454 51.93 -45.58 -11.65
N ILE A 455 53.05 -45.31 -10.99
CA ILE A 455 54.33 -45.22 -11.66
C ILE A 455 55.31 -46.31 -11.20
N SER A 456 55.12 -46.88 -10.02
CA SER A 456 56.06 -47.88 -9.50
C SER A 456 56.11 -49.09 -10.42
N THR A 457 57.33 -49.58 -10.69
CA THR A 457 57.56 -50.72 -11.55
C THR A 457 58.07 -51.93 -10.79
N GLU A 458 57.77 -52.02 -9.49
CA GLU A 458 58.21 -53.15 -8.69
C GLU A 458 57.59 -54.44 -9.19
N ILE A 459 58.36 -55.52 -9.13
CA ILE A 459 57.90 -56.82 -9.61
C ILE A 459 56.74 -57.29 -8.75
N TYR A 460 55.65 -57.70 -9.38
CA TYR A 460 54.48 -58.17 -8.64
C TYR A 460 54.74 -59.57 -8.09
N GLN A 461 54.41 -59.76 -6.81
CA GLN A 461 54.59 -61.05 -6.15
C GLN A 461 53.28 -61.83 -6.20
N ALA A 462 52.98 -62.33 -7.39
CA ALA A 462 51.75 -63.11 -7.58
C ALA A 462 51.78 -64.40 -6.76
N GLY A 463 52.92 -65.09 -6.75
CA GLY A 463 53.06 -66.32 -6.00
C GLY A 463 53.45 -66.08 -4.55
N SER A 464 53.50 -67.18 -3.79
CA SER A 464 53.86 -67.09 -2.39
C SER A 464 55.36 -66.81 -2.22
N THR A 465 56.18 -67.26 -3.16
CA THR A 465 57.61 -67.04 -3.06
C THR A 465 57.93 -65.56 -3.30
N PRO A 466 58.62 -64.89 -2.38
CA PRO A 466 58.97 -63.48 -2.59
C PRO A 466 59.85 -63.30 -3.83
N CYS A 467 59.62 -62.21 -4.55
CA CYS A 467 60.41 -61.92 -5.73
C CYS A 467 61.79 -61.39 -5.37
N ASN A 468 61.93 -60.74 -4.21
CA ASN A 468 63.21 -60.18 -3.75
C ASN A 468 63.76 -59.15 -4.73
N GLY A 469 62.86 -58.45 -5.43
CA GLY A 469 63.27 -57.40 -6.35
C GLY A 469 63.75 -57.86 -7.70
N VAL A 470 63.72 -59.17 -7.98
CA VAL A 470 64.17 -59.72 -9.25
C VAL A 470 63.08 -60.62 -9.81
N GLU A 471 62.88 -60.58 -11.11
CA GLU A 471 61.88 -61.41 -11.76
C GLU A 471 62.33 -62.88 -11.79
N GLY A 472 61.35 -63.77 -11.90
CA GLY A 472 61.62 -65.19 -11.93
C GLY A 472 60.37 -66.03 -11.86
N PHE A 473 60.40 -67.11 -11.10
CA PHE A 473 59.23 -67.96 -10.93
C PHE A 473 58.17 -67.22 -10.12
N ASN A 474 56.94 -67.20 -10.64
CA ASN A 474 55.82 -66.48 -10.04
C ASN A 474 56.13 -65.00 -9.85
N CYS A 475 56.94 -64.45 -10.74
CA CYS A 475 57.32 -63.04 -10.70
C CYS A 475 57.38 -62.52 -12.12
N TYR A 476 56.53 -61.54 -12.44
CA TYR A 476 56.42 -60.98 -13.77
C TYR A 476 56.55 -59.47 -13.72
N PHE A 477 57.06 -58.90 -14.80
CA PHE A 477 57.21 -57.45 -14.87
C PHE A 477 55.83 -56.80 -14.94
N PRO A 478 55.55 -55.80 -14.10
CA PRO A 478 54.21 -55.17 -14.13
C PRO A 478 53.93 -54.44 -15.42
N LEU A 479 54.95 -54.08 -16.19
CA LEU A 479 54.78 -53.33 -17.42
C LEU A 479 55.15 -54.19 -18.63
N GLN A 480 54.32 -54.15 -19.66
CA GLN A 480 54.58 -54.82 -20.92
C GLN A 480 54.31 -53.85 -22.06
N SER A 481 54.98 -54.07 -23.18
CA SER A 481 54.95 -53.14 -24.30
C SER A 481 54.03 -53.66 -25.40
N TYR A 482 53.21 -52.78 -25.95
CA TYR A 482 52.34 -53.12 -27.06
C TYR A 482 53.14 -53.35 -28.33
N GLY A 483 52.52 -54.04 -29.28
CA GLY A 483 53.10 -54.22 -30.60
C GLY A 483 52.21 -53.65 -31.68
N PHE A 484 52.65 -52.58 -32.33
CA PHE A 484 51.87 -51.89 -33.35
C PHE A 484 52.63 -51.95 -34.67
N GLN A 485 51.96 -52.44 -35.70
CA GLN A 485 52.53 -52.55 -37.04
C GLN A 485 51.55 -52.00 -38.06
N PRO A 486 52.04 -51.50 -39.20
CA PRO A 486 51.11 -51.01 -40.24
C PRO A 486 50.20 -52.08 -40.80
N THR A 487 50.58 -53.36 -40.71
CA THR A 487 49.76 -54.46 -41.19
C THR A 487 48.86 -55.04 -40.09
N ASN A 488 48.88 -54.48 -38.89
CA ASN A 488 48.05 -54.98 -37.81
C ASN A 488 46.57 -54.72 -38.10
N GLY A 489 45.72 -55.58 -37.56
CA GLY A 489 44.29 -55.42 -37.75
C GLY A 489 43.74 -54.22 -37.01
N VAL A 490 42.52 -53.84 -37.38
CA VAL A 490 41.88 -52.67 -36.78
C VAL A 490 41.65 -52.87 -35.29
N GLY A 491 41.46 -54.13 -34.87
CA GLY A 491 41.28 -54.40 -33.45
C GLY A 491 42.51 -54.08 -32.63
N TYR A 492 43.69 -54.37 -33.19
CA TYR A 492 44.96 -54.11 -32.52
C TYR A 492 45.59 -52.79 -32.96
N GLN A 493 44.92 -52.02 -33.82
CA GLN A 493 45.48 -50.75 -34.25
C GLN A 493 45.52 -49.77 -33.07
N PRO A 494 46.58 -48.97 -32.95
CA PRO A 494 46.67 -47.99 -31.85
C PRO A 494 45.74 -46.81 -32.11
N TYR A 495 44.95 -46.47 -31.11
CA TYR A 495 44.03 -45.33 -31.18
C TYR A 495 44.55 -44.24 -30.26
N ARG A 496 44.76 -43.04 -30.81
CA ARG A 496 45.21 -41.89 -30.04
C ARG A 496 44.00 -41.26 -29.37
N VAL A 497 43.93 -41.36 -28.05
CA VAL A 497 42.76 -40.92 -27.31
C VAL A 497 43.15 -39.78 -26.36
N VAL A 498 42.20 -38.88 -26.13
CA VAL A 498 42.35 -37.78 -25.18
C VAL A 498 41.13 -37.76 -24.28
N VAL A 499 41.36 -37.66 -22.98
CA VAL A 499 40.30 -37.63 -21.98
C VAL A 499 40.20 -36.22 -21.41
N LEU A 500 39.00 -35.64 -21.47
CA LEU A 500 38.76 -34.29 -20.99
C LEU A 500 37.81 -34.34 -19.80
N SER A 501 38.17 -33.64 -18.73
CA SER A 501 37.36 -33.59 -17.52
C SER A 501 37.13 -32.13 -17.13
N PHE A 502 35.92 -31.84 -16.66
CA PHE A 502 35.53 -30.50 -16.26
C PHE A 502 34.99 -30.53 -14.84
N GLU A 503 35.27 -29.47 -14.09
CA GLU A 503 34.79 -29.37 -12.72
C GLU A 503 34.62 -27.91 -12.34
N LEU A 504 33.79 -27.68 -11.32
CA LEU A 504 33.53 -26.36 -10.77
C LEU A 504 33.91 -26.36 -9.29
N LEU A 505 34.73 -25.41 -8.89
CA LEU A 505 35.24 -25.32 -7.53
C LEU A 505 34.81 -24.02 -6.85
N HIS A 506 33.56 -23.63 -7.06
CA HIS A 506 33.00 -22.38 -6.53
C HIS A 506 33.98 -21.23 -6.67
N ALA A 507 34.54 -21.11 -7.86
CA ALA A 507 35.59 -20.15 -8.19
C ALA A 507 35.19 -19.37 -9.43
N PRO A 508 35.78 -18.20 -9.66
CA PRO A 508 35.47 -17.45 -10.88
C PRO A 508 35.80 -18.26 -12.12
N ALA A 509 34.96 -18.10 -13.14
CA ALA A 509 35.06 -18.90 -14.36
C ALA A 509 36.33 -18.53 -15.12
N THR A 510 37.31 -19.43 -15.08
CA THR A 510 38.56 -19.19 -15.81
C THR A 510 38.40 -19.44 -17.30
N VAL A 511 37.62 -20.45 -17.67
CA VAL A 511 37.45 -20.86 -19.07
C VAL A 511 35.99 -20.67 -19.45
N CYS A 512 35.76 -20.02 -20.59
CA CYS A 512 34.42 -19.79 -21.11
C CYS A 512 34.43 -20.03 -22.62
N GLY A 513 33.28 -19.83 -23.24
CA GLY A 513 33.12 -20.08 -24.66
C GLY A 513 33.24 -18.83 -25.51
N PRO A 514 33.54 -19.02 -26.79
CA PRO A 514 33.69 -17.90 -27.75
C PRO A 514 32.39 -17.51 -28.43
N LYS A 515 31.52 -16.82 -27.70
CA LYS A 515 30.24 -16.38 -28.25
C LYS A 515 30.46 -15.40 -29.39
N LYS A 516 29.59 -15.47 -30.40
CA LYS A 516 29.73 -14.66 -31.59
C LYS A 516 29.40 -13.20 -31.29
N SER A 517 29.69 -12.34 -32.26
CA SER A 517 29.45 -10.91 -32.16
C SER A 517 28.66 -10.45 -33.39
N THR A 518 28.26 -9.18 -33.38
CA THR A 518 27.47 -8.61 -34.46
C THR A 518 27.96 -7.19 -34.73
N ASN A 519 27.78 -6.75 -35.98
CA ASN A 519 28.21 -5.43 -36.38
C ASN A 519 27.32 -4.35 -35.76
N LEU A 520 27.83 -3.13 -35.72
CA LEU A 520 27.10 -2.02 -35.13
C LEU A 520 25.91 -1.63 -35.99
N VAL A 521 24.83 -1.22 -35.32
CA VAL A 521 23.56 -0.88 -35.97
C VAL A 521 23.12 0.51 -35.52
N LYS A 522 24.10 1.39 -35.30
CA LYS A 522 23.85 2.71 -34.71
C LYS A 522 22.71 3.45 -35.41
N ASN A 523 22.07 4.33 -34.64
CA ASN A 523 20.95 5.16 -35.10
C ASN A 523 19.71 4.34 -35.46
N LYS A 524 19.53 3.20 -34.81
CA LYS A 524 18.36 2.37 -35.01
C LYS A 524 17.89 1.82 -33.67
N CYS A 525 16.57 1.80 -33.48
CA CYS A 525 16.00 1.22 -32.27
C CYS A 525 16.23 -0.29 -32.29
N VAL A 526 17.18 -0.76 -31.48
CA VAL A 526 17.61 -2.15 -31.49
C VAL A 526 17.73 -2.67 -30.07
N ASN A 527 17.82 -3.98 -29.95
CA ASN A 527 18.08 -4.65 -28.68
C ASN A 527 19.52 -5.13 -28.70
N PHE A 528 20.31 -4.68 -27.73
CA PHE A 528 21.74 -4.97 -27.70
C PHE A 528 22.08 -5.88 -26.52
N ASN A 529 23.16 -6.64 -26.68
CA ASN A 529 23.67 -7.53 -25.65
C ASN A 529 25.17 -7.31 -25.54
N PHE A 530 25.56 -6.37 -24.69
CA PHE A 530 26.97 -6.10 -24.39
C PHE A 530 27.45 -7.06 -23.31
N ASN A 531 28.59 -6.76 -22.68
CA ASN A 531 29.22 -7.68 -21.74
C ASN A 531 28.34 -7.78 -20.50
N GLY A 532 27.32 -8.64 -20.59
CA GLY A 532 26.38 -8.84 -19.50
C GLY A 532 25.34 -7.74 -19.36
N LEU A 533 25.32 -6.77 -20.26
CA LEU A 533 24.41 -5.65 -20.18
C LEU A 533 23.37 -5.77 -21.30
N THR A 534 22.09 -5.62 -20.93
CA THR A 534 21.00 -5.72 -21.88
C THR A 534 20.12 -4.49 -21.77
N GLY A 535 19.55 -4.09 -22.91
CA GLY A 535 18.67 -2.94 -22.95
C GLY A 535 18.25 -2.66 -24.37
N THR A 536 17.28 -1.78 -24.50
CA THR A 536 16.71 -1.39 -25.79
C THR A 536 16.87 0.12 -25.96
N GLY A 537 17.31 0.53 -27.14
CA GLY A 537 17.46 1.94 -27.42
C GLY A 537 18.26 2.16 -28.69
N VAL A 538 18.36 3.43 -29.07
CA VAL A 538 19.12 3.82 -30.25
C VAL A 538 20.53 4.19 -29.83
N LEU A 539 21.51 3.77 -30.62
CA LEU A 539 22.91 4.05 -30.35
C LEU A 539 23.40 5.13 -31.30
N THR A 540 23.97 6.19 -30.75
CA THR A 540 24.44 7.32 -31.54
C THR A 540 25.88 7.64 -31.16
N GLU A 541 26.58 8.26 -32.11
CA GLU A 541 27.94 8.71 -31.83
C GLU A 541 27.92 9.77 -30.74
N SER A 542 28.82 9.63 -29.77
CA SER A 542 28.82 10.47 -28.58
C SER A 542 30.11 11.28 -28.50
N ASN A 543 30.13 12.22 -27.56
CA ASN A 543 31.31 13.01 -27.26
C ASN A 543 31.73 12.88 -25.80
N LYS A 544 31.18 11.91 -25.08
CA LYS A 544 31.58 11.69 -23.70
C LYS A 544 33.00 11.16 -23.63
N LYS A 545 33.72 11.58 -22.58
CA LYS A 545 35.11 11.21 -22.37
C LYS A 545 35.18 10.23 -21.19
N PHE A 546 35.13 8.94 -21.51
CA PHE A 546 35.28 7.92 -20.48
C PHE A 546 36.73 7.80 -20.05
N LEU A 547 36.93 7.34 -18.82
CA LEU A 547 38.26 6.96 -18.39
C LEU A 547 38.66 5.65 -19.07
N PRO A 548 39.96 5.38 -19.23
CA PRO A 548 40.38 4.21 -20.00
C PRO A 548 39.88 2.88 -19.46
N PHE A 549 39.54 2.80 -18.17
CA PHE A 549 39.07 1.55 -17.58
C PHE A 549 37.55 1.47 -17.48
N GLN A 550 36.84 2.59 -17.54
CA GLN A 550 35.40 2.58 -17.40
C GLN A 550 34.74 1.90 -18.61
N GLN A 551 33.65 1.18 -18.35
CA GLN A 551 32.94 0.43 -19.37
C GLN A 551 31.64 1.07 -19.82
N PHE A 552 30.83 1.57 -18.89
CA PHE A 552 29.57 2.20 -19.25
C PHE A 552 29.25 3.30 -18.26
N GLY A 553 28.42 4.25 -18.69
CA GLY A 553 28.00 5.36 -17.86
C GLY A 553 26.61 5.17 -17.29
N ARG A 554 26.26 6.06 -16.37
CA ARG A 554 24.94 6.06 -15.75
C ARG A 554 24.49 7.50 -15.53
N ASP A 555 23.17 7.68 -15.48
CA ASP A 555 22.59 8.99 -15.25
C ASP A 555 22.39 9.19 -13.75
N ILE A 556 21.74 10.30 -13.37
CA ILE A 556 21.50 10.56 -11.96
C ILE A 556 20.51 9.55 -11.38
N ALA A 557 19.60 9.03 -12.21
CA ALA A 557 18.61 8.07 -11.77
C ALA A 557 19.09 6.63 -11.92
N ASP A 558 20.40 6.41 -11.96
CA ASP A 558 21.00 5.07 -12.01
C ASP A 558 20.57 4.30 -13.25
N THR A 559 20.38 5.01 -14.37
CA THR A 559 20.02 4.39 -15.63
C THR A 559 21.19 4.48 -16.60
N THR A 560 21.45 3.40 -17.32
CA THR A 560 22.56 3.37 -18.26
C THR A 560 22.35 4.40 -19.36
N ASP A 561 23.40 5.19 -19.63
CA ASP A 561 23.34 6.25 -20.63
C ASP A 561 24.30 6.00 -21.78
N ALA A 562 25.57 5.76 -21.49
CA ALA A 562 26.57 5.51 -22.52
C ALA A 562 27.26 4.18 -22.26
N VAL A 563 27.63 3.51 -23.35
CA VAL A 563 28.27 2.20 -23.29
C VAL A 563 29.47 2.20 -24.20
N ARG A 564 30.60 1.70 -23.71
CA ARG A 564 31.81 1.54 -24.49
C ARG A 564 31.78 0.20 -25.23
N ASP A 565 31.99 0.24 -26.54
CA ASP A 565 31.99 -0.98 -27.32
C ASP A 565 33.21 -1.82 -26.95
N PRO A 566 33.03 -3.10 -26.62
CA PRO A 566 34.19 -3.94 -26.26
C PRO A 566 35.19 -4.13 -27.39
N GLN A 567 34.79 -3.92 -28.64
CA GLN A 567 35.70 -4.14 -29.77
C GLN A 567 36.46 -2.87 -30.13
N THR A 568 35.76 -1.79 -30.43
CA THR A 568 36.36 -0.49 -30.68
C THR A 568 36.05 0.44 -29.53
N LEU A 569 37.00 1.33 -29.22
CA LEU A 569 36.91 2.17 -28.04
C LEU A 569 35.92 3.32 -28.18
N GLU A 570 35.08 3.31 -29.22
CA GLU A 570 34.09 4.36 -29.38
C GLU A 570 33.04 4.30 -28.28
N ILE A 571 32.57 5.48 -27.87
CA ILE A 571 31.56 5.61 -26.83
C ILE A 571 30.23 5.91 -27.48
N LEU A 572 29.22 5.09 -27.18
CA LEU A 572 27.90 5.21 -27.79
C LEU A 572 26.88 5.59 -26.73
N ASP A 573 26.16 6.69 -26.97
CA ASP A 573 25.06 7.05 -26.09
C ASP A 573 23.87 6.13 -26.33
N ILE A 574 23.05 5.98 -25.28
CA ILE A 574 21.84 5.17 -25.35
C ILE A 574 20.65 6.09 -25.10
N THR A 575 19.72 6.12 -26.05
CA THR A 575 18.48 6.85 -25.92
C THR A 575 17.31 5.89 -26.09
N PRO A 576 16.37 5.85 -25.16
CA PRO A 576 15.27 4.87 -25.25
C PRO A 576 14.45 5.08 -26.51
N CYS A 577 13.96 3.97 -27.05
CA CYS A 577 13.12 4.01 -28.24
C CYS A 577 11.86 4.83 -27.96
N SER A 578 11.41 5.56 -28.97
CA SER A 578 10.32 6.51 -28.77
C SER A 578 9.06 5.82 -28.27
N PHE A 579 8.39 6.48 -27.33
CA PHE A 579 7.16 5.96 -26.75
C PHE A 579 6.32 7.12 -26.27
N GLY A 580 5.03 6.86 -26.11
CA GLY A 580 4.12 7.87 -25.63
C GLY A 580 2.69 7.44 -25.81
N GLY A 581 1.80 8.16 -25.15
CA GLY A 581 0.39 7.84 -25.24
C GLY A 581 -0.19 8.20 -26.60
N VAL A 582 -1.36 7.62 -26.88
CA VAL A 582 -2.11 7.89 -28.08
C VAL A 582 -3.46 8.46 -27.67
N SER A 583 -3.75 9.69 -28.08
CA SER A 583 -4.96 10.40 -27.68
C SER A 583 -5.84 10.63 -28.90
N VAL A 584 -7.13 10.36 -28.74
CA VAL A 584 -8.11 10.52 -29.81
C VAL A 584 -8.94 11.77 -29.51
N ILE A 585 -8.85 12.75 -30.39
CA ILE A 585 -9.58 14.01 -30.26
C ILE A 585 -10.84 13.91 -31.10
N THR A 586 -11.99 13.92 -30.44
CA THR A 586 -13.25 13.74 -31.13
C THR A 586 -14.29 14.73 -30.60
N PRO A 587 -15.21 15.17 -31.45
CA PRO A 587 -16.44 15.77 -30.97
C PRO A 587 -17.39 14.67 -30.51
N GLY A 588 -18.60 15.06 -30.13
CA GLY A 588 -19.58 14.07 -29.73
C GLY A 588 -19.91 13.13 -30.88
N THR A 589 -20.32 11.91 -30.53
CA THR A 589 -20.71 10.96 -31.56
C THR A 589 -21.93 11.46 -32.34
N ASN A 590 -22.86 12.14 -31.66
CA ASN A 590 -23.96 12.76 -32.37
C ASN A 590 -23.63 14.18 -32.81
N THR A 591 -22.45 14.37 -33.37
CA THR A 591 -22.07 15.51 -34.18
C THR A 591 -21.35 15.09 -35.45
N SER A 592 -20.51 14.06 -35.38
CA SER A 592 -19.72 13.55 -36.49
C SER A 592 -18.97 12.32 -35.97
N ASN A 593 -18.52 11.48 -36.91
CA ASN A 593 -17.71 10.32 -36.59
C ASN A 593 -16.22 10.57 -36.86
N GLN A 594 -15.84 11.78 -37.23
CA GLN A 594 -14.44 12.09 -37.48
C GLN A 594 -13.67 12.16 -36.17
N VAL A 595 -12.43 11.68 -36.21
CA VAL A 595 -11.54 11.71 -35.05
C VAL A 595 -10.16 12.15 -35.49
N ALA A 596 -9.51 12.97 -34.67
CA ALA A 596 -8.11 13.34 -34.87
C ALA A 596 -7.28 12.65 -33.80
N VAL A 597 -6.19 12.02 -34.20
CA VAL A 597 -5.35 11.22 -33.32
C VAL A 597 -4.11 12.03 -32.97
N LEU A 598 -3.76 12.04 -31.69
CA LEU A 598 -2.58 12.75 -31.20
C LEU A 598 -1.61 11.74 -30.62
N TYR A 599 -0.40 11.69 -31.16
CA TYR A 599 0.67 10.84 -30.65
C TYR A 599 1.58 11.70 -29.79
N GLN A 600 1.55 11.46 -28.47
CA GLN A 600 2.10 12.40 -27.51
C GLN A 600 3.62 12.31 -27.44
N ASP A 601 4.28 13.47 -27.48
CA ASP A 601 5.72 13.58 -27.24
C ASP A 601 6.53 12.70 -28.18
N VAL A 602 6.11 12.64 -29.45
CA VAL A 602 6.87 11.95 -30.48
C VAL A 602 6.95 12.86 -31.70
N ASN A 603 7.94 12.59 -32.54
CA ASN A 603 8.10 13.33 -33.78
C ASN A 603 7.33 12.64 -34.89
N CYS A 604 6.80 13.45 -35.83
CA CYS A 604 5.99 12.92 -36.91
C CYS A 604 6.78 12.02 -37.85
N THR A 605 8.11 12.06 -37.80
CA THR A 605 8.91 11.15 -38.61
C THR A 605 8.81 9.71 -38.10
N GLU A 606 8.61 9.54 -36.79
CA GLU A 606 8.63 8.22 -36.17
C GLU A 606 7.26 7.55 -36.15
N VAL A 607 6.24 8.17 -36.75
CA VAL A 607 4.91 7.57 -36.77
C VAL A 607 4.70 6.78 -38.05
N ASN A 628 -1.91 16.28 -44.10
CA ASN A 628 -2.82 16.59 -42.99
C ASN A 628 -2.17 16.32 -41.65
N VAL A 629 -0.84 16.37 -41.62
CA VAL A 629 -0.07 16.12 -40.41
C VAL A 629 0.41 17.44 -39.85
N PHE A 630 0.28 17.60 -38.53
CA PHE A 630 0.68 18.83 -37.84
C PHE A 630 1.50 18.45 -36.62
N GLN A 631 2.67 19.08 -36.48
CA GLN A 631 3.60 18.78 -35.40
C GLN A 631 3.43 19.84 -34.31
N THR A 632 2.60 19.52 -33.31
CA THR A 632 2.40 20.42 -32.19
C THR A 632 3.52 20.23 -31.15
N ARG A 633 3.53 21.13 -30.17
CA ARG A 633 4.49 20.99 -29.07
C ARG A 633 4.11 19.88 -28.10
N ALA A 634 2.86 19.43 -28.14
CA ALA A 634 2.41 18.33 -27.31
C ALA A 634 2.55 16.97 -27.98
N GLY A 635 2.95 16.94 -29.24
CA GLY A 635 3.08 15.69 -29.96
C GLY A 635 2.78 15.91 -31.44
N CYS A 636 2.61 14.79 -32.14
CA CYS A 636 2.28 14.81 -33.55
C CYS A 636 0.76 14.68 -33.70
N LEU A 637 0.15 15.67 -34.34
CA LEU A 637 -1.30 15.71 -34.51
C LEU A 637 -1.65 15.29 -35.94
N ILE A 638 -2.41 14.21 -36.06
CA ILE A 638 -2.78 13.64 -37.35
C ILE A 638 -4.29 13.60 -37.44
N GLY A 639 -4.83 14.09 -38.55
CA GLY A 639 -6.26 14.15 -38.76
C GLY A 639 -6.88 15.52 -38.58
N ALA A 640 -6.12 16.49 -38.09
CA ALA A 640 -6.59 17.85 -37.90
C ALA A 640 -5.71 18.81 -38.69
N GLU A 641 -6.34 19.78 -39.35
CA GLU A 641 -5.65 20.72 -40.21
C GLU A 641 -5.36 22.01 -39.45
N HIS A 642 -4.11 22.46 -39.51
CA HIS A 642 -3.70 23.68 -38.82
C HIS A 642 -4.20 24.90 -39.58
N VAL A 643 -4.79 25.85 -38.84
CA VAL A 643 -5.29 27.09 -39.41
C VAL A 643 -4.66 28.25 -38.67
N ASN A 644 -4.63 29.41 -39.33
CA ASN A 644 -4.06 30.62 -38.77
C ASN A 644 -5.09 31.48 -38.05
N ASN A 645 -6.35 31.06 -38.00
CA ASN A 645 -7.39 31.79 -37.28
C ASN A 645 -7.48 31.26 -35.85
N SER A 646 -7.52 32.16 -34.89
CA SER A 646 -7.52 31.81 -33.47
C SER A 646 -8.92 31.99 -32.90
N TYR A 647 -9.44 30.95 -32.28
CA TYR A 647 -10.74 30.97 -31.63
C TYR A 647 -10.59 30.67 -30.14
N GLU A 648 -11.71 30.60 -29.44
CA GLU A 648 -11.70 30.24 -28.03
C GLU A 648 -11.38 28.76 -27.88
N CYS A 649 -10.93 28.40 -26.67
CA CYS A 649 -10.57 27.01 -26.40
C CYS A 649 -11.80 26.12 -26.46
N ASP A 650 -11.71 25.07 -27.29
CA ASP A 650 -12.79 24.11 -27.43
C ASP A 650 -12.38 22.73 -26.92
N ILE A 651 -11.31 22.16 -27.47
CA ILE A 651 -10.74 20.91 -26.98
C ILE A 651 -9.26 21.16 -26.69
N PRO A 652 -8.82 21.09 -25.44
CA PRO A 652 -7.42 21.38 -25.13
C PRO A 652 -6.49 20.25 -25.56
N ILE A 653 -5.38 20.63 -26.20
CA ILE A 653 -4.36 19.70 -26.63
C ILE A 653 -3.06 19.90 -25.87
N GLY A 654 -2.64 21.15 -25.71
CA GLY A 654 -1.45 21.48 -24.95
C GLY A 654 -0.60 22.54 -25.61
N ALA A 655 0.12 23.31 -24.79
CA ALA A 655 1.03 24.35 -25.26
C ALA A 655 0.31 25.40 -26.10
N GLY A 656 -0.92 25.74 -25.70
CA GLY A 656 -1.66 26.78 -26.38
C GLY A 656 -2.38 26.34 -27.63
N ILE A 657 -2.35 25.05 -27.96
CA ILE A 657 -2.97 24.52 -29.17
C ILE A 657 -4.30 23.89 -28.78
N CYS A 658 -5.36 24.25 -29.50
CA CYS A 658 -6.68 23.71 -29.27
C CYS A 658 -7.22 23.06 -30.53
N ALA A 659 -8.30 22.31 -30.38
CA ALA A 659 -8.95 21.64 -31.50
C ALA A 659 -10.44 21.89 -31.43
N SER A 660 -11.09 21.92 -32.60
CA SER A 660 -12.52 22.18 -32.67
C SER A 660 -13.06 21.61 -33.97
N TYR A 661 -14.38 21.42 -33.99
CA TYR A 661 -15.09 20.92 -35.17
C TYR A 661 -15.86 22.08 -35.77
N GLN A 662 -15.33 22.66 -36.85
CA GLN A 662 -15.93 23.83 -37.47
C GLN A 662 -15.73 23.76 -38.98
N THR A 663 -16.56 24.50 -39.70
CA THR A 663 -16.49 24.56 -41.15
C THR A 663 -15.33 25.43 -41.60
N SER A 676 -17.06 19.81 -45.99
CA SER A 676 -17.41 21.05 -45.30
C SER A 676 -16.86 21.04 -43.87
N GLN A 677 -17.60 20.41 -42.97
CA GLN A 677 -17.19 20.36 -41.57
C GLN A 677 -15.97 19.45 -41.41
N SER A 678 -15.00 19.92 -40.63
CA SER A 678 -13.78 19.16 -40.39
C SER A 678 -13.18 19.60 -39.06
N ILE A 679 -12.22 18.81 -38.58
CA ILE A 679 -11.55 19.10 -37.32
C ILE A 679 -10.32 19.95 -37.60
N ILE A 680 -10.21 21.08 -36.89
CA ILE A 680 -9.13 22.02 -37.09
C ILE A 680 -8.31 22.14 -35.81
N ALA A 681 -7.06 22.55 -35.97
CA ALA A 681 -6.16 22.83 -34.87
C ALA A 681 -5.67 24.27 -34.98
N TYR A 682 -5.65 24.97 -33.85
CA TYR A 682 -5.33 26.38 -33.85
C TYR A 682 -4.74 26.76 -32.50
N THR A 683 -4.05 27.90 -32.49
CA THR A 683 -3.59 28.49 -31.24
C THR A 683 -4.72 29.29 -30.63
N MET A 684 -5.15 28.91 -29.43
CA MET A 684 -6.34 29.50 -28.83
C MET A 684 -6.13 30.98 -28.54
N SER A 685 -7.22 31.73 -28.60
CA SER A 685 -7.22 33.17 -28.41
C SER A 685 -7.62 33.49 -26.98
N LEU A 686 -6.81 34.32 -26.32
CA LEU A 686 -7.07 34.65 -24.92
C LEU A 686 -8.34 35.49 -24.77
N GLY A 687 -8.54 36.45 -25.66
CA GLY A 687 -9.73 37.28 -25.61
C GLY A 687 -9.65 38.38 -26.63
N ALA A 688 -10.76 39.09 -26.77
CA ALA A 688 -10.85 40.19 -27.72
C ALA A 688 -9.99 41.36 -27.26
N GLU A 689 -9.28 41.97 -28.19
CA GLU A 689 -8.45 43.11 -27.88
C GLU A 689 -9.32 44.31 -27.50
N ASN A 690 -8.79 45.13 -26.59
CA ASN A 690 -9.53 46.30 -26.11
C ASN A 690 -8.52 47.33 -25.60
N SER A 691 -8.41 48.44 -26.31
CA SER A 691 -7.55 49.55 -25.90
C SER A 691 -8.41 50.58 -25.21
N VAL A 692 -8.27 50.70 -23.89
CA VAL A 692 -9.01 51.70 -23.13
C VAL A 692 -8.51 53.08 -23.50
N ALA A 693 -9.44 54.00 -23.79
CA ALA A 693 -9.10 55.36 -24.22
C ALA A 693 -8.64 56.16 -23.01
N TYR A 694 -7.47 55.79 -22.50
CA TYR A 694 -6.94 56.44 -21.31
C TYR A 694 -6.40 57.82 -21.65
N SER A 695 -6.82 58.81 -20.87
CA SER A 695 -6.32 60.17 -20.97
C SER A 695 -6.19 60.72 -19.56
N ASN A 696 -5.35 61.74 -19.40
CA ASN A 696 -5.10 62.28 -18.07
C ASN A 696 -6.16 63.28 -17.63
N ASN A 697 -7.17 63.54 -18.45
CA ASN A 697 -8.27 64.40 -18.03
C ASN A 697 -9.63 63.89 -18.52
N SER A 698 -9.74 62.59 -18.80
CA SER A 698 -10.96 62.01 -19.34
C SER A 698 -11.47 60.90 -18.42
N ILE A 699 -12.77 60.85 -18.22
CA ILE A 699 -13.41 59.85 -17.37
C ILE A 699 -14.67 59.35 -18.06
N ALA A 700 -15.00 58.08 -17.81
CA ALA A 700 -16.20 57.46 -18.34
C ALA A 700 -17.17 57.16 -17.21
N ILE A 701 -18.40 57.63 -17.34
CA ILE A 701 -19.44 57.47 -16.33
C ILE A 701 -20.60 56.73 -16.97
N PRO A 702 -21.08 55.63 -16.40
CA PRO A 702 -22.24 54.95 -16.98
C PRO A 702 -23.51 55.77 -16.82
N THR A 703 -24.38 55.68 -17.82
CA THR A 703 -25.65 56.37 -17.81
C THR A 703 -26.84 55.44 -17.66
N ASN A 704 -26.60 54.13 -17.62
CA ASN A 704 -27.66 53.15 -17.45
C ASN A 704 -27.08 51.95 -16.73
N PHE A 705 -27.92 50.98 -16.42
CA PHE A 705 -27.49 49.80 -15.70
C PHE A 705 -28.36 48.62 -16.08
N THR A 706 -27.83 47.43 -15.86
CA THR A 706 -28.58 46.19 -16.06
C THR A 706 -28.54 45.38 -14.78
N ILE A 707 -29.68 44.79 -14.42
CA ILE A 707 -29.76 43.85 -13.33
C ILE A 707 -29.54 42.46 -13.91
N SER A 708 -28.41 41.84 -13.58
CA SER A 708 -28.02 40.55 -14.12
C SER A 708 -28.03 39.51 -13.01
N VAL A 709 -28.60 38.34 -13.29
CA VAL A 709 -28.65 37.23 -12.35
C VAL A 709 -27.85 36.09 -12.94
N THR A 710 -26.83 35.65 -12.23
CA THR A 710 -26.00 34.52 -12.64
C THR A 710 -26.22 33.35 -11.69
N THR A 711 -25.57 32.23 -11.99
CA THR A 711 -25.74 31.00 -11.24
C THR A 711 -24.39 30.45 -10.83
N GLU A 712 -24.30 29.97 -9.59
CA GLU A 712 -23.12 29.30 -9.09
C GLU A 712 -23.53 28.01 -8.42
N ILE A 713 -22.91 26.91 -8.82
CA ILE A 713 -23.28 25.57 -8.37
C ILE A 713 -22.11 24.97 -7.60
N LEU A 714 -22.37 24.54 -6.37
CA LEU A 714 -21.34 24.00 -5.49
C LEU A 714 -21.79 22.67 -4.92
N PRO A 715 -20.98 21.62 -5.01
CA PRO A 715 -21.29 20.38 -4.29
C PRO A 715 -21.15 20.57 -2.79
N VAL A 716 -21.96 19.82 -2.04
CA VAL A 716 -22.00 19.99 -0.59
C VAL A 716 -21.73 18.67 0.11
N SER A 717 -22.08 17.55 -0.53
CA SER A 717 -21.93 16.26 0.13
C SER A 717 -21.83 15.15 -0.91
N MET A 718 -21.27 14.03 -0.48
CA MET A 718 -21.17 12.82 -1.27
C MET A 718 -22.25 11.83 -0.83
N THR A 719 -22.17 10.62 -1.35
CA THR A 719 -23.05 9.54 -0.93
C THR A 719 -22.42 8.80 0.24
N LYS A 720 -23.21 8.56 1.28
CA LYS A 720 -22.72 7.93 2.50
C LYS A 720 -22.53 6.43 2.28
N THR A 721 -21.50 6.11 1.50
CA THR A 721 -21.21 4.71 1.18
C THR A 721 -20.56 4.02 2.37
N SER A 722 -21.08 2.85 2.73
CA SER A 722 -20.53 2.02 3.78
C SER A 722 -20.12 0.68 3.19
N VAL A 723 -18.88 0.27 3.45
CA VAL A 723 -18.34 -0.98 2.94
C VAL A 723 -17.83 -1.81 4.10
N ASP A 724 -18.32 -3.05 4.20
CA ASP A 724 -17.90 -3.98 5.24
C ASP A 724 -16.69 -4.77 4.76
N CYS A 725 -15.61 -4.76 5.55
CA CYS A 725 -14.39 -5.45 5.13
C CYS A 725 -14.61 -6.94 5.03
N THR A 726 -15.25 -7.52 6.05
CA THR A 726 -15.35 -8.98 6.13
C THR A 726 -16.21 -9.54 5.00
N MET A 727 -17.33 -8.89 4.71
CA MET A 727 -18.17 -9.34 3.60
C MET A 727 -17.47 -9.15 2.26
N TYR A 728 -16.74 -8.06 2.11
CA TYR A 728 -16.05 -7.80 0.84
C TYR A 728 -14.93 -8.82 0.61
N ILE A 729 -14.05 -8.99 1.60
CA ILE A 729 -12.89 -9.86 1.45
C ILE A 729 -13.30 -11.32 1.48
N CYS A 730 -14.10 -11.70 2.48
CA CYS A 730 -14.42 -13.10 2.73
C CYS A 730 -15.79 -13.49 2.19
N GLY A 731 -16.84 -12.82 2.64
CA GLY A 731 -18.17 -13.12 2.15
C GLY A 731 -18.70 -14.45 2.62
N ASP A 732 -19.02 -14.56 3.90
CA ASP A 732 -19.61 -15.76 4.49
C ASP A 732 -18.67 -16.95 4.35
N SER A 733 -17.52 -16.84 4.99
CA SER A 733 -16.53 -17.92 5.02
C SER A 733 -15.81 -17.87 6.35
N THR A 734 -16.03 -18.90 7.18
CA THR A 734 -15.41 -18.92 8.51
C THR A 734 -13.89 -19.03 8.40
N GLU A 735 -13.40 -19.86 7.48
CA GLU A 735 -11.95 -20.02 7.33
C GLU A 735 -11.31 -18.71 6.88
N CYS A 736 -11.93 -18.01 5.92
CA CYS A 736 -11.38 -16.75 5.47
C CYS A 736 -11.36 -15.72 6.59
N SER A 737 -12.42 -15.69 7.41
CA SER A 737 -12.44 -14.76 8.54
C SER A 737 -11.35 -15.10 9.55
N ASN A 738 -11.13 -16.39 9.81
CA ASN A 738 -10.08 -16.78 10.74
C ASN A 738 -8.70 -16.39 10.24
N LEU A 739 -8.44 -16.57 8.94
CA LEU A 739 -7.15 -16.13 8.40
C LEU A 739 -7.06 -14.61 8.31
N LEU A 740 -8.19 -13.91 8.17
CA LEU A 740 -8.15 -12.46 8.12
C LEU A 740 -7.91 -11.85 9.49
N LEU A 741 -8.35 -12.54 10.55
CA LEU A 741 -8.11 -12.05 11.90
C LEU A 741 -6.64 -11.93 12.23
N GLN A 742 -5.78 -12.62 11.49
CA GLN A 742 -4.34 -12.59 11.73
C GLN A 742 -3.66 -11.37 11.14
N TYR A 743 -4.41 -10.49 10.45
CA TYR A 743 -3.85 -9.29 9.86
C TYR A 743 -4.00 -8.06 10.75
N GLY A 744 -4.60 -8.20 11.93
CA GLY A 744 -4.70 -7.08 12.84
C GLY A 744 -6.05 -6.39 12.81
N SER A 745 -6.03 -5.06 12.94
CA SER A 745 -7.24 -4.25 13.05
C SER A 745 -7.47 -3.40 11.81
N PHE A 746 -7.21 -3.96 10.63
CA PHE A 746 -7.44 -3.22 9.38
C PHE A 746 -8.93 -2.92 9.20
N CYS A 747 -9.80 -3.88 9.51
CA CYS A 747 -11.24 -3.63 9.43
C CYS A 747 -11.67 -2.48 10.33
N THR A 748 -11.17 -2.45 11.56
CA THR A 748 -11.56 -1.37 12.47
C THR A 748 -11.18 -0.03 11.87
N GLN A 749 -9.96 0.09 11.35
CA GLN A 749 -9.52 1.35 10.77
C GLN A 749 -10.37 1.74 9.57
N LEU A 750 -10.61 0.80 8.66
CA LEU A 750 -11.34 1.12 7.43
C LEU A 750 -12.80 1.50 7.74
N ASN A 751 -13.45 0.72 8.60
CA ASN A 751 -14.83 1.04 8.96
C ASN A 751 -14.92 2.36 9.70
N ARG A 752 -13.96 2.65 10.58
CA ARG A 752 -13.96 3.92 11.28
C ARG A 752 -13.79 5.08 10.31
N ALA A 753 -12.89 4.95 9.33
CA ALA A 753 -12.69 6.01 8.36
C ALA A 753 -13.96 6.24 7.53
N LEU A 754 -14.59 5.15 7.07
CA LEU A 754 -15.80 5.30 6.28
C LEU A 754 -16.93 5.92 7.09
N THR A 755 -17.07 5.52 8.36
CA THR A 755 -18.08 6.12 9.21
C THR A 755 -17.81 7.61 9.45
N GLY A 756 -16.54 7.97 9.61
CA GLY A 756 -16.20 9.38 9.74
C GLY A 756 -16.57 10.18 8.51
N ILE A 757 -16.33 9.63 7.33
CA ILE A 757 -16.75 10.30 6.10
C ILE A 757 -18.26 10.45 6.05
N ALA A 758 -18.99 9.39 6.43
CA ALA A 758 -20.44 9.44 6.39
C ALA A 758 -20.99 10.50 7.33
N VAL A 759 -20.43 10.62 8.54
CA VAL A 759 -20.87 11.64 9.47
C VAL A 759 -20.48 13.03 8.97
N GLU A 760 -19.31 13.14 8.36
CA GLU A 760 -18.87 14.42 7.81
C GLU A 760 -19.81 14.92 6.72
N GLN A 761 -20.42 14.01 5.96
CA GLN A 761 -21.36 14.45 4.92
C GLN A 761 -22.56 15.18 5.52
N ASP A 762 -23.14 14.61 6.58
CA ASP A 762 -24.25 15.26 7.25
C ASP A 762 -23.80 16.55 7.92
N LYS A 763 -22.59 16.57 8.46
CA LYS A 763 -22.07 17.82 9.02
C LYS A 763 -21.97 18.91 7.97
N ASN A 764 -21.50 18.55 6.77
CA ASN A 764 -21.40 19.51 5.68
C ASN A 764 -22.78 20.06 5.32
N THR A 765 -23.76 19.18 5.16
CA THR A 765 -25.10 19.63 4.78
C THR A 765 -25.71 20.52 5.86
N GLN A 766 -25.53 20.16 7.13
CA GLN A 766 -26.04 20.99 8.21
C GLN A 766 -25.37 22.35 8.24
N GLU A 767 -24.05 22.39 8.03
CA GLU A 767 -23.35 23.66 8.01
C GLU A 767 -23.86 24.55 6.90
N VAL A 768 -24.09 23.97 5.71
CA VAL A 768 -24.50 24.79 4.57
C VAL A 768 -25.92 25.32 4.77
N PHE A 769 -26.86 24.44 5.14
CA PHE A 769 -28.27 24.77 5.00
C PHE A 769 -28.96 25.16 6.31
N ALA A 770 -28.51 24.64 7.45
CA ALA A 770 -29.22 24.86 8.70
C ALA A 770 -28.84 26.17 9.38
N GLN A 771 -28.33 27.14 8.62
CA GLN A 771 -27.89 28.41 9.19
C GLN A 771 -29.05 29.21 9.79
N VAL A 772 -30.27 28.97 9.36
CA VAL A 772 -31.43 29.75 9.80
C VAL A 772 -31.95 29.16 11.11
N LYS A 773 -32.42 30.04 11.99
CA LYS A 773 -32.91 29.64 13.31
C LYS A 773 -34.40 29.32 13.31
N GLN A 774 -35.19 30.07 12.53
CA GLN A 774 -36.63 29.90 12.50
C GLN A 774 -37.09 29.69 11.07
N ILE A 775 -38.28 29.11 10.92
CA ILE A 775 -38.84 28.80 9.60
C ILE A 775 -39.72 29.99 9.22
N TYR A 776 -39.16 30.92 8.45
CA TYR A 776 -39.90 32.08 8.00
C TYR A 776 -40.75 31.72 6.79
N LYS A 777 -41.91 32.37 6.69
CA LYS A 777 -42.85 32.14 5.61
C LYS A 777 -43.16 33.46 4.91
N THR A 778 -43.19 33.43 3.59
CA THR A 778 -43.56 34.60 2.82
C THR A 778 -45.06 34.86 2.97
N PRO A 779 -45.47 36.14 2.98
CA PRO A 779 -46.89 36.44 3.17
C PRO A 779 -47.70 35.96 1.99
N PRO A 780 -48.98 35.63 2.20
CA PRO A 780 -49.82 35.19 1.07
C PRO A 780 -49.97 36.24 -0.02
N ILE A 781 -49.98 37.52 0.34
CA ILE A 781 -50.08 38.60 -0.64
C ILE A 781 -48.68 38.90 -1.16
N LYS A 782 -48.46 38.61 -2.44
CA LYS A 782 -47.14 38.76 -3.05
C LYS A 782 -46.99 40.16 -3.67
N ASP A 783 -47.08 41.18 -2.80
CA ASP A 783 -46.92 42.57 -3.21
C ASP A 783 -45.52 43.03 -2.80
N PHE A 784 -44.55 42.75 -3.67
CA PHE A 784 -43.17 43.10 -3.44
C PHE A 784 -42.72 44.29 -4.28
N GLY A 785 -43.64 45.14 -4.71
CA GLY A 785 -43.28 46.30 -5.49
C GLY A 785 -42.96 46.03 -6.94
N GLY A 786 -43.59 45.02 -7.53
CA GLY A 786 -43.34 44.64 -8.91
C GLY A 786 -42.32 43.54 -9.09
N PHE A 787 -41.58 43.21 -8.05
CA PHE A 787 -40.62 42.11 -8.12
C PHE A 787 -41.34 40.78 -8.01
N ASN A 788 -40.91 39.82 -8.82
CA ASN A 788 -41.58 38.53 -8.96
C ASN A 788 -40.59 37.43 -8.57
N PHE A 789 -40.97 36.61 -7.59
CA PHE A 789 -40.12 35.51 -7.12
C PHE A 789 -40.80 34.16 -7.30
N SER A 790 -41.76 34.05 -8.22
CA SER A 790 -42.51 32.81 -8.35
C SER A 790 -41.61 31.65 -8.77
N GLN A 791 -40.62 31.92 -9.62
CA GLN A 791 -39.73 30.87 -10.08
C GLN A 791 -38.78 30.36 -9.00
N ILE A 792 -38.63 31.09 -7.89
CA ILE A 792 -37.74 30.66 -6.81
C ILE A 792 -38.49 30.37 -5.52
N LEU A 793 -39.74 30.80 -5.38
CA LEU A 793 -40.53 30.49 -4.19
C LEU A 793 -41.14 29.10 -4.32
N PRO A 794 -41.46 28.46 -3.19
CA PRO A 794 -42.02 27.10 -3.25
C PRO A 794 -43.34 27.07 -4.01
N ASP A 795 -43.59 25.94 -4.66
CA ASP A 795 -44.81 25.75 -5.44
C ASP A 795 -45.76 24.83 -4.69
N PRO A 796 -46.85 25.33 -4.12
CA PRO A 796 -47.76 24.46 -3.37
C PRO A 796 -48.41 23.38 -4.21
N SER A 797 -48.65 23.64 -5.50
CA SER A 797 -49.35 22.68 -6.35
C SER A 797 -48.58 21.37 -6.48
N LYS A 798 -47.26 21.46 -6.62
CA LYS A 798 -46.44 20.26 -6.76
C LYS A 798 -46.49 19.43 -5.48
N PRO A 799 -46.44 18.09 -5.61
CA PRO A 799 -46.47 17.23 -4.41
C PRO A 799 -45.34 17.56 -3.44
N SER A 800 -44.13 17.73 -3.96
CA SER A 800 -43.01 18.19 -3.15
C SER A 800 -42.92 19.70 -3.22
N LYS A 801 -42.89 20.36 -2.06
CA LYS A 801 -42.92 21.82 -2.00
C LYS A 801 -41.56 22.35 -2.44
N ARG A 802 -41.34 22.35 -3.75
CA ARG A 802 -40.11 22.82 -4.36
C ARG A 802 -40.41 23.88 -5.41
N SER A 803 -39.49 24.83 -5.55
CA SER A 803 -39.63 25.87 -6.55
C SER A 803 -39.42 25.29 -7.95
N PRO A 804 -39.93 25.98 -8.98
CA PRO A 804 -39.71 25.49 -10.35
C PRO A 804 -38.25 25.32 -10.70
N ILE A 805 -37.39 26.26 -10.29
CA ILE A 805 -35.96 26.12 -10.55
C ILE A 805 -35.40 24.90 -9.82
N GLU A 806 -35.81 24.70 -8.57
CA GLU A 806 -35.41 23.52 -7.82
C GLU A 806 -35.90 22.25 -8.52
N ASP A 807 -37.13 22.27 -9.04
CA ASP A 807 -37.67 21.10 -9.72
C ASP A 807 -36.84 20.75 -10.95
N LEU A 808 -36.50 21.75 -11.76
CA LEU A 808 -35.66 21.48 -12.92
C LEU A 808 -34.26 21.01 -12.52
N LEU A 809 -33.69 21.59 -11.47
CA LEU A 809 -32.38 21.14 -11.02
C LEU A 809 -32.42 19.68 -10.60
N PHE A 810 -33.45 19.27 -9.86
CA PHE A 810 -33.58 17.88 -9.46
C PHE A 810 -33.88 16.96 -10.63
N ASN A 811 -34.56 17.46 -11.67
CA ASN A 811 -34.82 16.61 -12.84
C ASN A 811 -33.58 16.42 -13.69
N LYS A 812 -32.76 17.46 -13.86
CA LYS A 812 -31.61 17.38 -14.76
C LYS A 812 -30.57 16.38 -14.25
N VAL A 813 -30.38 16.31 -12.93
CA VAL A 813 -29.33 15.47 -12.37
C VAL A 813 -29.68 14.00 -12.60
N THR A 814 -28.75 13.26 -13.20
CA THR A 814 -28.95 11.85 -13.49
C THR A 814 -28.90 11.00 -12.23
N PHE A 842 -23.99 -5.11 -3.31
CA PHE A 842 -24.52 -6.31 -2.67
C PHE A 842 -23.39 -7.21 -2.19
N ASN A 843 -22.17 -6.66 -2.19
CA ASN A 843 -20.97 -7.37 -1.76
C ASN A 843 -20.47 -6.81 -0.43
N GLY A 844 -21.40 -6.48 0.48
CA GLY A 844 -21.06 -5.70 1.65
C GLY A 844 -20.98 -4.22 1.39
N LEU A 845 -21.46 -3.75 0.26
CA LEU A 845 -21.39 -2.36 -0.15
C LEU A 845 -22.80 -1.77 -0.02
N THR A 846 -23.02 -1.02 1.05
CA THR A 846 -24.33 -0.44 1.33
C THR A 846 -24.24 1.07 1.40
N VAL A 847 -25.38 1.72 1.21
CA VAL A 847 -25.48 3.18 1.21
C VAL A 847 -26.44 3.61 2.31
N LEU A 848 -25.97 4.48 3.19
CA LEU A 848 -26.73 5.04 4.31
C LEU A 848 -27.46 6.29 3.85
N PRO A 849 -28.76 6.42 4.15
CA PRO A 849 -29.51 7.58 3.68
C PRO A 849 -29.03 8.84 4.37
N PRO A 850 -29.07 9.99 3.68
CA PRO A 850 -28.72 11.24 4.34
C PRO A 850 -29.70 11.60 5.45
N LEU A 851 -29.18 12.28 6.48
CA LEU A 851 -29.98 12.59 7.64
C LEU A 851 -31.13 13.54 7.30
N LEU A 852 -30.87 14.54 6.47
CA LEU A 852 -31.88 15.52 6.07
C LEU A 852 -32.41 15.13 4.70
N THR A 853 -33.72 14.91 4.62
CA THR A 853 -34.33 14.56 3.35
C THR A 853 -34.35 15.77 2.42
N ASP A 854 -34.65 15.52 1.15
CA ASP A 854 -34.75 16.61 0.18
C ASP A 854 -35.84 17.60 0.56
N GLU A 855 -36.91 17.11 1.19
CA GLU A 855 -37.97 18.00 1.65
C GLU A 855 -37.46 18.95 2.72
N MET A 856 -36.62 18.45 3.63
CA MET A 856 -36.10 19.31 4.70
C MET A 856 -35.11 20.33 4.15
N ILE A 857 -34.28 19.94 3.19
CA ILE A 857 -33.38 20.89 2.55
C ILE A 857 -34.17 21.97 1.82
N ALA A 858 -35.23 21.56 1.11
CA ALA A 858 -36.09 22.54 0.46
C ALA A 858 -36.77 23.45 1.47
N GLN A 859 -37.13 22.92 2.64
CA GLN A 859 -37.75 23.75 3.67
C GLN A 859 -36.77 24.78 4.22
N TYR A 860 -35.53 24.38 4.47
CA TYR A 860 -34.48 25.35 4.82
C TYR A 860 -34.31 26.41 3.75
N THR A 861 -34.25 26.00 2.48
CA THR A 861 -34.07 26.98 1.40
C THR A 861 -35.24 27.95 1.33
N SER A 862 -36.46 27.44 1.50
CA SER A 862 -37.64 28.31 1.50
C SER A 862 -37.63 29.26 2.68
N ALA A 863 -37.21 28.79 3.84
CA ALA A 863 -37.10 29.67 5.01
C ALA A 863 -36.09 30.79 4.76
N LEU A 864 -34.95 30.45 4.16
CA LEU A 864 -33.95 31.47 3.83
C LEU A 864 -34.51 32.47 2.82
N LEU A 865 -35.22 31.98 1.81
CA LEU A 865 -35.82 32.88 0.82
C LEU A 865 -36.83 33.83 1.48
N ALA A 866 -37.72 33.29 2.31
CA ALA A 866 -38.74 34.11 2.95
C ALA A 866 -38.10 35.14 3.86
N GLY A 867 -37.08 34.73 4.63
CA GLY A 867 -36.39 35.68 5.48
C GLY A 867 -35.74 36.79 4.70
N THR A 868 -35.05 36.44 3.61
CA THR A 868 -34.38 37.46 2.80
C THR A 868 -35.38 38.42 2.18
N ILE A 869 -36.48 37.90 1.65
CA ILE A 869 -37.43 38.74 0.94
C ILE A 869 -38.18 39.64 1.91
N THR A 870 -38.57 39.12 3.07
CA THR A 870 -39.40 39.89 3.99
C THR A 870 -38.61 40.75 4.98
N SER A 871 -37.34 40.43 5.24
CA SER A 871 -36.59 41.14 6.27
C SER A 871 -35.19 41.54 5.86
N GLY A 872 -34.73 41.21 4.66
CA GLY A 872 -33.40 41.64 4.26
C GLY A 872 -32.31 40.84 4.93
N TRP A 873 -31.23 41.53 5.28
CA TRP A 873 -30.11 40.91 5.96
C TRP A 873 -30.25 40.95 7.48
N THR A 874 -31.34 41.50 7.99
CA THR A 874 -31.48 41.63 9.44
C THR A 874 -31.65 40.29 10.13
N PHE A 875 -32.38 39.36 9.50
CA PHE A 875 -32.68 38.09 10.16
C PHE A 875 -31.42 37.26 10.40
N GLY A 876 -30.39 37.45 9.58
CA GLY A 876 -29.13 36.75 9.81
C GLY A 876 -28.28 37.33 10.91
N ALA A 877 -28.64 38.50 11.43
CA ALA A 877 -27.87 39.14 12.49
C ALA A 877 -28.59 39.16 13.83
N GLY A 878 -29.89 38.88 13.85
CA GLY A 878 -30.66 38.89 15.08
C GLY A 878 -32.13 38.66 14.79
N PRO A 879 -33.00 39.42 15.44
CA PRO A 879 -34.43 39.35 15.12
C PRO A 879 -34.69 39.83 13.70
N ALA A 880 -35.68 39.22 13.07
CA ALA A 880 -36.04 39.61 11.72
C ALA A 880 -36.91 40.87 11.77
N LEU A 881 -36.48 41.90 11.06
CA LEU A 881 -37.21 43.16 10.99
C LEU A 881 -37.77 43.32 9.59
N GLN A 882 -39.09 43.42 9.48
CA GLN A 882 -39.73 43.54 8.18
C GLN A 882 -39.36 44.87 7.52
N ILE A 883 -39.34 44.86 6.20
CA ILE A 883 -39.05 46.07 5.42
C ILE A 883 -39.62 45.85 4.01
N PRO A 884 -40.24 46.85 3.40
CA PRO A 884 -40.70 46.70 2.01
C PRO A 884 -39.54 46.36 1.08
N PHE A 885 -39.82 45.48 0.11
CA PHE A 885 -38.77 45.03 -0.79
C PHE A 885 -38.13 46.16 -1.59
N PRO A 886 -38.87 47.11 -2.17
CA PRO A 886 -38.19 48.23 -2.83
C PRO A 886 -37.27 49.00 -1.92
N MET A 887 -37.64 49.15 -0.64
CA MET A 887 -36.81 49.90 0.29
C MET A 887 -35.50 49.17 0.58
N GLN A 888 -35.55 47.86 0.77
CA GLN A 888 -34.29 47.15 0.99
C GLN A 888 -33.48 47.04 -0.29
N MET A 889 -34.14 47.02 -1.45
CA MET A 889 -33.42 47.10 -2.71
C MET A 889 -32.68 48.42 -2.81
N ALA A 890 -33.30 49.52 -2.37
CA ALA A 890 -32.62 50.80 -2.31
C ALA A 890 -31.48 50.77 -1.31
N TYR A 891 -31.62 50.04 -0.21
CA TYR A 891 -30.51 49.84 0.71
C TYR A 891 -29.34 49.14 0.02
N ARG A 892 -29.62 48.11 -0.77
CA ARG A 892 -28.56 47.44 -1.51
C ARG A 892 -27.89 48.40 -2.50
N PHE A 893 -28.68 49.20 -3.20
CA PHE A 893 -28.12 50.18 -4.11
C PHE A 893 -27.22 51.17 -3.38
N ASN A 894 -27.67 51.62 -2.20
CA ASN A 894 -26.85 52.49 -1.37
C ASN A 894 -25.57 51.80 -0.95
N GLY A 895 -25.63 50.49 -0.71
CA GLY A 895 -24.45 49.73 -0.31
C GLY A 895 -23.45 49.50 -1.43
N ILE A 896 -23.89 49.53 -2.69
CA ILE A 896 -22.95 49.40 -3.80
C ILE A 896 -22.46 50.74 -4.32
N GLY A 897 -22.91 51.86 -3.76
CA GLY A 897 -22.45 53.16 -4.16
C GLY A 897 -23.39 53.97 -5.01
N VAL A 898 -24.66 53.56 -5.13
CA VAL A 898 -25.64 54.24 -5.95
C VAL A 898 -26.72 54.80 -5.04
N THR A 899 -27.16 56.02 -5.33
CA THR A 899 -28.11 56.70 -4.47
C THR A 899 -29.49 56.04 -4.58
N GLN A 900 -30.30 56.23 -3.52
CA GLN A 900 -31.61 55.58 -3.46
C GLN A 900 -32.55 56.11 -4.54
N ASN A 901 -32.45 57.40 -4.87
CA ASN A 901 -33.31 57.97 -5.89
C ASN A 901 -33.15 57.26 -7.22
N VAL A 902 -31.96 56.74 -7.51
CA VAL A 902 -31.74 56.01 -8.75
C VAL A 902 -32.65 54.81 -8.83
N LEU A 903 -32.81 54.09 -7.72
CA LEU A 903 -33.70 52.94 -7.71
C LEU A 903 -35.17 53.36 -7.70
N TYR A 904 -35.50 54.36 -6.86
CA TYR A 904 -36.91 54.73 -6.73
C TYR A 904 -37.46 55.31 -8.03
N GLU A 905 -36.65 56.08 -8.76
CA GLU A 905 -37.09 56.68 -10.01
C GLU A 905 -36.99 55.72 -11.19
N ASN A 906 -36.39 54.55 -11.02
CA ASN A 906 -36.34 53.52 -12.06
C ASN A 906 -36.85 52.19 -11.53
N GLN A 907 -37.84 52.23 -10.64
CA GLN A 907 -38.25 51.01 -9.94
C GLN A 907 -38.83 49.97 -10.90
N LYS A 908 -39.70 50.42 -11.82
CA LYS A 908 -40.34 49.48 -12.73
C LYS A 908 -39.34 48.85 -13.70
N LEU A 909 -38.39 49.64 -14.19
CA LEU A 909 -37.36 49.08 -15.05
C LEU A 909 -36.52 48.04 -14.32
N ILE A 910 -36.19 48.32 -13.05
CA ILE A 910 -35.40 47.38 -12.27
C ILE A 910 -36.18 46.09 -12.03
N ALA A 911 -37.46 46.21 -11.70
CA ALA A 911 -38.28 45.02 -11.49
C ALA A 911 -38.40 44.20 -12.76
N ASN A 912 -38.58 44.87 -13.90
CA ASN A 912 -38.65 44.16 -15.18
C ASN A 912 -37.35 43.46 -15.50
N GLN A 913 -36.22 44.12 -15.26
CA GLN A 913 -34.91 43.50 -15.51
C GLN A 913 -34.71 42.28 -14.60
N PHE A 914 -35.10 42.40 -13.33
CA PHE A 914 -34.96 41.27 -12.41
C PHE A 914 -35.81 40.09 -12.86
N ASN A 915 -37.07 40.35 -13.23
CA ASN A 915 -37.95 39.28 -13.68
C ASN A 915 -37.42 38.63 -14.95
N SER A 916 -36.95 39.45 -15.90
CA SER A 916 -36.41 38.91 -17.14
C SER A 916 -35.18 38.06 -16.88
N ALA A 917 -34.30 38.51 -15.98
CA ALA A 917 -33.09 37.73 -15.68
C ALA A 917 -33.44 36.41 -15.02
N ILE A 918 -34.41 36.40 -14.10
CA ILE A 918 -34.81 35.14 -13.47
C ILE A 918 -35.41 34.21 -14.51
N GLY A 919 -36.24 34.74 -15.41
CA GLY A 919 -36.77 33.90 -16.48
C GLY A 919 -35.70 33.35 -17.39
N LYS A 920 -34.68 34.15 -17.68
CA LYS A 920 -33.58 33.68 -18.53
C LYS A 920 -32.79 32.58 -17.83
N ILE A 921 -32.56 32.70 -16.52
CA ILE A 921 -31.92 31.61 -15.79
C ILE A 921 -32.78 30.36 -15.82
N GLN A 922 -34.09 30.51 -15.66
CA GLN A 922 -35.00 29.39 -15.77
C GLN A 922 -34.83 28.67 -17.11
N ASP A 923 -34.86 29.44 -18.20
CA ASP A 923 -34.73 28.87 -19.54
C ASP A 923 -33.37 28.22 -19.75
N SER A 924 -32.30 28.87 -19.28
CA SER A 924 -30.97 28.30 -19.45
C SER A 924 -30.82 26.99 -18.69
N LEU A 925 -31.37 26.90 -17.49
CA LEU A 925 -31.36 25.64 -16.76
C LEU A 925 -32.16 24.59 -17.49
N SER A 926 -33.31 24.96 -18.05
CA SER A 926 -34.13 24.01 -18.80
C SER A 926 -33.48 23.58 -20.10
N SER A 927 -32.55 24.36 -20.64
CA SER A 927 -31.96 24.05 -21.94
C SER A 927 -30.66 23.28 -21.81
N THR A 928 -29.67 23.87 -21.15
CA THR A 928 -28.34 23.28 -21.10
C THR A 928 -28.29 22.17 -20.06
N PRO A 929 -27.92 20.95 -20.42
CA PRO A 929 -27.79 19.87 -19.43
C PRO A 929 -26.42 19.77 -18.77
N SER A 930 -25.41 20.47 -19.29
CA SER A 930 -24.06 20.39 -18.76
C SER A 930 -23.77 21.47 -17.71
N ALA A 931 -24.76 22.29 -17.36
CA ALA A 931 -24.53 23.34 -16.36
C ALA A 931 -24.23 22.74 -14.99
N LEU A 932 -24.79 21.58 -14.68
CA LEU A 932 -24.60 20.92 -13.40
C LEU A 932 -23.52 19.85 -13.46
N GLY A 933 -22.50 20.07 -14.30
CA GLY A 933 -21.38 19.15 -14.35
C GLY A 933 -20.62 19.07 -13.05
N LYS A 934 -20.58 20.16 -12.29
CA LYS A 934 -19.91 20.14 -10.99
C LYS A 934 -20.57 19.13 -10.05
N LEU A 935 -21.90 19.07 -10.05
CA LEU A 935 -22.61 18.11 -9.23
C LEU A 935 -22.53 16.70 -9.81
N GLN A 936 -22.58 16.58 -11.14
CA GLN A 936 -22.61 15.25 -11.75
C GLN A 936 -21.24 14.57 -11.70
N ASP A 937 -20.16 15.34 -11.69
CA ASP A 937 -18.83 14.73 -11.66
C ASP A 937 -18.56 14.02 -10.35
N VAL A 938 -19.08 14.55 -9.25
CA VAL A 938 -18.90 13.88 -7.95
C VAL A 938 -19.57 12.50 -7.98
N VAL A 939 -20.80 12.46 -8.49
CA VAL A 939 -21.53 11.19 -8.57
C VAL A 939 -20.80 10.22 -9.49
N ASN A 940 -20.31 10.72 -10.63
CA ASN A 940 -19.61 9.85 -11.56
C ASN A 940 -18.33 9.30 -10.95
N GLN A 941 -17.57 10.13 -10.24
CA GLN A 941 -16.34 9.66 -9.61
C GLN A 941 -16.63 8.62 -8.53
N ASN A 942 -17.66 8.86 -7.71
CA ASN A 942 -17.99 7.89 -6.67
C ASN A 942 -18.46 6.57 -7.29
N ALA A 943 -19.27 6.64 -8.34
CA ALA A 943 -19.70 5.42 -9.02
C ALA A 943 -18.52 4.68 -9.64
N GLN A 944 -17.57 5.42 -10.21
CA GLN A 944 -16.38 4.77 -10.77
C GLN A 944 -15.57 4.07 -9.70
N ALA A 945 -15.41 4.72 -8.54
CA ALA A 945 -14.68 4.09 -7.44
C ALA A 945 -15.36 2.81 -6.97
N LEU A 946 -16.69 2.86 -6.82
CA LEU A 946 -17.42 1.66 -6.39
C LEU A 946 -17.35 0.56 -7.44
N ASN A 947 -17.45 0.93 -8.72
CA ASN A 947 -17.36 -0.07 -9.78
C ASN A 947 -15.99 -0.71 -9.82
N THR A 948 -14.93 0.08 -9.64
CA THR A 948 -13.59 -0.50 -9.60
C THR A 948 -13.43 -1.42 -8.41
N LEU A 949 -13.97 -1.04 -7.26
CA LEU A 949 -13.88 -1.90 -6.08
C LEU A 949 -14.61 -3.21 -6.31
N VAL A 950 -15.77 -3.16 -6.98
CA VAL A 950 -16.52 -4.38 -7.28
C VAL A 950 -15.75 -5.25 -8.29
N LYS A 951 -15.18 -4.62 -9.32
CA LYS A 951 -14.42 -5.37 -10.32
C LYS A 951 -13.19 -6.03 -9.71
N GLN A 952 -12.65 -5.44 -8.64
CA GLN A 952 -11.48 -6.02 -7.99
C GLN A 952 -11.79 -7.36 -7.32
N LEU A 953 -13.06 -7.72 -7.18
CA LEU A 953 -13.42 -9.00 -6.58
C LEU A 953 -13.31 -10.16 -7.55
N SER A 954 -13.01 -9.91 -8.82
CA SER A 954 -12.88 -10.95 -9.82
C SER A 954 -11.45 -11.10 -10.32
N SER A 955 -10.47 -10.86 -9.45
CA SER A 955 -9.06 -10.99 -9.78
C SER A 955 -8.45 -12.14 -9.00
N ASN A 956 -7.63 -12.95 -9.69
CA ASN A 956 -6.99 -14.08 -9.03
C ASN A 956 -6.00 -13.61 -7.96
N PHE A 957 -5.26 -12.54 -8.25
CA PHE A 957 -4.20 -12.03 -7.40
C PHE A 957 -3.11 -13.07 -7.17
N GLY A 958 -2.98 -14.04 -8.06
CA GLY A 958 -2.01 -15.11 -7.94
C GLY A 958 -2.56 -16.43 -7.50
N ALA A 959 -3.80 -16.47 -6.99
CA ALA A 959 -4.41 -17.71 -6.55
C ALA A 959 -4.87 -18.52 -7.78
N ILE A 960 -5.54 -19.64 -7.54
CA ILE A 960 -6.02 -20.47 -8.64
C ILE A 960 -7.36 -20.00 -9.19
N SER A 961 -8.15 -19.28 -8.40
CA SER A 961 -9.43 -18.75 -8.86
C SER A 961 -9.78 -17.53 -8.04
N SER A 962 -10.65 -16.70 -8.60
CA SER A 962 -11.14 -15.50 -7.92
C SER A 962 -12.37 -15.76 -7.07
N VAL A 963 -12.90 -16.98 -7.09
CA VAL A 963 -14.08 -17.34 -6.32
C VAL A 963 -13.61 -18.09 -5.08
N LEU A 964 -13.97 -17.59 -3.90
CA LEU A 964 -13.53 -18.22 -2.67
C LEU A 964 -14.24 -19.56 -2.45
N ASN A 965 -15.50 -19.67 -2.89
CA ASN A 965 -16.24 -20.92 -2.73
C ASN A 965 -15.59 -22.06 -3.50
N ASP A 966 -15.11 -21.78 -4.72
CA ASP A 966 -14.43 -22.82 -5.49
C ASP A 966 -13.16 -23.28 -4.81
N ILE A 967 -12.39 -22.36 -4.25
CA ILE A 967 -11.17 -22.73 -3.53
C ILE A 967 -11.52 -23.59 -2.32
N LEU A 968 -12.56 -23.21 -1.58
CA LEU A 968 -12.94 -23.98 -0.40
C LEU A 968 -13.47 -25.35 -0.77
N SER A 969 -14.16 -25.48 -1.91
CA SER A 969 -14.78 -26.73 -2.30
C SER A 969 -13.89 -27.62 -3.15
N ARG A 970 -12.72 -27.14 -3.56
CA ARG A 970 -11.81 -27.96 -4.34
C ARG A 970 -10.62 -28.46 -3.54
N LEU A 971 -10.04 -27.61 -2.69
CA LEU A 971 -8.82 -27.94 -1.97
C LEU A 971 -9.12 -28.24 -0.51
N ASP A 972 -8.28 -29.07 0.08
CA ASP A 972 -8.32 -29.28 1.52
C ASP A 972 -7.84 -28.02 2.23
N PRO A 973 -8.18 -27.86 3.51
CA PRO A 973 -7.81 -26.63 4.23
C PRO A 973 -6.33 -26.30 4.14
N PRO A 974 -5.41 -27.27 4.36
CA PRO A 974 -3.98 -26.89 4.34
C PRO A 974 -3.51 -26.32 3.01
N GLU A 975 -4.02 -26.84 1.89
CA GLU A 975 -3.67 -26.26 0.60
C GLU A 975 -4.48 -24.99 0.32
N ALA A 976 -5.72 -24.92 0.80
CA ALA A 976 -6.56 -23.76 0.53
C ALA A 976 -6.11 -22.54 1.30
N GLU A 977 -5.32 -22.70 2.37
CA GLU A 977 -4.87 -21.56 3.16
C GLU A 977 -4.03 -20.60 2.32
N VAL A 978 -3.18 -21.14 1.44
CA VAL A 978 -2.32 -20.29 0.62
C VAL A 978 -3.14 -19.42 -0.33
N GLN A 979 -4.10 -20.06 -1.02
CA GLN A 979 -4.95 -19.31 -1.94
C GLN A 979 -5.79 -18.29 -1.20
N ILE A 980 -6.33 -18.66 -0.04
CA ILE A 980 -7.14 -17.72 0.74
C ILE A 980 -6.29 -16.55 1.19
N ASP A 981 -5.04 -16.80 1.58
CA ASP A 981 -4.14 -15.72 1.99
C ASP A 981 -3.85 -14.77 0.83
N ARG A 982 -3.61 -15.32 -0.37
CA ARG A 982 -3.35 -14.48 -1.52
C ARG A 982 -4.56 -13.61 -1.85
N LEU A 983 -5.75 -14.20 -1.86
CA LEU A 983 -6.96 -13.45 -2.12
C LEU A 983 -7.20 -12.38 -1.07
N ILE A 984 -6.96 -12.71 0.20
CA ILE A 984 -7.13 -11.76 1.30
C ILE A 984 -6.19 -10.58 1.12
N THR A 985 -4.92 -10.85 0.79
CA THR A 985 -3.97 -9.76 0.60
C THR A 985 -4.39 -8.85 -0.53
N GLY A 986 -4.79 -9.43 -1.67
CA GLY A 986 -5.19 -8.59 -2.79
C GLY A 986 -6.42 -7.76 -2.49
N ARG A 987 -7.44 -8.36 -1.89
CA ARG A 987 -8.67 -7.66 -1.61
C ARG A 987 -8.48 -6.59 -0.53
N LEU A 988 -7.64 -6.88 0.48
CA LEU A 988 -7.34 -5.89 1.49
C LEU A 988 -6.60 -4.69 0.89
N GLN A 989 -5.66 -4.95 -0.02
CA GLN A 989 -4.96 -3.85 -0.67
C GLN A 989 -5.93 -3.00 -1.49
N SER A 990 -6.82 -3.64 -2.24
CA SER A 990 -7.80 -2.88 -3.03
C SER A 990 -8.72 -2.05 -2.13
N LEU A 991 -9.18 -2.63 -1.02
CA LEU A 991 -10.03 -1.89 -0.10
C LEU A 991 -9.30 -0.71 0.52
N GLN A 992 -8.04 -0.89 0.89
CA GLN A 992 -7.27 0.22 1.45
C GLN A 992 -7.10 1.34 0.43
N THR A 993 -6.82 0.99 -0.83
CA THR A 993 -6.71 2.02 -1.86
C THR A 993 -8.01 2.79 -2.01
N TYR A 994 -9.13 2.06 -2.05
CA TYR A 994 -10.43 2.72 -2.18
C TYR A 994 -10.69 3.66 -1.01
N VAL A 995 -10.39 3.21 0.22
CA VAL A 995 -10.65 4.03 1.39
C VAL A 995 -9.79 5.28 1.38
N THR A 996 -8.51 5.16 1.01
CA THR A 996 -7.63 6.32 0.97
C THR A 996 -8.12 7.36 -0.04
N GLN A 997 -8.46 6.89 -1.25
CA GLN A 997 -8.93 7.84 -2.24
C GLN A 997 -10.27 8.46 -1.84
N GLN A 998 -11.11 7.70 -1.13
CA GLN A 998 -12.37 8.26 -0.63
C GLN A 998 -12.12 9.31 0.43
N LEU A 999 -11.09 9.12 1.26
CA LEU A 999 -10.74 10.13 2.25
C LEU A 999 -10.30 11.43 1.58
N ILE A 1000 -9.48 11.31 0.54
CA ILE A 1000 -9.04 12.50 -0.20
C ILE A 1000 -10.24 13.20 -0.85
N ARG A 1001 -11.13 12.44 -1.47
CA ARG A 1001 -12.32 13.00 -2.09
C ARG A 1001 -13.21 13.68 -1.06
N ALA A 1002 -13.36 13.07 0.11
CA ALA A 1002 -14.18 13.67 1.17
C ALA A 1002 -13.57 14.96 1.67
N ALA A 1003 -12.24 15.03 1.73
CA ALA A 1003 -11.59 16.29 2.10
C ALA A 1003 -11.89 17.39 1.10
N GLU A 1004 -11.83 17.05 -0.20
CA GLU A 1004 -12.16 18.04 -1.23
C GLU A 1004 -13.61 18.49 -1.12
N ILE A 1005 -14.53 17.55 -0.88
CA ILE A 1005 -15.93 17.90 -0.77
C ILE A 1005 -16.19 18.73 0.49
N ARG A 1006 -15.47 18.47 1.57
CA ARG A 1006 -15.58 19.28 2.77
C ARG A 1006 -15.12 20.71 2.52
N ALA A 1007 -14.03 20.87 1.76
CA ALA A 1007 -13.61 22.21 1.39
C ALA A 1007 -14.68 22.93 0.58
N SER A 1008 -15.28 22.23 -0.38
CA SER A 1008 -16.33 22.84 -1.19
C SER A 1008 -17.55 23.21 -0.33
N ALA A 1009 -17.90 22.36 0.63
CA ALA A 1009 -19.04 22.65 1.49
C ALA A 1009 -18.76 23.80 2.44
N ASN A 1010 -17.53 23.93 2.92
CA ASN A 1010 -17.15 25.10 3.71
C ASN A 1010 -17.28 26.36 2.88
N LEU A 1011 -16.84 26.32 1.63
CA LEU A 1011 -17.02 27.48 0.75
C LEU A 1011 -18.49 27.80 0.56
N ALA A 1012 -19.33 26.77 0.37
CA ALA A 1012 -20.76 27.00 0.17
C ALA A 1012 -21.42 27.60 1.42
N ALA A 1013 -21.02 27.13 2.61
CA ALA A 1013 -21.53 27.72 3.83
C ALA A 1013 -21.12 29.18 3.96
N THR A 1014 -19.87 29.49 3.63
CA THR A 1014 -19.42 30.88 3.63
C THR A 1014 -20.22 31.72 2.65
N LYS A 1015 -20.48 31.19 1.45
CA LYS A 1015 -21.25 31.94 0.47
C LYS A 1015 -22.66 32.20 0.96
N MET A 1016 -23.30 31.20 1.56
CA MET A 1016 -24.62 31.42 2.14
C MET A 1016 -24.59 32.53 3.17
N SER A 1017 -23.64 32.44 4.12
CA SER A 1017 -23.60 33.42 5.21
C SER A 1017 -23.32 34.83 4.69
N GLU A 1018 -22.43 34.97 3.72
CA GLU A 1018 -21.96 36.28 3.29
C GLU A 1018 -22.69 36.83 2.07
N CYS A 1019 -23.63 36.09 1.49
CA CYS A 1019 -24.36 36.63 0.36
C CYS A 1019 -25.85 36.39 0.38
N VAL A 1020 -26.38 35.50 1.24
CA VAL A 1020 -27.81 35.37 1.38
C VAL A 1020 -28.24 36.09 2.64
N LEU A 1021 -27.39 36.05 3.65
CA LEU A 1021 -27.66 36.70 4.93
C LEU A 1021 -27.07 38.09 5.00
N GLY A 1022 -26.41 38.57 3.94
CA GLY A 1022 -25.86 39.91 3.93
C GLY A 1022 -25.37 40.25 2.53
N GLN A 1023 -25.04 41.53 2.36
CA GLN A 1023 -24.54 42.03 1.09
C GLN A 1023 -23.01 42.06 1.14
N SER A 1024 -22.37 41.44 0.16
CA SER A 1024 -20.94 41.24 0.17
C SER A 1024 -20.24 42.30 -0.68
N LYS A 1025 -19.12 42.80 -0.15
CA LYS A 1025 -18.27 43.73 -0.89
C LYS A 1025 -17.04 43.04 -1.47
N ARG A 1026 -16.86 41.75 -1.20
CA ARG A 1026 -15.76 41.00 -1.79
C ARG A 1026 -16.01 40.83 -3.29
N VAL A 1027 -14.98 41.13 -4.08
CA VAL A 1027 -15.13 41.18 -5.53
C VAL A 1027 -15.11 39.77 -6.08
N ASP A 1028 -16.09 39.46 -6.93
CA ASP A 1028 -16.26 38.18 -7.61
C ASP A 1028 -16.55 37.03 -6.66
N PHE A 1029 -16.77 37.32 -5.37
CA PHE A 1029 -17.16 36.26 -4.45
C PHE A 1029 -18.57 35.76 -4.74
N CYS A 1030 -19.43 36.65 -5.24
CA CYS A 1030 -20.82 36.31 -5.49
C CYS A 1030 -21.24 36.84 -6.85
N GLY A 1031 -20.44 36.55 -7.87
CA GLY A 1031 -20.79 36.85 -9.24
C GLY A 1031 -20.07 38.09 -9.75
N LYS A 1032 -19.99 38.18 -11.08
CA LYS A 1032 -19.39 39.34 -11.72
C LYS A 1032 -20.36 40.52 -11.68
N GLY A 1033 -19.89 41.64 -11.19
CA GLY A 1033 -20.70 42.83 -11.01
C GLY A 1033 -20.71 43.25 -9.55
N TYR A 1034 -21.55 44.23 -9.26
CA TYR A 1034 -21.71 44.73 -7.90
C TYR A 1034 -22.83 43.94 -7.22
N HIS A 1035 -22.49 43.23 -6.15
CA HIS A 1035 -23.44 42.33 -5.52
C HIS A 1035 -24.57 43.11 -4.87
N LEU A 1036 -25.80 42.71 -5.18
CA LEU A 1036 -26.99 43.26 -4.54
C LEU A 1036 -27.60 42.26 -3.55
N MET A 1037 -27.94 41.07 -4.02
CA MET A 1037 -28.43 40.00 -3.16
C MET A 1037 -28.35 38.70 -3.94
N SER A 1038 -28.51 37.59 -3.22
CA SER A 1038 -28.46 36.28 -3.84
C SER A 1038 -29.51 35.39 -3.19
N PHE A 1039 -29.92 34.36 -3.93
CA PHE A 1039 -30.99 33.46 -3.50
C PHE A 1039 -30.49 32.02 -3.58
N PRO A 1040 -30.56 31.27 -2.50
CA PRO A 1040 -30.15 29.86 -2.54
C PRO A 1040 -31.21 28.99 -3.16
N GLN A 1041 -30.76 27.92 -3.82
CA GLN A 1041 -31.64 26.90 -4.36
C GLN A 1041 -31.02 25.54 -4.10
N SER A 1042 -31.81 24.62 -3.55
CA SER A 1042 -31.31 23.29 -3.24
C SER A 1042 -31.19 22.47 -4.50
N ALA A 1043 -30.14 21.67 -4.57
CA ALA A 1043 -29.89 20.71 -5.63
C ALA A 1043 -29.45 19.40 -4.99
N PRO A 1044 -29.60 18.28 -5.69
CA PRO A 1044 -29.16 17.00 -5.11
C PRO A 1044 -27.67 16.98 -4.82
N HIS A 1045 -27.33 16.88 -3.53
CA HIS A 1045 -25.96 16.89 -3.05
C HIS A 1045 -25.24 18.21 -3.34
N GLY A 1046 -25.98 19.32 -3.38
CA GLY A 1046 -25.36 20.59 -3.67
C GLY A 1046 -26.27 21.74 -3.32
N VAL A 1047 -25.80 22.94 -3.65
CA VAL A 1047 -26.55 24.17 -3.45
C VAL A 1047 -26.33 25.06 -4.67
N VAL A 1048 -27.38 25.79 -5.06
CA VAL A 1048 -27.34 26.65 -6.23
C VAL A 1048 -27.62 28.08 -5.79
N PHE A 1049 -26.75 29.00 -6.16
CA PHE A 1049 -26.85 30.40 -5.79
C PHE A 1049 -27.23 31.23 -7.00
N LEU A 1050 -28.27 32.04 -6.86
CA LEU A 1050 -28.70 32.96 -7.91
C LEU A 1050 -28.23 34.35 -7.52
N HIS A 1051 -27.02 34.70 -7.96
CA HIS A 1051 -26.39 35.96 -7.59
C HIS A 1051 -26.99 37.10 -8.41
N VAL A 1052 -27.69 38.01 -7.75
CA VAL A 1052 -28.22 39.20 -8.40
C VAL A 1052 -27.17 40.30 -8.26
N THR A 1053 -26.73 40.86 -9.38
CA THR A 1053 -25.66 41.84 -9.39
C THR A 1053 -26.10 43.07 -10.16
N TYR A 1054 -25.27 44.12 -10.06
CA TYR A 1054 -25.51 45.40 -10.70
C TYR A 1054 -24.37 45.63 -11.70
N VAL A 1055 -24.72 45.85 -12.96
CA VAL A 1055 -23.75 46.02 -14.03
C VAL A 1055 -24.01 47.35 -14.72
N PRO A 1056 -23.05 48.26 -14.79
CA PRO A 1056 -23.21 49.46 -15.62
C PRO A 1056 -23.38 49.09 -17.09
N ALA A 1057 -24.17 49.89 -17.81
CA ALA A 1057 -24.59 49.52 -19.15
C ALA A 1057 -24.05 50.45 -20.24
N GLN A 1058 -24.32 51.76 -20.15
CA GLN A 1058 -24.10 52.67 -21.27
C GLN A 1058 -23.28 53.88 -20.77
N GLU A 1059 -21.98 53.82 -20.97
CA GLU A 1059 -21.08 54.85 -20.49
C GLU A 1059 -20.89 55.96 -21.53
N LYS A 1060 -20.34 57.08 -21.07
CA LYS A 1060 -20.07 58.21 -21.93
C LYS A 1060 -18.76 58.87 -21.49
N ASN A 1061 -18.09 59.50 -22.45
CA ASN A 1061 -16.87 60.24 -22.13
C ASN A 1061 -17.19 61.56 -21.48
N PHE A 1062 -16.33 61.97 -20.56
CA PHE A 1062 -16.46 63.26 -19.90
C PHE A 1062 -15.07 63.81 -19.59
N THR A 1063 -14.99 65.12 -19.42
CA THR A 1063 -13.78 65.78 -18.99
C THR A 1063 -13.85 66.00 -17.49
N THR A 1064 -12.78 65.63 -16.78
CA THR A 1064 -12.77 65.64 -15.33
C THR A 1064 -11.60 66.46 -14.82
N ALA A 1065 -11.75 66.96 -13.60
CA ALA A 1065 -10.70 67.71 -12.93
C ALA A 1065 -10.62 67.26 -11.47
N PRO A 1066 -9.43 67.23 -10.89
CA PRO A 1066 -9.33 66.90 -9.46
C PRO A 1066 -10.05 67.89 -8.56
N ALA A 1067 -10.02 69.18 -8.90
CA ALA A 1067 -10.61 70.20 -8.06
C ALA A 1067 -10.84 71.45 -8.91
N ILE A 1068 -11.63 72.38 -8.35
CA ILE A 1068 -11.92 73.64 -9.02
C ILE A 1068 -11.69 74.79 -8.04
N CYS A 1069 -11.42 75.97 -8.60
CA CYS A 1069 -11.14 77.18 -7.83
C CYS A 1069 -12.26 78.19 -8.03
N HIS A 1070 -12.83 78.68 -6.93
CA HIS A 1070 -13.81 79.76 -7.02
C HIS A 1070 -13.33 81.04 -6.36
N ASP A 1071 -13.08 81.04 -5.06
CA ASP A 1071 -12.47 82.17 -4.37
C ASP A 1071 -10.99 81.94 -4.14
N GLY A 1072 -10.26 81.58 -5.19
CA GLY A 1072 -8.86 81.21 -5.00
C GLY A 1072 -8.64 80.06 -4.06
N LYS A 1073 -9.66 79.23 -3.84
CA LYS A 1073 -9.60 78.10 -2.93
C LYS A 1073 -9.94 76.82 -3.68
N ALA A 1074 -9.28 75.73 -3.34
CA ALA A 1074 -9.55 74.45 -3.95
C ALA A 1074 -10.83 73.85 -3.40
N HIS A 1075 -11.68 73.34 -4.29
CA HIS A 1075 -12.91 72.66 -3.93
C HIS A 1075 -12.87 71.24 -4.47
N PHE A 1076 -13.10 70.27 -3.59
CA PHE A 1076 -13.11 68.88 -3.99
C PHE A 1076 -14.52 68.30 -3.89
N PRO A 1077 -14.88 67.33 -4.73
CA PRO A 1077 -16.21 66.72 -4.63
C PRO A 1077 -16.38 66.02 -3.29
N ARG A 1078 -17.51 66.29 -2.64
CA ARG A 1078 -17.75 65.73 -1.31
C ARG A 1078 -17.90 64.22 -1.36
N GLU A 1079 -18.75 63.72 -2.27
CA GLU A 1079 -18.91 62.28 -2.41
C GLU A 1079 -19.06 61.85 -3.87
N GLY A 1080 -18.56 62.64 -4.81
CA GLY A 1080 -18.71 62.30 -6.22
C GLY A 1080 -17.48 62.59 -7.05
N VAL A 1081 -17.69 63.01 -8.30
CA VAL A 1081 -16.61 63.34 -9.21
C VAL A 1081 -17.04 64.55 -10.05
N PHE A 1082 -16.07 65.37 -10.41
CA PHE A 1082 -16.33 66.52 -11.26
C PHE A 1082 -16.28 66.10 -12.73
N VAL A 1083 -17.35 66.40 -13.46
CA VAL A 1083 -17.44 66.04 -14.87
C VAL A 1083 -17.82 67.29 -15.67
N SER A 1084 -17.55 67.23 -16.97
CA SER A 1084 -17.85 68.33 -17.87
C SER A 1084 -18.37 67.76 -19.19
N ASN A 1085 -19.46 68.32 -19.69
CA ASN A 1085 -20.04 67.90 -20.95
C ASN A 1085 -19.50 68.69 -22.14
N GLY A 1086 -18.53 69.57 -21.91
CA GLY A 1086 -17.96 70.37 -22.97
C GLY A 1086 -17.95 71.85 -22.67
N THR A 1087 -18.99 72.32 -22.00
CA THR A 1087 -19.08 73.74 -21.65
C THR A 1087 -19.33 73.98 -20.17
N HIS A 1088 -20.11 73.12 -19.51
CA HIS A 1088 -20.47 73.30 -18.12
C HIS A 1088 -19.84 72.21 -17.26
N TRP A 1089 -19.64 72.51 -15.98
CA TRP A 1089 -19.04 71.60 -15.03
C TRP A 1089 -20.07 71.17 -14.00
N PHE A 1090 -20.15 69.86 -13.76
CA PHE A 1090 -21.09 69.30 -12.81
C PHE A 1090 -20.37 68.34 -11.88
N VAL A 1091 -21.01 68.02 -10.76
CA VAL A 1091 -20.54 66.99 -9.85
C VAL A 1091 -21.57 65.87 -9.84
N THR A 1092 -21.11 64.65 -10.08
CA THR A 1092 -21.99 63.51 -10.22
C THR A 1092 -21.45 62.35 -9.39
N GLN A 1093 -22.35 61.44 -9.04
CA GLN A 1093 -21.91 60.20 -8.40
C GLN A 1093 -21.15 59.34 -9.40
N ARG A 1094 -20.21 58.55 -8.89
CA ARG A 1094 -19.24 57.88 -9.74
C ARG A 1094 -19.81 56.67 -10.47
N ASN A 1095 -20.89 56.08 -9.98
CA ASN A 1095 -21.44 54.87 -10.57
C ASN A 1095 -22.68 55.11 -11.42
N PHE A 1096 -23.10 56.36 -11.59
CA PHE A 1096 -24.28 56.68 -12.36
C PHE A 1096 -24.22 58.16 -12.74
N TYR A 1097 -24.56 58.46 -13.99
CA TYR A 1097 -24.49 59.84 -14.47
C TYR A 1097 -25.74 60.59 -14.01
N GLU A 1098 -25.62 61.34 -12.91
CA GLU A 1098 -26.66 62.24 -12.43
C GLU A 1098 -26.00 63.57 -12.15
N PRO A 1099 -25.86 64.42 -13.16
CA PRO A 1099 -25.15 65.70 -12.96
C PRO A 1099 -25.88 66.62 -12.00
N GLN A 1100 -25.09 67.38 -11.24
CA GLN A 1100 -25.60 68.32 -10.27
C GLN A 1100 -24.82 69.62 -10.36
N ILE A 1101 -25.45 70.72 -9.95
CA ILE A 1101 -24.78 72.01 -9.95
C ILE A 1101 -23.76 72.04 -8.82
N ILE A 1102 -22.55 72.49 -9.13
CA ILE A 1102 -21.47 72.51 -8.14
C ILE A 1102 -21.76 73.64 -7.15
N THR A 1103 -22.18 73.28 -5.94
CA THR A 1103 -22.46 74.24 -4.88
C THR A 1103 -21.52 73.97 -3.71
N THR A 1104 -21.75 74.68 -2.61
CA THR A 1104 -20.95 74.52 -1.40
C THR A 1104 -21.45 73.38 -0.52
N ASP A 1105 -22.55 72.72 -0.90
CA ASP A 1105 -23.09 71.63 -0.12
C ASP A 1105 -22.65 70.26 -0.61
N ASN A 1106 -22.17 70.14 -1.85
CA ASN A 1106 -21.63 68.90 -2.37
C ASN A 1106 -20.12 68.98 -2.62
N THR A 1107 -19.46 69.98 -2.05
CA THR A 1107 -18.03 70.14 -2.16
C THR A 1107 -17.48 70.59 -0.81
N PHE A 1108 -16.17 70.39 -0.62
CA PHE A 1108 -15.48 70.87 0.57
C PHE A 1108 -14.18 71.54 0.17
N VAL A 1109 -13.73 72.48 0.99
CA VAL A 1109 -12.58 73.33 0.68
C VAL A 1109 -11.37 72.81 1.42
N SER A 1110 -10.21 72.83 0.75
CA SER A 1110 -8.95 72.46 1.39
C SER A 1110 -7.81 73.07 0.59
N GLY A 1111 -7.12 74.05 1.17
CA GLY A 1111 -5.97 74.63 0.51
C GLY A 1111 -6.36 75.70 -0.49
N ASN A 1112 -5.46 75.92 -1.46
CA ASN A 1112 -5.69 76.91 -2.51
C ASN A 1112 -5.19 76.33 -3.83
N CYS A 1113 -5.06 77.18 -4.84
CA CYS A 1113 -4.93 76.76 -6.22
C CYS A 1113 -3.49 76.48 -6.66
N ASP A 1114 -2.50 76.71 -5.80
CA ASP A 1114 -1.10 76.62 -6.22
C ASP A 1114 -0.47 75.26 -5.93
N VAL A 1115 -1.27 74.24 -5.63
CA VAL A 1115 -0.78 72.92 -5.27
C VAL A 1115 -1.33 71.84 -6.21
N VAL A 1116 -2.65 71.80 -6.38
CA VAL A 1116 -3.28 70.71 -7.10
C VAL A 1116 -2.96 70.82 -8.59
N ILE A 1117 -2.48 69.72 -9.17
CA ILE A 1117 -2.14 69.67 -10.58
C ILE A 1117 -3.40 69.29 -11.36
N GLY A 1118 -3.79 70.15 -12.29
CA GLY A 1118 -5.00 69.95 -13.06
C GLY A 1118 -6.22 70.65 -12.52
N ILE A 1119 -6.06 71.54 -11.53
CA ILE A 1119 -7.17 72.29 -10.99
C ILE A 1119 -7.66 73.28 -12.05
N VAL A 1120 -8.97 73.36 -12.22
CA VAL A 1120 -9.58 74.19 -13.25
C VAL A 1120 -10.36 75.33 -12.58
N ASN A 1121 -10.83 76.25 -13.40
CA ASN A 1121 -11.56 77.43 -12.93
C ASN A 1121 -13.05 77.25 -13.20
N ASN A 1122 -13.86 77.40 -12.16
CA ASN A 1122 -15.31 77.34 -12.30
C ASN A 1122 -15.94 78.00 -11.08
N THR A 1123 -17.24 78.26 -11.19
CA THR A 1123 -17.99 78.90 -10.11
C THR A 1123 -18.59 77.84 -9.18
N VAL A 1124 -18.44 78.07 -7.88
CA VAL A 1124 -19.07 77.25 -6.87
C VAL A 1124 -20.28 78.01 -6.34
N TYR A 1125 -21.47 77.48 -6.58
CA TYR A 1125 -22.69 78.19 -6.23
C TYR A 1125 -22.86 78.26 -4.72
N ASP A 1126 -23.31 79.41 -4.23
CA ASP A 1126 -23.60 79.59 -2.82
C ASP A 1126 -25.10 79.68 -2.62
N PRO A 1127 -25.76 78.64 -2.08
CA PRO A 1127 -27.21 78.70 -1.92
C PRO A 1127 -27.69 79.81 -1.01
N LEU A 1128 -26.89 80.20 -0.01
CA LEU A 1128 -27.33 81.22 0.93
C LEU A 1128 -27.46 82.60 0.28
N GLN A 1129 -26.54 82.94 -0.63
CA GLN A 1129 -26.45 84.30 -1.14
C GLN A 1129 -27.74 84.82 -1.76
N PRO A 1130 -28.46 84.09 -2.62
CA PRO A 1130 -29.71 84.64 -3.17
C PRO A 1130 -30.73 85.01 -2.11
N GLU A 1131 -31.00 84.11 -1.16
CA GLU A 1131 -31.97 84.41 -0.11
C GLU A 1131 -31.47 85.54 0.79
N LEU A 1132 -30.18 85.56 1.10
CA LEU A 1132 -29.64 86.62 1.95
C LEU A 1132 -29.78 87.99 1.27
N ASP A 1133 -29.47 88.06 -0.02
CA ASP A 1133 -29.68 89.31 -0.75
C ASP A 1133 -31.16 89.67 -0.83
N SER A 1134 -32.01 88.67 -1.07
CA SER A 1134 -33.45 88.89 -1.15
C SER A 1134 -34.10 88.75 0.22
N TYR B 1 41.73 -39.18 -4.35
CA TYR B 1 40.90 -38.78 -3.21
C TYR B 1 39.48 -38.47 -3.66
N ARG B 2 38.55 -38.51 -2.71
CA ARG B 2 37.15 -38.17 -2.96
C ARG B 2 36.81 -36.92 -2.15
N ARG B 3 36.19 -35.94 -2.80
CA ARG B 3 35.87 -34.69 -2.17
C ARG B 3 34.35 -34.56 -1.96
N PRO B 4 33.92 -33.85 -0.92
CA PRO B 4 32.49 -33.68 -0.69
C PRO B 4 31.83 -32.82 -1.76
N ARG B 5 30.52 -33.01 -1.90
CA ARG B 5 29.75 -32.26 -2.88
C ARG B 5 29.72 -30.77 -2.56
N GLU B 6 30.03 -30.38 -1.32
CA GLU B 6 29.99 -28.97 -0.94
C GLU B 6 31.08 -28.15 -1.62
N GLN B 7 32.13 -28.79 -2.12
CA GLN B 7 33.23 -28.09 -2.77
C GLN B 7 33.16 -28.15 -4.30
N ILE B 8 32.59 -29.21 -4.86
CA ILE B 8 32.49 -29.38 -6.30
C ILE B 8 31.02 -29.52 -6.66
N ILE B 9 30.56 -28.69 -7.60
CA ILE B 9 29.16 -28.67 -8.00
C ILE B 9 28.93 -29.42 -9.30
N ILE B 10 29.73 -29.13 -10.32
CA ILE B 10 29.51 -29.71 -11.65
C ILE B 10 30.34 -30.96 -11.85
N GLY B 11 31.62 -30.91 -11.50
CA GLY B 11 32.53 -32.01 -11.79
C GLY B 11 32.34 -33.20 -10.87
N SER B 12 33.10 -34.25 -11.17
CA SER B 12 33.07 -35.47 -10.37
C SER B 12 33.72 -35.24 -9.02
N LEU B 13 33.20 -35.93 -8.00
CA LEU B 13 33.76 -35.81 -6.66
C LEU B 13 35.19 -36.33 -6.60
N TRP B 14 35.47 -37.43 -7.31
CA TRP B 14 36.82 -37.97 -7.33
C TRP B 14 37.78 -36.99 -7.99
N VAL B 15 38.96 -36.83 -7.39
CA VAL B 15 39.97 -35.92 -7.87
C VAL B 15 41.27 -36.70 -8.12
N PHE B 16 42.22 -36.03 -8.77
CA PHE B 16 43.49 -36.67 -9.09
C PHE B 16 44.27 -36.99 -7.82
N CCS B 17 44.83 -38.20 -7.78
CA CCS B 17 45.61 -38.62 -6.62
CB CCS B 17 44.76 -39.47 -5.67
SG CCS B 17 44.20 -41.03 -6.36
CD CCS B 17 42.50 -40.59 -6.13
CE CCS B 17 41.55 -40.33 -4.99
OZ1 CCS B 17 40.68 -41.13 -4.67
C CCS B 17 46.86 -39.40 -7.02
O CCS B 17 47.54 -39.93 -6.13
N GLY B 18 47.18 -39.49 -8.30
CA GLY B 18 48.35 -40.23 -8.75
C GLY B 18 49.64 -39.43 -8.63
N NH2 B 19 50.72 -39.98 -9.17
N TYR C 1 -1.28 -24.73 -27.04
CA TYR C 1 -1.55 -23.30 -26.95
C TYR C 1 -1.93 -22.89 -25.53
N ARG C 2 -2.06 -21.60 -25.30
CA ARG C 2 -2.52 -21.05 -24.02
C ARG C 2 -3.89 -20.43 -24.24
N ARG C 3 -4.86 -20.88 -23.49
CA ARG C 3 -6.21 -20.38 -23.68
C ARG C 3 -6.56 -19.33 -22.63
N PRO C 4 -7.45 -18.40 -22.95
CA PRO C 4 -7.81 -17.36 -21.96
C PRO C 4 -8.54 -17.95 -20.77
N ARG C 5 -8.39 -17.27 -19.62
CA ARG C 5 -9.05 -17.70 -18.40
C ARG C 5 -10.56 -17.57 -18.50
N GLU C 6 -11.06 -16.72 -19.40
CA GLU C 6 -12.50 -16.55 -19.53
C GLU C 6 -13.20 -17.83 -19.99
N GLN C 7 -12.54 -18.61 -20.85
CA GLN C 7 -13.16 -19.81 -21.39
C GLN C 7 -12.97 -21.04 -20.52
N ILE C 8 -12.11 -20.98 -19.50
CA ILE C 8 -11.83 -22.13 -18.64
C ILE C 8 -11.99 -21.68 -17.20
N ILE C 9 -12.84 -22.37 -16.46
CA ILE C 9 -13.14 -21.98 -15.08
C ILE C 9 -12.28 -22.75 -14.08
N ILE C 10 -12.18 -24.07 -14.22
CA ILE C 10 -11.47 -24.90 -13.27
C ILE C 10 -10.18 -25.46 -13.85
N GLY C 11 -10.18 -25.80 -15.13
CA GLY C 11 -9.04 -26.48 -15.71
C GLY C 11 -7.82 -25.59 -15.88
N SER C 12 -6.73 -26.22 -16.29
CA SER C 12 -5.51 -25.49 -16.58
C SER C 12 -5.65 -24.73 -17.90
N LEU C 13 -4.91 -23.61 -18.00
CA LEU C 13 -4.99 -22.79 -19.20
C LEU C 13 -4.49 -23.52 -20.42
N TRP C 14 -3.39 -24.27 -20.28
CA TRP C 14 -2.81 -24.96 -21.43
C TRP C 14 -3.70 -26.10 -21.88
N VAL C 15 -3.77 -26.31 -23.19
CA VAL C 15 -4.60 -27.34 -23.78
C VAL C 15 -3.75 -28.17 -24.73
N PHE C 16 -4.29 -29.32 -25.14
CA PHE C 16 -3.57 -30.20 -26.05
C PHE C 16 -3.34 -29.51 -27.38
N CCS C 17 -2.09 -29.57 -27.87
CA CCS C 17 -1.74 -28.92 -29.12
CB CCS C 17 -1.11 -27.55 -28.85
SG CCS C 17 0.58 -27.62 -28.18
CD CCS C 17 -0.02 -26.74 -26.77
CE CCS C 17 -0.16 -25.26 -26.59
OZ1 CCS C 17 0.72 -24.59 -26.07
C CCS C 17 -0.79 -29.76 -29.97
O CCS C 17 -0.33 -29.27 -31.01
N GLY C 18 -0.47 -30.99 -29.58
CA GLY C 18 0.45 -31.82 -30.32
C GLY C 18 -0.13 -32.41 -31.58
N NH2 C 19 0.25 -33.65 -31.88
N GLN D 1 -14.53 -52.65 47.99
CA GLN D 1 -15.80 -53.36 47.86
C GLN D 1 -16.91 -52.43 47.40
N CYS D 2 -17.12 -52.37 46.09
CA CYS D 2 -18.14 -51.51 45.53
C CYS D 2 -19.53 -51.98 45.95
N VAL D 3 -20.39 -51.03 46.31
CA VAL D 3 -21.75 -51.32 46.73
C VAL D 3 -22.69 -50.33 46.04
N ASN D 4 -23.96 -50.73 45.94
CA ASN D 4 -25.01 -49.89 45.39
C ASN D 4 -25.83 -49.26 46.51
N LEU D 5 -26.38 -48.09 46.23
CA LEU D 5 -27.21 -47.37 47.18
C LEU D 5 -28.65 -47.37 46.67
N THR D 6 -29.55 -47.94 47.46
CA THR D 6 -30.96 -48.04 47.12
C THR D 6 -31.75 -46.99 47.91
N THR D 7 -33.08 -47.07 47.80
CA THR D 7 -34.00 -46.18 48.51
C THR D 7 -33.71 -44.70 48.20
N ARG D 8 -33.47 -44.41 46.93
CA ARG D 8 -33.25 -43.05 46.46
C ARG D 8 -34.42 -42.62 45.59
N THR D 9 -35.01 -41.48 45.93
CA THR D 9 -36.15 -40.94 45.18
C THR D 9 -35.65 -40.03 44.08
N GLN D 10 -35.98 -40.35 42.84
CA GLN D 10 -35.55 -39.55 41.70
C GLN D 10 -36.56 -38.45 41.42
N LEU D 11 -36.05 -37.23 41.21
CA LEU D 11 -36.86 -36.06 40.94
C LEU D 11 -36.16 -35.21 39.89
N PRO D 12 -36.91 -34.44 39.10
CA PRO D 12 -36.29 -33.52 38.14
C PRO D 12 -35.44 -32.48 38.86
N PRO D 13 -34.25 -32.20 38.35
CA PRO D 13 -33.38 -31.21 39.02
C PRO D 13 -33.93 -29.80 38.90
N ALA D 14 -33.63 -28.99 39.92
CA ALA D 14 -34.01 -27.60 39.91
C ALA D 14 -33.06 -26.80 39.03
N TYR D 15 -33.42 -25.55 38.76
CA TYR D 15 -32.62 -24.66 37.93
C TYR D 15 -32.48 -23.30 38.59
N THR D 16 -31.31 -22.70 38.44
CA THR D 16 -30.99 -21.42 39.04
C THR D 16 -30.21 -20.60 38.02
N ASN D 17 -30.33 -19.28 38.10
CA ASN D 17 -29.71 -18.37 37.15
C ASN D 17 -28.38 -17.87 37.68
N SER D 18 -27.39 -17.79 36.78
CA SER D 18 -26.05 -17.33 37.14
C SER D 18 -25.99 -15.82 36.99
N PHE D 19 -26.04 -15.11 38.12
CA PHE D 19 -26.08 -13.65 38.13
C PHE D 19 -24.64 -13.13 38.18
N THR D 20 -24.03 -13.05 37.00
CA THR D 20 -22.64 -12.61 36.84
C THR D 20 -21.68 -13.46 37.68
N ARG D 21 -21.63 -14.74 37.34
CA ARG D 21 -20.81 -15.71 38.05
C ARG D 21 -20.02 -16.55 37.06
N GLY D 22 -18.91 -17.08 37.51
CA GLY D 22 -18.08 -17.94 36.68
C GLY D 22 -16.95 -17.26 35.96
N VAL D 23 -16.63 -16.02 36.32
CA VAL D 23 -15.54 -15.28 35.67
C VAL D 23 -14.23 -15.60 36.37
N TYR D 24 -13.21 -15.94 35.58
CA TYR D 24 -11.91 -16.32 36.10
C TYR D 24 -10.83 -15.58 35.33
N TYR D 25 -9.61 -15.62 35.87
CA TYR D 25 -8.48 -14.98 35.21
C TYR D 25 -8.02 -15.83 34.02
N PRO D 26 -8.07 -15.30 32.80
CA PRO D 26 -7.69 -16.11 31.63
C PRO D 26 -6.19 -16.34 31.49
N ASP D 27 -5.36 -15.58 32.19
CA ASP D 27 -3.92 -15.72 32.09
C ASP D 27 -3.27 -15.15 33.34
N LYS D 28 -1.95 -15.34 33.44
CA LYS D 28 -1.17 -14.90 34.59
C LYS D 28 -0.55 -13.53 34.37
N VAL D 29 -1.20 -12.66 33.61
CA VAL D 29 -0.68 -11.34 33.28
C VAL D 29 -1.32 -10.31 34.18
N PHE D 30 -0.50 -9.44 34.79
CA PHE D 30 -0.99 -8.36 35.62
C PHE D 30 -1.35 -7.16 34.76
N ARG D 31 -2.54 -6.60 34.98
CA ARG D 31 -2.98 -5.40 34.30
C ARG D 31 -3.67 -4.49 35.31
N SER D 32 -3.40 -3.20 35.22
CA SER D 32 -3.91 -2.23 36.19
C SER D 32 -4.69 -1.13 35.49
N SER D 33 -5.94 -0.93 35.93
CA SER D 33 -6.78 0.17 35.46
C SER D 33 -6.94 0.15 33.93
N VAL D 34 -7.14 -1.05 33.37
CA VAL D 34 -7.37 -1.20 31.94
C VAL D 34 -8.56 -2.13 31.73
N LEU D 35 -9.10 -2.09 30.52
CA LEU D 35 -10.19 -2.97 30.11
C LEU D 35 -9.69 -3.88 29.01
N HIS D 36 -9.84 -5.19 29.20
CA HIS D 36 -9.28 -6.19 28.31
C HIS D 36 -10.37 -7.08 27.76
N SER D 37 -10.29 -7.37 26.46
CA SER D 37 -11.22 -8.27 25.79
C SER D 37 -10.54 -9.61 25.56
N THR D 38 -11.12 -10.66 26.13
CA THR D 38 -10.55 -12.01 26.06
C THR D 38 -11.57 -12.95 25.44
N GLN D 39 -11.07 -13.81 24.54
CA GLN D 39 -11.90 -14.85 23.91
C GLN D 39 -11.52 -16.18 24.55
N ASP D 40 -12.24 -16.55 25.60
CA ASP D 40 -11.96 -17.76 26.36
C ASP D 40 -13.26 -18.44 26.74
N LEU D 41 -13.15 -19.70 27.13
CA LEU D 41 -14.31 -20.47 27.56
C LEU D 41 -14.83 -19.89 28.87
N PHE D 42 -15.94 -19.17 28.81
CA PHE D 42 -16.54 -18.52 29.96
C PHE D 42 -17.96 -19.03 30.17
N LEU D 43 -18.47 -18.79 31.38
CA LEU D 43 -19.87 -19.09 31.68
C LEU D 43 -20.73 -17.90 31.29
N PRO D 44 -21.66 -18.06 30.34
CA PRO D 44 -22.45 -16.90 29.90
C PRO D 44 -23.27 -16.30 31.03
N PHE D 45 -23.36 -14.98 31.04
CA PHE D 45 -24.11 -14.29 32.07
C PHE D 45 -25.59 -14.59 31.96
N PHE D 46 -26.24 -14.78 33.12
CA PHE D 46 -27.67 -15.06 33.19
C PHE D 46 -28.04 -16.29 32.38
N SER D 47 -27.46 -17.42 32.78
CA SER D 47 -27.72 -18.72 32.16
C SER D 47 -28.25 -19.68 33.22
N ASN D 48 -29.18 -20.54 32.81
CA ASN D 48 -29.71 -21.54 33.72
C ASN D 48 -28.66 -22.63 33.95
N VAL D 49 -28.41 -22.96 35.22
CA VAL D 49 -27.47 -24.00 35.60
C VAL D 49 -28.22 -25.06 36.39
N THR D 50 -27.91 -26.32 36.12
CA THR D 50 -28.58 -27.42 36.80
C THR D 50 -28.28 -27.38 38.29
N TRP D 51 -29.32 -27.51 39.10
CA TRP D 51 -29.20 -27.49 40.55
C TRP D 51 -29.42 -28.90 41.08
N PHE D 52 -28.41 -29.43 41.78
CA PHE D 52 -28.50 -30.73 42.43
C PHE D 52 -28.61 -30.53 43.93
N HIS D 53 -29.56 -31.23 44.55
CA HIS D 53 -29.82 -31.09 45.96
C HIS D 53 -29.63 -32.41 46.68
N ALA D 54 -29.31 -32.33 47.97
CA ALA D 54 -29.15 -33.51 48.82
C ALA D 54 -29.75 -33.19 50.18
N ILE D 55 -30.75 -33.97 50.58
CA ILE D 55 -31.45 -33.74 51.85
C ILE D 55 -32.20 -35.01 52.19
N HIS D 56 -32.53 -35.17 53.48
CA HIS D 56 -33.29 -36.32 53.96
C HIS D 56 -34.76 -35.99 54.16
N VAL D 57 -35.06 -34.98 54.96
CA VAL D 57 -36.43 -34.57 55.27
C VAL D 57 -37.24 -35.74 55.82
N THR D 63 -37.46 -38.07 52.22
CA THR D 63 -37.41 -37.95 50.77
C THR D 63 -36.20 -38.70 50.21
N LYS D 64 -35.14 -38.79 51.01
CA LYS D 64 -33.91 -39.48 50.62
C LYS D 64 -33.33 -38.89 49.33
N ARG D 65 -33.05 -37.59 49.38
CA ARG D 65 -32.47 -36.89 48.24
C ARG D 65 -30.95 -36.95 48.36
N PHE D 66 -30.32 -37.60 47.37
CA PHE D 66 -28.86 -37.71 47.33
C PHE D 66 -28.46 -37.71 45.85
N ASP D 67 -28.11 -36.54 45.34
CA ASP D 67 -27.86 -36.33 43.92
C ASP D 67 -26.38 -36.45 43.62
N ASN D 68 -26.02 -37.38 42.76
CA ASN D 68 -24.67 -37.47 42.19
C ASN D 68 -24.65 -38.18 40.85
N PRO D 69 -25.40 -37.68 39.84
CA PRO D 69 -25.43 -38.38 38.55
C PRO D 69 -24.12 -38.28 37.79
N VAL D 70 -24.09 -38.83 36.58
CA VAL D 70 -22.96 -38.71 35.67
C VAL D 70 -23.29 -37.63 34.65
N LEU D 71 -22.38 -36.66 34.49
CA LEU D 71 -22.67 -35.51 33.66
C LEU D 71 -21.63 -35.37 32.55
N PRO D 72 -22.03 -34.90 31.38
CA PRO D 72 -21.08 -34.75 30.27
C PRO D 72 -20.10 -33.61 30.51
N PHE D 73 -19.00 -33.65 29.74
CA PHE D 73 -17.92 -32.66 29.81
C PHE D 73 -17.65 -32.19 28.38
N ASN D 74 -18.39 -31.18 27.94
CA ASN D 74 -18.27 -30.69 26.56
C ASN D 74 -16.96 -29.93 26.36
N ASP D 75 -16.81 -28.80 27.07
CA ASP D 75 -15.58 -28.03 27.03
C ASP D 75 -15.10 -27.57 28.40
N GLY D 76 -15.98 -27.47 29.38
CA GLY D 76 -15.60 -27.04 30.71
C GLY D 76 -16.78 -27.15 31.65
N VAL D 77 -16.50 -27.02 32.93
CA VAL D 77 -17.53 -27.11 33.96
C VAL D 77 -17.28 -26.04 35.01
N TYR D 78 -18.33 -25.27 35.33
CA TYR D 78 -18.30 -24.35 36.45
C TYR D 78 -19.04 -25.01 37.61
N PHE D 79 -18.33 -25.22 38.71
CA PHE D 79 -18.85 -25.95 39.86
C PHE D 79 -18.96 -25.01 41.05
N ALA D 80 -20.10 -25.03 41.72
CA ALA D 80 -20.32 -24.27 42.93
C ALA D 80 -20.76 -25.20 44.05
N SER D 81 -20.64 -24.72 45.28
CA SER D 81 -21.01 -25.54 46.44
C SER D 81 -21.38 -24.59 47.59
N THR D 82 -22.69 -24.44 47.82
CA THR D 82 -23.19 -23.68 48.96
C THR D 82 -23.32 -24.66 50.12
N GLU D 83 -22.28 -24.77 50.93
CA GLU D 83 -22.21 -25.77 51.97
C GLU D 83 -21.82 -25.14 53.30
N LYS D 84 -22.30 -25.75 54.38
CA LYS D 84 -22.01 -25.32 55.74
C LYS D 84 -21.16 -26.32 56.51
N SER D 85 -21.02 -27.55 56.01
CA SER D 85 -20.30 -28.60 56.72
C SER D 85 -19.32 -29.36 55.84
N ASN D 86 -19.07 -28.89 54.62
CA ASN D 86 -18.12 -29.51 53.69
C ASN D 86 -18.50 -30.97 53.41
N ILE D 87 -19.66 -31.15 52.80
CA ILE D 87 -20.14 -32.48 52.44
C ILE D 87 -19.57 -32.94 51.11
N ILE D 88 -19.63 -32.08 50.09
CA ILE D 88 -19.04 -32.41 48.80
C ILE D 88 -17.53 -32.39 48.93
N ARG D 89 -16.87 -33.47 48.48
CA ARG D 89 -15.45 -33.65 48.70
C ARG D 89 -14.64 -33.58 47.41
N GLY D 90 -14.96 -34.40 46.41
CA GLY D 90 -14.13 -34.47 45.22
C GLY D 90 -14.92 -34.86 43.99
N TRP D 91 -14.19 -35.01 42.89
CA TRP D 91 -14.77 -35.32 41.59
C TRP D 91 -13.94 -36.41 40.92
N ILE D 92 -14.59 -37.18 40.05
CA ILE D 92 -13.93 -38.24 39.30
C ILE D 92 -14.21 -38.03 37.82
N PHE D 93 -13.16 -38.10 37.01
CA PHE D 93 -13.24 -37.86 35.57
C PHE D 93 -12.87 -39.13 34.82
N GLY D 94 -12.96 -39.07 33.51
CA GLY D 94 -12.59 -40.21 32.67
C GLY D 94 -13.47 -40.28 31.45
N THR D 95 -13.35 -41.40 30.74
CA THR D 95 -14.11 -41.66 29.53
C THR D 95 -15.02 -42.88 29.66
N THR D 96 -14.48 -44.01 30.11
CA THR D 96 -15.25 -45.23 30.29
C THR D 96 -15.29 -45.73 31.72
N LEU D 97 -14.27 -45.45 32.53
CA LEU D 97 -14.20 -45.86 33.92
C LEU D 97 -14.29 -47.38 34.07
N ASP D 98 -13.75 -48.12 33.09
CA ASP D 98 -13.76 -49.58 33.13
C ASP D 98 -12.35 -50.16 33.06
N SER D 99 -11.35 -49.40 33.49
CA SER D 99 -9.93 -49.75 33.51
C SER D 99 -9.33 -49.85 32.12
N LYS D 100 -10.11 -49.67 31.05
CA LYS D 100 -9.58 -49.67 29.71
C LYS D 100 -9.06 -48.30 29.27
N THR D 101 -9.58 -47.22 29.87
CA THR D 101 -9.16 -45.87 29.55
C THR D 101 -8.72 -45.16 30.83
N GLN D 102 -7.78 -44.24 30.68
CA GLN D 102 -7.25 -43.51 31.83
C GLN D 102 -8.34 -42.61 32.42
N SER D 103 -8.38 -42.57 33.76
CA SER D 103 -9.34 -41.76 34.48
C SER D 103 -8.61 -40.88 35.49
N LEU D 104 -9.20 -39.72 35.76
CA LEU D 104 -8.64 -38.76 36.70
C LEU D 104 -9.50 -38.71 37.96
N LEU D 105 -8.85 -38.69 39.11
CA LEU D 105 -9.53 -38.76 40.40
C LEU D 105 -9.02 -37.64 41.29
N ILE D 106 -9.95 -36.91 41.92
CA ILE D 106 -9.65 -35.89 42.91
C ILE D 106 -10.54 -36.14 44.11
N VAL D 107 -9.94 -36.39 45.27
CA VAL D 107 -10.67 -36.64 46.51
C VAL D 107 -9.98 -35.90 47.65
N ASN D 108 -10.75 -35.17 48.45
CA ASN D 108 -10.27 -34.55 49.67
C ASN D 108 -10.80 -35.36 50.85
N ASN D 109 -10.04 -36.38 51.24
CA ASN D 109 -10.45 -37.24 52.35
C ASN D 109 -10.21 -36.53 53.67
N ALA D 110 -10.42 -37.23 54.78
CA ALA D 110 -10.29 -36.64 56.10
C ALA D 110 -8.86 -36.30 56.46
N THR D 111 -7.87 -36.79 55.70
CA THR D 111 -6.46 -36.56 56.01
C THR D 111 -5.77 -35.65 55.00
N ASN D 112 -5.85 -35.99 53.71
CA ASN D 112 -5.15 -35.25 52.68
C ASN D 112 -6.03 -35.13 51.44
N VAL D 113 -5.70 -34.17 50.58
CA VAL D 113 -6.31 -34.08 49.27
C VAL D 113 -5.52 -34.97 48.32
N VAL D 114 -6.23 -35.79 47.55
CA VAL D 114 -5.60 -36.79 46.69
C VAL D 114 -5.93 -36.45 45.25
N ILE D 115 -4.90 -36.23 44.44
CA ILE D 115 -5.04 -36.01 43.01
C ILE D 115 -4.19 -37.04 42.31
N LYS D 116 -4.84 -37.92 41.54
CA LYS D 116 -4.12 -39.00 40.88
C LYS D 116 -4.83 -39.37 39.59
N VAL D 117 -4.06 -39.91 38.65
CA VAL D 117 -4.57 -40.37 37.36
C VAL D 117 -4.19 -41.84 37.21
N CYS D 118 -5.20 -42.71 37.25
CA CYS D 118 -4.98 -44.14 37.09
C CYS D 118 -6.16 -44.73 36.32
N GLU D 119 -5.92 -45.90 35.72
CA GLU D 119 -6.97 -46.63 35.01
C GLU D 119 -7.86 -47.35 36.03
N PHE D 120 -8.60 -46.54 36.78
CA PHE D 120 -9.43 -47.07 37.85
C PHE D 120 -10.62 -47.83 37.30
N GLN D 121 -11.10 -48.80 38.09
CA GLN D 121 -12.36 -49.48 37.84
C GLN D 121 -13.37 -48.90 38.82
N PHE D 122 -14.00 -47.80 38.42
CA PHE D 122 -14.90 -47.08 39.31
C PHE D 122 -16.16 -47.91 39.58
N CYS D 123 -16.69 -47.75 40.80
CA CYS D 123 -17.91 -48.43 41.18
C CYS D 123 -19.11 -47.82 40.46
N ASN D 124 -20.23 -48.54 40.50
CA ASN D 124 -21.45 -48.03 39.87
C ASN D 124 -21.93 -46.77 40.57
N ASP D 125 -21.86 -46.73 41.89
CA ASP D 125 -22.28 -45.57 42.68
C ASP D 125 -21.18 -45.22 43.69
N PRO D 126 -20.09 -44.63 43.22
CA PRO D 126 -19.01 -44.26 44.14
C PRO D 126 -19.44 -43.19 45.13
N PHE D 127 -18.85 -43.24 46.32
CA PHE D 127 -19.16 -42.31 47.40
C PHE D 127 -18.10 -42.45 48.47
N LEU D 128 -18.22 -41.63 49.51
CA LEU D 128 -17.35 -41.71 50.68
C LEU D 128 -18.22 -41.96 51.91
N GLY D 129 -17.78 -42.88 52.76
CA GLY D 129 -18.53 -43.28 53.93
C GLY D 129 -17.96 -42.67 55.19
N VAL D 130 -18.77 -41.83 55.85
CA VAL D 130 -18.43 -41.23 57.13
C VAL D 130 -19.36 -41.83 58.18
N TYR D 131 -18.79 -42.43 59.21
CA TYR D 131 -19.54 -43.15 60.22
C TYR D 131 -19.33 -42.52 61.59
N TYR D 132 -20.41 -42.44 62.37
CA TYR D 132 -20.36 -41.96 63.75
C TYR D 132 -20.06 -43.14 64.65
N HIS D 133 -18.78 -43.33 64.96
CA HIS D 133 -18.36 -44.47 65.75
C HIS D 133 -18.80 -44.33 67.20
N LYS D 134 -18.87 -45.47 67.88
CA LYS D 134 -19.30 -45.50 69.28
C LYS D 134 -18.16 -45.31 70.26
N ASN D 135 -16.92 -45.63 69.85
CA ASN D 135 -15.79 -45.48 70.76
C ASN D 135 -15.56 -44.01 71.14
N ASN D 136 -15.70 -43.11 70.17
CA ASN D 136 -15.56 -41.68 70.42
C ASN D 136 -16.72 -40.94 69.75
N LYS D 137 -17.15 -39.86 70.39
CA LYS D 137 -18.31 -39.09 69.92
C LYS D 137 -17.84 -38.04 68.92
N SER D 138 -17.57 -38.50 67.70
CA SER D 138 -17.14 -37.61 66.63
C SER D 138 -17.45 -38.26 65.29
N TRP D 139 -17.42 -37.45 64.24
CA TRP D 139 -17.69 -37.90 62.89
C TRP D 139 -16.38 -37.94 62.09
N MET D 140 -16.13 -39.06 61.42
CA MET D 140 -14.94 -39.21 60.60
C MET D 140 -15.19 -40.26 59.54
N GLU D 141 -14.34 -40.24 58.51
CA GLU D 141 -14.47 -41.19 57.42
C GLU D 141 -14.16 -42.60 57.89
N SER D 142 -14.98 -43.56 57.46
CA SER D 142 -14.79 -44.96 57.80
C SER D 142 -14.90 -45.92 56.62
N GLU D 143 -15.29 -45.43 55.44
CA GLU D 143 -15.44 -46.28 54.26
C GLU D 143 -14.78 -45.62 53.06
N PHE D 144 -14.31 -46.45 52.13
CA PHE D 144 -13.70 -45.99 50.89
C PHE D 144 -14.25 -46.88 49.77
N ARG D 145 -15.29 -46.40 49.09
CA ARG D 145 -15.98 -47.16 48.06
C ARG D 145 -16.03 -46.37 46.75
N VAL D 146 -14.88 -45.83 46.36
CA VAL D 146 -14.79 -44.99 45.16
C VAL D 146 -14.58 -45.88 43.93
N TYR D 147 -13.49 -46.64 43.93
CA TYR D 147 -13.13 -47.49 42.81
C TYR D 147 -12.89 -48.92 43.31
N SER D 148 -12.52 -49.80 42.39
CA SER D 148 -12.27 -51.20 42.70
C SER D 148 -10.82 -51.60 42.50
N SER D 149 -10.25 -51.33 41.32
CA SER D 149 -8.88 -51.74 41.01
C SER D 149 -8.14 -50.58 40.37
N ALA D 150 -6.81 -50.64 40.48
CA ALA D 150 -5.91 -49.65 39.87
C ALA D 150 -4.71 -50.40 39.30
N ASN D 151 -4.80 -50.75 38.02
CA ASN D 151 -3.73 -51.52 37.38
C ASN D 151 -2.45 -50.71 37.29
N ASN D 152 -2.54 -49.48 36.80
CA ASN D 152 -1.37 -48.63 36.64
C ASN D 152 -1.76 -47.18 36.89
N CYS D 153 -0.77 -46.38 37.29
CA CYS D 153 -0.96 -44.97 37.57
C CYS D 153 0.10 -44.16 36.84
N THR D 154 -0.31 -43.01 36.30
CA THR D 154 0.60 -42.10 35.61
C THR D 154 1.00 -40.92 36.47
N PHE D 155 0.08 -40.40 37.29
CA PHE D 155 0.35 -39.28 38.17
C PHE D 155 -0.37 -39.52 39.48
N GLU D 156 0.24 -39.09 40.58
CA GLU D 156 -0.38 -39.18 41.90
C GLU D 156 0.28 -38.15 42.81
N TYR D 157 -0.54 -37.28 43.41
CA TYR D 157 -0.04 -36.22 44.28
C TYR D 157 -0.84 -36.21 45.57
N VAL D 158 -0.14 -36.15 46.69
CA VAL D 158 -0.76 -36.08 48.02
C VAL D 158 -0.17 -34.87 48.75
N SER D 159 -1.03 -34.01 49.28
CA SER D 159 -0.58 -32.81 49.96
C SER D 159 -0.27 -33.12 51.43
N GLN D 160 0.07 -32.07 52.17
CA GLN D 160 0.45 -32.22 53.56
C GLN D 160 -0.78 -32.56 54.41
N PRO D 161 -0.59 -33.26 55.53
CA PRO D 161 -1.73 -33.63 56.37
C PRO D 161 -2.39 -32.40 56.99
N PHE D 162 -3.71 -32.51 57.20
CA PHE D 162 -4.50 -31.44 57.79
C PHE D 162 -5.80 -32.06 58.30
N LEU D 163 -6.59 -31.24 58.98
CA LEU D 163 -7.83 -31.70 59.59
C LEU D 163 -8.95 -30.73 59.30
N MET D 164 -10.18 -31.23 59.35
CA MET D 164 -11.37 -30.42 59.14
C MET D 164 -12.42 -30.84 60.17
N ASP D 165 -13.45 -30.00 60.32
CA ASP D 165 -14.45 -30.22 61.36
C ASP D 165 -15.21 -31.52 61.14
N LEU D 166 -15.63 -31.78 59.91
CA LEU D 166 -16.38 -32.99 59.54
C LEU D 166 -17.65 -33.17 60.35
N GLU D 167 -18.22 -32.08 60.86
CA GLU D 167 -19.41 -32.15 61.70
C GLU D 167 -20.63 -31.64 60.93
N GLY D 168 -21.73 -32.37 61.06
CA GLY D 168 -22.96 -32.03 60.35
C GLY D 168 -23.78 -30.94 61.01
N LYS D 169 -23.34 -29.69 60.85
CA LYS D 169 -24.06 -28.57 61.43
C LYS D 169 -25.48 -28.51 60.90
N GLN D 170 -26.42 -28.20 61.81
CA GLN D 170 -27.85 -28.16 61.48
C GLN D 170 -28.33 -26.76 61.08
N GLY D 171 -27.42 -25.80 60.96
CA GLY D 171 -27.78 -24.45 60.60
C GLY D 171 -28.09 -24.30 59.12
N ASN D 172 -27.75 -23.13 58.58
CA ASN D 172 -27.93 -22.84 57.16
C ASN D 172 -26.58 -22.71 56.49
N PHE D 173 -26.60 -22.63 55.15
CA PHE D 173 -25.37 -22.50 54.39
C PHE D 173 -24.65 -21.21 54.75
N LYS D 174 -23.35 -21.31 55.00
CA LYS D 174 -22.55 -20.15 55.39
C LYS D 174 -21.25 -20.00 54.60
N ASN D 175 -20.91 -20.95 53.74
CA ASN D 175 -19.70 -20.87 52.92
C ASN D 175 -20.05 -21.17 51.48
N LEU D 176 -19.37 -20.49 50.56
CA LEU D 176 -19.58 -20.67 49.13
C LEU D 176 -18.23 -21.01 48.48
N ARG D 177 -18.18 -22.14 47.80
CA ARG D 177 -16.99 -22.58 47.09
C ARG D 177 -17.31 -22.68 45.61
N GLU D 178 -16.44 -22.11 44.77
CA GLU D 178 -16.62 -22.11 43.33
C GLU D 178 -15.43 -22.76 42.65
N PHE D 179 -15.68 -23.46 41.55
CA PHE D 179 -14.64 -24.17 40.84
C PHE D 179 -14.92 -24.12 39.35
N VAL D 180 -13.85 -24.00 38.56
CA VAL D 180 -13.92 -24.06 37.10
C VAL D 180 -12.90 -25.09 36.63
N PHE D 181 -13.34 -26.04 35.83
CA PHE D 181 -12.47 -27.08 35.28
C PHE D 181 -12.39 -26.93 33.77
N LYS D 182 -11.18 -26.97 33.23
CA LYS D 182 -10.95 -26.86 31.80
C LYS D 182 -9.85 -27.82 31.40
N ASN D 183 -9.78 -28.13 30.11
CA ASN D 183 -8.73 -29.00 29.59
C ASN D 183 -8.50 -28.67 28.12
N ILE D 184 -7.31 -28.16 27.81
CA ILE D 184 -6.91 -27.86 26.43
C ILE D 184 -5.48 -28.37 26.24
N ASP D 185 -5.26 -29.13 25.17
CA ASP D 185 -3.94 -29.67 24.84
C ASP D 185 -3.36 -30.50 25.98
N GLY D 186 -4.22 -31.26 26.66
CA GLY D 186 -3.77 -32.13 27.72
C GLY D 186 -3.48 -31.45 29.04
N TYR D 187 -3.81 -30.17 29.18
CA TYR D 187 -3.58 -29.43 30.41
C TYR D 187 -4.89 -29.35 31.19
N PHE D 188 -4.90 -29.93 32.39
CA PHE D 188 -6.05 -29.85 33.26
C PHE D 188 -5.86 -28.67 34.22
N LYS D 189 -6.78 -27.71 34.17
CA LYS D 189 -6.66 -26.46 34.90
C LYS D 189 -7.84 -26.28 35.83
N ILE D 190 -7.56 -25.85 37.07
CA ILE D 190 -8.57 -25.68 38.10
C ILE D 190 -8.46 -24.27 38.68
N TYR D 191 -9.58 -23.57 38.73
CA TYR D 191 -9.67 -22.27 39.37
C TYR D 191 -10.66 -22.36 40.52
N SER D 192 -10.43 -21.57 41.57
CA SER D 192 -11.27 -21.66 42.74
C SER D 192 -11.22 -20.34 43.52
N LYS D 193 -12.26 -20.15 44.34
CA LYS D 193 -12.32 -19.02 45.26
C LYS D 193 -13.40 -19.32 46.29
N HIS D 194 -13.19 -18.80 47.51
CA HIS D 194 -14.13 -18.99 48.61
C HIS D 194 -14.70 -17.64 49.01
N THR D 195 -16.02 -17.58 49.13
CA THR D 195 -16.71 -16.34 49.48
C THR D 195 -17.66 -16.61 50.65
N PRO D 196 -17.55 -15.86 51.74
CA PRO D 196 -18.50 -16.05 52.85
C PRO D 196 -19.90 -15.61 52.46
N ILE D 197 -20.88 -16.42 52.85
CA ILE D 197 -22.28 -16.17 52.53
C ILE D 197 -23.13 -16.41 53.78
N ASN D 198 -24.37 -15.94 53.71
CA ASN D 198 -25.35 -16.19 54.78
C ASN D 198 -26.72 -16.26 54.11
N LEU D 199 -27.13 -17.49 53.76
CA LEU D 199 -28.37 -17.69 53.02
C LEU D 199 -28.86 -19.11 53.26
N VAL D 200 -30.12 -19.34 52.91
CA VAL D 200 -30.75 -20.65 53.01
C VAL D 200 -30.68 -21.41 51.69
N ARG D 201 -31.01 -20.74 50.59
CA ARG D 201 -30.98 -21.35 49.27
C ARG D 201 -30.73 -20.26 48.24
N ASP D 202 -30.77 -20.65 46.96
CA ASP D 202 -30.60 -19.75 45.82
C ASP D 202 -29.17 -19.23 45.72
N LEU D 203 -28.70 -19.00 44.51
CA LEU D 203 -27.33 -18.55 44.30
C LEU D 203 -27.20 -17.07 44.63
N PRO D 204 -26.23 -16.69 45.46
CA PRO D 204 -26.10 -15.29 45.85
C PRO D 204 -25.67 -14.41 44.68
N GLN D 205 -26.01 -13.12 44.78
CA GLN D 205 -25.67 -12.15 43.75
C GLN D 205 -24.21 -11.72 43.94
N GLY D 206 -23.81 -10.67 43.23
CA GLY D 206 -22.47 -10.15 43.34
C GLY D 206 -21.52 -10.73 42.29
N PHE D 207 -20.31 -10.20 42.30
CA PHE D 207 -19.27 -10.60 41.35
C PHE D 207 -18.10 -11.23 42.09
N SER D 208 -17.54 -12.28 41.50
CA SER D 208 -16.41 -12.97 42.09
C SER D 208 -15.53 -13.54 40.98
N ALA D 209 -14.24 -13.24 41.04
CA ALA D 209 -13.27 -13.71 40.05
C ALA D 209 -12.48 -14.86 40.63
N LEU D 210 -12.45 -15.98 39.91
CA LEU D 210 -11.85 -17.22 40.41
C LEU D 210 -10.37 -17.23 40.04
N GLU D 211 -9.51 -17.15 41.05
CA GLU D 211 -8.07 -17.20 40.86
C GLU D 211 -7.61 -18.62 40.56
N PRO D 212 -6.54 -18.78 39.77
CA PRO D 212 -6.04 -20.12 39.47
C PRO D 212 -5.53 -20.82 40.72
N LEU D 213 -5.67 -22.14 40.74
CA LEU D 213 -5.24 -22.96 41.87
C LEU D 213 -4.11 -23.91 41.53
N VAL D 214 -4.27 -24.71 40.48
CA VAL D 214 -3.26 -25.70 40.10
C VAL D 214 -3.51 -26.12 38.67
N ASP D 215 -2.44 -26.46 37.97
CA ASP D 215 -2.50 -26.92 36.58
C ASP D 215 -1.96 -28.34 36.51
N LEU D 216 -2.75 -29.25 35.93
CA LEU D 216 -2.38 -30.66 35.87
C LEU D 216 -2.11 -31.07 34.43
N PRO D 217 -0.88 -31.41 34.07
CA PRO D 217 -0.61 -32.00 32.75
C PRO D 217 -0.98 -33.48 32.75
N ILE D 218 -2.08 -33.81 32.09
CA ILE D 218 -2.62 -35.17 32.17
C ILE D 218 -2.66 -35.80 30.78
N GLY D 219 -3.39 -35.18 29.85
CA GLY D 219 -3.48 -35.68 28.50
C GLY D 219 -4.30 -36.95 28.32
N ILE D 220 -5.64 -36.88 28.44
CA ILE D 220 -6.45 -38.09 28.30
C ILE D 220 -7.53 -37.83 27.26
N ASN D 221 -8.61 -38.58 27.26
CA ASN D 221 -9.84 -38.14 26.60
C ASN D 221 -10.86 -37.83 27.68
N ILE D 222 -11.11 -36.54 27.97
CA ILE D 222 -12.06 -36.22 29.08
C ILE D 222 -13.46 -36.21 28.48
N THR D 223 -14.04 -37.40 28.39
CA THR D 223 -15.37 -37.50 27.79
C THR D 223 -16.46 -37.00 28.73
N ARG D 224 -16.36 -37.30 30.02
CA ARG D 224 -17.36 -36.90 30.99
C ARG D 224 -16.75 -36.95 32.37
N PHE D 225 -17.58 -36.73 33.40
CA PHE D 225 -17.10 -36.66 34.77
C PHE D 225 -18.23 -37.04 35.72
N GLN D 226 -17.91 -37.05 37.01
CA GLN D 226 -18.87 -37.39 38.05
C GLN D 226 -18.40 -36.76 39.36
N THR D 227 -19.37 -36.37 40.18
CA THR D 227 -19.09 -35.73 41.47
C THR D 227 -19.25 -36.73 42.62
N LEU D 228 -18.77 -36.32 43.78
CA LEU D 228 -18.79 -37.15 44.98
C LEU D 228 -19.29 -36.33 46.16
N LEU D 229 -19.74 -37.04 47.20
CA LEU D 229 -20.23 -36.42 48.42
C LEU D 229 -19.78 -37.26 49.61
N ALA D 230 -20.12 -36.80 50.81
CA ALA D 230 -19.84 -37.51 52.05
C ALA D 230 -21.15 -37.99 52.66
N LEU D 231 -21.24 -39.28 52.96
CA LEU D 231 -22.46 -39.88 53.47
C LEU D 231 -22.39 -40.00 54.99
N HIS D 232 -23.53 -39.74 55.64
CA HIS D 232 -23.64 -39.85 57.08
C HIS D 232 -24.27 -41.20 57.42
N ARG D 233 -23.56 -41.99 58.22
CA ARG D 233 -24.05 -43.30 58.67
C ARG D 233 -23.84 -43.40 60.17
N SER D 234 -24.87 -43.85 60.88
CA SER D 234 -24.82 -43.96 62.33
C SER D 234 -25.84 -44.99 62.78
N TYR D 235 -25.71 -45.43 64.03
CA TYR D 235 -26.65 -46.39 64.60
C TYR D 235 -28.05 -45.82 64.75
N LEU D 236 -28.19 -44.49 64.69
CA LEU D 236 -29.52 -43.88 64.74
C LEU D 236 -30.34 -44.18 63.49
N THR D 237 -29.70 -44.60 62.41
CA THR D 237 -30.37 -44.98 61.17
C THR D 237 -29.90 -46.37 60.78
N PRO D 238 -30.43 -47.41 61.44
CA PRO D 238 -29.98 -48.77 61.16
C PRO D 238 -30.32 -49.21 59.74
N GLY D 239 -29.46 -50.05 59.20
CA GLY D 239 -29.66 -50.57 57.86
C GLY D 239 -28.37 -51.12 57.30
N ASP D 240 -28.47 -51.62 56.07
CA ASP D 240 -27.32 -52.19 55.39
C ASP D 240 -26.52 -51.08 54.72
N SER D 241 -25.54 -51.45 53.91
CA SER D 241 -24.73 -50.47 53.19
C SER D 241 -25.48 -49.83 52.03
N SER D 242 -26.67 -50.33 51.68
CA SER D 242 -27.43 -49.81 50.56
C SER D 242 -28.54 -48.85 50.97
N SER D 243 -29.07 -48.99 52.18
CA SER D 243 -30.17 -48.14 52.63
C SER D 243 -29.93 -47.46 53.97
N GLY D 244 -29.08 -48.01 54.84
CA GLY D 244 -28.83 -47.41 56.13
C GLY D 244 -27.90 -46.22 56.06
N TRP D 245 -28.35 -45.13 55.43
CA TRP D 245 -27.52 -43.95 55.27
C TRP D 245 -28.42 -42.75 55.06
N THR D 246 -27.85 -41.57 55.30
CA THR D 246 -28.51 -40.31 55.03
C THR D 246 -27.51 -39.35 54.41
N ALA D 247 -28.03 -38.41 53.61
CA ALA D 247 -27.18 -37.50 52.86
C ALA D 247 -26.84 -36.23 53.65
N GLY D 248 -27.79 -35.72 54.42
CA GLY D 248 -27.60 -34.47 55.13
C GLY D 248 -27.87 -33.27 54.26
N ALA D 249 -27.89 -32.09 54.90
CA ALA D 249 -28.19 -30.85 54.19
C ALA D 249 -27.00 -30.46 53.32
N ALA D 250 -27.12 -30.69 52.02
CA ALA D 250 -26.05 -30.37 51.08
C ALA D 250 -26.66 -29.94 49.75
N ALA D 251 -25.92 -29.14 49.00
CA ALA D 251 -26.37 -28.66 47.70
C ALA D 251 -25.19 -28.19 46.89
N TYR D 252 -25.31 -28.30 45.57
CA TYR D 252 -24.28 -27.81 44.66
C TYR D 252 -24.91 -27.56 43.30
N TYR D 253 -24.20 -26.80 42.48
CA TYR D 253 -24.67 -26.41 41.16
C TYR D 253 -23.65 -26.78 40.11
N VAL D 254 -24.12 -26.99 38.88
CA VAL D 254 -23.26 -27.33 37.75
C VAL D 254 -23.58 -26.40 36.60
N GLY D 255 -22.57 -25.75 36.06
CA GLY D 255 -22.73 -24.89 34.90
C GLY D 255 -21.66 -25.17 33.86
N TYR D 256 -22.06 -25.11 32.60
CA TYR D 256 -21.18 -25.46 31.49
C TYR D 256 -20.63 -24.21 30.83
N LEU D 257 -19.37 -24.28 30.42
CA LEU D 257 -18.68 -23.17 29.79
C LEU D 257 -18.89 -23.20 28.28
N GLN D 258 -18.87 -22.01 27.68
CA GLN D 258 -19.03 -21.85 26.24
C GLN D 258 -17.97 -20.89 25.74
N PRO D 259 -17.57 -21.00 24.46
CA PRO D 259 -16.63 -20.04 23.90
C PRO D 259 -17.26 -18.67 23.69
N ARG D 260 -16.90 -17.71 24.54
CA ARG D 260 -17.50 -16.38 24.52
C ARG D 260 -16.40 -15.33 24.55
N THR D 261 -16.79 -14.09 24.30
CA THR D 261 -15.90 -12.94 24.37
C THR D 261 -16.37 -12.04 25.52
N PHE D 262 -15.47 -11.76 26.45
CA PHE D 262 -15.77 -10.95 27.61
C PHE D 262 -14.88 -9.72 27.65
N LEU D 263 -15.41 -8.64 28.21
CA LEU D 263 -14.66 -7.41 28.41
C LEU D 263 -14.36 -7.30 29.90
N LEU D 264 -13.14 -7.69 30.28
CA LEU D 264 -12.77 -7.72 31.69
C LEU D 264 -12.33 -6.35 32.16
N LYS D 265 -12.65 -6.03 33.41
CA LYS D 265 -12.27 -4.76 34.02
C LYS D 265 -11.29 -5.01 35.15
N TYR D 266 -10.15 -4.35 35.10
CA TYR D 266 -9.10 -4.46 36.12
C TYR D 266 -9.01 -3.15 36.89
N ASN D 267 -8.92 -3.26 38.21
CA ASN D 267 -8.78 -2.08 39.05
C ASN D 267 -7.31 -1.68 39.13
N GLU D 268 -7.01 -0.73 40.02
CA GLU D 268 -5.63 -0.24 40.14
C GLU D 268 -4.69 -1.31 40.66
N ASN D 269 -5.18 -2.21 41.51
CA ASN D 269 -4.34 -3.23 42.14
C ASN D 269 -4.30 -4.53 41.34
N GLY D 270 -4.93 -4.58 40.18
CA GLY D 270 -4.84 -5.75 39.33
C GLY D 270 -5.87 -6.83 39.58
N THR D 271 -6.94 -6.53 40.30
CA THR D 271 -7.97 -7.51 40.59
C THR D 271 -9.17 -7.26 39.70
N ILE D 272 -9.70 -8.32 39.10
CA ILE D 272 -10.88 -8.21 38.25
C ILE D 272 -12.07 -7.82 39.11
N THR D 273 -12.68 -6.67 38.79
CA THR D 273 -13.80 -6.16 39.57
C THR D 273 -15.13 -6.24 38.85
N ASP D 274 -15.14 -6.27 37.52
CA ASP D 274 -16.39 -6.36 36.77
C ASP D 274 -16.08 -6.89 35.38
N ALA D 275 -17.13 -7.36 34.70
CA ALA D 275 -16.98 -7.92 33.36
C ALA D 275 -18.28 -7.70 32.61
N VAL D 276 -18.19 -7.79 31.28
CA VAL D 276 -19.33 -7.60 30.39
C VAL D 276 -19.37 -8.76 29.41
N ASP D 277 -20.54 -9.40 29.29
CA ASP D 277 -20.74 -10.49 28.36
C ASP D 277 -21.17 -9.90 27.01
N CYS D 278 -20.27 -9.95 26.03
CA CYS D 278 -20.47 -9.25 24.76
C CYS D 278 -21.62 -9.82 23.93
N ALA D 279 -22.14 -11.00 24.26
CA ALA D 279 -23.20 -11.62 23.48
C ALA D 279 -24.52 -11.70 24.26
N LEU D 280 -24.66 -10.92 25.34
CA LEU D 280 -25.86 -10.99 26.16
C LEU D 280 -26.98 -10.15 25.56
N ASP D 281 -26.78 -8.84 25.46
CA ASP D 281 -27.77 -7.92 24.94
C ASP D 281 -27.06 -6.85 24.12
N PRO D 282 -27.79 -6.14 23.26
CA PRO D 282 -27.12 -5.12 22.42
C PRO D 282 -26.39 -4.05 23.21
N LEU D 283 -26.86 -3.72 24.41
CA LEU D 283 -26.13 -2.76 25.24
C LEU D 283 -24.73 -3.27 25.56
N SER D 284 -24.61 -4.56 25.87
CA SER D 284 -23.29 -5.14 26.09
C SER D 284 -22.47 -5.16 24.81
N GLU D 285 -23.11 -5.32 23.65
CA GLU D 285 -22.37 -5.22 22.39
C GLU D 285 -21.81 -3.82 22.21
N THR D 286 -22.58 -2.78 22.54
CA THR D 286 -22.07 -1.42 22.49
C THR D 286 -20.92 -1.24 23.47
N LYS D 287 -21.05 -1.78 24.68
CA LYS D 287 -19.99 -1.64 25.68
C LYS D 287 -18.70 -2.31 25.21
N CYS D 288 -18.81 -3.49 24.59
CA CYS D 288 -17.63 -4.20 24.12
C CYS D 288 -17.02 -3.52 22.91
N THR D 289 -17.84 -3.01 21.99
CA THR D 289 -17.33 -2.37 20.80
C THR D 289 -16.56 -1.09 21.14
N LEU D 290 -17.08 -0.31 22.09
CA LEU D 290 -16.40 0.90 22.53
C LEU D 290 -15.29 0.62 23.53
N LYS D 291 -15.12 -0.62 23.96
CA LYS D 291 -14.11 -1.00 24.96
C LYS D 291 -14.24 -0.15 26.21
N SER D 292 -15.48 -0.01 26.68
CA SER D 292 -15.76 0.82 27.85
C SER D 292 -16.98 0.27 28.58
N PHE D 293 -17.11 0.66 29.84
CA PHE D 293 -18.26 0.29 30.65
C PHE D 293 -19.35 1.36 30.69
N THR D 294 -19.01 2.60 30.38
CA THR D 294 -19.97 3.69 30.31
C THR D 294 -20.14 4.12 28.87
N VAL D 295 -21.39 4.23 28.42
CA VAL D 295 -21.72 4.54 27.04
C VAL D 295 -22.43 5.89 27.00
N GLU D 296 -21.97 6.77 26.13
CA GLU D 296 -22.58 8.08 25.95
C GLU D 296 -23.74 7.99 24.97
N LYS D 297 -24.56 9.04 24.95
CA LYS D 297 -25.74 9.08 24.09
C LYS D 297 -25.33 9.11 22.62
N GLY D 298 -26.00 8.30 21.82
CA GLY D 298 -25.75 8.31 20.39
C GLY D 298 -26.16 6.99 19.77
N ILE D 299 -25.80 6.84 18.50
CA ILE D 299 -26.03 5.63 17.72
C ILE D 299 -24.67 4.98 17.44
N TYR D 300 -24.61 3.66 17.58
CA TYR D 300 -23.37 2.92 17.43
C TYR D 300 -23.57 1.72 16.53
N GLN D 301 -22.71 1.58 15.53
CA GLN D 301 -22.70 0.43 14.64
C GLN D 301 -21.92 -0.69 15.32
N THR D 302 -22.63 -1.72 15.77
CA THR D 302 -22.04 -2.76 16.61
C THR D 302 -21.72 -4.04 15.85
N SER D 303 -22.72 -4.62 15.18
CA SER D 303 -22.56 -5.92 14.57
C SER D 303 -23.32 -5.96 13.25
N ASN D 304 -23.30 -7.12 12.60
CA ASN D 304 -24.05 -7.38 11.38
C ASN D 304 -24.86 -8.65 11.56
N PHE D 305 -26.02 -8.69 10.93
CA PHE D 305 -26.89 -9.86 10.97
C PHE D 305 -27.06 -10.39 9.55
N ARG D 306 -27.18 -11.71 9.45
CA ARG D 306 -27.38 -12.36 8.16
C ARG D 306 -28.16 -13.65 8.38
N VAL D 307 -29.23 -13.82 7.59
CA VAL D 307 -30.07 -15.01 7.70
C VAL D 307 -29.25 -16.23 7.31
N GLN D 308 -29.00 -17.10 8.29
CA GLN D 308 -28.20 -18.29 8.02
C GLN D 308 -28.98 -19.28 7.17
N PRO D 309 -28.29 -20.08 6.36
CA PRO D 309 -28.99 -21.07 5.53
C PRO D 309 -29.74 -22.08 6.40
N THR D 310 -30.91 -22.49 5.92
CA THR D 310 -31.77 -23.41 6.64
C THR D 310 -31.78 -24.82 6.09
N GLU D 311 -31.35 -25.02 4.85
CA GLU D 311 -31.37 -26.34 4.23
C GLU D 311 -30.31 -26.41 3.16
N SER D 312 -29.94 -27.64 2.79
CA SER D 312 -28.97 -27.89 1.73
C SER D 312 -29.68 -28.52 0.55
N ILE D 313 -29.48 -27.96 -0.64
CA ILE D 313 -30.11 -28.43 -1.87
C ILE D 313 -29.02 -28.71 -2.90
N VAL D 314 -29.10 -29.88 -3.53
CA VAL D 314 -28.15 -30.30 -4.56
C VAL D 314 -28.94 -30.80 -5.76
N ARG D 315 -28.61 -30.29 -6.95
CA ARG D 315 -29.27 -30.70 -8.18
C ARG D 315 -28.21 -31.15 -9.18
N PHE D 316 -28.39 -32.33 -9.75
CA PHE D 316 -27.46 -32.92 -10.70
C PHE D 316 -28.26 -33.51 -11.85
N PRO D 317 -27.65 -33.63 -13.03
CA PRO D 317 -28.35 -34.24 -14.17
C PRO D 317 -28.38 -35.76 -14.04
N ASN D 318 -29.16 -36.38 -14.92
CA ASN D 318 -29.32 -37.83 -14.94
C ASN D 318 -28.27 -38.42 -15.87
N ILE D 319 -27.12 -38.76 -15.30
CA ILE D 319 -26.00 -39.33 -16.05
C ILE D 319 -25.64 -40.68 -15.46
N THR D 320 -26.65 -41.43 -15.00
CA THR D 320 -26.43 -42.67 -14.26
C THR D 320 -25.52 -43.66 -14.99
N ASN D 321 -25.29 -43.48 -16.28
CA ASN D 321 -24.37 -44.37 -17.00
C ASN D 321 -22.95 -44.20 -16.44
N LEU D 322 -22.29 -45.32 -16.19
CA LEU D 322 -20.98 -45.30 -15.57
C LEU D 322 -19.90 -44.92 -16.58
N CYS D 323 -18.76 -44.40 -16.03
CA CYS D 323 -17.57 -43.98 -16.78
C CYS D 323 -16.67 -45.16 -17.06
N PRO D 324 -15.87 -45.10 -18.14
CA PRO D 324 -15.02 -46.23 -18.50
C PRO D 324 -13.72 -46.28 -17.72
N PHE D 325 -13.79 -46.06 -16.41
CA PHE D 325 -12.59 -46.16 -15.57
C PHE D 325 -12.15 -47.60 -15.38
N GLY D 326 -13.09 -48.55 -15.46
CA GLY D 326 -12.74 -49.95 -15.34
C GLY D 326 -11.95 -50.48 -16.53
N GLU D 327 -11.99 -49.78 -17.66
CA GLU D 327 -11.25 -50.19 -18.85
C GLU D 327 -10.07 -49.29 -19.17
N VAL D 328 -10.14 -47.99 -18.87
CA VAL D 328 -8.97 -47.14 -19.11
C VAL D 328 -7.84 -47.50 -18.16
N PHE D 329 -8.17 -47.95 -16.94
CA PHE D 329 -7.18 -48.32 -15.96
C PHE D 329 -6.74 -49.78 -16.07
N ASN D 330 -7.42 -50.58 -16.89
CA ASN D 330 -7.09 -51.99 -17.05
C ASN D 330 -6.83 -52.37 -18.49
N ALA D 331 -6.42 -51.42 -19.33
CA ALA D 331 -6.16 -51.72 -20.73
C ALA D 331 -4.98 -52.68 -20.86
N THR D 332 -5.10 -53.63 -21.79
CA THR D 332 -4.06 -54.64 -21.96
C THR D 332 -2.76 -54.02 -22.47
N ARG D 333 -2.84 -53.09 -23.40
CA ARG D 333 -1.67 -52.51 -24.04
C ARG D 333 -1.67 -51.00 -23.83
N PHE D 334 -0.53 -50.46 -23.42
CA PHE D 334 -0.36 -49.03 -23.22
C PHE D 334 0.60 -48.47 -24.27
N ALA D 335 0.33 -47.24 -24.69
CA ALA D 335 1.13 -46.60 -25.72
C ALA D 335 2.48 -46.15 -25.16
N SER D 336 3.38 -45.78 -26.06
CA SER D 336 4.71 -45.34 -25.69
C SER D 336 4.65 -43.92 -25.11
N VAL D 337 5.79 -43.50 -24.55
CA VAL D 337 5.85 -42.20 -23.89
C VAL D 337 5.71 -41.06 -24.88
N TYR D 338 6.45 -41.13 -26.00
CA TYR D 338 6.43 -40.06 -26.98
C TYR D 338 5.10 -39.97 -27.71
N ALA D 339 4.30 -41.04 -27.70
CA ALA D 339 3.02 -41.05 -28.38
C ALA D 339 1.91 -41.43 -27.41
N TRP D 340 1.88 -40.78 -26.25
CA TRP D 340 0.91 -41.09 -25.22
C TRP D 340 -0.51 -40.93 -25.76
N ASN D 341 -1.36 -41.92 -25.48
CA ASN D 341 -2.73 -41.91 -25.94
C ASN D 341 -3.60 -41.07 -25.02
N ARG D 342 -4.44 -40.22 -25.59
CA ARG D 342 -5.33 -39.36 -24.85
C ARG D 342 -6.75 -39.91 -24.95
N LYS D 343 -7.41 -40.05 -23.79
CA LYS D 343 -8.75 -40.60 -23.72
C LYS D 343 -9.70 -39.53 -23.23
N ARG D 344 -10.85 -39.40 -23.89
CA ARG D 344 -11.86 -38.42 -23.55
C ARG D 344 -12.96 -39.08 -22.71
N ILE D 345 -13.33 -38.44 -21.61
CA ILE D 345 -14.39 -38.91 -20.73
C ILE D 345 -15.46 -37.85 -20.66
N SER D 346 -16.71 -38.23 -20.94
CA SER D 346 -17.81 -37.29 -20.90
C SER D 346 -19.13 -38.05 -20.79
N ASN D 347 -20.14 -37.35 -20.28
CA ASN D 347 -21.50 -37.87 -20.19
C ASN D 347 -21.57 -39.19 -19.43
N CYS D 348 -20.92 -39.22 -18.27
CA CYS D 348 -20.96 -40.40 -17.42
C CYS D 348 -20.72 -39.98 -15.98
N VAL D 349 -21.36 -40.67 -15.05
CA VAL D 349 -21.13 -40.45 -13.63
C VAL D 349 -19.84 -41.13 -13.23
N ALA D 350 -18.96 -40.39 -12.58
CA ALA D 350 -17.65 -40.89 -12.20
C ALA D 350 -17.62 -41.21 -10.70
N ASP D 351 -16.58 -41.93 -10.30
CA ASP D 351 -16.38 -42.28 -8.89
C ASP D 351 -14.88 -42.36 -8.65
N TYR D 352 -14.30 -41.28 -8.13
CA TYR D 352 -12.89 -41.23 -7.82
C TYR D 352 -12.57 -41.76 -6.43
N SER D 353 -13.58 -41.93 -5.59
CA SER D 353 -13.34 -42.45 -4.24
C SER D 353 -12.82 -43.88 -4.28
N VAL D 354 -13.40 -44.71 -5.15
CA VAL D 354 -12.94 -46.10 -5.24
C VAL D 354 -11.52 -46.17 -5.75
N LEU D 355 -11.18 -45.32 -6.73
CA LEU D 355 -9.80 -45.21 -7.17
C LEU D 355 -8.89 -44.78 -6.02
N TYR D 356 -9.41 -43.92 -5.14
CA TYR D 356 -8.59 -43.46 -4.02
C TYR D 356 -8.30 -44.59 -3.04
N ASN D 357 -9.32 -45.34 -2.61
CA ASN D 357 -9.07 -46.31 -1.56
C ASN D 357 -8.72 -47.69 -2.11
N SER D 358 -8.57 -47.83 -3.43
CA SER D 358 -8.20 -49.12 -4.00
C SER D 358 -6.88 -49.62 -3.45
N ALA D 359 -5.99 -48.72 -3.05
CA ALA D 359 -4.72 -49.04 -2.41
C ALA D 359 -3.81 -49.90 -3.30
N SER D 360 -4.09 -49.97 -4.59
CA SER D 360 -3.28 -50.71 -5.54
C SER D 360 -2.37 -49.80 -6.35
N PHE D 361 -2.31 -48.51 -6.02
CA PHE D 361 -1.51 -47.53 -6.75
C PHE D 361 -0.39 -47.05 -5.85
N SER D 362 0.84 -47.12 -6.35
CA SER D 362 2.00 -46.71 -5.56
C SER D 362 1.98 -45.22 -5.27
N THR D 363 1.65 -44.41 -6.27
CA THR D 363 1.67 -42.96 -6.13
C THR D 363 0.31 -42.40 -6.53
N PHE D 364 -0.25 -41.53 -5.67
CA PHE D 364 -1.53 -40.87 -5.92
C PHE D 364 -1.36 -39.41 -5.48
N LYS D 365 -0.92 -38.56 -6.40
CA LYS D 365 -0.69 -37.16 -6.13
C LYS D 365 -1.58 -36.31 -7.02
N CYS D 366 -2.36 -35.43 -6.40
CA CYS D 366 -3.26 -34.54 -7.11
C CYS D 366 -2.83 -33.10 -6.88
N TYR D 367 -2.89 -32.29 -7.94
CA TYR D 367 -2.53 -30.88 -7.88
C TYR D 367 -3.76 -30.05 -8.23
N GLY D 368 -4.09 -29.10 -7.37
CA GLY D 368 -5.26 -28.26 -7.58
C GLY D 368 -6.57 -28.86 -7.17
N VAL D 369 -6.57 -30.05 -6.56
CA VAL D 369 -7.80 -30.69 -6.10
C VAL D 369 -7.44 -31.67 -4.98
N SER D 370 -8.41 -31.90 -4.08
CA SER D 370 -8.19 -32.77 -2.92
C SER D 370 -8.71 -34.17 -3.20
N PRO D 371 -7.86 -35.19 -3.06
CA PRO D 371 -8.24 -36.53 -3.31
C PRO D 371 -9.59 -36.96 -2.76
N THR D 372 -9.94 -36.52 -1.56
CA THR D 372 -11.18 -36.93 -0.90
C THR D 372 -12.32 -35.95 -1.11
N LYS D 373 -12.14 -34.92 -1.94
CA LYS D 373 -13.10 -33.85 -2.05
C LYS D 373 -13.66 -33.64 -3.45
N LEU D 374 -12.97 -34.13 -4.49
CA LEU D 374 -13.54 -34.07 -5.84
C LEU D 374 -14.63 -35.11 -6.06
N ASN D 375 -14.98 -35.88 -5.03
CA ASN D 375 -16.01 -36.90 -5.17
C ASN D 375 -17.36 -36.28 -5.51
N ASP D 376 -17.62 -35.07 -5.04
CA ASP D 376 -18.88 -34.37 -5.27
C ASP D 376 -18.66 -33.10 -6.09
N LEU D 377 -17.84 -33.21 -7.14
CA LEU D 377 -17.51 -32.08 -8.00
C LEU D 377 -17.74 -32.47 -9.45
N CYS D 378 -18.09 -31.49 -10.27
CA CYS D 378 -18.47 -31.73 -11.66
C CYS D 378 -17.53 -31.02 -12.62
N PHE D 379 -17.25 -31.68 -13.75
CA PHE D 379 -16.41 -31.12 -14.80
C PHE D 379 -17.05 -31.40 -16.15
N THR D 380 -16.73 -30.56 -17.14
CA THR D 380 -17.23 -30.78 -18.49
C THR D 380 -16.51 -31.94 -19.17
N ASN D 381 -15.18 -32.00 -19.02
CA ASN D 381 -14.38 -33.04 -19.66
C ASN D 381 -13.35 -33.57 -18.68
N VAL D 382 -12.95 -34.82 -18.89
CA VAL D 382 -11.86 -35.45 -18.15
C VAL D 382 -10.96 -36.15 -19.16
N TYR D 383 -9.67 -35.82 -19.13
CA TYR D 383 -8.69 -36.39 -20.04
C TYR D 383 -7.81 -37.38 -19.28
N ALA D 384 -7.65 -38.57 -19.83
CA ALA D 384 -6.83 -39.62 -19.23
C ALA D 384 -5.69 -39.96 -20.19
N ASP D 385 -4.48 -39.59 -19.82
CA ASP D 385 -3.27 -39.91 -20.59
C ASP D 385 -2.57 -41.09 -19.93
N SER D 386 -2.19 -42.08 -20.73
CA SER D 386 -1.59 -43.30 -20.21
C SER D 386 -0.30 -43.60 -20.95
N PHE D 387 0.71 -44.04 -20.21
CA PHE D 387 1.99 -44.47 -20.76
C PHE D 387 2.75 -45.21 -19.66
N VAL D 388 3.93 -45.74 -20.01
CA VAL D 388 4.76 -46.50 -19.10
C VAL D 388 6.07 -45.75 -18.90
N ILE D 389 6.46 -45.57 -17.64
CA ILE D 389 7.58 -44.71 -17.28
C ILE D 389 8.51 -45.47 -16.34
N ARG D 390 9.81 -45.26 -16.49
CA ARG D 390 10.81 -45.90 -15.65
C ARG D 390 10.64 -45.49 -14.19
N GLY D 391 11.18 -46.32 -13.30
CA GLY D 391 10.98 -46.09 -11.87
C GLY D 391 11.57 -44.78 -11.39
N ASP D 392 12.78 -44.45 -11.84
CA ASP D 392 13.44 -43.22 -11.41
C ASP D 392 12.80 -41.97 -12.00
N GLU D 393 11.89 -42.11 -12.95
CA GLU D 393 11.28 -40.98 -13.63
C GLU D 393 9.85 -40.70 -13.16
N VAL D 394 9.22 -41.63 -12.46
CA VAL D 394 7.82 -41.46 -12.07
C VAL D 394 7.64 -40.23 -11.17
N ARG D 395 8.67 -39.89 -10.40
CA ARG D 395 8.61 -38.68 -9.57
C ARG D 395 8.64 -37.41 -10.41
N GLN D 396 9.10 -37.50 -11.65
CA GLN D 396 9.35 -36.32 -12.48
C GLN D 396 8.17 -35.97 -13.37
N ILE D 397 7.08 -36.75 -13.33
CA ILE D 397 5.85 -36.39 -14.04
C ILE D 397 5.04 -35.56 -13.05
N ALA D 398 5.34 -34.27 -13.01
CA ALA D 398 4.71 -33.34 -12.08
C ALA D 398 4.88 -31.94 -12.62
N PRO D 399 4.01 -31.01 -12.23
CA PRO D 399 4.17 -29.62 -12.68
C PRO D 399 5.47 -29.02 -12.19
N GLY D 400 6.09 -28.22 -13.04
CA GLY D 400 7.32 -27.53 -12.69
C GLY D 400 8.57 -28.35 -12.69
N GLN D 401 8.51 -29.59 -13.20
CA GLN D 401 9.69 -30.45 -13.23
C GLN D 401 10.50 -30.21 -14.50
N THR D 402 11.80 -30.47 -14.40
CA THR D 402 12.74 -30.23 -15.49
C THR D 402 13.63 -31.45 -15.68
N GLY D 403 13.90 -31.78 -16.94
CA GLY D 403 14.78 -32.90 -17.23
C GLY D 403 14.52 -33.42 -18.65
N LYS D 404 15.05 -34.61 -18.90
CA LYS D 404 14.97 -35.22 -20.23
C LYS D 404 13.54 -35.53 -20.62
N ILE D 405 12.89 -36.45 -19.91
CA ILE D 405 11.56 -36.88 -20.28
C ILE D 405 10.53 -35.80 -19.97
N ALA D 406 10.68 -35.12 -18.84
CA ALA D 406 9.70 -34.12 -18.43
C ALA D 406 9.63 -32.93 -19.39
N ASP D 407 10.66 -32.72 -20.22
CA ASP D 407 10.67 -31.61 -21.16
C ASP D 407 10.68 -32.03 -22.62
N TYR D 408 11.04 -33.27 -22.92
CA TYR D 408 11.08 -33.75 -24.30
C TYR D 408 9.93 -34.69 -24.65
N ASN D 409 9.23 -35.23 -23.65
CA ASN D 409 8.17 -36.20 -23.90
C ASN D 409 6.81 -35.74 -23.41
N TYR D 410 6.72 -35.30 -22.15
CA TYR D 410 5.41 -34.95 -21.57
C TYR D 410 5.63 -33.87 -20.53
N LYS D 411 5.34 -32.63 -20.89
CA LYS D 411 5.48 -31.49 -19.99
C LYS D 411 4.12 -31.08 -19.46
N LEU D 412 3.95 -31.16 -18.15
CA LEU D 412 2.71 -30.73 -17.53
C LEU D 412 2.72 -29.22 -17.31
N PRO D 413 1.54 -28.58 -17.35
CA PRO D 413 1.49 -27.14 -17.13
C PRO D 413 1.85 -26.76 -15.70
N ASP D 414 2.28 -25.51 -15.53
CA ASP D 414 2.59 -25.01 -14.21
C ASP D 414 1.35 -24.97 -13.32
N ASP D 415 0.21 -24.60 -13.91
CA ASP D 415 -1.07 -24.58 -13.21
C ASP D 415 -1.90 -25.82 -13.51
N PHE D 416 -1.23 -26.97 -13.67
CA PHE D 416 -1.92 -28.20 -13.99
C PHE D 416 -2.87 -28.59 -12.86
N THR D 417 -4.10 -28.94 -13.23
CA THR D 417 -5.09 -29.44 -12.29
C THR D 417 -5.45 -30.87 -12.66
N GLY D 418 -5.56 -31.71 -11.65
CA GLY D 418 -5.84 -33.12 -11.87
C GLY D 418 -5.01 -33.97 -10.93
N CYS D 419 -4.83 -35.23 -11.31
CA CYS D 419 -4.11 -36.19 -10.51
C CYS D 419 -3.14 -36.99 -11.37
N VAL D 420 -2.12 -37.53 -10.71
CA VAL D 420 -1.15 -38.41 -11.34
C VAL D 420 -1.28 -39.79 -10.72
N ILE D 421 -1.42 -40.80 -11.57
CA ILE D 421 -1.63 -42.18 -11.13
C ILE D 421 -0.37 -42.98 -11.44
N ALA D 422 0.04 -43.81 -10.50
CA ALA D 422 1.22 -44.65 -10.69
C ALA D 422 1.08 -45.93 -9.87
N TRP D 423 1.44 -47.05 -10.48
CA TRP D 423 1.43 -48.34 -9.80
C TRP D 423 2.49 -49.23 -10.42
N ASN D 424 2.90 -50.25 -9.65
CA ASN D 424 3.96 -51.14 -10.10
C ASN D 424 3.47 -52.03 -11.23
N SER D 425 4.33 -52.21 -12.24
CA SER D 425 3.97 -53.04 -13.40
C SER D 425 5.12 -53.93 -13.85
N ASN D 426 6.10 -54.19 -12.97
CA ASN D 426 7.23 -55.02 -13.37
C ASN D 426 6.80 -56.44 -13.69
N ASN D 427 5.87 -57.00 -12.91
CA ASN D 427 5.46 -58.39 -13.07
C ASN D 427 4.65 -58.65 -14.32
N LEU D 428 4.18 -57.60 -15.01
CA LEU D 428 3.46 -57.76 -16.26
C LEU D 428 4.10 -57.09 -17.46
N ASP D 429 4.72 -55.92 -17.28
CA ASP D 429 5.29 -55.17 -18.38
C ASP D 429 6.71 -55.59 -18.73
N SER D 430 7.34 -56.43 -17.91
CA SER D 430 8.71 -56.89 -18.16
C SER D 430 8.70 -58.37 -18.52
N LYS D 431 9.58 -58.74 -19.45
CA LYS D 431 9.68 -60.11 -19.92
C LYS D 431 11.14 -60.54 -19.94
N VAL D 432 11.35 -61.85 -19.98
CA VAL D 432 12.70 -62.41 -19.98
C VAL D 432 13.41 -62.00 -21.27
N GLY D 433 14.65 -61.54 -21.13
CA GLY D 433 15.44 -61.09 -22.26
C GLY D 433 15.31 -59.62 -22.58
N GLY D 434 14.42 -58.90 -21.92
CA GLY D 434 14.27 -57.48 -22.14
C GLY D 434 13.11 -57.13 -23.06
N ASN D 435 12.36 -56.10 -22.69
CA ASN D 435 11.23 -55.63 -23.50
C ASN D 435 11.64 -54.35 -24.22
N TYR D 436 11.50 -54.35 -25.55
CA TYR D 436 11.93 -53.24 -26.38
C TYR D 436 10.76 -52.66 -27.18
N ASN D 437 9.55 -52.82 -26.67
CA ASN D 437 8.35 -52.29 -27.34
C ASN D 437 8.09 -50.83 -26.98
N TYR D 438 8.90 -50.22 -26.12
CA TYR D 438 8.68 -48.86 -25.65
C TYR D 438 9.82 -47.97 -26.12
N LEU D 439 9.46 -46.81 -26.67
CA LEU D 439 10.43 -45.84 -27.15
C LEU D 439 10.16 -44.49 -26.50
N TYR D 440 11.23 -43.74 -26.23
CA TYR D 440 11.11 -42.39 -25.70
C TYR D 440 12.03 -41.47 -26.49
N ARG D 441 11.56 -40.25 -26.73
CA ARG D 441 12.37 -39.28 -27.44
C ARG D 441 13.48 -38.75 -26.54
N LEU D 442 14.67 -38.58 -27.11
CA LEU D 442 15.82 -38.11 -26.37
C LEU D 442 16.48 -36.88 -26.98
N PHE D 443 16.44 -36.74 -28.31
CA PHE D 443 17.05 -35.61 -29.01
C PHE D 443 15.97 -34.72 -29.58
N ARG D 444 16.03 -33.43 -29.25
CA ARG D 444 15.06 -32.48 -29.77
C ARG D 444 15.67 -31.08 -29.75
N LYS D 445 15.11 -30.20 -30.59
CA LYS D 445 15.64 -28.85 -30.71
C LYS D 445 15.29 -27.98 -29.51
N SER D 446 14.12 -28.17 -28.92
CA SER D 446 13.68 -27.30 -27.83
C SER D 446 12.70 -28.08 -26.95
N ASN D 447 12.47 -27.53 -25.76
CA ASN D 447 11.57 -28.15 -24.80
C ASN D 447 10.14 -28.12 -25.32
N LEU D 448 9.36 -29.14 -24.93
CA LEU D 448 7.97 -29.21 -25.33
C LEU D 448 7.14 -28.14 -24.62
N LYS D 449 6.17 -27.58 -25.34
CA LYS D 449 5.14 -26.79 -24.70
C LYS D 449 4.25 -27.73 -23.86
N PRO D 450 3.60 -27.19 -22.83
CA PRO D 450 2.75 -28.05 -21.99
C PRO D 450 1.67 -28.73 -22.82
N PHE D 451 1.44 -30.01 -22.51
CA PHE D 451 0.44 -30.83 -23.18
C PHE D 451 0.66 -30.87 -24.69
N GLU D 452 1.86 -31.25 -25.09
CA GLU D 452 2.23 -31.35 -26.50
C GLU D 452 2.72 -32.77 -26.79
N ARG D 453 2.39 -33.26 -27.99
CA ARG D 453 2.79 -34.59 -28.43
C ARG D 453 3.55 -34.49 -29.73
N ASP D 454 4.64 -35.26 -29.82
CA ASP D 454 5.50 -35.28 -31.00
C ASP D 454 5.65 -36.72 -31.48
N ILE D 455 5.48 -36.91 -32.79
CA ILE D 455 5.52 -38.25 -33.39
C ILE D 455 6.65 -38.33 -34.40
N SER D 456 7.09 -37.18 -34.92
CA SER D 456 8.09 -37.16 -35.97
C SER D 456 9.38 -37.82 -35.51
N THR D 457 9.92 -38.70 -36.34
CA THR D 457 11.14 -39.44 -36.04
C THR D 457 12.33 -38.95 -36.87
N GLU D 458 12.33 -37.69 -37.27
CA GLU D 458 13.41 -37.15 -38.07
C GLU D 458 14.71 -37.15 -37.28
N ILE D 459 15.82 -37.46 -37.95
CA ILE D 459 17.11 -37.55 -37.28
C ILE D 459 17.55 -36.17 -36.85
N TYR D 460 17.98 -36.05 -35.59
CA TYR D 460 18.41 -34.76 -35.06
C TYR D 460 19.76 -34.38 -35.65
N GLN D 461 19.86 -33.15 -36.14
CA GLN D 461 21.10 -32.64 -36.71
C GLN D 461 21.85 -31.82 -35.66
N ALA D 462 22.35 -32.54 -34.66
CA ALA D 462 23.06 -31.89 -33.56
C ALA D 462 24.32 -31.21 -34.05
N GLY D 463 25.09 -31.88 -34.92
CA GLY D 463 26.31 -31.30 -35.43
C GLY D 463 26.07 -30.37 -36.59
N SER D 464 27.14 -29.69 -37.01
CA SER D 464 27.06 -28.78 -38.14
C SER D 464 26.90 -29.53 -39.46
N THR D 465 27.33 -30.78 -39.53
CA THR D 465 27.19 -31.57 -40.75
C THR D 465 25.74 -31.94 -40.97
N PRO D 466 25.14 -31.61 -42.12
CA PRO D 466 23.75 -32.01 -42.37
C PRO D 466 23.60 -33.53 -42.36
N CYS D 467 22.46 -33.98 -41.83
CA CYS D 467 22.19 -35.42 -41.77
C CYS D 467 21.61 -35.95 -43.07
N ASN D 468 20.87 -35.10 -43.80
CA ASN D 468 20.26 -35.48 -45.08
C ASN D 468 19.31 -36.66 -44.94
N GLY D 469 18.68 -36.79 -43.77
CA GLY D 469 17.71 -37.84 -43.54
C GLY D 469 18.28 -39.20 -43.18
N VAL D 470 19.60 -39.32 -43.06
CA VAL D 470 20.25 -40.58 -42.72
C VAL D 470 21.14 -40.36 -41.51
N GLU D 471 21.13 -41.33 -40.59
CA GLU D 471 21.94 -41.24 -39.38
C GLU D 471 23.40 -41.52 -39.69
N GLY D 472 24.27 -41.10 -38.78
CA GLY D 472 25.69 -41.28 -38.93
C GLY D 472 26.50 -40.45 -37.95
N PHE D 473 27.51 -39.75 -38.44
CA PHE D 473 28.30 -38.88 -37.59
C PHE D 473 27.48 -37.66 -37.19
N ASN D 474 27.39 -37.43 -35.87
CA ASN D 474 26.60 -36.35 -35.29
C ASN D 474 25.13 -36.44 -35.70
N CYS D 475 24.66 -37.63 -36.08
CA CYS D 475 23.28 -37.84 -36.48
C CYS D 475 22.77 -39.09 -35.76
N TYR D 476 21.93 -38.89 -34.75
CA TYR D 476 21.46 -39.97 -33.90
C TYR D 476 19.96 -40.14 -34.06
N PHE D 477 19.50 -41.37 -33.89
CA PHE D 477 18.07 -41.66 -33.96
C PHE D 477 17.36 -40.97 -32.81
N PRO D 478 16.32 -40.18 -33.07
CA PRO D 478 15.67 -39.44 -31.97
C PRO D 478 15.02 -40.33 -30.92
N LEU D 479 14.71 -41.57 -31.26
CA LEU D 479 14.02 -42.47 -30.33
C LEU D 479 15.01 -43.48 -29.75
N GLN D 480 14.76 -43.87 -28.50
CA GLN D 480 15.59 -44.83 -27.79
CA GLN D 480 15.60 -44.83 -27.80
C GLN D 480 14.71 -45.90 -27.18
N SER D 481 15.25 -47.12 -27.11
CA SER D 481 14.51 -48.26 -26.60
C SER D 481 14.76 -48.46 -25.11
N TYR D 482 13.68 -48.68 -24.36
CA TYR D 482 13.79 -49.00 -22.95
C TYR D 482 14.27 -50.43 -22.76
N GLY D 483 14.86 -50.68 -21.59
CA GLY D 483 15.24 -52.02 -21.21
C GLY D 483 14.57 -52.44 -19.92
N PHE D 484 13.65 -53.40 -20.00
CA PHE D 484 12.88 -53.87 -18.85
C PHE D 484 13.05 -55.37 -18.70
N GLN D 485 13.53 -55.80 -17.55
CA GLN D 485 13.71 -57.22 -17.23
C GLN D 485 13.10 -57.52 -15.89
N PRO D 486 12.69 -58.77 -15.66
CA PRO D 486 12.15 -59.14 -14.34
C PRO D 486 13.15 -58.99 -13.21
N THR D 487 14.45 -59.02 -13.50
CA THR D 487 15.49 -58.86 -12.50
C THR D 487 15.99 -57.43 -12.38
N ASN D 488 15.40 -56.49 -13.10
CA ASN D 488 15.84 -55.10 -13.05
C ASN D 488 15.54 -54.49 -11.69
N GLY D 489 16.31 -53.46 -11.34
CA GLY D 489 16.12 -52.78 -10.07
C GLY D 489 14.86 -51.94 -10.07
N VAL D 490 14.48 -51.52 -8.86
CA VAL D 490 13.25 -50.74 -8.68
C VAL D 490 13.33 -49.42 -9.46
N GLY D 491 14.51 -48.81 -9.49
CA GLY D 491 14.69 -47.59 -10.26
C GLY D 491 14.54 -47.77 -11.75
N TYR D 492 14.75 -48.99 -12.24
CA TYR D 492 14.57 -49.31 -13.65
C TYR D 492 13.32 -50.13 -13.92
N GLN D 493 12.57 -50.51 -12.88
CA GLN D 493 11.34 -51.25 -13.08
C GLN D 493 10.32 -50.39 -13.82
N PRO D 494 9.61 -50.95 -14.80
CA PRO D 494 8.63 -50.15 -15.54
C PRO D 494 7.41 -49.86 -14.69
N TYR D 495 7.00 -48.59 -14.65
CA TYR D 495 5.82 -48.16 -13.93
C TYR D 495 4.74 -47.76 -14.93
N ARG D 496 3.54 -48.31 -14.76
CA ARG D 496 2.41 -47.98 -15.61
C ARG D 496 1.66 -46.82 -14.97
N VAL D 497 1.68 -45.67 -15.62
CA VAL D 497 1.18 -44.44 -15.03
C VAL D 497 0.07 -43.86 -15.88
N VAL D 498 -0.84 -43.14 -15.21
CA VAL D 498 -1.97 -42.47 -15.85
C VAL D 498 -2.06 -41.05 -15.29
N VAL D 499 -2.38 -40.10 -16.14
CA VAL D 499 -2.54 -38.70 -15.74
C VAL D 499 -3.97 -38.29 -16.03
N LEU D 500 -4.67 -37.81 -14.99
CA LEU D 500 -6.05 -37.36 -15.11
C LEU D 500 -6.08 -35.84 -15.06
N SER D 501 -6.82 -35.23 -15.98
CA SER D 501 -6.97 -33.78 -16.04
C SER D 501 -8.44 -33.42 -16.11
N PHE D 502 -8.84 -32.39 -15.39
CA PHE D 502 -10.21 -31.91 -15.36
C PHE D 502 -10.26 -30.47 -15.84
N GLU D 503 -11.36 -30.11 -16.50
CA GLU D 503 -11.57 -28.73 -16.92
C GLU D 503 -13.05 -28.47 -17.07
N LEU D 504 -13.45 -27.22 -16.83
CA LEU D 504 -14.83 -26.78 -16.95
C LEU D 504 -14.86 -25.58 -17.89
N LEU D 505 -15.65 -25.69 -18.95
CA LEU D 505 -15.69 -24.70 -20.01
C LEU D 505 -17.06 -24.03 -20.13
N HIS D 506 -17.66 -23.72 -18.98
CA HIS D 506 -19.03 -23.18 -18.88
C HIS D 506 -19.96 -23.87 -19.87
N ALA D 507 -19.89 -25.20 -19.88
CA ALA D 507 -20.68 -26.07 -20.73
C ALA D 507 -21.45 -27.02 -19.82
N PRO D 508 -22.33 -27.88 -20.34
CA PRO D 508 -22.99 -28.85 -19.46
C PRO D 508 -21.98 -29.71 -18.72
N ALA D 509 -22.24 -29.93 -17.43
CA ALA D 509 -21.37 -30.72 -16.58
C ALA D 509 -21.57 -32.18 -16.92
N THR D 510 -20.79 -32.66 -17.89
CA THR D 510 -20.95 -34.03 -18.35
C THR D 510 -20.46 -35.03 -17.30
N VAL D 511 -19.29 -34.80 -16.73
CA VAL D 511 -18.69 -35.70 -15.75
C VAL D 511 -18.98 -35.17 -14.36
N CYS D 512 -19.62 -35.98 -13.53
CA CYS D 512 -19.99 -35.59 -12.18
C CYS D 512 -19.69 -36.73 -11.22
N GLY D 513 -20.08 -36.55 -9.97
CA GLY D 513 -19.85 -37.55 -8.95
C GLY D 513 -21.12 -38.31 -8.60
N PRO D 514 -20.99 -39.29 -7.71
CA PRO D 514 -22.14 -40.10 -7.30
C PRO D 514 -23.07 -39.42 -6.29
N LYS D 515 -22.94 -38.13 -6.06
CA LYS D 515 -23.81 -37.44 -5.12
C LYS D 515 -25.25 -37.47 -5.63
N LYS D 516 -26.18 -37.73 -4.72
CA LYS D 516 -27.59 -37.87 -5.06
C LYS D 516 -28.29 -36.52 -4.94
N SER D 517 -29.00 -36.13 -5.99
CA SER D 517 -29.74 -34.88 -5.98
C SER D 517 -30.95 -34.98 -5.06
N THR D 518 -31.42 -33.81 -4.62
CA THR D 518 -32.55 -33.72 -3.71
C THR D 518 -33.65 -32.87 -4.35
N ASN D 519 -34.70 -32.59 -3.57
CA ASN D 519 -35.83 -31.83 -4.06
C ASN D 519 -35.45 -30.35 -4.20
N LEU D 520 -36.39 -29.58 -4.74
CA LEU D 520 -36.18 -28.16 -5.01
C LEU D 520 -36.94 -27.34 -3.98
N VAL D 521 -36.24 -26.37 -3.37
CA VAL D 521 -36.80 -25.50 -2.34
C VAL D 521 -36.72 -24.06 -2.82
N LYS D 522 -37.82 -23.32 -2.69
CA LYS D 522 -37.89 -21.95 -3.17
C LYS D 522 -38.22 -21.01 -2.02
N ASN D 523 -37.80 -19.76 -2.17
CA ASN D 523 -38.08 -18.67 -1.23
C ASN D 523 -37.53 -18.97 0.16
N LYS D 524 -36.41 -19.69 0.23
CA LYS D 524 -35.74 -19.98 1.49
C LYS D 524 -34.24 -19.86 1.30
N CYS D 525 -33.58 -19.23 2.27
CA CYS D 525 -32.13 -19.09 2.23
C CYS D 525 -31.50 -20.47 2.41
N VAL D 526 -30.99 -21.03 1.32
CA VAL D 526 -30.46 -22.39 1.29
C VAL D 526 -29.11 -22.38 0.57
N ASN D 527 -28.37 -23.46 0.75
CA ASN D 527 -27.09 -23.66 0.08
C ASN D 527 -27.32 -24.49 -1.17
N PHE D 528 -27.26 -23.85 -2.33
CA PHE D 528 -27.51 -24.53 -3.59
C PHE D 528 -26.23 -25.13 -4.15
N ASN D 529 -26.38 -26.15 -4.98
CA ASN D 529 -25.26 -26.80 -5.65
C ASN D 529 -25.77 -27.30 -7.00
N PHE D 530 -25.59 -26.47 -8.03
CA PHE D 530 -26.02 -26.78 -9.39
C PHE D 530 -24.78 -27.13 -10.20
N ASN D 531 -24.52 -28.43 -10.35
CA ASN D 531 -23.39 -28.93 -11.14
C ASN D 531 -22.07 -28.37 -10.65
N GLY D 532 -21.95 -28.13 -9.34
CA GLY D 532 -20.75 -27.57 -8.77
C GLY D 532 -20.82 -26.09 -8.46
N LEU D 533 -21.92 -25.42 -8.81
CA LEU D 533 -22.09 -24.00 -8.51
C LEU D 533 -22.40 -23.83 -7.02
N THR D 534 -21.38 -24.11 -6.21
CA THR D 534 -21.55 -24.06 -4.76
C THR D 534 -21.76 -22.63 -4.30
N GLY D 535 -22.73 -22.44 -3.40
CA GLY D 535 -23.02 -21.13 -2.87
C GLY D 535 -24.27 -21.17 -2.02
N THR D 536 -24.65 -20.00 -1.53
CA THR D 536 -25.85 -19.85 -0.72
C THR D 536 -26.65 -18.66 -1.22
N GLY D 537 -27.96 -18.73 -1.00
CA GLY D 537 -28.84 -17.66 -1.44
C GLY D 537 -30.29 -18.11 -1.40
N VAL D 538 -31.15 -17.26 -1.94
CA VAL D 538 -32.59 -17.49 -1.99
C VAL D 538 -32.96 -17.78 -3.43
N LEU D 539 -33.48 -18.98 -3.69
CA LEU D 539 -33.90 -19.38 -5.02
C LEU D 539 -35.38 -19.03 -5.19
N THR D 540 -35.68 -18.23 -6.22
CA THR D 540 -37.04 -17.81 -6.51
C THR D 540 -37.35 -18.04 -7.97
N GLU D 541 -38.62 -18.28 -8.26
CA GLU D 541 -39.05 -18.43 -9.64
C GLU D 541 -38.91 -17.10 -10.37
N SER D 542 -38.30 -17.14 -11.55
CA SER D 542 -37.96 -15.93 -12.29
C SER D 542 -38.54 -16.00 -13.70
N ASN D 543 -38.83 -14.82 -14.24
CA ASN D 543 -39.37 -14.68 -15.59
C ASN D 543 -38.32 -14.17 -16.58
N LYS D 544 -37.04 -14.26 -16.23
CA LYS D 544 -35.98 -13.86 -17.15
C LYS D 544 -36.03 -14.72 -18.40
N LYS D 545 -35.96 -14.06 -19.56
CA LYS D 545 -36.15 -14.73 -20.85
C LYS D 545 -34.81 -15.24 -21.37
N PHE D 546 -34.37 -16.37 -20.84
CA PHE D 546 -33.17 -17.00 -21.36
C PHE D 546 -33.41 -17.49 -22.79
N LEU D 547 -32.36 -17.41 -23.61
CA LEU D 547 -32.38 -18.08 -24.89
C LEU D 547 -32.32 -19.59 -24.65
N PRO D 548 -32.78 -20.40 -25.62
CA PRO D 548 -32.81 -21.85 -25.39
C PRO D 548 -31.45 -22.47 -25.13
N PHE D 549 -30.35 -21.80 -25.48
CA PHE D 549 -29.02 -22.33 -25.22
C PHE D 549 -28.38 -21.79 -23.94
N GLN D 550 -28.82 -20.62 -23.48
CA GLN D 550 -28.21 -20.03 -22.28
C GLN D 550 -28.55 -20.85 -21.05
N GLN D 551 -27.61 -20.90 -20.10
CA GLN D 551 -27.75 -21.71 -18.91
C GLN D 551 -27.84 -20.90 -17.62
N PHE D 552 -26.98 -19.90 -17.43
CA PHE D 552 -27.04 -19.09 -16.22
C PHE D 552 -26.78 -17.64 -16.57
N GLY D 553 -27.59 -16.75 -15.99
CA GLY D 553 -27.48 -15.33 -16.25
C GLY D 553 -26.45 -14.66 -15.37
N ARG D 554 -26.33 -13.34 -15.54
CA ARG D 554 -25.41 -12.54 -14.76
C ARG D 554 -25.90 -11.10 -14.75
N ASP D 555 -25.47 -10.35 -13.73
CA ASP D 555 -25.86 -8.96 -13.57
C ASP D 555 -24.85 -8.05 -14.27
N ILE D 556 -24.98 -6.74 -14.05
CA ILE D 556 -24.07 -5.77 -14.62
C ILE D 556 -22.71 -5.78 -13.95
N ALA D 557 -22.59 -6.40 -12.78
CA ALA D 557 -21.34 -6.48 -12.05
C ALA D 557 -20.66 -7.84 -12.17
N ASP D 558 -21.10 -8.66 -13.12
CA ASP D 558 -20.55 -10.00 -13.34
C ASP D 558 -20.72 -10.88 -12.09
N THR D 559 -21.97 -11.02 -11.68
CA THR D 559 -22.35 -11.88 -10.56
C THR D 559 -23.47 -12.81 -11.00
N THR D 560 -23.38 -14.07 -10.58
CA THR D 560 -24.36 -15.08 -10.98
C THR D 560 -25.73 -14.72 -10.40
N ASP D 561 -26.64 -14.26 -11.27
CA ASP D 561 -27.94 -13.77 -10.84
C ASP D 561 -29.06 -14.78 -11.07
N ALA D 562 -28.87 -15.76 -11.96
CA ALA D 562 -29.90 -16.74 -12.22
C ALA D 562 -29.24 -18.04 -12.68
N VAL D 563 -29.95 -19.15 -12.51
CA VAL D 563 -29.46 -20.46 -12.90
C VAL D 563 -30.63 -21.27 -13.46
N ARG D 564 -30.29 -22.27 -14.27
CA ARG D 564 -31.27 -23.16 -14.87
C ARG D 564 -31.16 -24.53 -14.23
N ASP D 565 -32.29 -25.07 -13.78
CA ASP D 565 -32.30 -26.35 -13.10
C ASP D 565 -31.82 -27.45 -14.05
N PRO D 566 -30.84 -28.27 -13.65
CA PRO D 566 -30.40 -29.35 -14.55
C PRO D 566 -31.46 -30.38 -14.84
N GLN D 567 -32.49 -30.50 -14.00
CA GLN D 567 -33.54 -31.50 -14.19
C GLN D 567 -34.89 -30.88 -14.56
N THR D 568 -34.93 -29.56 -14.80
CA THR D 568 -36.17 -28.90 -15.15
C THR D 568 -35.84 -27.62 -15.91
N LEU D 569 -36.59 -27.35 -16.98
CA LEU D 569 -36.38 -26.15 -17.77
C LEU D 569 -36.77 -24.87 -17.03
N GLU D 570 -37.16 -24.96 -15.75
CA GLU D 570 -37.52 -23.77 -15.00
C GLU D 570 -36.31 -22.89 -14.77
N ILE D 571 -36.57 -21.58 -14.65
CA ILE D 571 -35.54 -20.57 -14.48
C ILE D 571 -35.61 -20.06 -13.05
N LEU D 572 -34.51 -20.17 -12.32
CA LEU D 572 -34.45 -19.78 -10.91
C LEU D 572 -33.52 -18.59 -10.75
N ASP D 573 -34.03 -17.53 -10.13
CA ASP D 573 -33.22 -16.36 -9.81
C ASP D 573 -32.56 -16.56 -8.44
N ILE D 574 -31.31 -16.13 -8.34
CA ILE D 574 -30.53 -16.28 -7.11
C ILE D 574 -30.43 -14.91 -6.45
N THR D 575 -30.88 -14.83 -5.20
CA THR D 575 -30.85 -13.61 -4.42
C THR D 575 -30.09 -13.85 -3.13
N PRO D 576 -29.15 -12.97 -2.76
CA PRO D 576 -28.41 -13.18 -1.51
C PRO D 576 -29.33 -13.18 -0.31
N CYS D 577 -28.99 -14.02 0.68
CA CYS D 577 -29.74 -14.04 1.92
C CYS D 577 -29.65 -12.69 2.61
N SER D 578 -30.78 -12.21 3.12
CA SER D 578 -30.88 -10.84 3.61
C SER D 578 -29.87 -10.59 4.72
N PHE D 579 -29.13 -9.48 4.60
CA PHE D 579 -28.10 -9.11 5.56
C PHE D 579 -28.15 -7.60 5.74
N GLY D 580 -27.34 -7.10 6.67
CA GLY D 580 -27.24 -5.68 6.90
C GLY D 580 -26.50 -5.41 8.19
N GLY D 581 -26.32 -4.13 8.45
CA GLY D 581 -25.70 -3.70 9.69
C GLY D 581 -26.71 -3.59 10.82
N VAL D 582 -26.19 -3.65 12.04
CA VAL D 582 -27.01 -3.54 13.25
C VAL D 582 -26.50 -2.36 14.06
N SER D 583 -27.35 -1.35 14.21
CA SER D 583 -27.03 -0.15 14.97
C SER D 583 -27.85 -0.15 16.25
N VAL D 584 -27.21 0.17 17.36
CA VAL D 584 -27.86 0.19 18.66
C VAL D 584 -27.98 1.65 19.11
N ILE D 585 -29.21 2.08 19.35
CA ILE D 585 -29.50 3.45 19.78
C ILE D 585 -29.70 3.45 21.29
N THR D 586 -28.97 4.32 21.97
CA THR D 586 -29.05 4.36 23.42
C THR D 586 -28.76 5.76 23.94
N PRO D 587 -29.43 6.19 25.00
CA PRO D 587 -28.97 7.33 25.78
C PRO D 587 -27.81 6.90 26.66
N GLY D 588 -27.31 7.83 27.47
CA GLY D 588 -26.21 7.50 28.36
C GLY D 588 -26.60 6.42 29.35
N THR D 589 -25.64 5.54 29.66
CA THR D 589 -25.90 4.52 30.66
C THR D 589 -26.18 5.12 32.04
N ASN D 590 -25.73 6.34 32.29
CA ASN D 590 -26.10 7.03 33.52
C ASN D 590 -27.57 7.43 33.52
N THR D 591 -28.17 7.60 32.34
CA THR D 591 -29.60 7.92 32.27
C THR D 591 -30.45 6.65 32.37
N SER D 592 -30.27 5.73 31.44
CA SER D 592 -31.04 4.49 31.45
C SER D 592 -30.27 3.41 30.71
N ASN D 593 -30.62 2.17 30.99
CA ASN D 593 -30.01 1.01 30.35
C ASN D 593 -30.83 0.46 29.20
N GLN D 594 -31.95 1.11 28.86
CA GLN D 594 -32.79 0.66 27.76
C GLN D 594 -32.20 1.14 26.43
N VAL D 595 -32.23 0.26 25.43
CA VAL D 595 -31.65 0.55 24.13
C VAL D 595 -32.65 0.21 23.03
N ALA D 596 -32.41 0.76 21.86
CA ALA D 596 -33.16 0.44 20.65
C ALA D 596 -32.20 -0.04 19.58
N VAL D 597 -32.65 -0.97 18.76
CA VAL D 597 -31.82 -1.62 17.76
C VAL D 597 -32.36 -1.27 16.37
N LEU D 598 -31.49 -0.77 15.51
CA LEU D 598 -31.83 -0.44 14.14
C LEU D 598 -31.19 -1.46 13.21
N TYR D 599 -32.02 -2.19 12.47
CA TYR D 599 -31.55 -3.13 11.47
C TYR D 599 -31.57 -2.42 10.11
N GLN D 600 -30.39 -2.26 9.51
CA GLN D 600 -30.23 -1.38 8.37
C GLN D 600 -30.57 -2.10 7.06
N ASP D 601 -31.30 -1.39 6.20
CA ASP D 601 -31.58 -1.83 4.83
C ASP D 601 -32.32 -3.15 4.76
N VAL D 602 -33.18 -3.43 5.76
CA VAL D 602 -34.00 -4.64 5.76
C VAL D 602 -35.39 -4.28 6.24
N ASN D 603 -36.40 -4.89 5.61
CA ASN D 603 -37.77 -4.74 6.09
C ASN D 603 -37.95 -5.52 7.39
N CYS D 604 -38.95 -5.11 8.16
CA CYS D 604 -39.18 -5.70 9.48
C CYS D 604 -39.67 -7.14 9.40
N THR D 605 -40.20 -7.56 8.26
CA THR D 605 -40.71 -8.92 8.12
C THR D 605 -39.62 -9.96 7.93
N GLU D 606 -38.39 -9.53 7.60
CA GLU D 606 -37.29 -10.45 7.37
C GLU D 606 -36.41 -10.66 8.61
N VAL D 607 -36.78 -10.07 9.74
CA VAL D 607 -35.98 -10.21 10.95
C VAL D 607 -36.57 -11.29 11.85
N ASN D 628 -44.17 -0.87 18.37
CA ASN D 628 -42.88 -1.25 18.93
C ASN D 628 -41.89 -1.62 17.82
N VAL D 629 -42.42 -1.98 16.66
CA VAL D 629 -41.63 -2.34 15.49
C VAL D 629 -41.94 -1.31 14.41
N PHE D 630 -41.04 -0.36 14.22
CA PHE D 630 -41.24 0.76 13.31
C PHE D 630 -40.34 0.60 12.09
N GLN D 631 -40.93 0.75 10.90
CA GLN D 631 -40.20 0.62 9.64
C GLN D 631 -39.85 2.01 9.14
N THR D 632 -38.57 2.34 9.16
CA THR D 632 -38.07 3.62 8.67
C THR D 632 -37.39 3.44 7.33
N ARG D 633 -37.17 4.57 6.63
CA ARG D 633 -36.45 4.52 5.38
C ARG D 633 -34.99 4.14 5.57
N ALA D 634 -34.47 4.27 6.79
CA ALA D 634 -33.11 3.88 7.11
C ALA D 634 -33.01 2.43 7.60
N GLY D 635 -34.12 1.71 7.64
CA GLY D 635 -34.15 0.34 8.08
C GLY D 635 -35.26 0.09 9.09
N CYS D 636 -35.28 -1.13 9.60
CA CYS D 636 -36.28 -1.51 10.60
C CYS D 636 -35.81 -1.11 11.99
N LEU D 637 -36.67 -0.42 12.72
CA LEU D 637 -36.35 0.08 14.05
C LEU D 637 -37.16 -0.71 15.09
N ILE D 638 -36.46 -1.28 16.06
CA ILE D 638 -37.06 -2.15 17.06
C ILE D 638 -36.74 -1.58 18.44
N GLY D 639 -37.78 -1.42 19.26
CA GLY D 639 -37.63 -0.92 20.61
C GLY D 639 -37.99 0.54 20.79
N ALA D 640 -38.23 1.27 19.71
CA ALA D 640 -38.57 2.68 19.77
C ALA D 640 -40.01 2.88 19.30
N GLU D 641 -40.76 3.69 20.05
CA GLU D 641 -42.16 3.96 19.75
C GLU D 641 -42.28 5.20 18.88
N HIS D 642 -42.94 5.07 17.73
CA HIS D 642 -43.14 6.21 16.85
C HIS D 642 -44.11 7.19 17.49
N VAL D 643 -43.80 8.49 17.35
CA VAL D 643 -44.57 9.56 17.98
C VAL D 643 -44.96 10.56 16.91
N ASN D 644 -46.22 11.00 16.95
CA ASN D 644 -46.72 11.97 15.99
C ASN D 644 -46.14 13.37 16.20
N ASN D 645 -45.53 13.63 17.36
CA ASN D 645 -44.95 14.94 17.63
C ASN D 645 -43.67 15.14 16.83
N SER D 646 -43.01 16.27 17.07
CA SER D 646 -41.76 16.58 16.39
C SER D 646 -40.95 17.53 17.26
N TYR D 647 -39.71 17.16 17.56
CA TYR D 647 -38.81 17.98 18.36
C TYR D 647 -37.47 18.11 17.64
N GLU D 648 -36.51 18.73 18.31
CA GLU D 648 -35.17 18.82 17.77
C GLU D 648 -34.53 17.44 17.74
N CYS D 649 -33.61 17.25 16.81
CA CYS D 649 -32.96 15.95 16.65
C CYS D 649 -31.98 15.71 17.79
N ASP D 650 -32.24 14.66 18.57
CA ASP D 650 -31.36 14.29 19.66
C ASP D 650 -30.37 13.20 19.22
N ILE D 651 -30.89 12.07 18.76
CA ILE D 651 -30.07 10.97 18.25
C ILE D 651 -30.40 10.77 16.78
N PRO D 652 -29.51 11.11 15.86
CA PRO D 652 -29.85 11.03 14.43
C PRO D 652 -29.89 9.58 13.95
N ILE D 653 -31.06 9.17 13.47
CA ILE D 653 -31.21 7.83 12.91
C ILE D 653 -31.07 7.85 11.40
N GLY D 654 -31.71 8.80 10.72
CA GLY D 654 -31.56 8.93 9.29
C GLY D 654 -32.88 9.11 8.56
N ALA D 655 -32.80 9.69 7.36
CA ALA D 655 -33.98 9.95 6.53
C ALA D 655 -35.01 10.80 7.25
N GLY D 656 -34.55 11.76 8.04
CA GLY D 656 -35.44 12.66 8.76
C GLY D 656 -36.00 12.11 10.06
N ILE D 657 -35.53 10.95 10.51
CA ILE D 657 -36.02 10.32 11.73
C ILE D 657 -34.95 10.45 12.80
N CYS D 658 -35.36 10.86 13.99
CA CYS D 658 -34.46 10.96 15.14
C CYS D 658 -35.08 10.23 16.33
N ALA D 659 -34.28 10.04 17.37
CA ALA D 659 -34.72 9.35 18.56
C ALA D 659 -34.27 10.12 19.79
N SER D 660 -35.02 9.97 20.88
CA SER D 660 -34.69 10.62 22.13
C SER D 660 -35.34 9.85 23.27
N TYR D 661 -34.86 10.13 24.49
CA TYR D 661 -35.39 9.52 25.70
C TYR D 661 -36.28 10.54 26.41
N GLN D 662 -37.59 10.28 26.40
CA GLN D 662 -38.56 11.20 26.98
C GLN D 662 -39.66 10.41 27.66
N THR D 663 -40.39 11.09 28.54
CA THR D 663 -41.51 10.48 29.26
C THR D 663 -42.67 10.17 28.30
N GLN D 677 -40.54 6.49 31.44
CA GLN D 677 -39.83 7.02 30.28
C GLN D 677 -39.40 5.90 29.35
N SER D 678 -39.32 6.21 28.05
CA SER D 678 -38.95 5.22 27.06
C SER D 678 -38.39 5.93 25.83
N ILE D 679 -37.74 5.15 24.98
CA ILE D 679 -37.16 5.68 23.75
C ILE D 679 -38.26 5.88 22.71
N ILE D 680 -38.23 7.02 22.02
CA ILE D 680 -39.24 7.37 21.04
C ILE D 680 -38.57 7.66 19.71
N ALA D 681 -39.35 7.53 18.63
CA ALA D 681 -38.90 7.85 17.29
C ALA D 681 -39.85 8.85 16.67
N TYR D 682 -39.28 9.84 15.99
CA TYR D 682 -40.08 10.94 15.47
C TYR D 682 -39.36 11.60 14.30
N THR D 683 -40.11 12.40 13.54
CA THR D 683 -39.54 13.22 12.49
C THR D 683 -38.99 14.51 13.10
N MET D 684 -37.74 14.85 12.74
CA MET D 684 -37.10 16.00 13.37
C MET D 684 -37.82 17.28 12.99
N SER D 685 -37.81 18.23 13.91
CA SER D 685 -38.36 19.56 13.68
C SER D 685 -37.25 20.48 13.21
N LEU D 686 -37.47 21.15 12.08
CA LEU D 686 -36.47 22.03 11.50
C LEU D 686 -36.30 23.31 12.28
N GLY D 687 -37.30 23.72 13.05
CA GLY D 687 -37.21 24.93 13.83
C GLY D 687 -38.59 25.38 14.26
N ALA D 688 -38.63 26.63 14.74
CA ALA D 688 -39.88 27.24 15.18
C ALA D 688 -40.49 28.03 14.02
N GLU D 689 -41.74 27.74 13.70
CA GLU D 689 -42.40 28.42 12.59
C GLU D 689 -42.51 29.91 12.88
N ASN D 690 -42.29 30.73 11.85
CA ASN D 690 -42.35 32.17 11.99
C ASN D 690 -42.89 32.77 10.69
N SER D 691 -43.49 33.95 10.80
CA SER D 691 -44.02 34.67 9.65
C SER D 691 -43.81 36.16 9.93
N VAL D 692 -42.78 36.73 9.29
CA VAL D 692 -42.52 38.15 9.46
C VAL D 692 -43.68 38.94 8.90
N ALA D 693 -44.20 39.87 9.69
CA ALA D 693 -45.41 40.60 9.35
C ALA D 693 -45.08 41.59 8.24
N TYR D 694 -45.04 41.08 7.01
CA TYR D 694 -44.65 41.88 5.87
C TYR D 694 -45.84 42.60 5.26
N SER D 695 -45.71 43.91 5.11
CA SER D 695 -46.59 44.72 4.29
C SER D 695 -45.72 45.66 3.46
N ASN D 696 -46.35 46.47 2.63
CA ASN D 696 -45.60 47.30 1.70
C ASN D 696 -45.31 48.70 2.24
N ASN D 697 -45.74 49.03 3.46
CA ASN D 697 -45.39 50.31 4.06
C ASN D 697 -45.12 50.19 5.55
N SER D 698 -44.59 49.05 6.00
CA SER D 698 -44.30 48.84 7.41
C SER D 698 -42.86 48.42 7.59
N ILE D 699 -42.21 48.95 8.62
CA ILE D 699 -40.82 48.64 8.92
C ILE D 699 -40.70 48.45 10.42
N ALA D 700 -39.84 47.52 10.83
CA ALA D 700 -39.53 47.28 12.23
C ALA D 700 -38.14 47.81 12.53
N ILE D 701 -38.02 48.63 13.58
CA ILE D 701 -36.75 49.25 13.92
C ILE D 701 -36.43 48.94 15.38
N PRO D 702 -35.19 48.54 15.70
CA PRO D 702 -34.87 48.19 17.09
C PRO D 702 -34.78 49.44 17.97
N THR D 703 -35.45 49.37 19.11
CA THR D 703 -35.40 50.45 20.10
C THR D 703 -34.32 50.23 21.15
N ASN D 704 -33.66 49.08 21.15
CA ASN D 704 -32.64 48.75 22.13
C ASN D 704 -31.60 47.86 21.46
N PHE D 705 -30.74 47.25 22.27
CA PHE D 705 -29.70 46.37 21.76
C PHE D 705 -29.16 45.53 22.92
N THR D 706 -28.37 44.53 22.56
CA THR D 706 -27.63 43.73 23.52
C THR D 706 -26.21 43.54 22.99
N ILE D 707 -25.29 43.27 23.90
CA ILE D 707 -23.91 42.96 23.55
C ILE D 707 -23.73 41.46 23.77
N SER D 708 -23.50 40.72 22.70
CA SER D 708 -23.41 39.27 22.74
C SER D 708 -21.97 38.85 22.51
N VAL D 709 -21.42 38.06 23.43
CA VAL D 709 -20.09 37.50 23.31
C VAL D 709 -20.24 35.99 23.14
N THR D 710 -19.69 35.46 22.05
CA THR D 710 -19.77 34.04 21.75
C THR D 710 -18.37 33.46 21.69
N THR D 711 -18.29 32.13 21.74
CA THR D 711 -17.03 31.41 21.80
C THR D 711 -16.84 30.59 20.54
N GLU D 712 -15.66 30.67 19.94
CA GLU D 712 -15.30 29.87 18.78
C GLU D 712 -13.97 29.18 19.05
N ILE D 713 -13.94 27.86 18.87
CA ILE D 713 -12.74 27.05 19.10
C ILE D 713 -12.27 26.52 17.76
N LEU D 714 -10.97 26.65 17.49
CA LEU D 714 -10.37 26.23 16.23
C LEU D 714 -9.08 25.46 16.52
N PRO D 715 -8.98 24.21 16.11
CA PRO D 715 -7.69 23.50 16.23
C PRO D 715 -6.62 24.19 15.39
N VAL D 716 -5.40 24.24 15.93
CA VAL D 716 -4.33 24.98 15.28
C VAL D 716 -3.16 24.07 14.95
N SER D 717 -2.94 23.03 15.75
CA SER D 717 -1.76 22.20 15.56
C SER D 717 -2.02 20.80 16.11
N MET D 718 -1.10 19.89 15.79
CA MET D 718 -1.09 18.51 16.24
C MET D 718 0.13 18.28 17.13
N THR D 719 0.34 17.03 17.49
CA THR D 719 1.57 16.63 18.17
C THR D 719 2.54 16.09 17.12
N LYS D 720 3.77 16.59 17.17
CA LYS D 720 4.79 16.16 16.22
C LYS D 720 5.30 14.78 16.60
N THR D 721 5.13 13.82 15.69
CA THR D 721 5.49 12.43 15.93
C THR D 721 6.48 11.97 14.88
N SER D 722 7.53 11.29 15.31
CA SER D 722 8.53 10.72 14.42
C SER D 722 8.61 9.22 14.66
N VAL D 723 8.73 8.46 13.58
CA VAL D 723 8.78 7.00 13.62
C VAL D 723 10.01 6.53 12.88
N ASP D 724 10.78 5.63 13.51
CA ASP D 724 12.00 5.09 12.92
C ASP D 724 11.76 3.64 12.51
N CYS D 725 11.98 3.33 11.24
CA CYS D 725 11.80 1.98 10.75
C CYS D 725 12.80 1.02 11.39
N THR D 726 14.04 1.47 11.57
CA THR D 726 15.10 0.59 12.07
C THR D 726 14.70 -0.11 13.37
N MET D 727 13.93 0.56 14.22
CA MET D 727 13.48 -0.03 15.47
C MET D 727 12.02 -0.47 15.45
N TYR D 728 11.18 0.14 14.60
CA TYR D 728 9.77 -0.24 14.58
C TYR D 728 9.57 -1.55 13.82
N ILE D 729 9.96 -1.59 12.56
CA ILE D 729 9.76 -2.80 11.75
C ILE D 729 10.56 -3.96 12.31
N CYS D 730 11.82 -3.72 12.67
CA CYS D 730 12.70 -4.75 13.20
C CYS D 730 13.09 -4.40 14.63
N GLY D 731 12.79 -5.30 15.56
CA GLY D 731 13.09 -5.07 16.95
C GLY D 731 14.53 -5.33 17.32
N ASP D 732 15.42 -4.43 16.90
CA ASP D 732 16.86 -4.55 17.17
C ASP D 732 17.43 -5.86 16.63
N SER D 733 16.99 -6.23 15.43
CA SER D 733 17.47 -7.43 14.75
C SER D 733 18.22 -7.03 13.49
N THR D 734 19.45 -7.51 13.36
CA THR D 734 20.29 -7.13 12.23
C THR D 734 19.85 -7.81 10.94
N GLU D 735 19.46 -9.09 11.02
CA GLU D 735 19.01 -9.80 9.83
C GLU D 735 17.75 -9.16 9.25
N CYS D 736 16.81 -8.77 10.12
CA CYS D 736 15.61 -8.10 9.65
C CYS D 736 15.95 -6.78 9.00
N SER D 737 16.91 -6.03 9.55
CA SER D 737 17.32 -4.78 8.93
C SER D 737 17.94 -5.02 7.57
N ASN D 738 18.75 -6.07 7.44
CA ASN D 738 19.34 -6.40 6.15
C ASN D 738 18.27 -6.74 5.12
N LEU D 739 17.26 -7.50 5.51
CA LEU D 739 16.19 -7.83 4.58
C LEU D 739 15.35 -6.59 4.25
N LEU D 740 15.15 -5.71 5.21
CA LEU D 740 14.41 -4.48 4.96
C LEU D 740 15.17 -3.55 4.03
N LEU D 741 16.50 -3.60 4.06
CA LEU D 741 17.30 -2.75 3.18
C LEU D 741 17.04 -3.04 1.70
N GLN D 742 16.49 -4.20 1.38
CA GLN D 742 16.21 -4.57 -0.01
C GLN D 742 15.00 -3.85 -0.60
N TYR D 743 14.24 -3.13 0.22
CA TYR D 743 13.00 -2.51 -0.24
C TYR D 743 13.18 -1.09 -0.75
N GLY D 744 14.40 -0.60 -0.82
CA GLY D 744 14.66 0.70 -1.42
C GLY D 744 14.59 1.82 -0.39
N SER D 745 13.86 2.88 -0.71
CA SER D 745 13.79 4.08 0.11
C SER D 745 12.35 4.37 0.56
N PHE D 746 11.63 3.32 0.96
CA PHE D 746 10.31 3.54 1.53
C PHE D 746 10.39 4.26 2.86
N CYS D 747 11.31 3.85 3.72
CA CYS D 747 11.38 4.41 5.06
C CYS D 747 11.99 5.80 5.08
N THR D 748 12.92 6.08 4.16
CA THR D 748 13.45 7.44 4.06
C THR D 748 12.34 8.43 3.73
N GLN D 749 11.46 8.08 2.79
CA GLN D 749 10.38 8.98 2.45
C GLN D 749 9.27 8.99 3.51
N LEU D 750 9.10 7.89 4.25
CA LEU D 750 8.19 7.93 5.41
C LEU D 750 8.68 8.94 6.44
N ASN D 751 9.97 8.89 6.78
CA ASN D 751 10.54 9.87 7.70
C ASN D 751 10.46 11.28 7.14
N ARG D 752 10.65 11.42 5.82
CA ARG D 752 10.56 12.73 5.19
C ARG D 752 9.15 13.31 5.34
N ALA D 753 8.13 12.48 5.10
CA ALA D 753 6.76 12.94 5.24
C ALA D 753 6.45 13.33 6.69
N LEU D 754 6.90 12.51 7.64
CA LEU D 754 6.64 12.82 9.05
C LEU D 754 7.34 14.10 9.47
N THR D 755 8.58 14.32 9.01
CA THR D 755 9.28 15.56 9.34
C THR D 755 8.58 16.75 8.70
N GLY D 756 8.08 16.59 7.48
CA GLY D 756 7.31 17.66 6.86
C GLY D 756 6.09 18.03 7.69
N ILE D 757 5.37 17.02 8.20
CA ILE D 757 4.22 17.29 9.06
C ILE D 757 4.65 18.01 10.33
N ALA D 758 5.75 17.56 10.94
CA ALA D 758 6.21 18.16 12.18
C ALA D 758 6.56 19.64 12.00
N VAL D 759 7.24 19.96 10.91
CA VAL D 759 7.57 21.36 10.63
C VAL D 759 6.31 22.16 10.30
N GLU D 760 5.37 21.51 9.59
CA GLU D 760 4.11 22.15 9.23
C GLU D 760 3.34 22.58 10.47
N GLN D 761 3.38 21.78 11.53
CA GLN D 761 2.64 22.14 12.75
C GLN D 761 3.19 23.41 13.38
N ASP D 762 4.51 23.54 13.45
CA ASP D 762 5.11 24.75 14.00
C ASP D 762 4.82 25.94 13.09
N LYS D 763 4.81 25.73 11.77
CA LYS D 763 4.42 26.81 10.87
C LYS D 763 2.98 27.24 11.11
N ASN D 764 2.09 26.28 11.38
CA ASN D 764 0.70 26.60 11.70
C ASN D 764 0.63 27.50 12.93
N THR D 765 1.31 27.10 14.01
CA THR D 765 1.26 27.89 15.24
C THR D 765 1.85 29.27 15.03
N GLN D 766 2.96 29.37 14.32
CA GLN D 766 3.58 30.66 14.06
C GLN D 766 2.67 31.55 13.22
N GLU D 767 2.01 30.97 12.21
CA GLU D 767 1.11 31.75 11.37
C GLU D 767 -0.07 32.28 12.18
N VAL D 768 -0.60 31.48 13.09
CA VAL D 768 -1.76 31.92 13.87
C VAL D 768 -1.35 33.00 14.87
N PHE D 769 -0.42 32.68 15.76
CA PHE D 769 -0.23 33.53 16.94
C PHE D 769 0.82 34.62 16.74
N ALA D 770 1.93 34.33 16.06
CA ALA D 770 3.01 35.30 15.91
C ALA D 770 2.69 36.31 14.80
N GLN D 771 1.57 37.03 15.00
CA GLN D 771 1.10 38.03 14.07
C GLN D 771 1.36 39.45 14.55
N VAL D 772 2.12 39.61 15.63
CA VAL D 772 2.33 40.91 16.26
C VAL D 772 3.82 41.23 16.25
N LYS D 773 4.16 42.47 15.90
CA LYS D 773 5.56 42.84 15.78
C LYS D 773 6.23 43.00 17.13
N GLN D 774 5.55 43.63 18.08
CA GLN D 774 6.10 43.92 19.39
C GLN D 774 5.20 43.35 20.47
N ILE D 775 5.72 43.30 21.69
CA ILE D 775 4.98 42.81 22.85
C ILE D 775 4.37 44.02 23.54
N TYR D 776 3.08 44.23 23.33
CA TYR D 776 2.38 45.34 23.94
C TYR D 776 1.90 44.97 25.34
N LYS D 777 1.84 45.98 26.21
CA LYS D 777 1.46 45.79 27.60
C LYS D 777 0.30 46.72 27.94
N THR D 778 -0.63 46.22 28.74
CA THR D 778 -1.70 47.07 29.24
C THR D 778 -1.17 47.99 30.34
N PRO D 779 -1.76 49.17 30.51
CA PRO D 779 -1.27 50.08 31.54
C PRO D 779 -1.53 49.51 32.92
N PRO D 780 -0.74 49.91 33.92
CA PRO D 780 -0.96 49.40 35.28
C PRO D 780 -2.31 49.79 35.86
N ILE D 781 -2.95 50.83 35.33
CA ILE D 781 -4.27 51.25 35.78
C ILE D 781 -5.28 50.81 34.74
N LYS D 782 -6.19 49.92 35.12
CA LYS D 782 -7.19 49.37 34.19
C LYS D 782 -8.44 50.24 34.23
N ASP D 783 -8.29 51.46 33.70
CA ASP D 783 -9.38 52.42 33.60
C ASP D 783 -9.76 52.53 32.12
N PHE D 784 -10.67 51.66 31.69
CA PHE D 784 -11.11 51.62 30.30
C PHE D 784 -12.55 52.12 30.14
N GLY D 785 -12.95 53.06 30.99
CA GLY D 785 -14.29 53.62 30.91
C GLY D 785 -15.39 52.74 31.47
N GLY D 786 -15.04 51.78 32.33
CA GLY D 786 -16.00 50.87 32.89
C GLY D 786 -15.90 49.46 32.36
N PHE D 787 -15.35 49.30 31.16
CA PHE D 787 -15.14 47.97 30.60
C PHE D 787 -14.09 47.22 31.41
N ASN D 788 -14.35 45.95 31.68
CA ASN D 788 -13.54 45.14 32.59
C ASN D 788 -13.06 43.91 31.85
N PHE D 789 -11.74 43.82 31.64
CA PHE D 789 -11.13 42.72 30.91
C PHE D 789 -10.33 41.80 31.83
N SER D 790 -10.70 41.74 33.11
CA SER D 790 -9.94 40.96 34.07
C SER D 790 -9.95 39.48 33.72
N GLN D 791 -11.04 38.98 33.14
CA GLN D 791 -11.15 37.56 32.85
C GLN D 791 -10.30 37.15 31.65
N ILE D 792 -9.92 38.09 30.80
CA ILE D 792 -9.13 37.78 29.61
C ILE D 792 -7.69 38.25 29.71
N LEU D 793 -7.40 39.24 30.56
CA LEU D 793 -6.03 39.69 30.77
C LEU D 793 -5.28 38.68 31.62
N PRO D 794 -3.96 38.57 31.45
CA PRO D 794 -3.19 37.58 32.21
C PRO D 794 -3.29 37.80 33.70
N ASP D 795 -3.27 36.69 34.45
CA ASP D 795 -3.40 36.71 35.90
C ASP D 795 -2.01 36.73 36.53
N PRO D 796 -1.60 37.80 37.19
CA PRO D 796 -0.24 37.87 37.73
C PRO D 796 -0.04 37.05 38.99
N SER D 797 -1.11 36.84 39.75
CA SER D 797 -0.99 36.13 41.03
C SER D 797 -0.56 34.69 40.82
N LYS D 798 -1.14 34.01 39.85
CA LYS D 798 -0.83 32.61 39.61
C LYS D 798 0.58 32.47 39.05
N PRO D 799 1.27 31.36 39.34
CA PRO D 799 2.59 31.14 38.75
C PRO D 799 2.58 31.10 37.24
N SER D 800 1.50 30.60 36.64
CA SER D 800 1.34 30.62 35.19
C SER D 800 0.59 31.90 34.81
N LYS D 801 1.21 32.70 33.94
CA LYS D 801 0.65 34.00 33.57
C LYS D 801 -0.41 33.86 32.49
N ARG D 802 -1.49 33.17 32.86
CA ARG D 802 -2.64 32.94 31.99
C ARG D 802 -3.88 33.56 32.61
N SER D 803 -4.79 34.01 31.74
CA SER D 803 -6.05 34.55 32.19
C SER D 803 -6.91 33.44 32.81
N PRO D 804 -7.88 33.81 33.64
CA PRO D 804 -8.78 32.79 34.20
C PRO D 804 -9.49 31.95 33.15
N ILE D 805 -9.92 32.57 32.05
CA ILE D 805 -10.51 31.81 30.96
C ILE D 805 -9.49 30.85 30.36
N GLU D 806 -8.25 31.31 30.16
CA GLU D 806 -7.20 30.43 29.67
C GLU D 806 -6.91 29.31 30.64
N ASP D 807 -6.94 29.59 31.94
CA ASP D 807 -6.73 28.53 32.92
C ASP D 807 -7.82 27.48 32.84
N LEU D 808 -9.08 27.91 32.69
CA LEU D 808 -10.16 26.94 32.50
C LEU D 808 -9.95 26.12 31.23
N LEU D 809 -9.54 26.77 30.14
CA LEU D 809 -9.34 26.06 28.88
C LEU D 809 -8.24 25.01 29.01
N PHE D 810 -7.13 25.35 29.65
CA PHE D 810 -6.04 24.39 29.79
C PHE D 810 -6.36 23.31 30.81
N ASN D 811 -7.21 23.59 31.79
CA ASN D 811 -7.59 22.54 32.73
C ASN D 811 -8.56 21.55 32.10
N LYS D 812 -9.51 22.05 31.31
CA LYS D 812 -10.51 21.16 30.72
C LYS D 812 -9.89 20.22 29.68
N VAL D 813 -9.02 20.74 28.82
CA VAL D 813 -8.48 19.96 27.72
C VAL D 813 -7.31 19.13 28.22
N THR D 814 -7.37 17.82 28.00
CA THR D 814 -6.30 16.91 28.37
C THR D 814 -5.95 15.96 27.22
N PHE D 842 6.58 2.72 22.38
CA PHE D 842 7.90 3.34 22.21
C PHE D 842 8.81 2.47 21.36
N ASN D 843 8.23 1.76 20.40
CA ASN D 843 8.99 0.94 19.46
C ASN D 843 9.48 1.84 18.32
N GLY D 844 10.39 2.74 18.68
CA GLY D 844 10.86 3.75 17.75
C GLY D 844 9.95 4.94 17.57
N LEU D 845 8.97 5.11 18.46
CA LEU D 845 7.98 6.18 18.36
C LEU D 845 8.35 7.29 19.34
N THR D 846 8.61 8.48 18.81
CA THR D 846 9.00 9.63 19.62
C THR D 846 8.09 10.81 19.31
N VAL D 847 7.92 11.68 20.30
CA VAL D 847 7.10 12.87 20.18
C VAL D 847 8.01 14.09 20.32
N LEU D 848 7.99 14.96 19.32
CA LEU D 848 8.85 16.15 19.32
C LEU D 848 8.16 17.31 20.02
N PRO D 849 8.85 18.00 20.93
CA PRO D 849 8.24 19.14 21.60
C PRO D 849 7.98 20.26 20.60
N PRO D 850 6.93 21.04 20.80
CA PRO D 850 6.69 22.20 19.93
C PRO D 850 7.76 23.25 20.13
N LEU D 851 8.01 24.02 19.07
CA LEU D 851 9.01 25.08 19.14
C LEU D 851 8.61 26.15 20.14
N LEU D 852 7.33 26.54 20.15
CA LEU D 852 6.82 27.55 21.05
C LEU D 852 6.18 26.89 22.25
N THR D 853 6.65 27.21 23.44
CA THR D 853 6.03 26.70 24.65
C THR D 853 4.66 27.36 24.86
N ASP D 854 3.88 26.79 25.76
CA ASP D 854 2.53 27.30 26.01
C ASP D 854 2.56 28.69 26.62
N GLU D 855 3.56 28.98 27.46
CA GLU D 855 3.65 30.31 28.03
C GLU D 855 4.04 31.35 26.98
N MET D 856 4.77 30.93 25.94
CA MET D 856 5.06 31.86 24.85
C MET D 856 3.81 32.15 24.03
N ILE D 857 2.97 31.14 23.82
CA ILE D 857 1.68 31.38 23.17
C ILE D 857 0.83 32.32 24.00
N ALA D 858 0.84 32.13 25.33
CA ALA D 858 0.10 33.04 26.19
C ALA D 858 0.65 34.46 26.11
N GLN D 859 1.98 34.59 26.01
CA GLN D 859 2.58 35.90 25.84
C GLN D 859 2.12 36.55 24.53
N TYR D 860 2.07 35.77 23.45
CA TYR D 860 1.59 36.30 22.18
C TYR D 860 0.14 36.76 22.28
N THR D 861 -0.71 35.96 22.92
CA THR D 861 -2.11 36.33 23.03
C THR D 861 -2.29 37.54 23.93
N SER D 862 -1.48 37.66 24.98
CA SER D 862 -1.54 38.83 25.84
C SER D 862 -1.09 40.08 25.10
N ALA D 863 -0.06 39.96 24.25
CA ALA D 863 0.37 41.10 23.44
C ALA D 863 -0.71 41.53 22.48
N LEU D 864 -1.35 40.57 21.80
CA LEU D 864 -2.45 40.91 20.89
C LEU D 864 -3.60 41.58 21.65
N LEU D 865 -3.96 41.05 22.81
CA LEU D 865 -5.05 41.60 23.60
C LEU D 865 -4.72 43.01 24.08
N ALA D 866 -3.49 43.23 24.54
CA ALA D 866 -3.08 44.57 24.99
C ALA D 866 -3.10 45.56 23.83
N GLY D 867 -2.62 45.15 22.66
CA GLY D 867 -2.68 46.02 21.51
C GLY D 867 -4.10 46.37 21.12
N THR D 868 -5.00 45.39 21.15
CA THR D 868 -6.39 45.65 20.82
C THR D 868 -7.04 46.60 21.82
N ILE D 869 -6.77 46.41 23.10
CA ILE D 869 -7.41 47.24 24.11
C ILE D 869 -6.88 48.67 24.08
N THR D 870 -5.56 48.82 23.98
CA THR D 870 -4.96 50.13 24.11
C THR D 870 -4.80 50.89 22.80
N SER D 871 -4.99 50.25 21.65
CA SER D 871 -4.76 50.94 20.39
C SER D 871 -5.90 50.75 19.40
N GLY D 872 -6.63 49.66 19.51
CA GLY D 872 -7.69 49.38 18.55
C GLY D 872 -7.20 48.50 17.42
N TRP D 873 -7.54 48.85 16.18
CA TRP D 873 -7.01 48.15 15.03
C TRP D 873 -5.77 48.82 14.43
N THR D 874 -5.28 49.89 15.04
CA THR D 874 -4.18 50.63 14.44
C THR D 874 -2.85 49.89 14.56
N PHE D 875 -2.70 49.04 15.58
CA PHE D 875 -1.47 48.29 15.74
C PHE D 875 -1.32 47.19 14.70
N GLY D 876 -2.41 46.81 14.03
CA GLY D 876 -2.39 45.79 13.02
C GLY D 876 -2.16 46.30 11.61
N ALA D 877 -1.87 47.58 11.45
CA ALA D 877 -1.63 48.16 10.13
C ALA D 877 -0.46 49.13 10.11
N GLY D 878 0.38 49.12 11.14
CA GLY D 878 1.47 50.06 11.24
C GLY D 878 1.81 50.36 12.69
N PRO D 879 2.28 51.56 12.97
CA PRO D 879 2.55 51.95 14.35
C PRO D 879 1.28 51.91 15.20
N ALA D 880 1.42 51.47 16.43
CA ALA D 880 0.30 51.41 17.35
C ALA D 880 -0.02 52.81 17.87
N LEU D 881 -1.28 53.20 17.76
CA LEU D 881 -1.74 54.53 18.15
C LEU D 881 -2.72 54.39 19.31
N GLN D 882 -2.41 55.01 20.44
CA GLN D 882 -3.30 54.93 21.58
C GLN D 882 -4.60 55.69 21.33
N ILE D 883 -5.68 55.18 21.90
CA ILE D 883 -6.98 55.82 21.81
C ILE D 883 -7.81 55.37 23.01
N PRO D 884 -8.60 56.25 23.63
CA PRO D 884 -9.45 55.81 24.74
C PRO D 884 -10.38 54.69 24.31
N PHE D 885 -10.57 53.72 25.19
CA PHE D 885 -11.39 52.57 24.82
C PHE D 885 -12.85 52.92 24.52
N PRO D 886 -13.54 53.76 25.29
CA PRO D 886 -14.89 54.15 24.88
C PRO D 886 -14.94 54.78 23.50
N MET D 887 -13.94 55.58 23.13
CA MET D 887 -13.90 56.16 21.80
C MET D 887 -13.65 55.10 20.74
N GLN D 888 -12.81 54.11 21.04
CA GLN D 888 -12.62 53.01 20.10
C GLN D 888 -13.91 52.23 19.90
N MET D 889 -14.64 51.95 20.97
CA MET D 889 -15.89 51.24 20.84
C MET D 889 -16.94 52.09 20.10
N ALA D 890 -16.87 53.41 20.24
CA ALA D 890 -17.71 54.29 19.44
C ALA D 890 -17.36 54.20 17.97
N TYR D 891 -16.07 54.08 17.66
CA TYR D 891 -15.65 53.84 16.28
C TYR D 891 -16.22 52.52 15.76
N ARG D 892 -16.21 51.49 16.60
CA ARG D 892 -16.81 50.21 16.21
C ARG D 892 -18.29 50.36 15.93
N PHE D 893 -18.99 51.12 16.78
CA PHE D 893 -20.42 51.37 16.56
C PHE D 893 -20.64 52.11 15.25
N ASN D 894 -19.81 53.09 14.94
CA ASN D 894 -19.88 53.75 13.64
C ASN D 894 -19.66 52.75 12.52
N GLY D 895 -18.73 51.82 12.72
CA GLY D 895 -18.48 50.80 11.71
C GLY D 895 -19.69 49.94 11.42
N ILE D 896 -20.40 49.51 12.47
CA ILE D 896 -21.58 48.67 12.25
C ILE D 896 -22.81 49.46 11.83
N GLY D 897 -22.74 50.78 11.81
CA GLY D 897 -23.83 51.60 11.32
C GLY D 897 -24.63 52.36 12.36
N VAL D 898 -24.14 52.44 13.60
CA VAL D 898 -24.82 53.16 14.68
C VAL D 898 -23.99 54.38 15.03
N THR D 899 -24.67 55.51 15.24
CA THR D 899 -23.97 56.74 15.59
C THR D 899 -23.30 56.62 16.95
N GLN D 900 -22.17 57.30 17.10
CA GLN D 900 -21.37 57.18 18.33
C GLN D 900 -22.06 57.76 19.55
N ASN D 901 -23.03 58.66 19.36
CA ASN D 901 -23.75 59.20 20.51
C ASN D 901 -24.59 58.12 21.18
N VAL D 902 -25.01 57.10 20.43
CA VAL D 902 -25.72 55.97 21.03
C VAL D 902 -24.83 55.29 22.05
N LEU D 903 -23.54 55.18 21.75
CA LEU D 903 -22.61 54.60 22.71
C LEU D 903 -22.31 55.55 23.87
N TYR D 904 -22.06 56.82 23.56
CA TYR D 904 -21.68 57.75 24.61
C TYR D 904 -22.82 57.99 25.60
N GLU D 905 -24.06 57.83 25.15
CA GLU D 905 -25.21 57.99 26.01
C GLU D 905 -25.67 56.68 26.64
N ASN D 906 -25.01 55.57 26.33
CA ASN D 906 -25.30 54.28 26.93
C ASN D 906 -24.03 53.59 27.39
N GLN D 907 -23.02 54.38 27.77
CA GLN D 907 -21.71 53.82 28.08
C GLN D 907 -21.78 52.87 29.27
N LYS D 908 -22.50 53.26 30.33
CA LYS D 908 -22.62 52.39 31.49
C LYS D 908 -23.36 51.11 31.15
N LEU D 909 -24.45 51.22 30.39
CA LEU D 909 -25.22 50.04 30.02
C LEU D 909 -24.40 49.09 29.14
N ILE D 910 -23.67 49.64 28.16
CA ILE D 910 -22.85 48.81 27.29
C ILE D 910 -21.73 48.15 28.09
N ALA D 911 -21.11 48.90 29.00
CA ALA D 911 -20.06 48.31 29.83
C ALA D 911 -20.60 47.19 30.70
N ASN D 912 -21.79 47.39 31.29
CA ASN D 912 -22.39 46.34 32.10
C ASN D 912 -22.72 45.11 31.27
N GLN D 913 -23.26 45.31 30.07
CA GLN D 913 -23.57 44.17 29.19
C GLN D 913 -22.31 43.41 28.82
N PHE D 914 -21.24 44.14 28.49
CA PHE D 914 -19.97 43.50 28.15
C PHE D 914 -19.43 42.69 29.33
N ASN D 915 -19.46 43.28 30.53
CA ASN D 915 -18.95 42.58 31.71
C ASN D 915 -19.77 41.33 32.00
N SER D 916 -21.10 41.44 31.91
CA SER D 916 -21.96 40.28 32.16
C SER D 916 -21.72 39.18 31.14
N ALA D 917 -21.57 39.54 29.87
CA ALA D 917 -21.31 38.53 28.85
C ALA D 917 -19.97 37.85 29.06
N ILE D 918 -18.93 38.63 29.39
CA ILE D 918 -17.63 38.03 29.68
C ILE D 918 -17.72 37.09 30.87
N GLY D 919 -18.45 37.48 31.91
CA GLY D 919 -18.63 36.61 33.05
C GLY D 919 -19.35 35.32 32.70
N LYS D 920 -20.39 35.42 31.85
CA LYS D 920 -21.15 34.24 31.46
C LYS D 920 -20.36 33.33 30.53
N ILE D 921 -19.33 33.85 29.85
CA ILE D 921 -18.47 32.97 29.04
C ILE D 921 -17.84 31.90 29.91
N GLN D 922 -17.39 32.27 31.11
CA GLN D 922 -16.77 31.28 32.00
C GLN D 922 -17.75 30.18 32.37
N ASP D 923 -18.99 30.55 32.71
CA ASP D 923 -19.99 29.54 33.05
C ASP D 923 -20.31 28.66 31.86
N SER D 924 -20.43 29.26 30.67
CA SER D 924 -20.74 28.47 29.47
C SER D 924 -19.62 27.48 29.16
N LEU D 925 -18.37 27.90 29.31
CA LEU D 925 -17.25 27.00 29.04
C LEU D 925 -17.15 25.91 30.10
N SER D 926 -17.35 26.26 31.38
CA SER D 926 -17.18 25.29 32.45
C SER D 926 -18.30 24.26 32.46
N SER D 927 -19.55 24.70 32.32
CA SER D 927 -20.67 23.78 32.43
C SER D 927 -20.71 22.79 31.27
N THR D 928 -20.43 23.25 30.06
CA THR D 928 -20.56 22.41 28.87
C THR D 928 -19.18 21.97 28.40
N PRO D 929 -18.82 20.69 28.56
CA PRO D 929 -17.51 20.22 28.10
C PRO D 929 -17.47 19.82 26.63
N SER D 930 -18.57 19.97 25.89
CA SER D 930 -18.59 19.60 24.48
C SER D 930 -18.16 20.73 23.56
N ALA D 931 -17.86 21.91 24.09
CA ALA D 931 -17.38 23.01 23.26
C ALA D 931 -15.93 22.77 22.84
N LEU D 932 -15.10 22.30 23.76
CA LEU D 932 -13.70 21.95 23.47
C LEU D 932 -13.57 20.59 22.81
N GLY D 933 -14.70 20.08 22.29
CA GLY D 933 -14.70 18.78 21.64
C GLY D 933 -13.82 18.74 20.41
N LYS D 934 -13.61 19.88 19.75
CA LYS D 934 -12.72 19.89 18.58
C LYS D 934 -11.29 19.53 18.98
N LEU D 935 -10.75 20.23 19.98
CA LEU D 935 -9.40 19.94 20.43
C LEU D 935 -9.30 18.55 21.04
N GLN D 936 -10.30 18.16 21.83
CA GLN D 936 -10.28 16.83 22.41
C GLN D 936 -10.34 15.75 21.34
N ASP D 937 -11.10 15.97 20.27
CA ASP D 937 -11.20 14.99 19.20
C ASP D 937 -9.91 14.90 18.40
N VAL D 938 -9.22 16.03 18.20
CA VAL D 938 -7.91 15.98 17.54
C VAL D 938 -6.95 15.14 18.37
N VAL D 939 -6.89 15.40 19.67
CA VAL D 939 -6.00 14.65 20.55
C VAL D 939 -6.36 13.17 20.54
N ASN D 940 -7.66 12.87 20.61
CA ASN D 940 -8.11 11.48 20.63
C ASN D 940 -7.78 10.76 19.34
N GLN D 941 -7.95 11.44 18.20
CA GLN D 941 -7.64 10.81 16.91
C GLN D 941 -6.16 10.48 16.81
N ASN D 942 -5.29 11.43 17.20
CA ASN D 942 -3.87 11.14 17.15
C ASN D 942 -3.48 10.01 18.09
N ALA D 943 -4.04 10.00 19.30
CA ALA D 943 -3.73 8.94 20.25
C ALA D 943 -4.20 7.58 19.74
N GLN D 944 -5.40 7.54 19.15
CA GLN D 944 -5.91 6.29 18.60
C GLN D 944 -5.05 5.79 17.45
N ALA D 945 -4.59 6.71 16.59
CA ALA D 945 -3.71 6.31 15.49
C ALA D 945 -2.43 5.69 16.02
N LEU D 946 -1.82 6.33 17.02
CA LEU D 946 -0.58 5.80 17.58
C LEU D 946 -0.82 4.45 18.25
N ASN D 947 -1.92 4.31 18.99
CA ASN D 947 -2.20 3.07 19.68
C ASN D 947 -2.44 1.93 18.69
N THR D 948 -3.16 2.19 17.60
CA THR D 948 -3.37 1.18 16.58
C THR D 948 -2.06 0.81 15.90
N LEU D 949 -1.20 1.81 15.65
CA LEU D 949 0.12 1.51 15.08
C LEU D 949 0.92 0.59 15.99
N VAL D 950 0.86 0.83 17.29
CA VAL D 950 1.58 -0.04 18.23
C VAL D 950 0.98 -1.44 18.25
N LYS D 951 -0.35 -1.53 18.30
CA LYS D 951 -1.01 -2.83 18.36
C LYS D 951 -0.84 -3.63 17.08
N GLN D 952 -0.51 -2.97 15.96
CA GLN D 952 -0.27 -3.71 14.73
C GLN D 952 1.02 -4.52 14.78
N LEU D 953 1.84 -4.34 15.81
CA LEU D 953 3.08 -5.11 15.95
C LEU D 953 2.86 -6.50 16.53
N SER D 954 1.68 -6.77 17.09
CA SER D 954 1.38 -8.09 17.65
C SER D 954 0.70 -9.02 16.67
N SER D 955 0.58 -8.63 15.41
CA SER D 955 -0.10 -9.42 14.41
C SER D 955 0.90 -10.31 13.67
N ASN D 956 0.44 -11.52 13.34
CA ASN D 956 1.30 -12.47 12.62
C ASN D 956 1.50 -12.05 11.17
N PHE D 957 0.47 -11.50 10.54
CA PHE D 957 0.47 -11.21 9.11
C PHE D 957 0.77 -12.46 8.29
N GLY D 958 0.28 -13.60 8.77
CA GLY D 958 0.52 -14.88 8.13
C GLY D 958 1.79 -15.57 8.54
N ALA D 959 2.62 -14.96 9.36
CA ALA D 959 3.85 -15.58 9.83
C ALA D 959 3.53 -16.57 10.96
N ILE D 960 4.56 -17.28 11.42
CA ILE D 960 4.37 -18.24 12.49
C ILE D 960 4.05 -17.54 13.80
N SER D 961 4.79 -16.49 14.12
CA SER D 961 4.59 -15.75 15.36
C SER D 961 4.95 -14.29 15.14
N SER D 962 4.35 -13.43 15.97
CA SER D 962 4.61 -12.00 15.85
C SER D 962 5.97 -11.61 16.39
N VAL D 963 6.49 -12.36 17.37
CA VAL D 963 7.78 -12.03 17.96
C VAL D 963 8.89 -12.40 16.99
N LEU D 964 9.77 -11.44 16.70
CA LEU D 964 10.84 -11.68 15.73
C LEU D 964 11.91 -12.59 16.32
N ASN D 965 12.21 -12.44 17.60
CA ASN D 965 13.20 -13.31 18.24
C ASN D 965 12.71 -14.75 18.27
N ASP D 966 11.40 -14.95 18.48
CA ASP D 966 10.85 -16.30 18.51
C ASP D 966 11.04 -17.00 17.17
N ILE D 967 10.69 -16.33 16.06
CA ILE D 967 10.84 -16.95 14.75
C ILE D 967 12.31 -17.08 14.39
N LEU D 968 13.16 -16.16 14.87
CA LEU D 968 14.59 -16.29 14.61
C LEU D 968 15.18 -17.53 15.29
N SER D 969 14.81 -17.76 16.55
CA SER D 969 15.38 -18.88 17.30
C SER D 969 14.77 -20.21 16.89
N ARG D 970 13.46 -20.23 16.60
CA ARG D 970 12.78 -21.50 16.33
C ARG D 970 13.29 -22.15 15.04
N LEU D 971 13.53 -21.36 14.00
CA LEU D 971 13.84 -21.89 12.68
C LEU D 971 15.14 -21.31 12.16
N ASP D 972 15.77 -22.05 11.25
CA ASP D 972 17.00 -21.61 10.64
C ASP D 972 16.76 -20.43 9.71
N PRO D 973 17.76 -19.57 9.50
CA PRO D 973 17.59 -18.39 8.65
C PRO D 973 17.10 -18.72 7.24
N PRO D 974 17.65 -19.72 6.55
CA PRO D 974 17.24 -19.94 5.16
C PRO D 974 15.77 -20.27 4.99
N GLU D 975 15.11 -20.78 6.02
CA GLU D 975 13.68 -21.04 5.96
C GLU D 975 12.87 -19.94 6.64
N ALA D 976 13.38 -19.38 7.74
CA ALA D 976 12.69 -18.30 8.43
C ALA D 976 12.72 -16.99 7.65
N GLU D 977 13.48 -16.91 6.55
CA GLU D 977 13.54 -15.69 5.76
C GLU D 977 12.17 -15.32 5.21
N VAL D 978 11.40 -16.31 4.77
CA VAL D 978 10.08 -16.00 4.19
C VAL D 978 9.14 -15.46 5.26
N GLN D 979 9.17 -16.04 6.47
CA GLN D 979 8.34 -15.52 7.55
C GLN D 979 8.76 -14.10 7.94
N ILE D 980 10.06 -13.85 8.00
CA ILE D 980 10.54 -12.51 8.32
C ILE D 980 10.11 -11.53 7.23
N ASP D 981 10.12 -11.96 5.97
CA ASP D 981 9.66 -11.11 4.89
C ASP D 981 8.16 -10.82 5.00
N ARG D 982 7.37 -11.82 5.40
CA ARG D 982 5.95 -11.60 5.61
C ARG D 982 5.72 -10.56 6.71
N LEU D 983 6.44 -10.70 7.82
CA LEU D 983 6.31 -9.72 8.90
C LEU D 983 6.75 -8.34 8.45
N ILE D 984 7.82 -8.26 7.67
CA ILE D 984 8.32 -6.97 7.19
C ILE D 984 7.27 -6.31 6.30
N THR D 985 6.68 -7.09 5.39
CA THR D 985 5.66 -6.53 4.51
C THR D 985 4.46 -6.02 5.31
N GLY D 986 4.00 -6.81 6.28
CA GLY D 986 2.87 -6.39 7.07
C GLY D 986 3.14 -5.12 7.87
N ARG D 987 4.30 -5.06 8.53
CA ARG D 987 4.62 -3.91 9.35
C ARG D 987 4.86 -2.67 8.50
N LEU D 988 5.50 -2.83 7.34
CA LEU D 988 5.70 -1.71 6.43
C LEU D 988 4.38 -1.18 5.90
N GLN D 989 3.45 -2.09 5.57
CA GLN D 989 2.14 -1.64 5.12
C GLN D 989 1.39 -0.89 6.21
N SER D 990 1.48 -1.38 7.46
CA SER D 990 0.83 -0.68 8.56
C SER D 990 1.43 0.71 8.75
N LEU D 991 2.76 0.81 8.68
CA LEU D 991 3.42 2.11 8.82
C LEU D 991 3.01 3.05 7.71
N GLN D 992 2.93 2.56 6.47
CA GLN D 992 2.51 3.40 5.36
C GLN D 992 1.08 3.88 5.53
N THR D 993 0.19 3.01 6.02
CA THR D 993 -1.19 3.42 6.27
C THR D 993 -1.25 4.51 7.33
N TYR D 994 -0.50 4.34 8.42
CA TYR D 994 -0.47 5.36 9.46
C TYR D 994 0.05 6.68 8.92
N VAL D 995 1.11 6.64 8.11
CA VAL D 995 1.70 7.87 7.57
C VAL D 995 0.71 8.56 6.65
N THR D 996 0.02 7.81 5.79
CA THR D 996 -0.94 8.43 4.88
C THR D 996 -2.09 9.09 5.65
N GLN D 997 -2.61 8.40 6.67
CA GLN D 997 -3.65 9.01 7.50
C GLN D 997 -3.13 10.26 8.19
N GLN D 998 -1.86 10.24 8.60
CA GLN D 998 -1.28 11.42 9.24
C GLN D 998 -1.19 12.59 8.28
N LEU D 999 -0.80 12.35 7.03
CA LEU D 999 -0.77 13.43 6.05
C LEU D 999 -2.16 14.00 5.79
N ILE D 1000 -3.17 13.14 5.68
CA ILE D 1000 -4.53 13.64 5.44
C ILE D 1000 -5.01 14.48 6.62
N ARG D 1001 -4.82 13.97 7.84
CA ARG D 1001 -5.22 14.72 9.03
C ARG D 1001 -4.44 16.01 9.18
N ALA D 1002 -3.15 16.01 8.79
CA ALA D 1002 -2.35 17.21 8.87
C ALA D 1002 -2.82 18.26 7.87
N ALA D 1003 -3.25 17.84 6.69
CA ALA D 1003 -3.85 18.78 5.74
C ALA D 1003 -5.12 19.39 6.31
N GLU D 1004 -5.95 18.57 6.97
CA GLU D 1004 -7.15 19.08 7.61
C GLU D 1004 -6.81 20.10 8.69
N ILE D 1005 -5.80 19.80 9.52
CA ILE D 1005 -5.40 20.71 10.58
C ILE D 1005 -4.80 21.99 10.00
N ARG D 1006 -4.08 21.90 8.89
CA ARG D 1006 -3.55 23.09 8.25
C ARG D 1006 -4.66 23.98 7.71
N ALA D 1007 -5.71 23.37 7.15
CA ALA D 1007 -6.86 24.17 6.75
C ALA D 1007 -7.48 24.90 7.94
N SER D 1008 -7.61 24.19 9.07
CA SER D 1008 -8.14 24.82 10.26
C SER D 1008 -7.25 25.96 10.75
N ALA D 1009 -5.92 25.77 10.68
CA ALA D 1009 -4.99 26.79 11.14
C ALA D 1009 -4.98 28.00 10.23
N ASN D 1010 -5.12 27.79 8.92
CA ASN D 1010 -5.26 28.91 8.00
C ASN D 1010 -6.53 29.70 8.29
N LEU D 1011 -7.63 28.99 8.56
CA LEU D 1011 -8.86 29.67 8.97
C LEU D 1011 -8.63 30.48 10.24
N ALA D 1012 -7.94 29.91 11.22
CA ALA D 1012 -7.71 30.61 12.48
C ALA D 1012 -6.84 31.84 12.29
N ALA D 1013 -5.83 31.75 11.42
CA ALA D 1013 -5.00 32.92 11.14
C ALA D 1013 -5.80 34.02 10.46
N THR D 1014 -6.66 33.64 9.50
CA THR D 1014 -7.52 34.63 8.87
C THR D 1014 -8.46 35.27 9.87
N LYS D 1015 -9.03 34.46 10.79
CA LYS D 1015 -9.89 35.01 11.82
C LYS D 1015 -9.15 35.98 12.72
N MET D 1016 -7.92 35.62 13.11
CA MET D 1016 -7.12 36.54 13.91
C MET D 1016 -6.95 37.87 13.20
N SER D 1017 -6.50 37.83 11.94
CA SER D 1017 -6.23 39.06 11.21
C SER D 1017 -7.50 39.90 11.01
N GLU D 1018 -8.62 39.26 10.71
CA GLU D 1018 -9.80 39.99 10.28
C GLU D 1018 -10.78 40.33 11.40
N CYS D 1019 -10.71 39.63 12.54
CA CYS D 1019 -11.60 39.91 13.66
C CYS D 1019 -10.87 40.49 14.86
N VAL D 1020 -9.62 40.13 15.10
CA VAL D 1020 -8.89 40.64 16.25
C VAL D 1020 -8.12 41.89 15.89
N LEU D 1021 -7.39 41.87 14.77
CA LEU D 1021 -6.65 43.02 14.31
C LEU D 1021 -7.49 43.94 13.43
N GLY D 1022 -8.80 43.79 13.47
CA GLY D 1022 -9.68 44.65 12.70
C GLY D 1022 -11.11 44.49 13.15
N GLN D 1023 -12.02 45.00 12.32
CA GLN D 1023 -13.45 44.82 12.52
C GLN D 1023 -14.04 44.40 11.18
N SER D 1024 -14.50 43.15 11.10
CA SER D 1024 -14.92 42.57 9.83
C SER D 1024 -16.41 42.82 9.59
N LYS D 1025 -16.73 43.16 8.34
CA LYS D 1025 -18.11 43.29 7.91
C LYS D 1025 -18.65 42.02 7.27
N ARG D 1026 -17.85 40.97 7.18
CA ARG D 1026 -18.32 39.71 6.63
C ARG D 1026 -19.29 39.05 7.60
N VAL D 1027 -20.44 38.63 7.08
CA VAL D 1027 -21.53 38.19 7.92
C VAL D 1027 -21.20 36.83 8.52
N ASP D 1028 -21.42 36.69 9.83
CA ASP D 1028 -21.24 35.44 10.56
C ASP D 1028 -19.82 34.90 10.44
N PHE D 1029 -18.85 35.74 10.14
CA PHE D 1029 -17.45 35.32 10.11
C PHE D 1029 -16.78 35.46 11.46
N CYS D 1030 -17.16 36.46 12.24
CA CYS D 1030 -16.63 36.73 13.57
C CYS D 1030 -17.76 36.79 14.58
N GLY D 1031 -18.63 35.79 14.54
CA GLY D 1031 -19.73 35.69 15.46
C GLY D 1031 -21.06 36.04 14.80
N LYS D 1032 -22.14 35.61 15.42
CA LYS D 1032 -23.49 35.85 14.93
C LYS D 1032 -23.97 37.20 15.44
N GLY D 1033 -24.18 38.14 14.52
CA GLY D 1033 -24.57 39.49 14.83
C GLY D 1033 -23.74 40.46 14.02
N TYR D 1034 -23.63 41.69 14.52
CA TYR D 1034 -22.80 42.72 13.90
C TYR D 1034 -21.51 42.80 14.70
N HIS D 1035 -20.40 42.46 14.05
CA HIS D 1035 -19.13 42.34 14.75
C HIS D 1035 -18.65 43.69 15.26
N LEU D 1036 -18.32 43.74 16.55
CA LEU D 1036 -17.65 44.89 17.15
C LEU D 1036 -16.16 44.63 17.32
N MET D 1037 -15.81 43.59 18.07
CA MET D 1037 -14.42 43.20 18.26
C MET D 1037 -14.39 41.75 18.75
N SER D 1038 -13.19 41.19 18.77
CA SER D 1038 -13.01 39.84 19.29
C SER D 1038 -11.64 39.74 19.95
N PHE D 1039 -11.53 38.84 20.92
CA PHE D 1039 -10.34 38.70 21.75
C PHE D 1039 -9.80 37.29 21.61
N PRO D 1040 -8.51 37.12 21.29
CA PRO D 1040 -7.92 35.78 21.23
C PRO D 1040 -7.60 35.24 22.61
N GLN D 1041 -7.74 33.93 22.74
CA GLN D 1041 -7.34 33.22 23.95
C GLN D 1041 -6.66 31.91 23.54
N SER D 1042 -5.52 31.63 24.15
CA SER D 1042 -4.79 30.42 23.81
C SER D 1042 -5.45 29.20 24.46
N ALA D 1043 -5.41 28.08 23.76
CA ALA D 1043 -5.93 26.81 24.21
C ALA D 1043 -4.92 25.73 23.86
N PRO D 1044 -4.97 24.58 24.51
CA PRO D 1044 -4.06 23.49 24.15
C PRO D 1044 -4.21 23.04 22.71
N HIS D 1045 -3.17 23.26 21.90
CA HIS D 1045 -3.18 22.92 20.47
C HIS D 1045 -4.33 23.59 19.74
N GLY D 1046 -4.64 24.83 20.11
CA GLY D 1046 -5.77 25.50 19.51
C GLY D 1046 -5.85 26.94 19.95
N VAL D 1047 -6.92 27.59 19.53
CA VAL D 1047 -7.17 28.99 19.82
C VAL D 1047 -8.66 29.18 20.08
N VAL D 1048 -8.97 30.11 20.98
CA VAL D 1048 -10.35 30.43 21.33
C VAL D 1048 -10.59 31.90 21.04
N PHE D 1049 -11.66 32.19 20.31
CA PHE D 1049 -12.05 33.55 19.97
C PHE D 1049 -13.32 33.92 20.70
N LEU D 1050 -13.30 35.06 21.38
CA LEU D 1050 -14.48 35.59 22.06
C LEU D 1050 -15.00 36.74 21.22
N HIS D 1051 -16.01 36.46 20.40
CA HIS D 1051 -16.52 37.41 19.42
C HIS D 1051 -17.56 38.30 20.07
N VAL D 1052 -17.22 39.57 20.24
CA VAL D 1052 -18.14 40.57 20.78
C VAL D 1052 -18.94 41.15 19.62
N THR D 1053 -20.26 41.01 19.67
CA THR D 1053 -21.12 41.41 18.57
C THR D 1053 -22.26 42.26 19.08
N TYR D 1054 -22.84 43.05 18.18
CA TYR D 1054 -23.98 43.91 18.47
C TYR D 1054 -25.24 43.23 17.95
N VAL D 1055 -26.21 43.04 18.84
CA VAL D 1055 -27.45 42.34 18.51
C VAL D 1055 -28.61 43.27 18.85
N PRO D 1056 -29.42 43.69 17.88
CA PRO D 1056 -30.64 44.45 18.20
C PRO D 1056 -31.59 43.61 19.05
N ALA D 1057 -32.29 44.27 19.97
CA ALA D 1057 -33.04 43.56 21.00
C ALA D 1057 -34.55 43.77 20.89
N GLN D 1058 -35.02 45.02 20.93
CA GLN D 1058 -36.45 45.31 21.08
C GLN D 1058 -36.91 46.10 19.87
N GLU D 1059 -37.72 45.47 19.02
CA GLU D 1059 -38.18 46.08 17.79
C GLU D 1059 -39.61 46.57 17.94
N LYS D 1060 -39.92 47.66 17.24
CA LYS D 1060 -41.26 48.21 17.20
C LYS D 1060 -41.61 48.53 15.76
N ASN D 1061 -42.80 48.16 15.33
CA ASN D 1061 -43.20 48.38 13.94
C ASN D 1061 -43.64 49.82 13.73
N PHE D 1062 -43.33 50.34 12.55
CA PHE D 1062 -43.68 51.71 12.17
C PHE D 1062 -44.29 51.70 10.77
N THR D 1063 -44.62 52.89 10.29
CA THR D 1063 -45.09 53.10 8.93
C THR D 1063 -44.04 53.91 8.19
N THR D 1064 -43.60 53.40 7.04
CA THR D 1064 -42.49 53.99 6.32
C THR D 1064 -42.92 54.41 4.92
N ALA D 1065 -42.22 55.41 4.39
CA ALA D 1065 -42.43 55.91 3.04
C ALA D 1065 -41.10 56.04 2.33
N PRO D 1066 -41.04 55.67 1.05
CA PRO D 1066 -39.77 55.81 0.31
C PRO D 1066 -39.28 57.24 0.23
N ALA D 1067 -40.19 58.20 0.13
CA ALA D 1067 -39.82 59.61 0.02
C ALA D 1067 -41.01 60.46 0.44
N ILE D 1068 -40.72 61.70 0.79
CA ILE D 1068 -41.74 62.70 1.06
C ILE D 1068 -41.44 63.92 0.18
N CYS D 1069 -42.48 64.57 -0.31
CA CYS D 1069 -42.30 65.76 -1.14
C CYS D 1069 -43.08 66.92 -0.54
N HIS D 1070 -42.39 68.05 -0.38
CA HIS D 1070 -42.91 69.21 0.34
C HIS D 1070 -43.44 70.28 -0.60
N ASP D 1071 -42.61 70.74 -1.53
CA ASP D 1071 -43.02 71.80 -2.45
C ASP D 1071 -42.93 71.30 -3.89
N GLY D 1072 -43.43 70.10 -4.14
CA GLY D 1072 -43.31 69.51 -5.45
C GLY D 1072 -41.95 68.90 -5.74
N LYS D 1073 -41.14 68.69 -4.71
CA LYS D 1073 -39.81 68.12 -4.85
C LYS D 1073 -39.69 66.93 -3.91
N ALA D 1074 -39.34 65.77 -4.45
CA ALA D 1074 -39.21 64.57 -3.63
C ALA D 1074 -37.97 64.65 -2.76
N HIS D 1075 -38.11 64.28 -1.48
CA HIS D 1075 -37.01 64.27 -0.52
C HIS D 1075 -36.75 62.84 -0.09
N PHE D 1076 -35.48 62.43 -0.10
CA PHE D 1076 -35.10 61.11 0.34
C PHE D 1076 -34.23 61.20 1.59
N PRO D 1077 -34.27 60.20 2.47
CA PRO D 1077 -33.43 60.25 3.67
C PRO D 1077 -31.96 60.16 3.30
N ARG D 1078 -31.17 61.05 3.91
CA ARG D 1078 -29.76 61.14 3.55
C ARG D 1078 -28.97 59.93 4.06
N GLU D 1079 -29.20 59.52 5.31
CA GLU D 1079 -28.49 58.37 5.84
C GLU D 1079 -29.37 57.49 6.72
N GLY D 1080 -30.68 57.60 6.62
CA GLY D 1080 -31.58 56.84 7.47
C GLY D 1080 -32.83 56.40 6.74
N VAL D 1081 -33.93 56.30 7.48
CA VAL D 1081 -35.21 55.84 6.95
C VAL D 1081 -36.32 56.72 7.49
N PHE D 1082 -37.34 56.94 6.67
CA PHE D 1082 -38.51 57.69 7.10
C PHE D 1082 -39.48 56.76 7.84
N VAL D 1083 -39.90 57.17 9.04
CA VAL D 1083 -40.82 56.39 9.85
C VAL D 1083 -41.89 57.32 10.41
N SER D 1084 -43.01 56.71 10.79
CA SER D 1084 -44.14 57.44 11.35
C SER D 1084 -44.69 56.69 12.54
N ASN D 1085 -44.86 57.38 13.66
CA ASN D 1085 -45.43 56.80 14.87
C ASN D 1085 -46.95 56.84 14.88
N GLY D 1086 -47.58 57.39 13.85
CA GLY D 1086 -49.02 57.41 13.74
C GLY D 1086 -49.58 58.74 13.30
N THR D 1087 -48.95 59.84 13.72
CA THR D 1087 -49.37 61.17 13.32
C THR D 1087 -48.27 61.97 12.64
N HIS D 1088 -47.04 61.90 13.14
CA HIS D 1088 -45.93 62.67 12.60
C HIS D 1088 -44.97 61.76 11.86
N TRP D 1089 -44.10 62.38 11.07
CA TRP D 1089 -43.08 61.67 10.29
C TRP D 1089 -41.71 62.12 10.75
N PHE D 1090 -40.85 61.16 11.09
CA PHE D 1090 -39.50 61.41 11.51
C PHE D 1090 -38.53 60.70 10.59
N VAL D 1091 -37.25 61.06 10.69
CA VAL D 1091 -36.16 60.36 10.03
C VAL D 1091 -35.25 59.82 11.12
N THR D 1092 -34.93 58.53 11.05
CA THR D 1092 -34.14 57.86 12.06
C THR D 1092 -33.08 57.01 11.38
N GLN D 1093 -32.03 56.70 12.13
CA GLN D 1093 -31.03 55.77 11.64
C GLN D 1093 -31.61 54.37 11.55
N ARG D 1094 -31.10 53.58 10.62
CA ARG D 1094 -31.76 52.33 10.26
C ARG D 1094 -31.63 51.27 11.35
N ASN D 1095 -30.56 51.30 12.14
CA ASN D 1095 -30.25 50.24 13.09
C ASN D 1095 -30.60 50.60 14.53
N PHE D 1096 -31.25 51.74 14.76
CA PHE D 1096 -31.59 52.17 16.10
C PHE D 1096 -32.68 53.22 16.00
N TYR D 1097 -33.70 53.12 16.85
CA TYR D 1097 -34.81 54.05 16.81
C TYR D 1097 -34.39 55.33 17.53
N GLU D 1098 -33.92 56.31 16.78
CA GLU D 1098 -33.55 57.62 17.30
C GLU D 1098 -34.17 58.68 16.39
N PRO D 1099 -35.45 58.94 16.55
CA PRO D 1099 -36.16 59.80 15.59
C PRO D 1099 -35.68 61.24 15.63
N GLN D 1100 -35.71 61.88 14.46
CA GLN D 1100 -35.37 63.29 14.33
C GLN D 1100 -36.37 63.96 13.41
N ILE D 1101 -36.50 65.28 13.56
CA ILE D 1101 -37.37 66.05 12.68
C ILE D 1101 -36.81 66.06 11.28
N ILE D 1102 -37.67 65.84 10.29
CA ILE D 1102 -37.25 65.86 8.90
C ILE D 1102 -36.93 67.30 8.50
N THR D 1103 -35.67 67.56 8.15
CA THR D 1103 -35.26 68.89 7.71
C THR D 1103 -34.57 68.79 6.36
N THR D 1104 -33.97 69.89 5.91
CA THR D 1104 -33.18 69.88 4.69
C THR D 1104 -31.73 69.48 4.92
N ASP D 1105 -31.36 69.19 6.17
CA ASP D 1105 -30.01 68.75 6.49
C ASP D 1105 -29.85 67.24 6.58
N ASN D 1106 -30.95 66.51 6.77
CA ASN D 1106 -30.92 65.05 6.76
C ASN D 1106 -31.66 64.46 5.57
N THR D 1107 -32.08 65.29 4.61
CA THR D 1107 -32.70 64.82 3.38
C THR D 1107 -32.08 65.56 2.20
N PHE D 1108 -32.18 64.96 1.03
CA PHE D 1108 -31.75 65.58 -0.21
C PHE D 1108 -32.88 65.52 -1.24
N VAL D 1109 -32.86 66.46 -2.17
CA VAL D 1109 -33.93 66.62 -3.15
C VAL D 1109 -33.52 65.97 -4.45
N SER D 1110 -34.44 65.20 -5.03
CA SER D 1110 -34.19 64.56 -6.33
C SER D 1110 -35.53 64.33 -7.01
N GLY D 1111 -35.79 65.07 -8.09
CA GLY D 1111 -37.01 64.87 -8.85
C GLY D 1111 -38.20 65.59 -8.24
N ASN D 1112 -39.39 65.14 -8.65
CA ASN D 1112 -40.66 65.71 -8.21
C ASN D 1112 -41.54 64.61 -7.65
N CYS D 1113 -42.76 64.98 -7.26
CA CYS D 1113 -43.66 64.08 -6.57
C CYS D 1113 -44.17 62.94 -7.46
N ASP D 1114 -44.01 63.04 -8.78
CA ASP D 1114 -44.76 62.19 -9.69
C ASP D 1114 -44.06 60.90 -10.07
N VAL D 1115 -42.82 60.69 -9.65
CA VAL D 1115 -42.05 59.52 -10.08
C VAL D 1115 -42.04 58.44 -9.02
N VAL D 1116 -41.80 58.81 -7.76
CA VAL D 1116 -41.65 57.82 -6.70
C VAL D 1116 -42.99 57.19 -6.39
N ILE D 1117 -43.02 55.86 -6.33
CA ILE D 1117 -44.21 55.11 -5.98
C ILE D 1117 -44.28 55.00 -4.46
N GLY D 1118 -45.36 55.51 -3.87
CA GLY D 1118 -45.52 55.50 -2.43
C GLY D 1118 -45.09 56.76 -1.73
N ILE D 1119 -44.85 57.85 -2.47
CA ILE D 1119 -44.46 59.11 -1.85
C ILE D 1119 -45.62 59.67 -1.02
N VAL D 1120 -45.28 60.37 0.06
CA VAL D 1120 -46.27 60.92 0.97
C VAL D 1120 -46.04 62.40 1.15
N ASN D 1121 -47.02 63.06 1.77
CA ASN D 1121 -46.99 64.50 2.01
C ASN D 1121 -46.47 64.79 3.41
N ASN D 1122 -45.54 65.73 3.51
CA ASN D 1122 -45.07 66.18 4.80
C ASN D 1122 -44.38 67.53 4.64
N THR D 1123 -44.21 68.23 5.75
CA THR D 1123 -43.45 69.46 5.80
C THR D 1123 -41.99 69.15 6.10
N VAL D 1124 -41.09 69.79 5.36
CA VAL D 1124 -39.65 69.63 5.55
C VAL D 1124 -39.12 70.91 6.17
N TYR D 1125 -38.61 70.81 7.40
CA TYR D 1125 -38.17 71.97 8.14
C TYR D 1125 -36.93 72.59 7.51
N ASP D 1126 -36.87 73.91 7.53
CA ASP D 1126 -35.71 74.64 7.01
C ASP D 1126 -35.11 75.48 8.13
N PRO D 1127 -33.97 75.09 8.69
CA PRO D 1127 -33.42 75.84 9.85
C PRO D 1127 -33.05 77.27 9.53
N LEU D 1128 -32.83 77.61 8.26
CA LEU D 1128 -32.43 78.97 7.90
C LEU D 1128 -33.58 79.95 7.99
N GLN D 1129 -34.82 79.48 7.82
CA GLN D 1129 -35.98 80.37 7.86
C GLN D 1129 -36.15 81.06 9.20
N PRO D 1130 -36.10 80.36 10.35
CA PRO D 1130 -36.16 81.10 11.62
C PRO D 1130 -35.02 82.08 11.82
N GLU D 1131 -33.83 81.76 11.31
CA GLU D 1131 -32.72 82.70 11.40
C GLU D 1131 -33.00 83.97 10.59
N LEU D 1132 -33.56 83.83 9.39
CA LEU D 1132 -33.91 85.01 8.62
C LEU D 1132 -35.04 85.79 9.28
N ASP D 1133 -36.04 85.10 9.82
CA ASP D 1133 -37.16 85.78 10.47
C ASP D 1133 -36.69 86.57 11.69
N SER D 1134 -35.80 85.99 12.47
CA SER D 1134 -35.28 86.66 13.66
C SER D 1134 -34.11 87.57 13.30
N GLN E 1 70.33 -19.17 -2.62
CA GLN E 1 69.78 -19.76 -1.41
C GLN E 1 69.31 -18.69 -0.44
N CYS E 2 68.46 -19.09 0.51
CA CYS E 2 67.96 -18.16 1.51
C CYS E 2 69.05 -17.81 2.51
N VAL E 3 69.05 -16.56 2.96
CA VAL E 3 70.02 -16.08 3.94
C VAL E 3 69.35 -15.04 4.82
N ASN E 4 69.71 -15.04 6.10
CA ASN E 4 69.18 -14.08 7.05
C ASN E 4 70.07 -12.84 7.09
N LEU E 5 69.47 -11.72 7.48
CA LEU E 5 70.13 -10.42 7.47
C LEU E 5 70.52 -10.02 8.89
N THR E 6 71.79 -9.65 9.06
CA THR E 6 72.31 -9.19 10.33
C THR E 6 72.42 -7.66 10.31
N THR E 7 73.00 -7.10 11.37
CA THR E 7 73.18 -5.65 11.51
C THR E 7 71.85 -4.90 11.37
N ARG E 8 70.81 -5.47 11.97
CA ARG E 8 69.48 -4.87 11.94
C ARG E 8 69.25 -4.10 13.22
N THR E 9 68.83 -2.84 13.09
CA THR E 9 68.61 -1.95 14.23
C THR E 9 67.12 -1.92 14.57
N GLN E 10 66.81 -2.10 15.85
CA GLN E 10 65.44 -2.06 16.32
C GLN E 10 65.00 -0.64 16.62
N LEU E 11 63.81 -0.28 16.15
CA LEU E 11 63.25 1.04 16.35
C LEU E 11 61.74 0.92 16.52
N PRO E 12 61.12 1.84 17.26
CA PRO E 12 59.65 1.80 17.36
C PRO E 12 59.01 2.11 16.03
N PRO E 13 57.85 1.53 15.74
CA PRO E 13 57.17 1.81 14.46
C PRO E 13 56.55 3.20 14.46
N ALA E 14 56.96 4.02 13.49
CA ALA E 14 56.43 5.37 13.39
C ALA E 14 54.99 5.34 12.88
N TYR E 15 54.29 6.45 13.11
CA TYR E 15 52.91 6.61 12.70
C TYR E 15 52.72 7.94 12.00
N THR E 16 51.81 7.96 11.03
CA THR E 16 51.53 9.17 10.26
C THR E 16 50.04 9.22 9.93
N ASN E 17 49.50 10.43 9.90
CA ASN E 17 48.09 10.63 9.57
C ASN E 17 47.87 10.49 8.07
N SER E 18 46.72 9.92 7.72
CA SER E 18 46.33 9.74 6.31
C SER E 18 45.37 10.85 5.95
N PHE E 19 45.90 11.92 5.34
CA PHE E 19 45.12 13.11 5.04
C PHE E 19 44.24 12.84 3.82
N THR E 20 43.17 12.08 4.06
CA THR E 20 42.13 11.77 3.07
C THR E 20 42.67 11.01 1.87
N ARG E 21 43.94 10.63 1.89
CA ARG E 21 44.53 9.87 0.80
C ARG E 21 44.13 8.40 0.91
N GLY E 22 43.92 7.77 -0.24
CA GLY E 22 43.67 6.34 -0.28
C GLY E 22 42.27 5.95 -0.70
N VAL E 23 41.63 6.76 -1.53
CA VAL E 23 40.31 6.46 -2.06
C VAL E 23 40.47 6.03 -3.52
N TYR E 24 39.62 5.10 -3.95
CA TYR E 24 39.74 4.53 -5.29
C TYR E 24 38.41 4.54 -6.01
N TYR E 25 38.36 3.90 -7.18
CA TYR E 25 37.13 3.82 -7.96
C TYR E 25 36.41 2.53 -7.60
N PRO E 26 35.24 2.59 -6.96
CA PRO E 26 34.57 1.35 -6.54
C PRO E 26 34.14 0.46 -7.69
N ASP E 27 33.91 1.00 -8.87
CA ASP E 27 33.47 0.21 -10.02
C ASP E 27 33.86 0.95 -11.29
N LYS E 28 33.57 0.31 -12.43
CA LYS E 28 33.93 0.82 -13.74
C LYS E 28 32.80 1.62 -14.39
N VAL E 29 31.98 2.29 -13.59
CA VAL E 29 30.84 3.06 -14.07
C VAL E 29 31.24 4.51 -14.20
N PHE E 30 30.94 5.12 -15.35
CA PHE E 30 31.24 6.51 -15.60
C PHE E 30 30.11 7.38 -15.04
N ARG E 31 30.48 8.39 -14.25
CA ARG E 31 29.53 9.35 -13.72
C ARG E 31 30.14 10.74 -13.85
N SER E 32 29.32 11.70 -14.26
CA SER E 32 29.79 13.05 -14.55
C SER E 32 28.96 14.07 -13.80
N SER E 33 29.65 14.95 -13.05
CA SER E 33 29.03 16.08 -12.37
C SER E 33 27.91 15.64 -11.42
N VAL E 34 28.09 14.47 -10.80
CA VAL E 34 27.13 13.94 -9.85
C VAL E 34 27.88 13.41 -8.64
N LEU E 35 27.15 13.26 -7.54
CA LEU E 35 27.68 12.68 -6.32
C LEU E 35 27.08 11.29 -6.14
N HIS E 36 27.90 10.33 -5.73
CA HIS E 36 27.45 8.96 -5.52
C HIS E 36 27.89 8.48 -4.14
N SER E 37 27.05 7.66 -3.52
CA SER E 37 27.31 7.10 -2.20
C SER E 37 27.62 5.62 -2.35
N THR E 38 28.79 5.21 -1.85
CA THR E 38 29.26 3.84 -1.96
C THR E 38 29.53 3.27 -0.58
N GLN E 39 29.08 2.03 -0.36
CA GLN E 39 29.35 1.29 0.87
C GLN E 39 30.27 0.14 0.50
N ASP E 40 31.58 0.42 0.52
CA ASP E 40 32.58 -0.56 0.12
C ASP E 40 33.78 -0.43 1.06
N LEU E 41 34.77 -1.30 0.87
CA LEU E 41 35.97 -1.29 1.70
C LEU E 41 36.81 -0.07 1.34
N PHE E 42 36.86 0.90 2.25
CA PHE E 42 37.60 2.13 2.03
C PHE E 42 38.53 2.40 3.20
N LEU E 43 39.56 3.19 2.95
CA LEU E 43 40.44 3.64 4.02
C LEU E 43 39.82 4.83 4.72
N PRO E 44 39.58 4.77 6.03
CA PRO E 44 38.96 5.90 6.72
C PRO E 44 39.80 7.16 6.65
N PHE E 45 39.13 8.29 6.53
CA PHE E 45 39.82 9.57 6.49
C PHE E 45 40.47 9.88 7.83
N PHE E 46 41.62 10.55 7.77
CA PHE E 46 42.34 11.01 8.96
C PHE E 46 42.65 9.85 9.91
N SER E 47 42.98 8.70 9.34
CA SER E 47 43.35 7.53 10.12
C SER E 47 44.88 7.49 10.30
N ASN E 48 45.31 6.64 11.22
CA ASN E 48 46.73 6.45 11.49
C ASN E 48 47.23 5.24 10.70
N VAL E 49 48.14 5.48 9.76
CA VAL E 49 48.73 4.43 8.94
C VAL E 49 50.12 4.14 9.49
N THR E 50 50.43 2.85 9.65
CA THR E 50 51.70 2.46 10.23
C THR E 50 52.84 2.79 9.27
N TRP E 51 53.88 3.45 9.79
CA TRP E 51 55.00 3.91 8.97
C TRP E 51 56.17 2.95 9.14
N PHE E 52 56.63 2.38 8.03
CA PHE E 52 57.84 1.58 7.98
C PHE E 52 58.90 2.34 7.19
N HIS E 53 60.06 2.54 7.80
CA HIS E 53 61.11 3.36 7.21
C HIS E 53 62.41 2.56 7.16
N ALA E 54 63.05 2.55 6.01
CA ALA E 54 64.34 1.89 5.81
C ALA E 54 65.39 2.93 5.48
N ILE E 55 66.47 2.96 6.27
CA ILE E 55 67.51 3.98 6.12
C ILE E 55 68.83 3.38 6.57
N HIS E 56 69.92 3.87 5.98
CA HIS E 56 71.26 3.42 6.33
C HIS E 56 71.65 3.91 7.71
N THR E 63 72.75 3.86 10.74
CA THR E 63 71.71 3.24 11.55
C THR E 63 71.45 1.81 11.11
N LYS E 64 71.50 1.58 9.80
CA LYS E 64 71.29 0.27 9.20
C LYS E 64 69.92 -0.29 9.58
N ARG E 65 68.87 0.41 9.14
CA ARG E 65 67.49 0.02 9.40
C ARG E 65 66.92 -0.65 8.15
N PHE E 66 66.55 -1.92 8.29
CA PHE E 66 65.96 -2.70 7.21
C PHE E 66 64.72 -3.39 7.76
N ASP E 67 63.55 -2.92 7.35
CA ASP E 67 62.28 -3.39 7.88
C ASP E 67 61.44 -4.01 6.77
N ASN E 68 60.96 -5.23 7.01
CA ASN E 68 60.02 -5.90 6.12
C ASN E 68 59.19 -6.95 6.86
N PRO E 69 58.46 -6.56 7.90
CA PRO E 69 57.73 -7.55 8.69
C PRO E 69 56.53 -8.11 7.93
N VAL E 70 56.03 -9.24 8.41
CA VAL E 70 54.88 -9.92 7.83
C VAL E 70 53.64 -9.45 8.58
N LEU E 71 52.79 -8.65 7.90
CA LEU E 71 51.60 -8.06 8.48
C LEU E 71 50.36 -8.89 8.15
N PRO E 72 49.35 -8.86 9.02
CA PRO E 72 48.10 -9.56 8.73
C PRO E 72 47.33 -8.88 7.59
N PHE E 73 46.50 -9.69 6.93
CA PHE E 73 45.67 -9.24 5.81
C PHE E 73 44.22 -9.49 6.20
N ASN E 74 43.61 -8.54 6.90
CA ASN E 74 42.25 -8.74 7.40
C ASN E 74 41.23 -8.62 6.29
N ASP E 75 41.12 -7.45 5.67
CA ASP E 75 40.19 -7.22 4.57
C ASP E 75 40.79 -6.46 3.40
N GLY E 76 41.85 -5.69 3.61
CA GLY E 76 42.44 -4.91 2.53
C GLY E 76 43.56 -4.06 3.09
N VAL E 77 44.40 -3.57 2.18
CA VAL E 77 45.60 -2.84 2.56
C VAL E 77 45.77 -1.65 1.62
N TYR E 78 46.04 -0.49 2.18
CA TYR E 78 46.47 0.68 1.42
C TYR E 78 47.97 0.81 1.54
N PHE E 79 48.68 0.72 0.43
CA PHE E 79 50.13 0.74 0.40
C PHE E 79 50.60 1.98 -0.33
N ALA E 80 51.46 2.76 0.32
CA ALA E 80 52.06 3.94 -0.27
C ALA E 80 53.57 3.78 -0.34
N SER E 81 54.22 4.68 -1.06
CA SER E 81 55.68 4.63 -1.18
C SER E 81 56.18 6.01 -1.61
N THR E 82 56.88 6.69 -0.70
CA THR E 82 57.56 7.95 -1.03
C THR E 82 59.00 7.65 -1.44
N GLU E 83 59.12 6.98 -2.57
CA GLU E 83 60.39 6.45 -3.05
C GLU E 83 60.93 7.27 -4.21
N LYS E 84 62.25 7.44 -4.23
CA LYS E 84 62.94 8.13 -5.32
C LYS E 84 64.02 7.29 -5.97
N SER E 85 64.20 6.03 -5.54
CA SER E 85 65.24 5.17 -6.09
C SER E 85 64.73 3.80 -6.49
N ASN E 86 63.41 3.59 -6.48
CA ASN E 86 62.79 2.33 -6.92
C ASN E 86 63.31 1.13 -6.11
N ILE E 87 63.54 1.36 -4.81
CA ILE E 87 64.00 0.27 -3.95
C ILE E 87 62.89 -0.75 -3.73
N ILE E 88 61.65 -0.27 -3.55
CA ILE E 88 60.52 -1.17 -3.36
C ILE E 88 60.26 -1.93 -4.66
N ARG E 89 60.13 -3.25 -4.56
CA ARG E 89 59.98 -4.11 -5.72
C ARG E 89 58.61 -4.76 -5.81
N GLY E 90 58.19 -5.49 -4.78
CA GLY E 90 56.94 -6.20 -4.88
C GLY E 90 56.50 -6.74 -3.53
N TRP E 91 55.47 -7.58 -3.57
CA TRP E 91 54.84 -8.12 -2.39
C TRP E 91 54.61 -9.60 -2.57
N ILE E 92 54.56 -10.32 -1.44
CA ILE E 92 54.26 -11.76 -1.44
C ILE E 92 53.15 -12.00 -0.43
N PHE E 93 52.12 -12.72 -0.85
CA PHE E 93 50.94 -12.97 -0.03
C PHE E 93 50.86 -14.47 0.29
N GLY E 94 49.78 -14.84 0.96
CA GLY E 94 49.53 -16.23 1.28
C GLY E 94 48.81 -16.34 2.61
N THR E 95 48.70 -17.58 3.08
CA THR E 95 48.07 -17.88 4.36
C THR E 95 49.06 -18.39 5.40
N THR E 96 49.87 -19.39 5.05
CA THR E 96 50.87 -19.93 5.96
C THR E 96 52.30 -19.66 5.53
N LEU E 97 52.53 -19.40 4.24
CA LEU E 97 53.86 -19.09 3.71
C LEU E 97 54.87 -20.19 4.03
N ASP E 98 54.43 -21.45 3.90
CA ASP E 98 55.30 -22.59 4.16
C ASP E 98 55.23 -23.64 3.05
N SER E 99 54.80 -23.24 1.86
CA SER E 99 54.67 -24.10 0.69
C SER E 99 53.67 -25.24 0.88
N LYS E 100 52.92 -25.24 1.99
CA LYS E 100 51.89 -26.25 2.21
C LYS E 100 50.52 -25.77 1.77
N THR E 101 50.32 -24.47 1.63
CA THR E 101 49.08 -23.90 1.14
C THR E 101 49.37 -22.97 -0.03
N GLN E 102 48.35 -22.69 -0.82
CA GLN E 102 48.52 -21.86 -2.00
C GLN E 102 48.94 -20.45 -1.59
N SER E 103 49.97 -19.93 -2.27
CA SER E 103 50.54 -18.64 -1.93
C SER E 103 50.72 -17.81 -3.19
N LEU E 104 50.53 -16.50 -3.05
CA LEU E 104 50.63 -15.56 -4.15
C LEU E 104 51.96 -14.82 -4.09
N LEU E 105 52.46 -14.42 -5.26
CA LEU E 105 53.78 -13.80 -5.36
C LEU E 105 53.75 -12.77 -6.48
N ILE E 106 54.20 -11.55 -6.17
CA ILE E 106 54.29 -10.45 -7.14
C ILE E 106 55.64 -9.78 -6.95
N VAL E 107 56.53 -9.95 -7.92
CA VAL E 107 57.86 -9.35 -7.88
C VAL E 107 58.10 -8.58 -9.17
N ASN E 108 58.56 -7.34 -9.04
CA ASN E 108 58.89 -6.49 -10.17
C ASN E 108 60.41 -6.32 -10.17
N ASN E 109 61.09 -7.21 -10.89
CA ASN E 109 62.54 -7.11 -10.97
C ASN E 109 62.95 -6.05 -11.98
N ALA E 110 64.25 -6.01 -12.30
CA ALA E 110 64.79 -4.91 -13.10
C ALA E 110 64.29 -4.90 -14.54
N THR E 111 63.64 -5.97 -15.00
CA THR E 111 63.24 -6.04 -16.40
C THR E 111 61.74 -6.19 -16.61
N ASN E 112 61.07 -7.04 -15.84
CA ASN E 112 59.67 -7.37 -16.11
C ASN E 112 58.87 -7.38 -14.82
N VAL E 113 57.57 -7.18 -14.98
CA VAL E 113 56.62 -7.34 -13.87
C VAL E 113 56.17 -8.79 -13.86
N VAL E 114 56.37 -9.47 -12.74
CA VAL E 114 56.12 -10.91 -12.62
C VAL E 114 55.01 -11.13 -11.61
N ILE E 115 53.99 -11.88 -12.00
CA ILE E 115 52.90 -12.27 -11.12
C ILE E 115 52.77 -13.79 -11.18
N LYS E 116 52.91 -14.44 -10.04
CA LYS E 116 52.83 -15.90 -9.97
C LYS E 116 52.07 -16.31 -8.71
N VAL E 117 51.35 -17.41 -8.82
CA VAL E 117 50.73 -18.06 -7.68
C VAL E 117 51.10 -19.54 -7.71
N CYS E 118 51.83 -19.99 -6.69
CA CYS E 118 52.35 -21.35 -6.65
C CYS E 118 52.46 -21.79 -5.19
N GLU E 119 53.00 -22.99 -4.98
CA GLU E 119 53.32 -23.48 -3.64
C GLU E 119 54.72 -23.00 -3.23
N PHE E 120 54.87 -21.69 -3.21
CA PHE E 120 56.17 -21.08 -2.95
C PHE E 120 56.61 -21.35 -1.52
N GLN E 121 57.91 -21.66 -1.37
CA GLN E 121 58.52 -21.85 -0.06
C GLN E 121 59.36 -20.61 0.23
N PHE E 122 58.72 -19.61 0.83
CA PHE E 122 59.40 -18.36 1.13
C PHE E 122 60.47 -18.56 2.19
N CYS E 123 61.52 -17.76 2.09
CA CYS E 123 62.60 -17.80 3.06
C CYS E 123 62.17 -17.14 4.38
N ASN E 124 63.05 -17.23 5.38
CA ASN E 124 62.78 -16.56 6.64
C ASN E 124 62.70 -15.04 6.46
N ASP E 125 63.62 -14.49 5.68
CA ASP E 125 63.66 -13.06 5.36
C ASP E 125 63.82 -12.90 3.86
N PRO E 126 62.74 -13.08 3.09
CA PRO E 126 62.84 -12.88 1.63
C PRO E 126 63.16 -11.44 1.29
N PHE E 127 63.90 -11.26 0.20
CA PHE E 127 64.31 -9.94 -0.25
C PHE E 127 64.81 -10.06 -1.69
N LEU E 128 65.22 -8.93 -2.25
CA LEU E 128 65.86 -8.88 -3.56
C LEU E 128 67.22 -8.21 -3.41
N GLY E 129 68.24 -8.83 -3.97
CA GLY E 129 69.61 -8.34 -3.86
C GLY E 129 70.10 -7.80 -5.20
N VAL E 130 70.59 -6.56 -5.17
CA VAL E 130 71.20 -5.91 -6.32
C VAL E 130 72.61 -5.47 -5.94
N TYR E 131 73.56 -5.75 -6.83
CA TYR E 131 74.97 -5.51 -6.55
C TYR E 131 75.47 -4.27 -7.28
N TYR E 132 76.46 -3.61 -6.69
CA TYR E 132 77.07 -2.41 -7.27
C TYR E 132 78.44 -2.77 -7.82
N HIS E 133 78.66 -2.46 -9.10
CA HIS E 133 79.92 -2.74 -9.77
C HIS E 133 80.75 -1.46 -9.79
N LYS E 134 81.70 -1.35 -8.87
CA LYS E 134 82.57 -0.18 -8.80
C LYS E 134 83.59 -0.13 -9.92
N ASN E 135 83.80 -1.23 -10.64
CA ASN E 135 84.76 -1.24 -11.73
C ASN E 135 84.32 -0.35 -12.88
N ASN E 136 83.01 -0.18 -13.08
CA ASN E 136 82.52 0.66 -14.16
C ASN E 136 81.34 1.54 -13.72
N LYS E 137 81.14 1.71 -12.41
CA LYS E 137 80.07 2.55 -11.87
C LYS E 137 78.71 2.15 -12.43
N SER E 138 78.45 0.84 -12.44
CA SER E 138 77.22 0.28 -12.99
C SER E 138 76.47 -0.51 -11.94
N TRP E 139 75.15 -0.52 -12.06
CA TRP E 139 74.27 -1.21 -11.13
C TRP E 139 73.54 -2.33 -11.89
N MET E 140 73.73 -3.56 -11.44
CA MET E 140 73.04 -4.71 -12.01
C MET E 140 72.49 -5.59 -10.90
N GLU E 141 71.29 -6.12 -11.12
CA GLU E 141 70.73 -7.10 -10.19
C GLU E 141 71.51 -8.40 -10.27
N SER E 142 71.80 -8.98 -9.11
CA SER E 142 72.64 -10.17 -9.07
C SER E 142 72.05 -11.27 -8.21
N GLU E 143 71.21 -10.92 -7.24
CA GLU E 143 70.70 -11.86 -6.26
C GLU E 143 69.18 -11.95 -6.32
N PHE E 144 68.67 -13.18 -6.22
CA PHE E 144 67.23 -13.44 -6.16
C PHE E 144 67.03 -14.50 -5.08
N ARG E 145 66.65 -14.07 -3.87
CA ARG E 145 66.53 -14.93 -2.71
C ARG E 145 65.15 -14.81 -2.10
N VAL E 146 64.12 -14.89 -2.94
CA VAL E 146 62.75 -14.75 -2.45
C VAL E 146 62.25 -16.06 -1.86
N TYR E 147 62.22 -17.11 -2.66
CA TYR E 147 61.69 -18.40 -2.22
C TYR E 147 62.67 -19.53 -2.52
N SER E 148 62.23 -20.77 -2.31
CA SER E 148 63.08 -21.94 -2.53
C SER E 148 62.55 -22.86 -3.61
N SER E 149 61.24 -23.12 -3.64
CA SER E 149 60.67 -24.05 -4.60
C SER E 149 59.21 -23.70 -4.84
N ALA E 150 58.66 -24.27 -5.92
CA ALA E 150 57.26 -24.06 -6.27
C ALA E 150 56.73 -25.36 -6.86
N ASN E 151 55.85 -26.03 -6.12
CA ASN E 151 55.37 -27.36 -6.54
C ASN E 151 54.27 -27.25 -7.58
N ASN E 152 53.14 -26.66 -7.21
CA ASN E 152 51.97 -26.57 -8.08
C ASN E 152 51.67 -25.11 -8.38
N CYS E 153 51.55 -24.79 -9.67
CA CYS E 153 51.28 -23.44 -10.13
C CYS E 153 49.98 -23.40 -10.92
N THR E 154 49.23 -22.30 -10.77
CA THR E 154 47.97 -22.12 -11.47
C THR E 154 47.89 -20.82 -12.27
N PHE E 155 48.90 -19.97 -12.20
CA PHE E 155 48.89 -18.73 -12.98
C PHE E 155 50.34 -18.29 -13.21
N GLU E 156 50.52 -17.50 -14.26
CA GLU E 156 51.83 -16.98 -14.62
C GLU E 156 51.64 -15.77 -15.54
N TYR E 157 52.35 -14.69 -15.23
CA TYR E 157 52.29 -13.49 -16.06
C TYR E 157 53.63 -12.77 -16.00
N VAL E 158 54.13 -12.38 -17.18
CA VAL E 158 55.34 -11.57 -17.29
C VAL E 158 55.04 -10.42 -18.24
N SER E 159 55.26 -9.19 -17.77
CA SER E 159 54.95 -8.02 -18.57
C SER E 159 56.08 -7.75 -19.58
N GLN E 160 55.95 -6.65 -20.31
CA GLN E 160 56.95 -6.29 -21.30
C GLN E 160 58.27 -5.90 -20.62
N PRO E 161 59.40 -6.19 -21.25
CA PRO E 161 60.69 -5.83 -20.65
C PRO E 161 60.86 -4.32 -20.53
N PHE E 162 61.58 -3.91 -19.50
CA PHE E 162 61.91 -2.51 -19.29
C PHE E 162 63.24 -2.43 -18.53
N LEU E 163 63.61 -1.22 -18.13
CA LEU E 163 64.86 -1.01 -17.40
C LEU E 163 64.65 0.09 -16.37
N MET E 164 65.47 0.07 -15.32
CA MET E 164 65.45 1.06 -14.26
C MET E 164 66.87 1.52 -13.97
N ASP E 165 66.99 2.76 -13.48
CA ASP E 165 68.31 3.31 -13.18
C ASP E 165 68.99 2.53 -12.05
N LEU E 166 68.23 2.21 -11.00
CA LEU E 166 68.72 1.47 -9.84
C LEU E 166 69.93 2.13 -9.19
N GLU E 167 69.98 3.46 -9.20
CA GLU E 167 71.08 4.20 -8.61
C GLU E 167 70.62 4.91 -7.34
N GLY E 168 71.53 5.03 -6.38
CA GLY E 168 71.24 5.75 -5.16
C GLY E 168 71.13 7.24 -5.39
N LYS E 169 69.91 7.76 -5.33
CA LYS E 169 69.66 9.17 -5.62
C LYS E 169 69.79 10.01 -4.35
N GLN E 170 70.15 11.28 -4.54
CA GLN E 170 70.32 12.20 -3.43
C GLN E 170 69.02 12.94 -3.14
N ASN E 175 58.56 10.53 -6.21
CA ASN E 175 57.52 9.69 -6.82
C ASN E 175 56.72 8.95 -5.75
N LEU E 176 55.41 9.20 -5.73
CA LEU E 176 54.50 8.55 -4.79
C LEU E 176 53.73 7.46 -5.51
N ARG E 177 53.82 6.23 -4.99
CA ARG E 177 53.10 5.09 -5.54
C ARG E 177 52.10 4.61 -4.49
N GLU E 178 50.81 4.67 -4.81
CA GLU E 178 49.75 4.25 -3.91
C GLU E 178 49.10 2.99 -4.45
N PHE E 179 48.93 1.99 -3.58
CA PHE E 179 48.37 0.71 -3.98
C PHE E 179 47.29 0.27 -3.00
N VAL E 180 46.27 -0.38 -3.52
CA VAL E 180 45.19 -0.96 -2.72
C VAL E 180 44.98 -2.40 -3.16
N PHE E 181 45.02 -3.32 -2.21
CA PHE E 181 44.85 -4.73 -2.48
C PHE E 181 43.57 -5.22 -1.82
N LYS E 182 42.78 -5.99 -2.55
CA LYS E 182 41.52 -6.53 -2.03
C LYS E 182 41.37 -7.97 -2.49
N ASN E 183 40.56 -8.72 -1.73
CA ASN E 183 40.25 -10.11 -2.06
C ASN E 183 38.78 -10.34 -1.73
N ILE E 184 37.92 -10.13 -2.72
CA ILE E 184 36.48 -10.27 -2.57
C ILE E 184 35.97 -11.25 -3.62
N ASP E 185 35.22 -12.26 -3.19
CA ASP E 185 34.63 -13.26 -4.08
C ASP E 185 35.69 -13.97 -4.90
N GLY E 186 36.86 -14.22 -4.29
CA GLY E 186 37.93 -14.89 -4.97
C GLY E 186 38.65 -14.08 -6.02
N TYR E 187 38.41 -12.78 -6.07
CA TYR E 187 39.04 -11.90 -7.06
C TYR E 187 40.04 -10.98 -6.37
N PHE E 188 41.27 -11.00 -6.85
CA PHE E 188 42.32 -10.12 -6.34
C PHE E 188 42.35 -8.87 -7.20
N LYS E 189 42.02 -7.73 -6.61
CA LYS E 189 41.93 -6.46 -7.31
C LYS E 189 43.03 -5.53 -6.82
N ILE E 190 43.71 -4.88 -7.75
CA ILE E 190 44.81 -3.95 -7.44
C ILE E 190 44.51 -2.61 -8.08
N TYR E 191 44.54 -1.55 -7.28
CA TYR E 191 44.36 -0.19 -7.74
C TYR E 191 45.65 0.58 -7.50
N SER E 192 45.95 1.53 -8.38
CA SER E 192 47.20 2.26 -8.26
C SER E 192 47.07 3.63 -8.92
N LYS E 193 47.97 4.53 -8.53
CA LYS E 193 48.09 5.84 -9.14
C LYS E 193 49.45 6.41 -8.77
N HIS E 194 50.12 7.01 -9.75
CA HIS E 194 51.46 7.56 -9.56
C HIS E 194 51.38 9.09 -9.49
N THR E 195 51.91 9.66 -8.43
CA THR E 195 51.92 11.09 -8.22
C THR E 195 53.31 11.56 -7.84
N PRO E 196 53.70 12.79 -8.24
CA PRO E 196 55.01 13.33 -7.90
C PRO E 196 55.12 13.69 -6.41
N GLY E 206 46.41 17.04 0.03
CA GLY E 206 46.52 16.28 -1.21
C GLY E 206 45.47 15.20 -1.36
N PHE E 207 44.80 15.19 -2.51
CA PHE E 207 43.74 14.23 -2.78
C PHE E 207 44.01 13.57 -4.13
N SER E 208 43.89 12.25 -4.17
CA SER E 208 44.11 11.50 -5.41
C SER E 208 43.26 10.23 -5.37
N ALA E 209 42.63 9.91 -6.49
CA ALA E 209 41.80 8.72 -6.63
C ALA E 209 42.55 7.68 -7.44
N LEU E 210 42.59 6.45 -6.93
CA LEU E 210 43.39 5.39 -7.53
C LEU E 210 42.55 4.60 -8.51
N GLU E 211 43.00 4.52 -9.77
CA GLU E 211 42.31 3.75 -10.79
C GLU E 211 42.69 2.27 -10.70
N PRO E 212 41.79 1.38 -11.12
CA PRO E 212 42.14 -0.05 -11.16
C PRO E 212 43.28 -0.31 -12.13
N LEU E 213 44.12 -1.27 -11.77
CA LEU E 213 45.29 -1.63 -12.58
C LEU E 213 45.18 -3.04 -13.15
N VAL E 214 44.98 -4.05 -12.30
CA VAL E 214 44.83 -5.43 -12.72
C VAL E 214 43.71 -6.07 -11.93
N ASP E 215 43.33 -7.27 -12.35
CA ASP E 215 42.32 -8.06 -11.66
C ASP E 215 42.67 -9.53 -11.82
N LEU E 216 42.83 -10.24 -10.71
CA LEU E 216 43.30 -11.61 -10.71
C LEU E 216 42.22 -12.55 -10.20
N PRO E 217 41.83 -13.56 -10.98
CA PRO E 217 40.90 -14.59 -10.51
C PRO E 217 41.60 -15.72 -9.76
N ILE E 218 42.44 -15.37 -8.79
CA ILE E 218 43.23 -16.36 -8.07
C ILE E 218 42.32 -17.29 -7.27
N GLY E 219 41.35 -16.72 -6.57
CA GLY E 219 40.39 -17.52 -5.81
C GLY E 219 40.98 -18.31 -4.65
N ILE E 220 41.86 -17.68 -3.87
CA ILE E 220 42.47 -18.32 -2.71
C ILE E 220 42.27 -17.41 -1.49
N ASN E 221 42.66 -17.93 -0.33
CA ASN E 221 42.56 -17.19 0.92
C ASN E 221 43.91 -16.57 1.29
N ILE E 222 43.87 -15.31 1.70
CA ILE E 222 45.07 -14.57 2.07
C ILE E 222 44.87 -13.98 3.46
N THR E 223 45.85 -14.20 4.34
CA THR E 223 45.76 -13.71 5.71
C THR E 223 47.02 -12.95 6.11
N ARG E 224 48.15 -13.29 5.49
CA ARG E 224 49.43 -12.73 5.86
C ARG E 224 50.20 -12.36 4.60
N PHE E 225 51.02 -11.30 4.69
CA PHE E 225 51.78 -10.83 3.55
C PHE E 225 52.99 -10.05 4.05
N GLN E 226 53.93 -9.80 3.15
CA GLN E 226 55.06 -8.96 3.45
C GLN E 226 55.61 -8.38 2.16
N THR E 227 56.40 -7.32 2.30
CA THR E 227 56.98 -6.61 1.16
C THR E 227 58.42 -7.08 0.92
N LEU E 228 58.93 -6.74 -0.26
CA LEU E 228 60.28 -7.07 -0.67
C LEU E 228 61.03 -5.79 -1.04
N LEU E 229 62.27 -5.70 -0.61
CA LEU E 229 63.11 -4.53 -0.83
C LEU E 229 64.35 -4.91 -1.62
N ALA E 230 64.93 -3.92 -2.29
CA ALA E 230 66.15 -4.09 -3.08
C ALA E 230 67.28 -3.39 -2.36
N LEU E 231 67.96 -4.12 -1.48
CA LEU E 231 69.05 -3.56 -0.70
C LEU E 231 70.28 -3.35 -1.56
N HIS E 232 71.07 -2.34 -1.21
CA HIS E 232 72.30 -2.01 -1.92
C HIS E 232 73.45 -2.82 -1.35
N ARG E 233 74.27 -3.38 -2.24
CA ARG E 233 75.42 -4.17 -1.83
C ARG E 233 76.65 -3.71 -2.62
N SER E 234 77.82 -3.86 -2.00
CA SER E 234 79.07 -3.47 -2.64
C SER E 234 80.23 -4.31 -2.11
N PRO E 238 81.30 -4.74 1.65
CA PRO E 238 82.01 -4.34 2.87
C PRO E 238 81.80 -5.31 4.03
N GLY E 239 81.73 -6.60 3.72
CA GLY E 239 81.50 -7.60 4.74
C GLY E 239 81.12 -8.93 4.10
N ASP E 240 80.50 -9.78 4.92
CA ASP E 240 80.06 -11.09 4.47
C ASP E 240 78.71 -10.96 3.77
N SER E 241 78.06 -12.09 3.51
CA SER E 241 76.77 -12.10 2.83
C SER E 241 75.64 -11.48 3.64
N SER E 242 75.85 -11.25 4.94
CA SER E 242 74.80 -10.73 5.81
C SER E 242 75.15 -9.41 6.48
N SER E 243 76.34 -8.85 6.22
CA SER E 243 76.73 -7.60 6.87
C SER E 243 77.19 -6.56 5.86
N GLY E 244 77.77 -7.01 4.75
CA GLY E 244 78.28 -6.09 3.76
C GLY E 244 77.21 -5.54 2.84
N TRP E 245 76.32 -4.71 3.39
CA TRP E 245 75.22 -4.16 2.61
C TRP E 245 74.68 -2.92 3.31
N THR E 246 73.90 -2.15 2.57
CA THR E 246 73.20 -0.99 3.11
C THR E 246 71.80 -0.93 2.51
N ALA E 247 70.88 -0.33 3.25
CA ALA E 247 69.48 -0.28 2.86
C ALA E 247 69.12 0.92 1.99
N GLY E 248 70.08 1.81 1.74
CA GLY E 248 69.77 2.99 0.94
C GLY E 248 68.85 3.92 1.69
N ALA E 249 67.72 4.27 1.05
CA ALA E 249 66.73 5.15 1.66
C ALA E 249 65.37 4.81 1.08
N ALA E 250 64.50 4.24 1.91
CA ALA E 250 63.16 3.85 1.46
C ALA E 250 62.17 4.06 2.60
N ALA E 251 60.96 4.47 2.24
CA ALA E 251 59.88 4.68 3.19
C ALA E 251 58.56 4.27 2.56
N TYR E 252 57.72 3.60 3.34
CA TYR E 252 56.43 3.16 2.83
C TYR E 252 55.46 3.00 3.99
N TYR E 253 54.19 3.30 3.72
CA TYR E 253 53.13 3.26 4.71
C TYR E 253 52.23 2.06 4.48
N VAL E 254 51.47 1.70 5.51
CA VAL E 254 50.49 0.62 5.42
C VAL E 254 49.20 1.10 6.08
N GLY E 255 48.09 0.97 5.36
CA GLY E 255 46.79 1.35 5.89
C GLY E 255 45.72 0.32 5.62
N TYR E 256 45.09 -0.19 6.68
CA TYR E 256 44.08 -1.21 6.53
C TYR E 256 42.74 -0.60 6.14
N LEU E 257 42.00 -1.31 5.29
CA LEU E 257 40.71 -0.85 4.81
C LEU E 257 39.61 -1.29 5.76
N GLN E 258 38.52 -0.52 5.78
CA GLN E 258 37.36 -0.79 6.60
C GLN E 258 36.10 -0.59 5.76
N PRO E 259 35.02 -1.28 6.09
CA PRO E 259 33.77 -1.14 5.31
C PRO E 259 32.99 0.11 5.65
N ARG E 260 33.53 1.26 5.24
CA ARG E 260 32.89 2.55 5.49
C ARG E 260 32.01 2.95 4.32
N THR E 261 31.27 4.03 4.52
CA THR E 261 30.41 4.61 3.49
C THR E 261 30.97 5.96 3.08
N PHE E 262 31.20 6.14 1.79
CA PHE E 262 31.79 7.35 1.25
C PHE E 262 30.79 8.06 0.34
N LEU E 263 31.05 9.34 0.11
CA LEU E 263 30.25 10.16 -0.80
C LEU E 263 31.20 10.71 -1.86
N LEU E 264 31.36 9.97 -2.95
CA LEU E 264 32.29 10.34 -4.00
C LEU E 264 31.74 11.49 -4.82
N LYS E 265 32.65 12.35 -5.27
CA LYS E 265 32.31 13.49 -6.12
C LYS E 265 32.97 13.32 -7.47
N TYR E 266 32.18 13.40 -8.53
CA TYR E 266 32.65 13.22 -9.89
C TYR E 266 32.59 14.55 -10.64
N ASN E 267 33.65 14.88 -11.37
CA ASN E 267 33.67 16.09 -12.17
C ASN E 267 33.04 15.82 -13.53
N GLU E 268 33.09 16.83 -14.41
CA GLU E 268 32.45 16.69 -15.71
C GLU E 268 33.13 15.65 -16.58
N ASN E 269 34.41 15.39 -16.36
CA ASN E 269 35.16 14.44 -17.17
C ASN E 269 35.12 13.02 -16.60
N GLY E 270 34.39 12.79 -15.51
CA GLY E 270 34.21 11.47 -14.96
C GLY E 270 35.19 11.08 -13.87
N THR E 271 36.21 11.89 -13.63
CA THR E 271 37.17 11.57 -12.58
C THR E 271 36.62 11.94 -11.20
N ILE E 272 37.22 11.36 -10.17
CA ILE E 272 36.86 11.66 -8.80
C ILE E 272 37.75 12.78 -8.30
N THR E 273 37.13 13.86 -7.81
CA THR E 273 37.88 15.03 -7.36
C THR E 273 37.80 15.27 -5.86
N ASP E 274 36.81 14.72 -5.17
CA ASP E 274 36.68 14.90 -3.74
C ASP E 274 35.83 13.78 -3.17
N ALA E 275 35.94 13.57 -1.86
CA ALA E 275 35.16 12.53 -1.19
C ALA E 275 34.93 12.95 0.25
N VAL E 276 33.89 12.36 0.84
CA VAL E 276 33.50 12.61 2.22
C VAL E 276 33.27 11.29 2.92
N ASP E 277 33.88 11.10 4.08
CA ASP E 277 33.66 9.92 4.89
C ASP E 277 32.45 10.15 5.78
N CYS E 278 31.44 9.31 5.65
CA CYS E 278 30.16 9.56 6.30
C CYS E 278 30.28 9.50 7.82
N ALA E 279 31.04 8.55 8.35
CA ALA E 279 31.10 8.32 9.80
C ALA E 279 32.31 8.98 10.44
N LEU E 280 32.99 9.88 9.74
CA LEU E 280 34.16 10.54 10.32
C LEU E 280 33.76 11.45 11.49
N ASP E 281 32.77 12.31 11.28
CA ASP E 281 32.34 13.27 12.28
C ASP E 281 30.93 13.71 11.94
N PRO E 282 30.22 14.34 12.89
CA PRO E 282 28.81 14.72 12.60
C PRO E 282 28.64 15.62 11.39
N LEU E 283 29.58 16.54 11.14
CA LEU E 283 29.44 17.43 9.99
C LEU E 283 29.47 16.66 8.69
N SER E 284 30.38 15.67 8.57
CA SER E 284 30.47 14.90 7.34
C SER E 284 29.28 13.97 7.18
N GLU E 285 28.66 13.55 8.28
CA GLU E 285 27.49 12.70 8.17
C GLU E 285 26.27 13.47 7.69
N THR E 286 26.19 14.77 8.02
CA THR E 286 25.13 15.61 7.49
C THR E 286 25.24 15.72 5.97
N LYS E 287 26.46 15.88 5.46
CA LYS E 287 26.66 15.94 4.02
C LYS E 287 26.20 14.66 3.35
N CYS E 288 26.47 13.51 3.96
CA CYS E 288 25.98 12.24 3.42
C CYS E 288 24.46 12.18 3.47
N THR E 289 23.86 12.70 4.54
CA THR E 289 22.40 12.69 4.66
C THR E 289 21.76 13.59 3.61
N LEU E 290 22.26 14.82 3.47
CA LEU E 290 21.74 15.73 2.46
C LEU E 290 22.25 15.43 1.06
N LYS E 291 23.23 14.53 0.93
CA LYS E 291 23.76 14.10 -0.37
C LYS E 291 24.31 15.32 -1.14
N SER E 292 25.08 16.14 -0.43
CA SER E 292 25.69 17.32 -1.02
C SER E 292 26.88 17.75 -0.19
N PHE E 293 27.84 18.41 -0.83
CA PHE E 293 29.03 18.88 -0.15
C PHE E 293 28.84 20.21 0.55
N THR E 294 27.73 20.90 0.29
CA THR E 294 27.43 22.17 0.94
C THR E 294 26.18 22.02 1.79
N VAL E 295 26.25 22.51 3.03
CA VAL E 295 25.17 22.39 3.99
C VAL E 295 24.74 23.79 4.40
N GLU E 296 23.48 24.13 4.13
CA GLU E 296 22.94 25.42 4.54
C GLU E 296 22.64 25.42 6.03
N LYS E 297 22.48 26.62 6.57
CA LYS E 297 22.19 26.77 7.99
C LYS E 297 20.87 26.11 8.35
N GLY E 298 20.87 25.37 9.45
CA GLY E 298 19.67 24.71 9.90
C GLY E 298 20.01 23.50 10.75
N ILE E 299 18.96 22.75 11.09
CA ILE E 299 19.07 21.54 11.90
C ILE E 299 18.59 20.37 11.06
N TYR E 300 19.40 19.31 11.01
CA TYR E 300 19.12 18.13 10.20
C TYR E 300 19.30 16.89 11.06
N GLN E 301 18.36 15.96 10.96
CA GLN E 301 18.46 14.69 11.67
C GLN E 301 19.26 13.70 10.82
N THR E 302 20.30 13.12 11.43
CA THR E 302 21.27 12.33 10.69
C THR E 302 21.35 10.88 11.14
N SER E 303 21.08 10.56 12.39
CA SER E 303 21.30 9.22 12.90
C SER E 303 20.15 8.84 13.83
N ASN E 304 20.33 7.74 14.55
CA ASN E 304 19.38 7.26 15.55
C ASN E 304 20.19 6.67 16.70
N PHE E 305 20.45 7.50 17.71
CA PHE E 305 21.24 7.05 18.85
C PHE E 305 20.43 6.09 19.71
N ARG E 306 21.10 5.06 20.22
CA ARG E 306 20.47 4.11 21.14
C ARG E 306 21.56 3.45 21.97
N VAL E 307 21.29 3.25 23.24
CA VAL E 307 22.25 2.62 24.15
C VAL E 307 22.21 1.11 23.93
N GLN E 308 23.38 0.53 23.73
CA GLN E 308 23.46 -0.91 23.51
C GLN E 308 23.41 -1.67 24.83
N PRO E 309 22.90 -2.90 24.82
CA PRO E 309 22.89 -3.70 26.04
C PRO E 309 24.31 -4.05 26.47
N THR E 310 24.56 -3.91 27.78
CA THR E 310 25.90 -4.16 28.30
C THR E 310 26.22 -5.65 28.35
N GLU E 311 25.26 -6.46 28.81
CA GLU E 311 25.49 -7.88 28.97
C GLU E 311 24.15 -8.61 28.97
N SER E 312 24.21 -9.93 29.00
CA SER E 312 23.03 -10.79 28.94
C SER E 312 22.81 -11.43 30.29
N ILE E 313 21.56 -11.37 30.76
CA ILE E 313 21.17 -11.92 32.06
C ILE E 313 20.10 -12.98 31.85
N VAL E 314 20.24 -14.11 32.54
CA VAL E 314 19.31 -15.22 32.44
C VAL E 314 18.88 -15.62 33.85
N ARG E 315 17.57 -15.71 34.07
CA ARG E 315 17.02 -16.16 35.35
C ARG E 315 15.98 -17.24 35.10
N PHE E 316 16.11 -18.35 35.80
CA PHE E 316 15.24 -19.51 35.69
C PHE E 316 14.76 -19.91 37.08
N PRO E 317 13.63 -20.60 37.18
CA PRO E 317 13.09 -20.96 38.50
C PRO E 317 14.03 -21.89 39.25
N ASN E 318 13.87 -21.88 40.58
CA ASN E 318 14.71 -22.68 41.46
C ASN E 318 14.62 -24.16 41.11
N ILE E 319 15.77 -24.84 41.12
CA ILE E 319 15.84 -26.26 40.81
C ILE E 319 15.58 -27.02 42.10
N THR E 320 14.37 -27.57 42.24
CA THR E 320 14.01 -28.35 43.42
C THR E 320 13.32 -29.67 43.09
N ASN E 321 12.69 -29.81 41.93
CA ASN E 321 12.00 -31.04 41.57
C ASN E 321 12.92 -31.94 40.73
N LEU E 322 14.06 -32.28 41.32
CA LEU E 322 15.05 -33.10 40.62
C LEU E 322 14.53 -34.52 40.44
N CYS E 323 14.81 -35.11 39.28
CA CYS E 323 14.39 -36.46 39.01
C CYS E 323 15.15 -37.44 39.92
N PRO E 324 14.50 -38.54 40.32
CA PRO E 324 15.15 -39.52 41.21
C PRO E 324 16.16 -40.40 40.48
N PHE E 325 17.13 -39.76 39.81
CA PHE E 325 18.17 -40.51 39.12
C PHE E 325 19.20 -41.09 40.07
N GLY E 326 19.36 -40.50 41.27
CA GLY E 326 20.33 -41.02 42.23
C GLY E 326 19.93 -42.34 42.83
N GLU E 327 18.64 -42.69 42.81
CA GLU E 327 18.18 -43.96 43.35
C GLU E 327 18.28 -45.09 42.34
N VAL E 328 17.90 -44.84 41.09
CA VAL E 328 17.97 -45.88 40.07
C VAL E 328 19.41 -46.26 39.76
N PHE E 329 20.32 -45.27 39.79
CA PHE E 329 21.72 -45.52 39.48
C PHE E 329 22.52 -46.04 40.67
N ASN E 330 21.95 -46.05 41.87
CA ASN E 330 22.65 -46.49 43.07
C ASN E 330 21.82 -47.48 43.87
N ALA E 331 20.92 -48.20 43.20
CA ALA E 331 20.11 -49.20 43.90
C ALA E 331 20.96 -50.37 44.34
N THR E 332 20.67 -50.88 45.54
CA THR E 332 21.45 -51.99 46.08
C THR E 332 21.28 -53.25 45.25
N ARG E 333 20.05 -53.55 44.83
CA ARG E 333 19.76 -54.76 44.07
C ARG E 333 19.02 -54.38 42.79
N PHE E 334 19.19 -55.22 41.76
CA PHE E 334 18.58 -54.99 40.46
C PHE E 334 17.94 -56.28 39.96
N ALA E 335 16.97 -56.12 39.07
CA ALA E 335 16.24 -57.27 38.54
C ALA E 335 17.10 -58.05 37.57
N SER E 336 16.64 -59.26 37.24
CA SER E 336 17.35 -60.14 36.34
C SER E 336 17.22 -59.67 34.90
N VAL E 337 17.98 -60.30 34.01
CA VAL E 337 17.98 -59.93 32.60
C VAL E 337 16.63 -60.24 31.97
N TYR E 338 16.12 -61.46 32.18
CA TYR E 338 14.84 -61.84 31.60
C TYR E 338 13.66 -61.14 32.24
N ALA E 339 13.83 -60.62 33.46
CA ALA E 339 12.77 -59.91 34.15
C ALA E 339 13.20 -58.48 34.45
N TRP E 340 13.79 -57.81 33.47
CA TRP E 340 14.27 -56.45 33.66
C TRP E 340 13.13 -55.52 34.05
N ASN E 341 13.37 -54.68 35.05
CA ASN E 341 12.36 -53.75 35.53
C ASN E 341 12.40 -52.45 34.73
N ARG E 342 11.24 -51.83 34.60
CA ARG E 342 11.10 -50.56 33.91
C ARG E 342 10.69 -49.49 34.92
N LYS E 343 11.42 -48.38 34.93
CA LYS E 343 11.16 -47.28 35.86
C LYS E 343 10.66 -46.07 35.07
N ARG E 344 9.56 -45.49 35.55
CA ARG E 344 8.96 -44.32 34.92
C ARG E 344 9.46 -43.06 35.59
N ILE E 345 9.99 -42.14 34.79
CA ILE E 345 10.50 -40.86 35.26
C ILE E 345 9.75 -39.75 34.52
N SER E 346 9.03 -38.93 35.26
CA SER E 346 8.25 -37.86 34.66
C SER E 346 7.97 -36.79 35.71
N ASN E 347 7.58 -35.61 35.22
CA ASN E 347 7.22 -34.46 36.07
C ASN E 347 8.37 -34.09 37.00
N CYS E 348 9.57 -34.00 36.45
CA CYS E 348 10.75 -33.62 37.20
C CYS E 348 11.80 -33.06 36.25
N VAL E 349 12.77 -32.35 36.82
CA VAL E 349 13.86 -31.78 36.04
C VAL E 349 15.02 -32.77 36.03
N ALA E 350 15.57 -33.03 34.84
CA ALA E 350 16.63 -34.01 34.65
C ALA E 350 17.94 -33.30 34.32
N ASP E 351 19.03 -33.85 34.83
CA ASP E 351 20.37 -33.28 34.65
C ASP E 351 21.27 -34.38 34.06
N TYR E 352 21.38 -34.40 32.73
CA TYR E 352 22.26 -35.35 32.06
C TYR E 352 23.71 -34.87 31.99
N SER E 353 23.97 -33.60 32.29
CA SER E 353 25.34 -33.10 32.24
C SER E 353 26.20 -33.73 33.33
N VAL E 354 25.66 -33.87 34.54
CA VAL E 354 26.43 -34.46 35.63
C VAL E 354 26.68 -35.93 35.36
N LEU E 355 25.70 -36.63 34.79
CA LEU E 355 25.90 -38.04 34.45
C LEU E 355 26.98 -38.22 33.40
N TYR E 356 26.99 -37.33 32.38
CA TYR E 356 28.02 -37.42 31.35
C TYR E 356 29.40 -37.14 31.91
N ASN E 357 29.51 -36.17 32.83
CA ASN E 357 30.78 -35.79 33.43
C ASN E 357 31.08 -36.54 34.72
N SER E 358 30.24 -37.50 35.11
CA SER E 358 30.48 -38.25 36.34
C SER E 358 31.74 -39.10 36.23
N ALA E 359 32.08 -39.57 35.02
CA ALA E 359 33.26 -40.37 34.74
C ALA E 359 33.27 -41.69 35.50
N SER E 360 32.16 -42.08 36.12
CA SER E 360 32.06 -43.34 36.83
C SER E 360 31.44 -44.45 35.99
N PHE E 361 31.12 -44.18 34.73
CA PHE E 361 30.51 -45.15 33.83
C PHE E 361 31.51 -45.53 32.75
N SER E 362 31.73 -46.84 32.58
CA SER E 362 32.71 -47.32 31.60
C SER E 362 32.27 -46.98 30.18
N THR E 363 31.00 -47.15 29.87
CA THR E 363 30.47 -46.93 28.53
C THR E 363 29.33 -45.93 28.58
N PHE E 364 29.39 -44.92 27.70
CA PHE E 364 28.33 -43.92 27.58
C PHE E 364 28.11 -43.68 26.09
N LYS E 365 27.17 -44.42 25.50
CA LYS E 365 26.85 -44.33 24.09
C LYS E 365 25.44 -43.82 23.92
N CYS E 366 25.26 -42.82 23.06
CA CYS E 366 23.96 -42.22 22.79
C CYS E 366 23.58 -42.46 21.33
N TYR E 367 22.32 -42.84 21.11
CA TYR E 367 21.80 -43.12 19.78
C TYR E 367 20.66 -42.15 19.48
N GLY E 368 20.75 -41.47 18.34
CA GLY E 368 19.72 -40.55 17.91
C GLY E 368 19.79 -39.16 18.50
N VAL E 369 20.74 -38.91 19.40
CA VAL E 369 20.90 -37.59 20.01
C VAL E 369 22.34 -37.45 20.48
N SER E 370 22.87 -36.24 20.38
CA SER E 370 24.21 -35.98 20.85
C SER E 370 24.23 -35.97 22.39
N PRO E 371 25.29 -36.52 23.01
CA PRO E 371 25.35 -36.54 24.48
C PRO E 371 25.35 -35.16 25.11
N THR E 372 25.79 -34.13 24.39
CA THR E 372 25.83 -32.77 24.90
C THR E 372 24.67 -31.91 24.39
N LYS E 373 23.69 -32.52 23.72
CA LYS E 373 22.58 -31.77 23.14
C LYS E 373 21.25 -31.99 23.85
N LEU E 374 21.09 -33.06 24.62
CA LEU E 374 19.84 -33.35 25.30
C LEU E 374 19.79 -32.74 26.69
N ASN E 375 20.81 -31.97 27.09
CA ASN E 375 20.80 -31.37 28.43
C ASN E 375 19.64 -30.39 28.57
N ASP E 376 19.40 -29.56 27.56
CA ASP E 376 18.31 -28.60 27.58
C ASP E 376 17.07 -29.11 26.86
N LEU E 377 17.11 -30.30 26.28
CA LEU E 377 15.98 -30.83 25.55
C LEU E 377 14.99 -31.49 26.52
N CYS E 378 13.72 -31.50 26.11
CA CYS E 378 12.63 -31.95 26.96
C CYS E 378 11.96 -33.18 26.35
N PHE E 379 11.56 -34.11 27.21
CA PHE E 379 10.87 -35.33 26.79
C PHE E 379 9.63 -35.54 27.64
N THR E 380 8.61 -36.15 27.03
CA THR E 380 7.36 -36.41 27.74
C THR E 380 7.56 -37.44 28.84
N ASN E 381 8.18 -38.58 28.51
CA ASN E 381 8.39 -39.66 29.47
C ASN E 381 9.82 -40.16 29.36
N VAL E 382 10.37 -40.60 30.49
CA VAL E 382 11.72 -41.15 30.55
C VAL E 382 11.63 -42.56 31.12
N TYR E 383 12.21 -43.52 30.40
CA TYR E 383 12.24 -44.92 30.81
C TYR E 383 13.66 -45.33 31.14
N ALA E 384 13.85 -45.93 32.32
CA ALA E 384 15.15 -46.36 32.78
C ALA E 384 15.10 -47.86 33.04
N ASP E 385 15.77 -48.64 32.19
CA ASP E 385 15.85 -50.08 32.34
C ASP E 385 17.26 -50.43 32.83
N SER E 386 17.32 -51.12 33.97
CA SER E 386 18.59 -51.46 34.60
C SER E 386 18.63 -52.94 34.91
N PHE E 387 19.75 -53.58 34.59
CA PHE E 387 19.96 -54.99 34.84
C PHE E 387 21.46 -55.26 34.76
N VAL E 388 21.84 -56.53 34.95
CA VAL E 388 23.23 -56.94 34.99
C VAL E 388 23.56 -57.67 33.69
N ILE E 389 24.65 -57.28 33.05
CA ILE E 389 25.09 -57.83 31.77
C ILE E 389 26.54 -58.26 31.89
N ARG E 390 26.85 -59.42 31.32
CA ARG E 390 28.21 -59.93 31.36
C ARG E 390 29.17 -58.99 30.62
N GLY E 391 30.45 -59.11 30.96
CA GLY E 391 31.45 -58.21 30.39
C GLY E 391 31.54 -58.31 28.88
N ASP E 392 31.51 -59.54 28.35
CA ASP E 392 31.56 -59.73 26.91
C ASP E 392 30.23 -59.42 26.23
N GLU E 393 29.14 -59.40 26.98
CA GLU E 393 27.81 -59.14 26.44
C GLU E 393 27.45 -57.66 26.42
N VAL E 394 28.26 -56.80 27.03
CA VAL E 394 27.93 -55.38 27.11
C VAL E 394 27.93 -54.74 25.72
N ARG E 395 28.70 -55.30 24.79
CA ARG E 395 28.74 -54.75 23.44
C ARG E 395 27.50 -55.09 22.63
N GLN E 396 26.68 -56.02 23.09
CA GLN E 396 25.48 -56.44 22.36
C GLN E 396 24.25 -55.64 22.73
N ILE E 397 24.35 -54.72 23.69
CA ILE E 397 23.20 -53.89 24.09
C ILE E 397 23.24 -52.65 23.17
N ALA E 398 22.68 -52.82 21.98
CA ALA E 398 22.65 -51.77 20.98
C ALA E 398 21.62 -52.12 19.90
N PRO E 399 21.03 -51.14 19.22
CA PRO E 399 20.11 -51.46 18.13
C PRO E 399 20.80 -52.21 17.01
N GLY E 400 20.08 -53.15 16.40
CA GLY E 400 20.61 -53.93 15.30
C GLY E 400 21.56 -55.05 15.70
N GLN E 401 21.68 -55.34 16.99
CA GLN E 401 22.58 -56.39 17.46
C GLN E 401 21.88 -57.73 17.46
N THR E 402 22.67 -58.80 17.40
CA THR E 402 22.17 -60.17 17.39
C THR E 402 22.93 -60.98 18.44
N GLY E 403 22.20 -61.76 19.23
CA GLY E 403 22.82 -62.58 20.25
C GLY E 403 21.76 -63.28 21.06
N LYS E 404 22.23 -64.07 22.04
CA LYS E 404 21.32 -64.81 22.90
C LYS E 404 20.50 -63.86 23.77
N ILE E 405 21.17 -62.93 24.46
CA ILE E 405 20.44 -61.97 25.28
C ILE E 405 19.69 -60.97 24.41
N ALA E 406 20.31 -60.55 23.30
CA ALA E 406 19.68 -59.55 22.44
C ALA E 406 18.38 -60.06 21.83
N ASP E 407 18.33 -61.33 21.44
CA ASP E 407 17.17 -61.87 20.76
C ASP E 407 16.17 -62.52 21.71
N TYR E 408 16.63 -63.10 22.81
CA TYR E 408 15.77 -63.89 23.70
C TYR E 408 15.55 -63.26 25.07
N ASN E 409 16.32 -62.24 25.43
CA ASN E 409 16.17 -61.60 26.74
C ASN E 409 15.71 -60.15 26.64
N TYR E 410 16.42 -59.33 25.87
CA TYR E 410 16.06 -57.92 25.72
C TYR E 410 16.46 -57.46 24.33
N LYS E 411 15.48 -57.05 23.54
CA LYS E 411 15.69 -56.61 22.17
C LYS E 411 15.43 -55.12 22.07
N LEU E 412 16.42 -54.36 21.61
CA LEU E 412 16.22 -52.94 21.39
C LEU E 412 15.62 -52.70 20.00
N PRO E 413 14.82 -51.64 19.86
CA PRO E 413 14.26 -51.32 18.54
C PRO E 413 15.34 -50.93 17.56
N ASP E 414 15.07 -51.18 16.27
CA ASP E 414 16.01 -50.79 15.23
C ASP E 414 16.20 -49.28 15.17
N ASP E 415 15.17 -48.53 15.51
CA ASP E 415 15.22 -47.07 15.57
C ASP E 415 15.25 -46.57 17.01
N PHE E 416 15.93 -47.31 17.88
CA PHE E 416 16.00 -46.95 19.29
C PHE E 416 16.74 -45.63 19.48
N THR E 417 16.22 -44.80 20.38
CA THR E 417 16.80 -43.51 20.68
C THR E 417 17.02 -43.38 22.19
N GLY E 418 18.08 -42.65 22.55
CA GLY E 418 18.45 -42.45 23.93
C GLY E 418 19.92 -42.73 24.14
N CYS E 419 20.29 -42.97 25.39
CA CYS E 419 21.66 -43.26 25.76
C CYS E 419 21.71 -44.50 26.64
N VAL E 420 22.85 -45.18 26.62
CA VAL E 420 23.07 -46.38 27.42
C VAL E 420 24.14 -46.08 28.46
N ILE E 421 23.98 -46.68 29.64
CA ILE E 421 24.89 -46.52 30.76
C ILE E 421 25.48 -47.88 31.10
N ALA E 422 26.78 -47.90 31.37
CA ALA E 422 27.46 -49.15 31.71
C ALA E 422 28.69 -48.84 32.55
N TRP E 423 28.89 -49.61 33.62
CA TRP E 423 30.06 -49.45 34.48
C TRP E 423 30.35 -50.79 35.14
N ASN E 424 31.60 -50.94 35.59
CA ASN E 424 32.03 -52.17 36.22
C ASN E 424 31.35 -52.36 37.57
N SER E 425 30.96 -53.60 37.86
CA SER E 425 30.29 -53.92 39.13
C SER E 425 30.83 -55.22 39.71
N ASN E 426 32.08 -55.56 39.41
CA ASN E 426 32.67 -56.79 39.94
C ASN E 426 32.86 -56.72 41.46
N ASN E 427 33.03 -55.51 42.01
CA ASN E 427 33.22 -55.36 43.44
C ASN E 427 31.91 -55.40 44.22
N LEU E 428 30.77 -55.41 43.55
CA LEU E 428 29.48 -55.42 44.21
C LEU E 428 28.59 -56.58 43.80
N ASP E 429 28.61 -56.97 42.53
CA ASP E 429 27.77 -58.05 42.02
C ASP E 429 28.46 -59.41 42.06
N SER E 430 29.69 -59.49 42.57
CA SER E 430 30.42 -60.74 42.67
C SER E 430 30.83 -60.97 44.12
N LYS E 431 30.76 -62.23 44.54
CA LYS E 431 31.08 -62.60 45.91
C LYS E 431 31.87 -63.90 45.90
N VAL E 432 32.55 -64.16 47.02
CA VAL E 432 33.35 -65.38 47.16
C VAL E 432 32.43 -66.60 47.14
N GLY E 433 32.79 -67.60 46.35
CA GLY E 433 31.98 -68.79 46.20
C GLY E 433 31.00 -68.77 45.05
N GLY E 434 30.82 -67.62 44.41
CA GLY E 434 29.92 -67.53 43.27
C GLY E 434 28.57 -66.93 43.60
N ASN E 435 28.11 -66.01 42.74
CA ASN E 435 26.80 -65.38 42.89
C ASN E 435 25.86 -65.98 41.86
N TYR E 436 24.73 -66.51 42.32
CA TYR E 436 23.76 -67.16 41.45
C TYR E 436 22.37 -66.55 41.55
N ASN E 437 22.29 -65.24 41.80
CA ASN E 437 21.01 -64.54 41.94
C ASN E 437 20.55 -63.91 40.64
N TYR E 438 21.29 -64.08 39.55
CA TYR E 438 20.96 -63.48 38.26
C TYR E 438 20.56 -64.55 37.28
N LEU E 439 19.40 -64.38 36.64
CA LEU E 439 18.86 -65.34 35.68
C LEU E 439 18.64 -64.66 34.34
N TYR E 440 18.99 -65.36 33.26
CA TYR E 440 18.77 -64.85 31.92
C TYR E 440 18.36 -65.99 30.99
N ARG E 441 17.42 -65.68 30.10
CA ARG E 441 16.79 -66.69 29.26
C ARG E 441 17.73 -67.15 28.16
N LEU E 442 17.63 -68.43 27.78
CA LEU E 442 18.41 -69.00 26.71
C LEU E 442 17.59 -69.69 25.63
N PHE E 443 16.46 -70.29 25.99
CA PHE E 443 15.64 -71.05 25.06
C PHE E 443 14.31 -70.34 24.84
N ARG E 444 13.98 -70.08 23.58
CA ARG E 444 12.70 -69.48 23.22
C ARG E 444 12.34 -69.91 21.82
N LYS E 445 11.04 -69.83 21.51
CA LYS E 445 10.54 -70.26 20.21
C LYS E 445 10.88 -69.27 19.10
N SER E 446 11.03 -67.99 19.43
CA SER E 446 11.32 -66.97 18.42
C SER E 446 11.99 -65.79 19.10
N ASN E 447 12.57 -64.92 18.27
CA ASN E 447 13.24 -63.73 18.78
C ASN E 447 12.25 -62.79 19.44
N LEU E 448 12.68 -62.13 20.50
CA LEU E 448 11.83 -61.20 21.22
C LEU E 448 11.60 -59.93 20.40
N LYS E 449 10.39 -59.40 20.48
CA LYS E 449 10.08 -58.12 19.85
C LYS E 449 10.77 -56.99 20.60
N PRO E 450 10.98 -55.85 19.95
CA PRO E 450 11.58 -54.71 20.64
C PRO E 450 10.74 -54.28 21.84
N PHE E 451 11.42 -53.94 22.94
CA PHE E 451 10.77 -53.53 24.18
C PHE E 451 9.77 -54.56 24.66
N GLU E 452 10.20 -55.82 24.71
CA GLU E 452 9.38 -56.93 25.17
C GLU E 452 10.08 -57.65 26.32
N ARG E 453 9.30 -58.02 27.33
CA ARG E 453 9.80 -58.74 28.49
C ARG E 453 9.05 -60.06 28.64
N ASP E 454 9.80 -61.14 28.86
CA ASP E 454 9.23 -62.47 28.98
C ASP E 454 9.46 -62.98 30.40
N ILE E 455 8.41 -63.49 31.02
CA ILE E 455 8.46 -63.98 32.40
C ILE E 455 8.19 -65.47 32.51
N SER E 456 7.49 -66.06 31.55
CA SER E 456 7.15 -67.48 31.63
C SER E 456 8.39 -68.35 31.67
N THR E 457 8.39 -69.33 32.58
CA THR E 457 9.51 -70.25 32.76
C THR E 457 9.18 -71.66 32.32
N GLU E 458 8.23 -71.83 31.40
CA GLU E 458 7.86 -73.15 30.93
C GLU E 458 9.03 -73.81 30.21
N ILE E 459 9.14 -75.13 30.37
CA ILE E 459 10.24 -75.88 29.76
C ILE E 459 10.11 -75.84 28.25
N TYR E 460 11.21 -75.48 27.58
CA TYR E 460 11.19 -75.40 26.12
C TYR E 460 11.20 -76.80 25.52
N GLN E 461 10.31 -77.02 24.55
CA GLN E 461 10.20 -78.31 23.87
C GLN E 461 11.01 -78.28 22.58
N ALA E 462 12.34 -78.32 22.75
CA ALA E 462 13.24 -78.32 21.60
C ALA E 462 13.07 -79.57 20.76
N GLY E 463 12.95 -80.73 21.41
CA GLY E 463 12.78 -81.98 20.69
C GLY E 463 11.33 -82.25 20.32
N SER E 464 11.15 -83.31 19.54
CA SER E 464 9.80 -83.69 19.11
C SER E 464 9.00 -84.27 20.28
N THR E 465 9.65 -84.92 21.22
CA THR E 465 8.94 -85.51 22.36
C THR E 465 8.46 -84.40 23.29
N PRO E 466 7.17 -84.35 23.61
CA PRO E 466 6.68 -83.31 24.53
C PRO E 466 7.33 -83.41 25.90
N CYS E 467 7.59 -82.25 26.49
CA CYS E 467 8.19 -82.21 27.83
C CYS E 467 7.18 -82.55 28.92
N ASN E 468 5.89 -82.29 28.67
CA ASN E 468 4.82 -82.57 29.63
C ASN E 468 5.02 -81.81 30.94
N GLY E 469 5.64 -80.64 30.87
CA GLY E 469 5.83 -79.81 32.03
C GLY E 469 6.99 -80.20 32.94
N VAL E 470 7.75 -81.22 32.57
CA VAL E 470 8.88 -81.68 33.37
C VAL E 470 10.12 -81.77 32.48
N GLU E 471 11.27 -81.40 33.02
CA GLU E 471 12.51 -81.45 32.28
C GLU E 471 12.97 -82.89 32.09
N GLY E 472 13.78 -83.10 31.05
CA GLY E 472 14.29 -84.43 30.74
C GLY E 472 15.02 -84.47 29.42
N PHE E 473 14.81 -85.53 28.65
CA PHE E 473 15.44 -85.66 27.34
C PHE E 473 14.86 -84.62 26.38
N ASN E 474 15.73 -83.88 25.71
CA ASN E 474 15.34 -82.80 24.79
C ASN E 474 14.47 -81.75 25.50
N CYS E 475 14.70 -81.55 26.78
CA CYS E 475 13.95 -80.57 27.58
C CYS E 475 14.92 -79.90 28.54
N TYR E 476 15.10 -78.59 28.37
CA TYR E 476 16.03 -77.83 29.19
C TYR E 476 15.30 -76.65 29.83
N PHE E 477 15.77 -76.26 31.01
CA PHE E 477 15.17 -75.14 31.71
C PHE E 477 15.45 -73.85 30.95
N PRO E 478 14.43 -73.02 30.69
CA PRO E 478 14.67 -71.78 29.93
C PRO E 478 15.57 -70.79 30.65
N LEU E 479 15.72 -70.90 31.96
CA LEU E 479 16.51 -69.97 32.75
C LEU E 479 17.75 -70.66 33.31
N GLN E 480 18.90 -70.01 33.16
CA GLN E 480 20.15 -70.47 33.74
C GLN E 480 20.80 -69.32 34.49
N SER E 481 21.60 -69.65 35.49
CA SER E 481 22.17 -68.65 36.39
C SER E 481 23.63 -68.38 36.02
N TYR E 482 24.00 -67.10 36.04
CA TYR E 482 25.38 -66.71 35.79
C TYR E 482 26.27 -67.11 36.96
N GLY E 483 27.58 -67.16 36.68
CA GLY E 483 28.56 -67.39 37.72
C GLY E 483 29.54 -66.25 37.82
N PHE E 484 29.47 -65.50 38.92
CA PHE E 484 30.32 -64.33 39.13
C PHE E 484 31.18 -64.54 40.37
N GLN E 485 32.50 -64.43 40.18
CA GLN E 485 33.46 -64.55 41.26
C GLN E 485 34.39 -63.35 41.21
N PRO E 486 35.00 -62.99 42.35
CA PRO E 486 35.99 -61.90 42.32
C PRO E 486 37.21 -62.21 41.47
N THR E 487 37.47 -63.48 41.18
CA THR E 487 38.65 -63.87 40.41
C THR E 487 38.37 -64.06 38.92
N ASN E 488 37.15 -63.81 38.46
CA ASN E 488 36.86 -63.94 37.04
C ASN E 488 37.55 -62.83 36.24
N GLY E 489 37.78 -63.13 34.96
CA GLY E 489 38.38 -62.15 34.08
C GLY E 489 37.40 -61.05 33.69
N VAL E 490 37.94 -60.05 32.98
CA VAL E 490 37.12 -58.91 32.59
C VAL E 490 36.01 -59.33 31.63
N GLY E 491 36.23 -60.41 30.87
CA GLY E 491 35.20 -60.87 29.95
C GLY E 491 33.97 -61.38 30.66
N TYR E 492 34.15 -62.09 31.78
CA TYR E 492 33.05 -62.64 32.55
C TYR E 492 32.66 -61.77 33.73
N GLN E 493 33.29 -60.62 33.91
CA GLN E 493 32.93 -59.74 35.03
C GLN E 493 31.53 -59.18 34.82
N PRO E 494 30.72 -59.12 35.88
CA PRO E 494 29.36 -58.57 35.74
C PRO E 494 29.40 -57.06 35.61
N TYR E 495 28.66 -56.54 34.63
CA TYR E 495 28.56 -55.11 34.39
C TYR E 495 27.16 -54.63 34.74
N ARG E 496 27.07 -53.61 35.58
CA ARG E 496 25.79 -53.00 35.96
C ARG E 496 25.44 -51.95 34.92
N VAL E 497 24.47 -52.26 34.07
CA VAL E 497 24.13 -51.40 32.94
C VAL E 497 22.75 -50.81 33.16
N VAL E 498 22.57 -49.59 32.64
CA VAL E 498 21.29 -48.88 32.68
C VAL E 498 20.96 -48.43 31.26
N VAL E 499 19.74 -48.71 30.81
CA VAL E 499 19.27 -48.33 29.49
C VAL E 499 18.27 -47.20 29.65
N LEU E 500 18.52 -46.08 28.98
CA LEU E 500 17.68 -44.90 29.03
C LEU E 500 16.96 -44.72 27.71
N SER E 501 15.64 -44.55 27.77
CA SER E 501 14.82 -44.36 26.58
C SER E 501 14.02 -43.08 26.72
N PHE E 502 13.94 -42.33 25.62
CA PHE E 502 13.22 -41.06 25.59
C PHE E 502 12.29 -41.04 24.39
N GLU E 503 11.12 -40.41 24.57
CA GLU E 503 10.15 -40.33 23.50
C GLU E 503 9.23 -39.14 23.73
N LEU E 504 8.63 -38.66 22.65
CA LEU E 504 7.65 -37.58 22.69
C LEU E 504 6.33 -38.11 22.14
N LEU E 505 5.25 -37.86 22.87
CA LEU E 505 3.92 -38.38 22.53
C LEU E 505 2.94 -37.23 22.31
N HIS E 506 3.38 -36.18 21.63
CA HIS E 506 2.62 -34.93 21.46
C HIS E 506 1.90 -34.56 22.75
N ALA E 507 2.66 -34.60 23.83
CA ALA E 507 2.17 -34.46 25.20
C ALA E 507 3.00 -33.41 25.92
N PRO E 508 2.53 -32.91 27.07
CA PRO E 508 3.33 -31.94 27.82
C PRO E 508 4.71 -32.49 28.16
N ALA E 509 5.70 -31.61 28.10
CA ALA E 509 7.09 -31.97 28.41
C ALA E 509 7.22 -32.09 29.92
N THR E 510 6.97 -33.29 30.43
CA THR E 510 7.04 -33.52 31.87
C THR E 510 8.48 -33.46 32.37
N VAL E 511 9.42 -33.90 31.56
CA VAL E 511 10.85 -33.92 31.90
C VAL E 511 11.55 -32.84 31.10
N CYS E 512 12.36 -32.03 31.78
CA CYS E 512 13.09 -30.95 31.14
C CYS E 512 14.43 -30.77 31.85
N GLY E 513 15.34 -30.08 31.17
CA GLY E 513 16.66 -29.83 31.72
C GLY E 513 16.93 -28.35 31.91
N PRO E 514 17.70 -28.01 32.94
CA PRO E 514 18.01 -26.60 33.19
C PRO E 514 19.21 -26.12 32.37
N LYS E 515 19.18 -24.83 32.06
CA LYS E 515 20.27 -24.25 31.27
C LYS E 515 21.33 -23.62 32.15
N LYS E 516 20.96 -22.61 32.93
CA LYS E 516 21.88 -21.87 33.79
C LYS E 516 21.09 -20.85 34.58
N SER E 517 21.80 -20.10 35.42
CA SER E 517 21.22 -18.98 36.16
C SER E 517 22.33 -17.99 36.47
N THR E 518 21.98 -16.71 36.45
CA THR E 518 22.95 -15.64 36.67
C THR E 518 22.45 -14.68 37.75
N ASN E 519 23.37 -13.90 38.29
CA ASN E 519 23.02 -12.91 39.30
C ASN E 519 22.24 -11.75 38.69
N LEU E 520 21.42 -11.12 39.51
CA LEU E 520 20.54 -10.05 39.03
C LEU E 520 21.32 -8.75 38.84
N VAL E 521 20.97 -8.02 37.78
CA VAL E 521 21.59 -6.75 37.45
C VAL E 521 20.48 -5.71 37.30
N LYS E 522 20.65 -4.56 37.96
CA LYS E 522 19.65 -3.50 37.95
C LYS E 522 20.25 -2.21 37.40
N ASN E 523 19.38 -1.37 36.84
CA ASN E 523 19.74 -0.05 36.34
C ASN E 523 20.81 -0.15 35.24
N LYS E 524 20.72 -1.19 34.43
CA LYS E 524 21.63 -1.38 33.30
C LYS E 524 20.87 -1.99 32.13
N CYS E 525 21.10 -1.45 30.94
CA CYS E 525 20.49 -2.00 29.73
C CYS E 525 21.06 -3.39 29.47
N VAL E 526 20.22 -4.41 29.64
CA VAL E 526 20.66 -5.80 29.55
C VAL E 526 19.65 -6.57 28.71
N ASN E 527 20.07 -7.75 28.25
CA ASN E 527 19.21 -8.68 27.53
C ASN E 527 18.69 -9.70 28.53
N PHE E 528 17.46 -9.49 29.00
CA PHE E 528 16.93 -10.35 30.05
C PHE E 528 16.39 -11.65 29.48
N ASN E 529 16.53 -12.72 30.26
CA ASN E 529 15.91 -14.00 29.99
C ASN E 529 15.14 -14.43 31.23
N PHE E 530 13.93 -14.93 31.03
CA PHE E 530 13.04 -15.26 32.14
C PHE E 530 12.31 -16.55 31.79
N ASN E 531 11.23 -16.83 32.51
CA ASN E 531 10.53 -18.10 32.36
C ASN E 531 10.04 -18.30 30.94
N GLY E 532 9.48 -17.26 30.32
CA GLY E 532 8.94 -17.41 28.99
C GLY E 532 9.11 -16.23 28.05
N LEU E 533 9.88 -15.23 28.44
CA LEU E 533 10.09 -14.05 27.60
C LEU E 533 11.56 -13.71 27.50
N THR E 534 11.96 -13.21 26.33
CA THR E 534 13.31 -12.72 26.10
C THR E 534 13.22 -11.37 25.40
N GLY E 535 14.25 -10.55 25.60
CA GLY E 535 14.26 -9.22 25.02
C GLY E 535 15.36 -8.36 25.63
N THR E 536 15.14 -7.05 25.58
CA THR E 536 16.11 -6.10 26.13
C THR E 536 15.37 -5.00 26.87
N GLY E 537 16.05 -4.38 27.81
CA GLY E 537 15.46 -3.32 28.60
C GLY E 537 16.27 -3.07 29.85
N VAL E 538 15.80 -2.10 30.63
CA VAL E 538 16.43 -1.69 31.88
C VAL E 538 15.52 -2.10 33.02
N LEU E 539 16.06 -2.90 33.94
CA LEU E 539 15.30 -3.41 35.08
C LEU E 539 15.57 -2.55 36.31
N THR E 540 14.50 -2.29 37.08
CA THR E 540 14.62 -1.48 38.27
C THR E 540 13.59 -1.95 39.29
N GLU E 541 13.85 -1.63 40.56
CA GLU E 541 12.91 -1.99 41.62
C GLU E 541 11.60 -1.22 41.45
N SER E 542 10.50 -1.93 41.59
CA SER E 542 9.17 -1.40 41.34
C SER E 542 8.37 -1.31 42.63
N ASN E 543 7.14 -0.80 42.50
CA ASN E 543 6.21 -0.69 43.62
C ASN E 543 4.81 -1.11 43.18
N LYS E 544 4.72 -2.15 42.36
CA LYS E 544 3.44 -2.65 41.88
C LYS E 544 2.88 -3.67 42.87
N LYS E 545 1.74 -4.26 42.54
CA LYS E 545 1.00 -5.14 43.44
C LYS E 545 0.56 -6.40 42.71
N PHE E 546 1.53 -7.08 42.07
CA PHE E 546 1.24 -8.31 41.35
C PHE E 546 0.50 -9.30 42.24
N LEU E 547 -0.51 -9.95 41.67
CA LEU E 547 -1.21 -11.01 42.38
C LEU E 547 -0.28 -12.20 42.58
N PRO E 548 -0.50 -13.01 43.61
CA PRO E 548 0.40 -14.14 43.87
C PRO E 548 0.50 -15.11 42.69
N PHE E 549 -0.59 -15.33 41.96
CA PHE E 549 -0.56 -16.22 40.81
C PHE E 549 -0.04 -15.57 39.55
N GLN E 550 0.06 -14.24 39.52
CA GLN E 550 0.53 -13.53 38.34
C GLN E 550 2.04 -13.40 38.35
N GLN E 551 2.63 -13.40 37.15
CA GLN E 551 4.07 -13.28 37.00
C GLN E 551 4.50 -12.29 35.94
N PHE E 552 3.59 -11.79 35.10
CA PHE E 552 3.93 -10.91 34.00
C PHE E 552 3.17 -9.59 34.14
N GLY E 553 3.68 -8.56 33.49
CA GLY E 553 3.02 -7.27 33.49
C GLY E 553 2.84 -6.76 32.08
N ARG E 554 1.72 -6.09 31.86
CA ARG E 554 1.37 -5.55 30.56
C ARG E 554 0.70 -4.20 30.71
N ASP E 555 1.05 -3.26 29.84
CA ASP E 555 0.48 -1.92 29.85
C ASP E 555 -0.72 -1.88 28.92
N ILE E 556 -1.20 -0.67 28.61
CA ILE E 556 -2.39 -0.52 27.78
C ILE E 556 -2.15 -1.07 26.39
N ALA E 557 -0.96 -0.84 25.82
CA ALA E 557 -0.62 -1.26 24.48
C ALA E 557 -0.09 -2.68 24.41
N ASP E 558 -0.37 -3.49 25.44
CA ASP E 558 0.02 -4.91 25.46
C ASP E 558 1.53 -5.09 25.29
N THR E 559 2.31 -4.24 25.96
CA THR E 559 3.75 -4.34 25.99
C THR E 559 4.20 -4.70 27.39
N THR E 560 5.16 -5.62 27.50
CA THR E 560 5.62 -6.07 28.80
C THR E 560 6.17 -4.91 29.62
N ASP E 561 5.71 -4.81 30.86
CA ASP E 561 6.08 -3.71 31.75
C ASP E 561 6.87 -4.18 32.96
N ALA E 562 6.39 -5.20 33.67
CA ALA E 562 7.06 -5.73 34.84
C ALA E 562 7.06 -7.25 34.79
N VAL E 563 8.10 -7.86 35.34
CA VAL E 563 8.27 -9.30 35.33
C VAL E 563 8.66 -9.77 36.73
N ARG E 564 7.98 -10.80 37.22
CA ARG E 564 8.31 -11.39 38.51
C ARG E 564 9.63 -12.14 38.43
N ASP E 565 10.41 -12.10 39.50
CA ASP E 565 11.68 -12.81 39.55
C ASP E 565 11.43 -14.28 39.83
N PRO E 566 11.92 -15.20 38.99
CA PRO E 566 11.64 -16.63 39.23
C PRO E 566 12.17 -17.16 40.56
N GLN E 567 13.32 -16.66 41.02
CA GLN E 567 13.94 -17.17 42.24
C GLN E 567 13.69 -16.31 43.46
N THR E 568 12.96 -15.20 43.33
CA THR E 568 12.71 -14.31 44.45
C THR E 568 11.35 -13.66 44.27
N LEU E 569 10.62 -13.50 45.37
CA LEU E 569 9.31 -12.86 45.31
C LEU E 569 9.49 -11.35 45.17
N GLU E 570 10.15 -10.93 44.10
CA GLU E 570 10.39 -9.52 43.81
C GLU E 570 9.97 -9.25 42.37
N ILE E 571 9.37 -8.08 42.15
CA ILE E 571 8.84 -7.68 40.85
C ILE E 571 9.55 -6.41 40.41
N LEU E 572 9.96 -6.40 39.14
CA LEU E 572 10.83 -5.36 38.60
C LEU E 572 10.21 -4.76 37.36
N ASP E 573 10.12 -3.43 37.31
CA ASP E 573 9.68 -2.76 36.09
C ASP E 573 10.72 -2.91 35.00
N ILE E 574 10.25 -2.87 33.75
CA ILE E 574 11.12 -2.87 32.58
C ILE E 574 10.96 -1.54 31.87
N THR E 575 12.03 -0.77 31.80
CA THR E 575 12.05 0.49 31.06
C THR E 575 12.85 0.29 29.78
N PRO E 576 12.31 0.66 28.63
CA PRO E 576 13.05 0.47 27.38
C PRO E 576 14.36 1.25 27.40
N CYS E 577 15.39 0.65 26.81
CA CYS E 577 16.70 1.29 26.76
C CYS E 577 16.62 2.56 25.93
N SER E 578 17.32 3.60 26.38
CA SER E 578 17.15 4.93 25.83
C SER E 578 17.52 4.96 24.35
N PHE E 579 16.74 5.74 23.59
CA PHE E 579 16.99 5.91 22.16
C PHE E 579 16.43 7.26 21.74
N GLY E 580 16.82 7.68 20.53
CA GLY E 580 16.34 8.93 19.99
C GLY E 580 17.10 9.29 18.74
N GLY E 581 16.69 10.38 18.13
CA GLY E 581 17.33 10.88 16.94
C GLY E 581 18.53 11.76 17.27
N VAL E 582 19.46 11.81 16.32
CA VAL E 582 20.64 12.67 16.42
C VAL E 582 20.51 13.75 15.36
N SER E 583 20.39 15.00 15.80
CA SER E 583 20.23 16.13 14.91
C SER E 583 21.47 17.00 14.97
N VAL E 584 22.01 17.34 13.81
CA VAL E 584 23.21 18.16 13.70
C VAL E 584 22.79 19.60 13.46
N ILE E 585 23.15 20.49 14.39
CA ILE E 585 22.82 21.90 14.30
C ILE E 585 24.07 22.63 13.82
N THR E 586 24.02 23.18 12.62
CA THR E 586 25.17 23.87 12.05
C THR E 586 24.73 25.12 11.32
N PRO E 587 25.57 26.14 11.27
CA PRO E 587 25.39 27.22 10.29
C PRO E 587 25.83 26.74 8.92
N GLY E 588 25.83 27.61 7.92
CA GLY E 588 26.27 27.20 6.60
C GLY E 588 27.71 26.73 6.62
N THR E 589 28.01 25.77 5.74
CA THR E 589 29.39 25.30 5.62
C THR E 589 30.32 26.40 5.15
N ASN E 590 29.80 27.38 4.42
CA ASN E 590 30.61 28.54 4.04
C ASN E 590 30.88 29.45 5.22
N THR E 591 30.06 29.38 6.28
CA THR E 591 30.27 30.21 7.45
C THR E 591 31.31 29.60 8.38
N SER E 592 31.07 28.38 8.85
CA SER E 592 32.01 27.71 9.72
C SER E 592 31.75 26.21 9.67
N ASN E 593 32.73 25.44 10.13
CA ASN E 593 32.62 23.99 10.21
C ASN E 593 32.26 23.50 11.61
N GLN E 594 32.07 24.40 12.56
CA GLN E 594 31.66 24.00 13.90
C GLN E 594 30.19 23.59 13.89
N VAL E 595 29.89 22.43 14.47
CA VAL E 595 28.54 21.92 14.54
C VAL E 595 28.19 21.63 15.99
N ALA E 596 26.90 21.70 16.29
CA ALA E 596 26.36 21.25 17.56
C ALA E 596 25.43 20.08 17.32
N VAL E 597 25.43 19.13 18.24
CA VAL E 597 24.67 17.90 18.09
C VAL E 597 23.61 17.85 19.17
N LEU E 598 22.37 17.57 18.76
CA LEU E 598 21.24 17.48 19.67
C LEU E 598 20.81 16.01 19.76
N TYR E 599 21.00 15.42 20.93
CA TYR E 599 20.56 14.05 21.18
C TYR E 599 19.14 14.13 21.74
N GLN E 600 18.16 13.81 20.90
CA GLN E 600 16.77 14.11 21.20
C GLN E 600 16.20 13.15 22.23
N ASP E 601 15.48 13.72 23.20
CA ASP E 601 14.66 12.96 24.16
C ASP E 601 15.49 11.94 24.94
N VAL E 602 16.70 12.33 25.33
CA VAL E 602 17.54 11.50 26.18
C VAL E 602 18.11 12.35 27.30
N ASN E 603 18.12 11.78 28.50
CA ASN E 603 18.85 12.36 29.63
C ASN E 603 20.31 11.96 29.46
N CYS E 604 21.11 12.87 28.90
CA CYS E 604 22.42 12.49 28.38
C CYS E 604 23.50 12.42 29.44
N THR E 605 23.13 12.24 30.70
CA THR E 605 24.10 11.69 31.66
C THR E 605 24.48 10.27 31.30
N GLU E 606 23.73 9.62 30.41
CA GLU E 606 23.98 8.25 29.99
C GLU E 606 24.81 8.14 28.72
N VAL E 607 24.86 9.18 27.89
CA VAL E 607 25.57 9.12 26.63
C VAL E 607 27.08 9.09 26.87
N ASN E 628 30.71 22.27 25.45
CA ASN E 628 29.93 22.24 26.68
C ASN E 628 28.67 21.40 26.47
N VAL E 629 28.04 20.99 27.57
CA VAL E 629 26.85 20.16 27.53
C VAL E 629 25.71 20.93 28.18
N PHE E 630 24.60 21.09 27.46
CA PHE E 630 23.44 21.82 27.92
C PHE E 630 22.22 20.92 27.81
N GLN E 631 21.46 20.81 28.91
CA GLN E 631 20.28 19.96 28.96
C GLN E 631 19.04 20.81 28.73
N THR E 632 18.19 20.36 27.81
CA THR E 632 16.98 21.08 27.44
C THR E 632 15.79 20.13 27.45
N ARG E 633 14.61 20.65 27.14
CA ARG E 633 13.40 19.83 27.09
C ARG E 633 13.27 19.06 25.79
N ALA E 634 14.09 19.36 24.79
CA ALA E 634 14.09 18.65 23.52
C ALA E 634 15.19 17.62 23.42
N GLY E 635 15.80 17.24 24.54
CA GLY E 635 16.96 16.39 24.54
C GLY E 635 18.09 17.08 25.28
N CYS E 636 19.28 17.12 24.69
CA CYS E 636 20.34 17.97 25.23
C CYS E 636 21.28 18.34 24.11
N LEU E 637 21.79 19.57 24.19
CA LEU E 637 22.60 20.15 23.12
C LEU E 637 24.07 20.05 23.51
N ILE E 638 24.84 19.34 22.69
CA ILE E 638 26.26 19.13 22.90
C ILE E 638 27.02 19.89 21.82
N GLY E 639 27.97 20.72 22.24
CA GLY E 639 28.75 21.52 21.32
C GLY E 639 28.37 22.98 21.27
N ALA E 640 27.28 23.38 21.91
CA ALA E 640 26.84 24.76 21.94
C ALA E 640 26.67 25.22 23.38
N GLU E 641 27.14 26.42 23.67
CA GLU E 641 27.10 26.97 25.01
C GLU E 641 25.81 27.73 25.25
N HIS E 642 25.31 27.65 26.49
CA HIS E 642 24.08 28.31 26.87
C HIS E 642 24.37 29.74 27.36
N VAL E 643 23.53 30.68 26.94
CA VAL E 643 23.66 32.07 27.33
C VAL E 643 22.31 32.54 27.88
N ASN E 644 22.37 33.58 28.70
CA ASN E 644 21.17 34.13 29.32
C ASN E 644 20.51 35.21 28.47
N ASN E 645 21.14 35.65 27.38
CA ASN E 645 20.53 36.63 26.51
C ASN E 645 19.39 36.01 25.71
N SER E 646 18.60 36.86 25.09
CA SER E 646 17.47 36.42 24.27
C SER E 646 17.54 37.14 22.93
N TYR E 647 17.38 36.37 21.84
CA TYR E 647 17.40 36.90 20.49
C TYR E 647 16.22 36.33 19.72
N GLU E 648 16.13 36.70 18.45
CA GLU E 648 15.18 36.04 17.56
C GLU E 648 15.66 34.63 17.23
N CYS E 649 14.73 33.79 16.80
CA CYS E 649 15.07 32.41 16.49
C CYS E 649 15.83 32.34 15.17
N ASP E 650 17.08 31.86 15.23
CA ASP E 650 17.88 31.61 14.04
C ASP E 650 17.77 30.16 13.59
N ILE E 651 18.14 29.23 14.45
CA ILE E 651 18.01 27.79 14.19
C ILE E 651 17.09 27.20 15.25
N PRO E 652 15.88 26.78 14.89
CA PRO E 652 14.97 26.25 15.91
C PRO E 652 15.44 24.92 16.47
N ILE E 653 15.28 24.76 17.78
CA ILE E 653 15.62 23.51 18.46
C ILE E 653 14.38 22.89 19.11
N GLY E 654 13.54 23.68 19.74
CA GLY E 654 12.32 23.19 20.34
C GLY E 654 12.18 23.61 21.78
N ALA E 655 10.93 23.67 22.25
CA ALA E 655 10.61 24.06 23.63
C ALA E 655 11.13 25.46 23.95
N GLY E 656 11.11 26.36 22.97
CA GLY E 656 11.51 27.72 23.18
C GLY E 656 13.00 28.00 23.06
N ILE E 657 13.79 27.00 22.67
CA ILE E 657 15.24 27.14 22.57
C ILE E 657 15.62 27.25 21.10
N CYS E 658 16.47 28.21 20.77
CA CYS E 658 17.02 28.36 19.43
C CYS E 658 18.52 28.51 19.53
N ALA E 659 19.20 28.21 18.44
CA ALA E 659 20.66 28.29 18.37
C ALA E 659 21.08 29.22 17.25
N SER E 660 22.26 29.83 17.40
CA SER E 660 22.78 30.73 16.39
C SER E 660 24.30 30.77 16.48
N TYR E 661 24.92 31.23 15.40
CA TYR E 661 26.37 31.36 15.29
C TYR E 661 26.74 32.81 15.63
N GLN E 662 26.96 33.06 16.91
CA GLN E 662 27.29 34.41 17.38
C GLN E 662 28.36 34.29 18.46
N THR E 663 28.61 35.39 19.16
CA THR E 663 29.60 35.43 20.22
C THR E 663 28.95 35.48 21.59
N SER E 676 36.99 33.26 17.76
CA SER E 676 36.23 34.28 18.45
C SER E 676 34.73 34.12 18.19
N GLN E 677 34.36 32.98 17.62
CA GLN E 677 32.97 32.67 17.31
C GLN E 677 32.66 31.25 17.74
N SER E 678 31.38 31.00 18.01
CA SER E 678 30.91 29.68 18.41
C SER E 678 29.41 29.62 18.19
N ILE E 679 28.80 28.51 18.64
CA ILE E 679 27.36 28.30 18.55
C ILE E 679 26.78 28.45 19.94
N ILE E 680 25.77 29.30 20.09
CA ILE E 680 25.16 29.58 21.37
C ILE E 680 23.74 29.03 21.39
N ALA E 681 23.26 28.74 22.60
CA ALA E 681 21.91 28.27 22.81
C ALA E 681 21.21 29.22 23.78
N TYR E 682 20.11 29.82 23.34
CA TYR E 682 19.40 30.82 24.11
C TYR E 682 17.91 30.53 24.06
N THR E 683 17.16 31.25 24.89
CA THR E 683 15.70 31.22 24.84
C THR E 683 15.24 32.35 23.91
N MET E 684 14.59 31.96 22.82
CA MET E 684 14.25 32.93 21.77
C MET E 684 13.27 33.98 22.28
N SER E 685 13.49 35.21 21.86
CA SER E 685 12.69 36.34 22.30
C SER E 685 11.53 36.55 21.33
N LEU E 686 10.33 36.73 21.90
CA LEU E 686 9.14 36.89 21.07
C LEU E 686 9.16 38.20 20.32
N GLY E 687 9.68 39.27 20.92
CA GLY E 687 9.74 40.55 20.25
C GLY E 687 10.23 41.62 21.20
N ALA E 688 10.23 42.86 20.69
CA ALA E 688 10.65 43.99 21.48
C ALA E 688 9.55 44.38 22.46
N GLU E 689 9.91 44.53 23.73
CA GLU E 689 8.94 44.93 24.74
C GLU E 689 8.41 46.33 24.42
N ASN E 690 7.10 46.48 24.50
CA ASN E 690 6.45 47.74 24.16
C ASN E 690 5.34 48.03 25.15
N SER E 691 5.05 49.32 25.33
CA SER E 691 3.99 49.76 26.23
C SER E 691 3.39 51.03 25.64
N VAL E 692 2.25 50.88 24.97
CA VAL E 692 1.57 52.04 24.41
C VAL E 692 1.15 52.97 25.53
N ALA E 693 1.42 54.26 25.36
CA ALA E 693 1.14 55.24 26.42
C ALA E 693 -0.35 55.49 26.53
N TYR E 694 -1.07 54.53 27.10
CA TYR E 694 -2.52 54.60 27.16
C TYR E 694 -2.97 55.51 28.28
N SER E 695 -3.96 56.36 27.97
CA SER E 695 -4.66 57.16 28.96
C SER E 695 -6.05 57.43 28.41
N ASN E 696 -6.94 57.87 29.29
CA ASN E 696 -8.35 57.96 28.92
C ASN E 696 -8.71 59.26 28.21
N ASN E 697 -7.75 60.16 27.98
CA ASN E 697 -8.04 61.40 27.28
C ASN E 697 -6.93 61.78 26.31
N SER E 698 -6.18 60.80 25.82
CA SER E 698 -5.11 61.07 24.86
C SER E 698 -5.25 60.16 23.66
N ILE E 699 -5.02 60.73 22.48
CA ILE E 699 -5.11 60.01 21.22
C ILE E 699 -3.86 60.31 20.41
N ALA E 700 -3.42 59.36 19.60
CA ALA E 700 -2.27 59.52 18.72
C ALA E 700 -2.77 59.49 17.27
N ILE E 701 -2.39 60.49 16.50
CA ILE E 701 -2.84 60.61 15.11
C ILE E 701 -1.64 60.82 14.21
N PRO E 702 -1.47 60.00 13.17
CA PRO E 702 -0.29 60.15 12.31
C PRO E 702 -0.35 61.43 11.49
N THR E 703 0.80 62.09 11.38
CA THR E 703 0.93 63.33 10.62
C THR E 703 1.61 63.13 9.28
N ASN E 704 1.80 61.88 8.85
CA ASN E 704 2.48 61.57 7.60
C ASN E 704 2.15 60.12 7.25
N PHE E 705 2.75 59.64 6.16
CA PHE E 705 2.51 58.28 5.71
C PHE E 705 3.66 57.84 4.82
N THR E 706 3.75 56.53 4.61
CA THR E 706 4.68 55.94 3.68
C THR E 706 3.95 54.92 2.83
N ILE E 707 4.19 54.96 1.52
CA ILE E 707 3.60 53.98 0.61
C ILE E 707 4.48 52.74 0.59
N SER E 708 3.91 51.60 0.99
CA SER E 708 4.66 50.36 1.11
C SER E 708 4.24 49.41 0.01
N VAL E 709 5.23 48.80 -0.66
CA VAL E 709 5.00 47.75 -1.65
C VAL E 709 5.70 46.50 -1.15
N THR E 710 4.93 45.40 -1.05
CA THR E 710 5.45 44.15 -0.54
C THR E 710 5.05 43.01 -1.47
N THR E 711 5.82 41.94 -1.43
CA THR E 711 5.71 40.84 -2.38
C THR E 711 5.07 39.63 -1.71
N GLU E 712 4.02 39.10 -2.33
CA GLU E 712 3.42 37.84 -1.93
C GLU E 712 3.60 36.83 -3.05
N ILE E 713 3.99 35.61 -2.70
CA ILE E 713 4.30 34.57 -3.67
C ILE E 713 3.44 33.36 -3.37
N LEU E 714 2.75 32.85 -4.39
CA LEU E 714 1.84 31.74 -4.20
C LEU E 714 1.98 30.72 -5.32
N PRO E 715 2.27 29.45 -5.01
CA PRO E 715 2.22 28.42 -6.05
C PRO E 715 0.82 28.24 -6.60
N VAL E 716 0.73 27.98 -7.91
CA VAL E 716 -0.54 27.86 -8.60
C VAL E 716 -0.74 26.48 -9.22
N SER E 717 0.29 25.92 -9.82
CA SER E 717 0.15 24.64 -10.52
C SER E 717 1.42 23.81 -10.38
N MET E 718 1.26 22.51 -10.57
CA MET E 718 2.36 21.55 -10.55
C MET E 718 2.74 21.15 -11.96
N THR E 719 3.62 20.15 -12.06
CA THR E 719 3.99 19.57 -13.33
C THR E 719 3.09 18.37 -13.62
N LYS E 720 2.40 18.40 -14.75
CA LYS E 720 1.53 17.30 -15.13
C LYS E 720 2.38 16.10 -15.55
N THR E 721 1.93 14.91 -15.17
CA THR E 721 2.72 13.69 -15.36
C THR E 721 1.79 12.53 -15.70
N SER E 722 2.24 11.69 -16.63
CA SER E 722 1.56 10.45 -16.97
C SER E 722 2.53 9.29 -16.78
N VAL E 723 2.01 8.14 -16.37
CA VAL E 723 2.81 6.96 -16.09
C VAL E 723 2.19 5.76 -16.78
N ASP E 724 3.03 4.97 -17.46
CA ASP E 724 2.60 3.75 -18.13
C ASP E 724 3.10 2.56 -17.30
N CYS E 725 2.16 1.79 -16.77
CA CYS E 725 2.54 0.61 -15.97
C CYS E 725 3.22 -0.44 -16.82
N THR E 726 2.63 -0.79 -17.97
CA THR E 726 3.18 -1.86 -18.80
C THR E 726 4.60 -1.56 -19.26
N MET E 727 5.11 -0.36 -19.04
CA MET E 727 6.50 -0.03 -19.30
C MET E 727 7.29 0.24 -18.04
N TYR E 728 6.70 0.93 -17.05
CA TYR E 728 7.44 1.19 -15.82
C TYR E 728 7.72 -0.09 -15.05
N ILE E 729 6.67 -0.90 -14.82
CA ILE E 729 6.84 -2.10 -14.01
C ILE E 729 7.77 -3.09 -14.70
N CYS E 730 7.53 -3.34 -15.98
CA CYS E 730 8.44 -4.17 -16.77
C CYS E 730 8.19 -3.92 -18.24
N GLY E 731 9.16 -3.30 -18.91
CA GLY E 731 9.08 -3.04 -20.33
C GLY E 731 9.88 -4.08 -21.12
N ASP E 732 9.40 -4.34 -22.34
CA ASP E 732 9.99 -5.27 -23.30
C ASP E 732 9.84 -6.73 -22.85
N SER E 733 9.34 -6.98 -21.65
CA SER E 733 9.18 -8.34 -21.12
C SER E 733 7.74 -8.77 -21.33
N THR E 734 7.52 -9.59 -22.36
CA THR E 734 6.17 -10.07 -22.65
C THR E 734 5.68 -11.03 -21.58
N GLU E 735 6.58 -11.87 -21.04
CA GLU E 735 6.20 -12.79 -19.98
C GLU E 735 5.74 -12.04 -18.73
N CYS E 736 6.45 -10.95 -18.39
CA CYS E 736 6.08 -10.16 -17.23
C CYS E 736 4.72 -9.49 -17.40
N SER E 737 4.46 -8.92 -18.59
CA SER E 737 3.20 -8.21 -18.80
C SER E 737 1.99 -9.12 -18.68
N ASN E 738 2.17 -10.42 -18.86
CA ASN E 738 1.07 -11.35 -18.68
C ASN E 738 0.75 -11.58 -17.20
N LEU E 739 1.78 -11.63 -16.35
CA LEU E 739 1.55 -11.82 -14.92
C LEU E 739 0.88 -10.62 -14.27
N LEU E 740 0.90 -9.46 -14.92
CA LEU E 740 0.26 -8.28 -14.37
C LEU E 740 -1.26 -8.30 -14.51
N LEU E 741 -1.80 -9.17 -15.38
CA LEU E 741 -3.24 -9.30 -15.48
C LEU E 741 -3.85 -9.99 -14.26
N GLN E 742 -3.03 -10.70 -13.48
CA GLN E 742 -3.52 -11.30 -12.25
C GLN E 742 -3.94 -10.24 -11.23
N TYR E 743 -3.46 -9.02 -11.37
CA TYR E 743 -3.74 -7.95 -10.41
C TYR E 743 -4.92 -7.08 -10.82
N GLY E 744 -5.67 -7.48 -11.84
CA GLY E 744 -6.87 -6.74 -12.19
C GLY E 744 -6.56 -5.46 -12.93
N SER E 745 -7.29 -4.40 -12.57
CA SER E 745 -7.17 -3.11 -13.25
C SER E 745 -6.65 -2.05 -12.30
N PHE E 746 -5.61 -2.38 -11.53
CA PHE E 746 -5.01 -1.39 -10.64
C PHE E 746 -4.41 -0.22 -11.42
N CYS E 747 -4.05 -0.44 -12.68
CA CYS E 747 -3.37 0.60 -13.44
C CYS E 747 -4.29 1.42 -14.34
N THR E 748 -5.48 0.93 -14.64
CA THR E 748 -6.51 1.84 -15.15
C THR E 748 -6.92 2.83 -14.07
N GLN E 749 -6.83 2.41 -12.81
CA GLN E 749 -7.13 3.30 -11.70
C GLN E 749 -6.01 4.31 -11.46
N LEU E 750 -4.75 3.87 -11.59
CA LEU E 750 -3.63 4.75 -11.33
C LEU E 750 -3.53 5.86 -12.38
N ASN E 751 -3.68 5.51 -13.65
CA ASN E 751 -3.67 6.52 -14.70
C ASN E 751 -4.91 7.39 -14.65
N ARG E 752 -6.00 6.91 -14.06
CA ARG E 752 -7.17 7.74 -13.85
C ARG E 752 -6.92 8.79 -12.78
N ALA E 753 -6.14 8.44 -11.75
CA ALA E 753 -5.83 9.41 -10.71
C ALA E 753 -4.90 10.52 -11.23
N LEU E 754 -3.86 10.14 -11.95
CA LEU E 754 -2.92 11.13 -12.48
C LEU E 754 -3.57 11.99 -13.54
N THR E 755 -4.48 11.43 -14.35
CA THR E 755 -5.19 12.23 -15.33
C THR E 755 -6.10 13.26 -14.67
N GLY E 756 -6.71 12.89 -13.54
CA GLY E 756 -7.49 13.87 -12.79
C GLY E 756 -6.63 14.99 -12.24
N ILE E 757 -5.42 14.68 -11.80
CA ILE E 757 -4.50 15.71 -11.33
C ILE E 757 -4.08 16.62 -12.46
N ALA E 758 -3.79 16.05 -13.63
CA ALA E 758 -3.32 16.85 -14.76
C ALA E 758 -4.39 17.83 -15.24
N VAL E 759 -5.64 17.38 -15.30
CA VAL E 759 -6.72 18.28 -15.70
C VAL E 759 -6.93 19.35 -14.64
N GLU E 760 -6.74 18.99 -13.37
CA GLU E 760 -6.87 19.96 -12.30
C GLU E 760 -5.83 21.06 -12.41
N GLN E 761 -4.62 20.71 -12.86
CA GLN E 761 -3.53 21.69 -12.95
C GLN E 761 -3.86 22.81 -13.92
N ASP E 762 -4.45 22.47 -15.07
CA ASP E 762 -4.81 23.50 -16.04
C ASP E 762 -5.98 24.34 -15.54
N LYS E 763 -6.92 23.74 -14.82
CA LYS E 763 -8.00 24.50 -14.20
C LYS E 763 -7.47 25.42 -13.10
N ASN E 764 -6.39 25.01 -12.41
CA ASN E 764 -5.79 25.88 -11.41
C ASN E 764 -5.25 27.14 -12.04
N THR E 765 -4.56 27.02 -13.16
CA THR E 765 -4.00 28.18 -13.83
C THR E 765 -5.08 29.05 -14.47
N GLN E 766 -6.13 28.41 -14.98
CA GLN E 766 -7.20 29.16 -15.66
C GLN E 766 -7.94 30.06 -14.67
N GLU E 767 -8.22 29.56 -13.47
CA GLU E 767 -9.03 30.34 -12.54
C GLU E 767 -8.28 31.54 -11.98
N VAL E 768 -6.96 31.54 -12.03
CA VAL E 768 -6.18 32.65 -11.49
C VAL E 768 -5.99 33.74 -12.53
N PHE E 769 -5.71 33.38 -13.78
CA PHE E 769 -5.26 34.35 -14.78
C PHE E 769 -6.32 34.71 -15.80
N ALA E 770 -7.38 33.91 -15.96
CA ALA E 770 -8.45 34.21 -16.90
C ALA E 770 -9.56 35.04 -16.27
N GLN E 771 -9.24 35.84 -15.26
CA GLN E 771 -10.24 36.71 -14.63
C GLN E 771 -10.74 37.80 -15.56
N VAL E 772 -9.99 38.13 -16.61
CA VAL E 772 -10.28 39.29 -17.45
C VAL E 772 -10.93 38.80 -18.75
N LYS E 773 -12.02 39.45 -19.14
CA LYS E 773 -12.76 39.04 -20.33
C LYS E 773 -12.04 39.45 -21.61
N GLN E 774 -11.49 40.66 -21.65
CA GLN E 774 -10.86 41.21 -22.85
C GLN E 774 -9.43 41.61 -22.53
N ILE E 775 -8.53 41.36 -23.48
CA ILE E 775 -7.10 41.64 -23.30
C ILE E 775 -6.90 43.15 -23.45
N TYR E 776 -6.79 43.85 -22.33
CA TYR E 776 -6.58 45.28 -22.35
C TYR E 776 -5.12 45.62 -22.64
N LYS E 777 -4.89 46.86 -23.09
CA LYS E 777 -3.56 47.33 -23.42
C LYS E 777 -3.35 48.72 -22.85
N THR E 778 -2.12 48.98 -22.39
CA THR E 778 -1.79 50.30 -21.88
C THR E 778 -1.61 51.28 -23.02
N PRO E 779 -1.81 52.58 -22.77
CA PRO E 779 -1.58 53.57 -23.82
C PRO E 779 -0.10 53.66 -24.15
N PRO E 780 0.25 54.04 -25.38
CA PRO E 780 1.68 54.14 -25.74
C PRO E 780 2.45 55.15 -24.90
N ILE E 781 1.82 56.24 -24.49
CA ILE E 781 2.47 57.26 -23.67
C ILE E 781 2.18 56.96 -22.21
N LYS E 782 3.22 56.76 -21.42
CA LYS E 782 3.08 56.43 -20.00
C LYS E 782 3.17 57.70 -19.16
N ASP E 783 2.10 58.49 -19.24
CA ASP E 783 1.97 59.74 -18.49
C ASP E 783 0.87 59.54 -17.45
N PHE E 784 1.25 59.02 -16.28
CA PHE E 784 0.30 58.67 -15.23
C PHE E 784 0.38 59.60 -14.03
N GLY E 785 0.87 60.83 -14.23
CA GLY E 785 0.94 61.77 -13.14
C GLY E 785 2.09 61.56 -12.19
N GLY E 786 3.20 61.00 -12.66
CA GLY E 786 4.36 60.75 -11.84
C GLY E 786 4.53 59.31 -11.40
N PHE E 787 3.55 58.45 -11.68
CA PHE E 787 3.64 57.04 -11.31
C PHE E 787 4.31 56.26 -12.43
N ASN E 788 5.32 55.48 -12.07
CA ASN E 788 6.21 54.82 -13.03
C ASN E 788 6.05 53.32 -12.88
N PHE E 789 5.34 52.70 -13.83
CA PHE E 789 5.09 51.27 -13.82
C PHE E 789 6.01 50.52 -14.78
N SER E 790 7.13 51.13 -15.18
CA SER E 790 7.99 50.54 -16.19
C SER E 790 8.56 49.19 -15.78
N GLN E 791 8.68 48.93 -14.48
CA GLN E 791 9.22 47.66 -14.01
C GLN E 791 8.17 46.59 -13.83
N ILE E 792 6.89 46.93 -13.93
CA ILE E 792 5.84 45.92 -13.89
C ILE E 792 5.09 45.82 -15.22
N LEU E 793 5.23 46.79 -16.11
CA LEU E 793 4.66 46.68 -17.44
C LEU E 793 5.59 45.87 -18.34
N PRO E 794 5.04 45.19 -19.35
CA PRO E 794 5.87 44.34 -20.21
C PRO E 794 6.95 45.14 -20.93
N ASP E 795 8.13 44.52 -21.08
CA ASP E 795 9.24 45.15 -21.77
C ASP E 795 9.17 44.78 -23.24
N PRO E 796 8.91 45.73 -24.15
CA PRO E 796 8.74 45.38 -25.56
C PRO E 796 10.04 44.94 -26.22
N SER E 797 11.20 45.41 -25.74
CA SER E 797 12.46 45.09 -26.38
C SER E 797 12.77 43.59 -26.30
N LYS E 798 12.50 42.97 -25.16
CA LYS E 798 12.82 41.56 -24.98
C LYS E 798 11.93 40.70 -25.86
N PRO E 799 12.43 39.53 -26.30
CA PRO E 799 11.58 38.63 -27.10
C PRO E 799 10.32 38.18 -26.36
N SER E 800 10.47 37.74 -25.11
CA SER E 800 9.33 37.44 -24.26
C SER E 800 8.83 38.75 -23.65
N LYS E 801 7.57 39.10 -23.91
CA LYS E 801 7.01 40.36 -23.45
C LYS E 801 6.71 40.26 -21.95
N ARG E 802 7.79 40.22 -21.17
CA ARG E 802 7.71 40.14 -19.73
C ARG E 802 8.33 41.38 -19.10
N SER E 803 7.78 41.78 -17.97
CA SER E 803 8.28 42.94 -17.25
C SER E 803 9.66 42.65 -16.68
N PRO E 804 10.43 43.68 -16.33
CA PRO E 804 11.73 43.44 -15.68
C PRO E 804 11.61 42.60 -14.41
N ILE E 805 10.55 42.77 -13.64
CA ILE E 805 10.35 41.95 -12.45
C ILE E 805 10.00 40.52 -12.84
N GLU E 806 9.15 40.36 -13.86
CA GLU E 806 8.81 39.02 -14.33
C GLU E 806 10.02 38.30 -14.89
N ASP E 807 10.85 39.01 -15.67
CA ASP E 807 12.07 38.41 -16.19
C ASP E 807 13.04 38.06 -15.06
N LEU E 808 13.08 38.88 -14.01
CA LEU E 808 13.89 38.54 -12.85
C LEU E 808 13.39 37.29 -12.16
N LEU E 809 12.06 37.14 -12.04
CA LEU E 809 11.50 35.99 -11.34
C LEU E 809 11.82 34.69 -12.04
N PHE E 810 11.70 34.66 -13.37
CA PHE E 810 11.86 33.41 -14.11
C PHE E 810 13.30 32.91 -14.11
N ASN E 811 14.27 33.80 -13.91
CA ASN E 811 15.67 33.37 -13.88
C ASN E 811 16.03 32.66 -12.58
N LYS E 812 15.38 33.00 -11.48
CA LYS E 812 15.76 32.49 -10.17
C LYS E 812 15.03 31.20 -9.78
N VAL E 813 14.20 30.65 -10.67
CA VAL E 813 13.49 29.40 -10.41
C VAL E 813 13.89 28.42 -11.51
N THR E 814 14.29 27.22 -11.11
CA THR E 814 14.71 26.18 -12.05
C THR E 814 13.60 25.79 -13.01
N PHE E 842 13.85 7.39 -19.23
CA PHE E 842 12.39 7.45 -19.10
C PHE E 842 11.79 6.06 -19.03
N ASN E 843 11.36 5.67 -17.84
CA ASN E 843 10.73 4.37 -17.62
C ASN E 843 9.22 4.47 -17.66
N GLY E 844 8.70 4.86 -18.83
CA GLY E 844 7.27 5.00 -19.00
C GLY E 844 6.67 6.25 -18.41
N LEU E 845 7.49 7.23 -18.03
CA LEU E 845 7.03 8.46 -17.39
C LEU E 845 7.15 9.61 -18.37
N THR E 846 6.06 10.34 -18.57
CA THR E 846 6.02 11.48 -19.48
C THR E 846 5.57 12.73 -18.73
N VAL E 847 6.00 13.88 -19.22
CA VAL E 847 5.62 15.18 -18.69
C VAL E 847 4.72 15.85 -19.71
N LEU E 848 3.48 16.13 -19.32
CA LEU E 848 2.52 16.75 -20.23
C LEU E 848 2.66 18.26 -20.17
N PRO E 849 2.76 18.93 -21.32
CA PRO E 849 2.91 20.38 -21.29
C PRO E 849 1.64 21.05 -20.80
N PRO E 850 1.76 22.20 -20.13
CA PRO E 850 0.57 22.93 -19.71
C PRO E 850 -0.18 23.52 -20.89
N LEU E 851 -1.48 23.72 -20.70
CA LEU E 851 -2.31 24.25 -21.78
C LEU E 851 -1.94 25.70 -22.10
N LEU E 852 -1.80 26.53 -21.07
CA LEU E 852 -1.45 27.94 -21.25
C LEU E 852 0.06 28.09 -21.21
N THR E 853 0.65 28.53 -22.31
CA THR E 853 2.09 28.74 -22.36
C THR E 853 2.49 29.91 -21.48
N ASP E 854 3.77 29.97 -21.13
CA ASP E 854 4.27 31.06 -20.30
C ASP E 854 4.12 32.40 -20.99
N GLU E 855 4.07 32.43 -22.32
CA GLU E 855 3.77 33.67 -23.02
C GLU E 855 2.29 34.04 -22.92
N MET E 856 1.42 33.04 -22.78
CA MET E 856 0.00 33.32 -22.57
C MET E 856 -0.29 33.76 -21.14
N ILE E 857 0.44 33.23 -20.17
CA ILE E 857 0.27 33.68 -18.78
C ILE E 857 0.66 35.14 -18.65
N ALA E 858 1.75 35.54 -19.32
CA ALA E 858 2.18 36.93 -19.26
C ALA E 858 1.16 37.86 -19.91
N GLN E 859 0.47 37.40 -20.95
CA GLN E 859 -0.54 38.24 -21.59
C GLN E 859 -1.70 38.51 -20.65
N TYR E 860 -2.12 37.51 -19.88
CA TYR E 860 -3.14 37.73 -18.85
C TYR E 860 -2.69 38.74 -17.80
N THR E 861 -1.45 38.61 -17.30
CA THR E 861 -1.00 39.58 -16.31
C THR E 861 -0.81 40.96 -16.93
N SER E 862 -0.44 41.02 -18.21
CA SER E 862 -0.36 42.30 -18.89
C SER E 862 -1.73 42.94 -19.03
N ALA E 863 -2.75 42.14 -19.34
CA ALA E 863 -4.10 42.68 -19.48
C ALA E 863 -4.69 43.06 -18.12
N LEU E 864 -4.35 42.33 -17.06
CA LEU E 864 -4.82 42.69 -15.74
C LEU E 864 -4.13 43.95 -15.23
N LEU E 865 -2.86 44.15 -15.61
CA LEU E 865 -2.17 45.40 -15.26
C LEU E 865 -2.71 46.57 -16.06
N ALA E 866 -2.93 46.37 -17.36
CA ALA E 866 -3.43 47.44 -18.20
C ALA E 866 -4.79 47.92 -17.75
N GLY E 867 -5.67 46.98 -17.38
CA GLY E 867 -6.98 47.37 -16.89
C GLY E 867 -6.93 48.11 -15.57
N THR E 868 -6.08 47.65 -14.65
CA THR E 868 -5.99 48.29 -13.34
C THR E 868 -5.47 49.71 -13.45
N ILE E 869 -4.43 49.91 -14.26
CA ILE E 869 -3.80 51.22 -14.37
C ILE E 869 -4.72 52.19 -15.10
N THR E 870 -5.36 51.74 -16.17
CA THR E 870 -6.14 52.64 -17.02
C THR E 870 -7.61 52.74 -16.62
N SER E 871 -8.12 51.80 -15.85
CA SER E 871 -9.55 51.85 -15.53
C SER E 871 -9.84 51.81 -14.04
N GLY E 872 -9.04 51.09 -13.26
CA GLY E 872 -9.30 50.94 -11.84
C GLY E 872 -9.91 49.60 -11.51
N TRP E 873 -10.88 49.57 -10.61
CA TRP E 873 -11.60 48.34 -10.32
C TRP E 873 -12.84 48.18 -11.19
N THR E 874 -13.09 49.10 -12.10
CA THR E 874 -14.30 49.03 -12.91
C THR E 874 -14.26 47.88 -13.91
N PHE E 875 -13.07 47.56 -14.43
CA PHE E 875 -12.97 46.52 -15.45
C PHE E 875 -13.28 45.13 -14.91
N GLY E 876 -13.26 44.96 -13.59
CA GLY E 876 -13.63 43.70 -12.97
C GLY E 876 -15.09 43.58 -12.59
N ALA E 877 -15.93 44.57 -12.92
CA ALA E 877 -17.33 44.53 -12.56
C ALA E 877 -18.22 44.93 -13.73
N GLY E 878 -17.71 44.86 -14.95
CA GLY E 878 -18.43 45.29 -16.11
C GLY E 878 -17.49 45.84 -17.16
N PRO E 879 -17.97 46.76 -17.99
CA PRO E 879 -17.08 47.40 -18.97
C PRO E 879 -16.02 48.24 -18.27
N ALA E 880 -14.84 48.29 -18.88
CA ALA E 880 -13.75 49.10 -18.35
C ALA E 880 -14.01 50.57 -18.63
N LEU E 881 -13.93 51.39 -17.58
CA LEU E 881 -14.16 52.82 -17.69
C LEU E 881 -12.88 53.56 -17.37
N GLN E 882 -12.42 54.39 -18.29
CA GLN E 882 -11.17 55.10 -18.10
C GLN E 882 -11.28 56.12 -16.98
N ILE E 883 -10.17 56.35 -16.29
CA ILE E 883 -10.08 57.34 -15.22
C ILE E 883 -8.60 57.65 -14.99
N PRO E 884 -8.22 58.91 -14.84
CA PRO E 884 -6.81 59.23 -14.62
C PRO E 884 -6.28 58.56 -13.36
N PHE E 885 -5.03 58.08 -13.44
CA PHE E 885 -4.45 57.39 -12.30
C PHE E 885 -4.39 58.23 -11.04
N PRO E 886 -3.98 59.51 -11.07
CA PRO E 886 -4.06 60.30 -9.84
C PRO E 886 -5.45 60.40 -9.27
N MET E 887 -6.48 60.29 -10.11
CA MET E 887 -7.85 60.39 -9.64
C MET E 887 -8.42 59.06 -9.16
N GLN E 888 -7.89 57.93 -9.62
CA GLN E 888 -8.34 56.66 -9.07
C GLN E 888 -7.55 56.23 -7.85
N MET E 889 -6.32 56.73 -7.71
CA MET E 889 -5.60 56.55 -6.46
C MET E 889 -6.21 57.39 -5.35
N ALA E 890 -6.84 58.52 -5.72
CA ALA E 890 -7.57 59.30 -4.73
C ALA E 890 -8.83 58.57 -4.28
N TYR E 891 -9.43 57.76 -5.16
CA TYR E 891 -10.55 56.92 -4.76
C TYR E 891 -10.12 55.86 -3.76
N ARG E 892 -8.91 55.31 -3.93
CA ARG E 892 -8.39 54.35 -2.97
C ARG E 892 -8.16 55.00 -1.60
N PHE E 893 -7.81 56.28 -1.57
CA PHE E 893 -7.62 56.96 -0.30
C PHE E 893 -8.93 57.09 0.46
N ASN E 894 -10.03 57.36 -0.24
CA ASN E 894 -11.33 57.40 0.42
C ASN E 894 -11.70 56.03 0.98
N GLY E 895 -11.26 54.95 0.34
CA GLY E 895 -11.56 53.61 0.80
C GLY E 895 -10.79 53.18 2.02
N ILE E 896 -9.79 53.96 2.44
CA ILE E 896 -9.02 53.69 3.64
C ILE E 896 -9.25 54.74 4.71
N GLY E 897 -10.18 55.67 4.49
CA GLY E 897 -10.52 56.67 5.48
C GLY E 897 -9.76 57.97 5.38
N VAL E 898 -9.07 58.21 4.27
CA VAL E 898 -8.32 59.45 4.05
C VAL E 898 -8.99 60.22 2.93
N THR E 899 -9.16 61.53 3.13
CA THR E 899 -9.87 62.33 2.15
C THR E 899 -9.08 62.44 0.85
N GLN E 900 -9.77 62.91 -0.20
CA GLN E 900 -9.15 63.07 -1.51
C GLN E 900 -8.03 64.09 -1.47
N ASN E 901 -8.23 65.19 -0.75
CA ASN E 901 -7.29 66.31 -0.79
C ASN E 901 -5.91 65.95 -0.29
N VAL E 902 -5.79 64.88 0.52
CA VAL E 902 -4.48 64.48 1.02
C VAL E 902 -3.61 63.98 -0.12
N LEU E 903 -4.20 63.31 -1.10
CA LEU E 903 -3.42 62.82 -2.23
C LEU E 903 -3.05 63.96 -3.17
N TYR E 904 -4.02 64.75 -3.60
CA TYR E 904 -3.76 65.80 -4.58
C TYR E 904 -2.76 66.80 -4.06
N GLU E 905 -2.73 67.03 -2.75
CA GLU E 905 -1.73 67.92 -2.16
C GLU E 905 -0.39 67.23 -1.96
N ASN E 906 -0.34 65.90 -2.03
CA ASN E 906 0.90 65.15 -1.89
C ASN E 906 1.12 64.23 -3.10
N GLN E 907 0.64 64.63 -4.27
CA GLN E 907 0.71 63.75 -5.43
C GLN E 907 2.16 63.45 -5.82
N LYS E 908 3.02 64.46 -5.76
CA LYS E 908 4.42 64.24 -6.13
C LYS E 908 5.14 63.40 -5.09
N LEU E 909 4.87 63.65 -3.81
CA LEU E 909 5.50 62.86 -2.75
C LEU E 909 5.03 61.41 -2.80
N ILE E 910 3.73 61.19 -3.02
CA ILE E 910 3.21 59.82 -3.08
C ILE E 910 3.78 59.09 -4.28
N ALA E 911 3.87 59.76 -5.42
CA ALA E 911 4.43 59.13 -6.61
C ALA E 911 5.89 58.73 -6.40
N ASN E 912 6.68 59.60 -5.78
CA ASN E 912 8.07 59.27 -5.51
C ASN E 912 8.20 58.12 -4.53
N GLN E 913 7.36 58.09 -3.49
CA GLN E 913 7.36 56.96 -2.57
C GLN E 913 6.99 55.67 -3.28
N PHE E 914 5.99 55.73 -4.16
CA PHE E 914 5.57 54.53 -4.89
C PHE E 914 6.66 54.04 -5.83
N ASN E 915 7.27 54.96 -6.58
CA ASN E 915 8.33 54.57 -7.52
C ASN E 915 9.54 54.02 -6.79
N SER E 916 9.93 54.64 -5.68
CA SER E 916 11.08 54.16 -4.92
C SER E 916 10.80 52.80 -4.29
N ALA E 917 9.58 52.56 -3.82
CA ALA E 917 9.24 51.27 -3.24
C ALA E 917 9.09 50.18 -4.29
N ILE E 918 8.66 50.54 -5.50
CA ILE E 918 8.57 49.57 -6.59
C ILE E 918 9.96 49.17 -7.05
N GLY E 919 10.87 50.14 -7.15
CA GLY E 919 12.23 49.84 -7.56
C GLY E 919 13.01 48.99 -6.58
N LYS E 920 12.61 48.98 -5.31
CA LYS E 920 13.26 48.14 -4.31
C LYS E 920 12.74 46.72 -4.31
N ILE E 921 11.69 46.41 -5.08
CA ILE E 921 11.18 45.05 -5.14
C ILE E 921 12.16 44.15 -5.88
N GLN E 922 12.74 44.66 -6.97
CA GLN E 922 13.71 43.86 -7.72
C GLN E 922 14.91 43.48 -6.86
N ASP E 923 15.42 44.44 -6.09
CA ASP E 923 16.54 44.16 -5.20
C ASP E 923 16.14 43.19 -4.09
N SER E 924 14.93 43.34 -3.57
CA SER E 924 14.47 42.45 -2.49
C SER E 924 14.39 41.01 -2.96
N LEU E 925 13.86 40.78 -4.16
CA LEU E 925 13.83 39.43 -4.72
C LEU E 925 15.24 38.91 -4.99
N SER E 926 16.11 39.77 -5.51
CA SER E 926 17.49 39.39 -5.79
C SER E 926 18.37 39.40 -4.55
N SER E 927 17.85 39.87 -3.41
CA SER E 927 18.65 39.90 -2.19
C SER E 927 19.01 38.51 -1.72
N THR E 928 18.07 37.56 -1.82
CA THR E 928 18.33 36.21 -1.36
C THR E 928 17.51 35.21 -2.16
N PRO E 929 18.06 34.03 -2.46
CA PRO E 929 17.27 33.01 -3.15
C PRO E 929 16.09 32.47 -2.35
N SER E 930 16.10 32.65 -1.02
CA SER E 930 15.03 32.13 -0.18
C SER E 930 13.70 32.84 -0.39
N ALA E 931 13.69 33.99 -1.09
CA ALA E 931 12.44 34.70 -1.33
C ALA E 931 11.49 33.86 -2.16
N LEU E 932 12.00 33.21 -3.21
CA LEU E 932 11.21 32.34 -4.07
C LEU E 932 11.16 30.90 -3.58
N GLY E 933 11.34 30.69 -2.26
CA GLY E 933 11.34 29.35 -1.72
C GLY E 933 10.00 28.65 -1.81
N LYS E 934 8.91 29.40 -1.87
CA LYS E 934 7.60 28.77 -2.02
C LYS E 934 7.48 28.06 -3.36
N LEU E 935 7.90 28.73 -4.44
CA LEU E 935 7.83 28.12 -5.77
C LEU E 935 8.93 27.11 -5.99
N GLN E 936 10.07 27.26 -5.32
CA GLN E 936 11.18 26.33 -5.51
C GLN E 936 10.90 24.98 -4.88
N ASP E 937 10.20 24.96 -3.73
CA ASP E 937 9.88 23.70 -3.08
C ASP E 937 8.99 22.83 -3.96
N VAL E 938 8.02 23.44 -4.64
CA VAL E 938 7.13 22.67 -5.51
C VAL E 938 7.91 22.01 -6.63
N VAL E 939 8.84 22.75 -7.24
CA VAL E 939 9.71 22.16 -8.26
C VAL E 939 10.58 21.07 -7.65
N ASN E 940 11.14 21.35 -6.46
CA ASN E 940 12.02 20.38 -5.81
C ASN E 940 11.27 19.13 -5.40
N GLN E 941 10.12 19.29 -4.74
CA GLN E 941 9.37 18.13 -4.27
C GLN E 941 8.86 17.29 -5.43
N ASN E 942 8.38 17.94 -6.49
CA ASN E 942 7.86 17.19 -7.64
C ASN E 942 8.96 16.38 -8.31
N ALA E 943 10.15 16.96 -8.46
CA ALA E 943 11.24 16.23 -9.10
C ALA E 943 11.83 15.19 -8.16
N GLN E 944 11.79 15.43 -6.85
CA GLN E 944 12.29 14.46 -5.89
C GLN E 944 11.41 13.22 -5.86
N ALA E 945 10.11 13.38 -6.12
CA ALA E 945 9.22 12.22 -6.16
C ALA E 945 9.46 11.36 -7.39
N LEU E 946 9.84 11.99 -8.51
CA LEU E 946 10.15 11.22 -9.71
C LEU E 946 11.48 10.48 -9.58
N ASN E 947 12.47 11.12 -8.97
CA ASN E 947 13.76 10.46 -8.76
C ASN E 947 13.62 9.26 -7.84
N THR E 948 12.80 9.39 -6.79
CA THR E 948 12.54 8.26 -5.91
C THR E 948 11.80 7.15 -6.65
N LEU E 949 10.85 7.52 -7.52
CA LEU E 949 10.08 6.53 -8.26
C LEU E 949 10.98 5.72 -9.20
N VAL E 950 11.88 6.39 -9.92
CA VAL E 950 12.76 5.69 -10.85
C VAL E 950 13.79 4.86 -10.09
N LYS E 951 14.31 5.39 -8.99
CA LYS E 951 15.30 4.66 -8.19
C LYS E 951 14.72 3.41 -7.56
N GLN E 952 13.40 3.28 -7.49
CA GLN E 952 12.76 2.07 -6.97
C GLN E 952 12.86 0.91 -7.95
N LEU E 953 13.30 1.15 -9.19
CA LEU E 953 13.47 0.09 -10.16
C LEU E 953 14.79 -0.65 -10.01
N SER E 954 15.70 -0.16 -9.18
CA SER E 954 16.98 -0.79 -8.94
C SER E 954 17.00 -1.61 -7.65
N SER E 955 15.85 -1.82 -7.03
CA SER E 955 15.74 -2.61 -5.81
C SER E 955 15.28 -4.03 -6.12
N ASN E 956 15.53 -4.93 -5.19
CA ASN E 956 15.20 -6.34 -5.35
C ASN E 956 13.82 -6.69 -4.81
N PHE E 957 13.38 -6.00 -3.76
CA PHE E 957 12.10 -6.30 -3.10
C PHE E 957 12.05 -7.76 -2.66
N GLY E 958 13.17 -8.26 -2.12
CA GLY E 958 13.24 -9.61 -1.64
C GLY E 958 13.51 -10.67 -2.71
N ALA E 959 13.71 -10.26 -3.95
CA ALA E 959 14.02 -11.20 -5.03
C ALA E 959 15.53 -11.37 -5.14
N ILE E 960 15.98 -12.01 -6.22
CA ILE E 960 17.39 -12.28 -6.42
C ILE E 960 18.07 -11.27 -7.33
N SER E 961 17.32 -10.47 -8.07
CA SER E 961 17.91 -9.47 -8.94
C SER E 961 16.90 -8.36 -9.19
N SER E 962 17.42 -7.19 -9.57
CA SER E 962 16.59 -6.06 -9.94
C SER E 962 16.38 -5.94 -11.43
N VAL E 963 17.34 -6.35 -12.24
CA VAL E 963 17.18 -6.39 -13.69
C VAL E 963 16.31 -7.59 -14.04
N LEU E 964 15.23 -7.34 -14.76
CA LEU E 964 14.26 -8.40 -15.01
C LEU E 964 14.78 -9.43 -16.00
N ASN E 965 15.62 -9.00 -16.95
CA ASN E 965 16.18 -9.93 -17.92
C ASN E 965 17.08 -10.96 -17.25
N ASP E 966 17.75 -10.59 -16.15
CA ASP E 966 18.61 -11.53 -15.45
C ASP E 966 17.81 -12.71 -14.90
N ILE E 967 16.64 -12.44 -14.33
CA ILE E 967 15.82 -13.52 -13.79
C ILE E 967 15.34 -14.44 -14.91
N LEU E 968 14.92 -13.86 -16.04
CA LEU E 968 14.40 -14.64 -17.15
C LEU E 968 15.49 -15.32 -17.96
N SER E 969 16.76 -15.00 -17.72
CA SER E 969 17.87 -15.63 -18.42
C SER E 969 18.75 -16.47 -17.50
N ARG E 970 18.31 -16.72 -16.27
CA ARG E 970 19.08 -17.50 -15.31
C ARG E 970 18.29 -18.64 -14.67
N LEU E 971 16.97 -18.57 -14.63
CA LEU E 971 16.16 -19.56 -13.93
C LEU E 971 15.12 -20.16 -14.89
N ASP E 972 14.70 -21.38 -14.56
CA ASP E 972 13.68 -22.05 -15.34
C ASP E 972 12.34 -21.36 -15.17
N PRO E 973 11.44 -21.51 -16.13
CA PRO E 973 10.14 -20.82 -16.08
C PRO E 973 9.33 -21.10 -14.81
N PRO E 974 9.25 -22.35 -14.31
CA PRO E 974 8.38 -22.57 -13.14
C PRO E 974 8.79 -21.79 -11.90
N GLU E 975 10.08 -21.59 -11.65
CA GLU E 975 10.51 -20.80 -10.51
C GLU E 975 10.86 -19.37 -10.89
N ALA E 976 10.74 -18.99 -12.17
CA ALA E 976 10.96 -17.60 -12.56
C ALA E 976 9.78 -16.72 -12.19
N GLU E 977 8.56 -17.25 -12.23
CA GLU E 977 7.39 -16.44 -11.93
C GLU E 977 7.37 -15.96 -10.49
N VAL E 978 7.77 -16.82 -9.55
CA VAL E 978 7.76 -16.42 -8.15
C VAL E 978 8.77 -15.30 -7.90
N GLN E 979 9.90 -15.32 -8.59
CA GLN E 979 10.86 -14.22 -8.45
C GLN E 979 10.35 -12.96 -9.13
N ILE E 980 9.67 -13.10 -10.27
CA ILE E 980 9.13 -11.94 -10.95
C ILE E 980 8.01 -11.31 -10.12
N ASP E 981 7.13 -12.13 -9.54
CA ASP E 981 6.01 -11.60 -8.78
C ASP E 981 6.48 -10.79 -7.57
N ARG E 982 7.69 -11.07 -7.08
CA ARG E 982 8.26 -10.22 -6.04
C ARG E 982 8.53 -8.82 -6.57
N LEU E 983 9.03 -8.71 -7.80
CA LEU E 983 9.20 -7.38 -8.41
C LEU E 983 7.87 -6.74 -8.74
N ILE E 984 6.88 -7.54 -9.15
CA ILE E 984 5.58 -6.98 -9.50
C ILE E 984 4.95 -6.30 -8.30
N THR E 985 4.95 -6.98 -7.15
CA THR E 985 4.35 -6.40 -5.96
C THR E 985 5.10 -5.16 -5.49
N GLY E 986 6.44 -5.22 -5.51
CA GLY E 986 7.22 -4.06 -5.08
C GLY E 986 7.09 -2.88 -6.01
N ARG E 987 7.12 -3.13 -7.32
CA ARG E 987 7.02 -2.03 -8.28
C ARG E 987 5.59 -1.50 -8.39
N LEU E 988 4.59 -2.34 -8.13
CA LEU E 988 3.23 -1.85 -8.08
C LEU E 988 2.96 -1.05 -6.81
N GLN E 989 3.67 -1.36 -5.73
CA GLN E 989 3.53 -0.58 -4.50
C GLN E 989 4.24 0.75 -4.63
N SER E 990 5.38 0.78 -5.32
CA SER E 990 6.08 2.05 -5.54
C SER E 990 5.25 3.01 -6.35
N LEU E 991 4.42 2.51 -7.26
CA LEU E 991 3.54 3.37 -8.04
C LEU E 991 2.44 3.95 -7.17
N GLN E 992 1.79 3.12 -6.35
CA GLN E 992 0.70 3.61 -5.52
C GLN E 992 1.18 4.62 -4.50
N THR E 993 2.38 4.42 -3.95
CA THR E 993 2.95 5.41 -3.04
C THR E 993 3.18 6.73 -3.77
N TYR E 994 3.68 6.67 -5.00
CA TYR E 994 3.86 7.89 -5.79
C TYR E 994 2.53 8.54 -6.11
N VAL E 995 1.53 7.75 -6.49
CA VAL E 995 0.24 8.32 -6.87
C VAL E 995 -0.49 8.89 -5.67
N THR E 996 -0.43 8.19 -4.53
CA THR E 996 -1.10 8.69 -3.33
C THR E 996 -0.47 9.99 -2.84
N GLN E 997 0.86 10.09 -2.92
CA GLN E 997 1.53 11.33 -2.54
C GLN E 997 1.15 12.47 -3.47
N GLN E 998 1.00 12.18 -4.76
CA GLN E 998 0.58 13.21 -5.70
C GLN E 998 -0.82 13.71 -5.37
N LEU E 999 -1.73 12.81 -5.01
CA LEU E 999 -3.09 13.21 -4.68
C LEU E 999 -3.12 14.14 -3.48
N ILE E 1000 -2.37 13.81 -2.43
CA ILE E 1000 -2.32 14.67 -1.26
C ILE E 1000 -1.59 15.97 -1.57
N ARG E 1001 -0.53 15.90 -2.40
CA ARG E 1001 0.19 17.11 -2.76
C ARG E 1001 -0.61 17.99 -3.71
N ALA E 1002 -1.41 17.40 -4.59
CA ALA E 1002 -2.23 18.20 -5.49
C ALA E 1002 -3.35 18.93 -4.76
N ALA E 1003 -3.76 18.44 -3.58
CA ALA E 1003 -4.74 19.15 -2.79
C ALA E 1003 -4.17 20.42 -2.17
N GLU E 1004 -2.87 20.41 -1.84
CA GLU E 1004 -2.24 21.60 -1.32
C GLU E 1004 -2.15 22.70 -2.37
N ILE E 1005 -1.81 22.33 -3.60
CA ILE E 1005 -1.71 23.30 -4.68
C ILE E 1005 -3.08 23.83 -5.06
N ARG E 1006 -4.10 22.95 -5.05
CA ARG E 1006 -5.45 23.40 -5.36
C ARG E 1006 -5.95 24.40 -4.33
N ALA E 1007 -5.62 24.18 -3.05
CA ALA E 1007 -5.94 25.17 -2.04
C ALA E 1007 -5.17 26.46 -2.27
N SER E 1008 -3.89 26.36 -2.64
CA SER E 1008 -3.08 27.55 -2.87
C SER E 1008 -3.47 28.26 -4.16
N ALA E 1009 -3.97 27.52 -5.14
CA ALA E 1009 -4.51 28.15 -6.35
C ALA E 1009 -5.87 28.78 -6.09
N ASN E 1010 -6.67 28.20 -5.20
CA ASN E 1010 -7.93 28.82 -4.82
C ASN E 1010 -7.70 30.10 -4.01
N LEU E 1011 -6.59 30.17 -3.27
CA LEU E 1011 -6.23 31.40 -2.59
C LEU E 1011 -5.74 32.45 -3.57
N ALA E 1012 -4.88 32.04 -4.52
CA ALA E 1012 -4.33 32.99 -5.48
C ALA E 1012 -5.39 33.58 -6.38
N ALA E 1013 -6.43 32.80 -6.70
CA ALA E 1013 -7.53 33.33 -7.50
C ALA E 1013 -8.43 34.25 -6.67
N THR E 1014 -8.49 34.04 -5.36
CA THR E 1014 -9.26 34.93 -4.50
C THR E 1014 -8.53 36.24 -4.25
N LYS E 1015 -7.20 36.18 -4.13
CA LYS E 1015 -6.41 37.41 -4.02
C LYS E 1015 -6.47 38.22 -5.30
N MET E 1016 -6.47 37.56 -6.45
CA MET E 1016 -6.58 38.29 -7.71
C MET E 1016 -7.91 39.00 -7.83
N SER E 1017 -8.99 38.36 -7.39
CA SER E 1017 -10.32 38.98 -7.49
C SER E 1017 -10.46 40.12 -6.49
N GLU E 1018 -9.93 39.98 -5.29
CA GLU E 1018 -10.19 40.92 -4.22
C GLU E 1018 -9.07 41.93 -3.99
N CYS E 1019 -7.82 41.57 -4.26
CA CYS E 1019 -6.72 42.52 -4.10
C CYS E 1019 -6.34 43.20 -5.40
N VAL E 1020 -6.54 42.57 -6.54
CA VAL E 1020 -6.13 43.14 -7.82
C VAL E 1020 -7.33 43.75 -8.53
N LEU E 1021 -8.39 42.95 -8.72
CA LEU E 1021 -9.57 43.44 -9.42
C LEU E 1021 -10.39 44.41 -8.58
N GLY E 1022 -10.11 44.52 -7.29
CA GLY E 1022 -10.81 45.46 -6.43
C GLY E 1022 -9.92 46.00 -5.34
N GLN E 1023 -10.53 46.65 -4.34
CA GLN E 1023 -9.81 47.10 -3.15
C GLN E 1023 -10.44 46.42 -1.94
N SER E 1024 -9.59 45.77 -1.14
CA SER E 1024 -10.06 44.89 -0.07
C SER E 1024 -9.95 45.57 1.28
N LYS E 1025 -11.03 45.51 2.06
CA LYS E 1025 -11.04 46.00 3.43
C LYS E 1025 -10.72 44.92 4.44
N ARG E 1026 -10.47 43.69 4.00
CA ARG E 1026 -10.06 42.63 4.92
C ARG E 1026 -8.65 42.90 5.43
N VAL E 1027 -8.47 42.81 6.74
CA VAL E 1027 -7.19 43.17 7.35
C VAL E 1027 -6.16 42.10 7.02
N ASP E 1028 -5.01 42.54 6.52
CA ASP E 1028 -3.84 41.72 6.20
C ASP E 1028 -4.09 40.73 5.07
N PHE E 1029 -5.22 40.83 4.37
CA PHE E 1029 -5.44 39.94 3.23
C PHE E 1029 -4.60 40.35 2.03
N CYS E 1030 -4.26 41.63 1.92
CA CYS E 1030 -3.45 42.11 0.81
C CYS E 1030 -2.22 42.84 1.34
N GLY E 1031 -1.51 42.23 2.30
CA GLY E 1031 -0.32 42.81 2.85
C GLY E 1031 -0.58 43.63 4.10
N LYS E 1032 0.51 44.01 4.76
CA LYS E 1032 0.43 44.80 5.98
C LYS E 1032 0.13 46.25 5.65
N GLY E 1033 -0.73 46.86 6.46
CA GLY E 1033 -1.17 48.22 6.23
C GLY E 1033 -2.58 48.28 5.68
N TYR E 1034 -2.91 49.43 5.10
CA TYR E 1034 -4.20 49.66 4.47
C TYR E 1034 -4.06 49.46 2.98
N HIS E 1035 -4.79 48.49 2.43
CA HIS E 1035 -4.63 48.13 1.03
C HIS E 1035 -5.11 49.25 0.13
N LEU E 1036 -4.25 49.66 -0.81
CA LEU E 1036 -4.62 50.58 -1.88
C LEU E 1036 -4.85 49.84 -3.18
N MET E 1037 -3.84 49.12 -3.68
CA MET E 1037 -3.98 48.33 -4.90
C MET E 1037 -2.84 47.33 -4.95
N SER E 1038 -2.95 46.40 -5.89
CA SER E 1038 -1.91 45.40 -6.07
C SER E 1038 -1.86 44.99 -7.54
N PHE E 1039 -0.71 44.48 -7.95
CA PHE E 1039 -0.43 44.11 -9.33
C PHE E 1039 0.04 42.67 -9.39
N PRO E 1040 -0.46 41.88 -10.35
CA PRO E 1040 0.03 40.51 -10.50
C PRO E 1040 1.23 40.42 -11.43
N GLN E 1041 2.15 39.53 -11.07
CA GLN E 1041 3.31 39.24 -11.89
C GLN E 1041 3.41 37.73 -12.04
N SER E 1042 3.41 37.25 -13.28
CA SER E 1042 3.49 35.82 -13.51
C SER E 1042 4.87 35.30 -13.13
N ALA E 1043 4.89 34.15 -12.46
CA ALA E 1043 6.10 33.46 -12.07
C ALA E 1043 5.97 32.01 -12.48
N PRO E 1044 7.08 31.30 -12.65
CA PRO E 1044 7.00 29.88 -13.07
C PRO E 1044 6.22 29.06 -12.06
N HIS E 1045 5.10 28.49 -12.53
CA HIS E 1045 4.22 27.65 -11.72
C HIS E 1045 3.71 28.40 -10.50
N GLY E 1046 3.39 29.67 -10.67
CA GLY E 1046 2.95 30.47 -9.55
C GLY E 1046 2.57 31.86 -9.99
N VAL E 1047 2.30 32.72 -9.01
CA VAL E 1047 1.92 34.10 -9.24
C VAL E 1047 2.51 34.94 -8.12
N VAL E 1048 2.84 36.19 -8.45
CA VAL E 1048 3.43 37.13 -7.50
C VAL E 1048 2.55 38.37 -7.45
N PHE E 1049 2.18 38.77 -6.24
CA PHE E 1049 1.37 39.96 -6.02
C PHE E 1049 2.22 41.05 -5.39
N LEU E 1050 2.13 42.26 -5.93
CA LEU E 1050 2.83 43.41 -5.41
C LEU E 1050 1.81 44.29 -4.70
N HIS E 1051 1.59 44.01 -3.42
CA HIS E 1051 0.57 44.70 -2.62
C HIS E 1051 1.06 46.10 -2.27
N VAL E 1052 0.39 47.12 -2.80
CA VAL E 1052 0.65 48.50 -2.43
C VAL E 1052 -0.28 48.85 -1.28
N THR E 1053 0.30 49.31 -0.17
CA THR E 1053 -0.48 49.61 1.02
C THR E 1053 -0.11 50.99 1.56
N TYR E 1054 -0.99 51.52 2.40
CA TYR E 1054 -0.84 52.82 3.03
C TYR E 1054 -0.46 52.61 4.48
N VAL E 1055 0.72 53.10 4.87
CA VAL E 1055 1.27 52.90 6.21
C VAL E 1055 1.41 54.26 6.88
N PRO E 1056 0.71 54.50 7.99
CA PRO E 1056 0.97 55.73 8.76
C PRO E 1056 2.40 55.77 9.26
N ALA E 1057 2.99 56.95 9.27
CA ALA E 1057 4.43 57.08 9.50
C ALA E 1057 4.78 57.82 10.77
N GLN E 1058 4.33 59.06 10.94
CA GLN E 1058 4.79 59.93 12.03
C GLN E 1058 3.59 60.37 12.84
N GLU E 1059 3.50 59.88 14.07
CA GLU E 1059 2.34 60.12 14.92
C GLU E 1059 2.68 61.13 16.01
N LYS E 1060 1.74 62.05 16.26
CA LYS E 1060 1.80 62.97 17.36
C LYS E 1060 0.58 62.76 18.24
N ASN E 1061 0.75 62.86 19.55
CA ASN E 1061 -0.33 62.59 20.48
C ASN E 1061 -0.98 63.89 20.94
N PHE E 1062 -2.30 63.87 21.04
CA PHE E 1062 -3.10 65.03 21.38
C PHE E 1062 -4.10 64.68 22.46
N THR E 1063 -4.67 65.70 23.09
CA THR E 1063 -5.78 65.52 24.02
C THR E 1063 -7.08 65.44 23.23
N THR E 1064 -7.92 64.48 23.59
CA THR E 1064 -9.15 64.22 22.86
C THR E 1064 -10.34 64.19 23.80
N ALA E 1065 -11.51 64.46 23.25
CA ALA E 1065 -12.77 64.44 23.98
C ALA E 1065 -13.82 63.72 23.16
N PRO E 1066 -14.75 63.02 23.82
CA PRO E 1066 -15.84 62.36 23.08
C PRO E 1066 -16.76 63.36 22.40
N ALA E 1067 -17.23 64.35 23.16
CA ALA E 1067 -18.11 65.38 22.64
C ALA E 1067 -17.65 66.73 23.18
N ILE E 1068 -18.30 67.80 22.71
CA ILE E 1068 -17.98 69.16 23.12
C ILE E 1068 -19.26 69.86 23.51
N CYS E 1069 -19.25 70.50 24.68
CA CYS E 1069 -20.40 71.25 25.15
C CYS E 1069 -20.50 72.59 24.47
N HIS E 1070 -21.72 72.97 24.10
CA HIS E 1070 -22.04 74.33 23.68
C HIS E 1070 -23.22 74.75 24.55
N ASP E 1071 -23.90 75.81 24.16
CA ASP E 1071 -24.90 76.40 25.04
C ASP E 1071 -26.10 75.47 25.18
N GLY E 1072 -25.92 74.37 25.93
CA GLY E 1072 -26.99 73.48 26.29
C GLY E 1072 -27.08 72.19 25.50
N LYS E 1073 -26.13 71.92 24.61
CA LYS E 1073 -26.21 70.75 23.74
C LYS E 1073 -24.83 70.11 23.62
N ALA E 1074 -24.84 68.85 23.16
CA ALA E 1074 -23.63 68.07 22.99
C ALA E 1074 -23.40 67.79 21.51
N HIS E 1075 -22.20 68.11 21.03
CA HIS E 1075 -21.84 67.97 19.61
C HIS E 1075 -20.83 66.84 19.46
N PHE E 1076 -21.04 65.99 18.46
CA PHE E 1076 -20.15 64.89 18.14
C PHE E 1076 -19.62 65.08 16.73
N PRO E 1077 -18.38 64.66 16.46
CA PRO E 1077 -17.83 64.81 15.11
C PRO E 1077 -18.56 63.93 14.11
N ARG E 1078 -18.83 64.50 12.94
CA ARG E 1078 -19.54 63.74 11.92
C ARG E 1078 -18.70 62.60 11.36
N GLU E 1079 -17.45 62.91 10.99
CA GLU E 1079 -16.57 61.89 10.43
C GLU E 1079 -15.13 62.04 10.90
N GLY E 1080 -14.90 62.73 12.01
CA GLY E 1080 -13.57 62.98 12.51
C GLY E 1080 -13.46 62.66 13.99
N VAL E 1081 -12.53 63.36 14.64
CA VAL E 1081 -12.28 63.21 16.06
C VAL E 1081 -11.87 64.57 16.61
N PHE E 1082 -12.31 64.88 17.82
CA PHE E 1082 -11.92 66.12 18.47
C PHE E 1082 -10.53 65.96 19.07
N VAL E 1083 -9.64 66.89 18.75
CA VAL E 1083 -8.27 66.87 19.26
C VAL E 1083 -7.90 68.27 19.74
N SER E 1084 -6.88 68.32 20.59
CA SER E 1084 -6.39 69.57 21.13
C SER E 1084 -4.87 69.59 21.06
N ASN E 1085 -4.30 70.67 20.53
CA ASN E 1085 -2.86 70.84 20.52
C ASN E 1085 -2.31 71.39 21.83
N GLY E 1086 -3.18 71.68 22.79
CA GLY E 1086 -2.76 72.15 24.10
C GLY E 1086 -3.61 73.30 24.59
N THR E 1087 -4.07 74.15 23.68
CA THR E 1087 -4.89 75.30 24.02
C THR E 1087 -6.25 75.27 23.34
N HIS E 1088 -6.30 75.03 22.04
CA HIS E 1088 -7.53 75.06 21.27
C HIS E 1088 -7.98 73.65 20.91
N TRP E 1089 -9.17 73.57 20.34
CA TRP E 1089 -9.78 72.29 19.96
C TRP E 1089 -10.09 72.29 18.47
N PHE E 1090 -9.66 71.25 17.79
CA PHE E 1090 -9.91 71.07 16.36
C PHE E 1090 -10.54 69.70 16.13
N VAL E 1091 -11.22 69.56 15.01
CA VAL E 1091 -11.75 68.29 14.55
C VAL E 1091 -10.93 67.86 13.34
N THR E 1092 -10.42 66.63 13.38
CA THR E 1092 -9.54 66.14 12.34
C THR E 1092 -9.97 64.75 11.91
N GLN E 1093 -9.65 64.40 10.67
CA GLN E 1093 -9.87 63.05 10.20
C GLN E 1093 -8.97 62.08 10.95
N ARG E 1094 -9.42 60.83 11.06
CA ARG E 1094 -8.88 59.92 12.06
C ARG E 1094 -7.50 59.39 11.68
N ASN E 1095 -7.23 59.20 10.39
CA ASN E 1095 -5.98 58.58 9.95
C ASN E 1095 -4.95 59.59 9.46
N PHE E 1096 -5.20 60.88 9.59
CA PHE E 1096 -4.27 61.89 9.14
C PHE E 1096 -4.56 63.18 9.88
N TYR E 1097 -3.52 63.90 10.27
CA TYR E 1097 -3.69 65.14 11.02
C TYR E 1097 -3.95 66.28 10.05
N GLU E 1098 -5.23 66.61 9.84
CA GLU E 1098 -5.64 67.77 9.06
C GLU E 1098 -6.66 68.53 9.90
N PRO E 1099 -6.20 69.27 10.91
CA PRO E 1099 -7.13 69.92 11.83
C PRO E 1099 -7.99 70.97 11.15
N GLN E 1100 -9.24 71.07 11.59
CA GLN E 1100 -10.18 72.06 11.09
C GLN E 1100 -10.86 72.73 12.27
N ILE E 1101 -11.25 73.99 12.07
CA ILE E 1101 -12.00 74.71 13.09
C ILE E 1101 -13.35 74.05 13.27
N ILE E 1102 -13.75 73.84 14.51
CA ILE E 1102 -14.99 73.14 14.81
C ILE E 1102 -16.17 74.05 14.49
N THR E 1103 -16.98 73.64 13.53
CA THR E 1103 -18.16 74.37 13.10
C THR E 1103 -19.39 73.49 13.25
N THR E 1104 -20.54 74.02 12.83
CA THR E 1104 -21.77 73.25 12.84
C THR E 1104 -21.94 72.39 11.60
N ASP E 1105 -21.00 72.46 10.66
CA ASP E 1105 -21.06 71.68 9.43
C ASP E 1105 -20.17 70.43 9.48
N ASN E 1106 -19.44 70.21 10.57
CA ASN E 1106 -18.69 68.98 10.75
C ASN E 1106 -19.02 68.30 12.07
N THR E 1107 -20.05 68.76 12.77
CA THR E 1107 -20.52 68.13 14.01
C THR E 1107 -22.04 68.04 13.96
N PHE E 1108 -22.57 67.10 14.73
CA PHE E 1108 -24.01 66.97 14.89
C PHE E 1108 -24.38 66.94 16.36
N VAL E 1109 -25.56 67.45 16.67
CA VAL E 1109 -26.03 67.60 18.03
C VAL E 1109 -26.81 66.35 18.44
N SER E 1110 -26.62 65.91 19.69
CA SER E 1110 -27.37 64.77 20.21
C SER E 1110 -27.44 64.90 21.72
N GLY E 1111 -28.59 65.32 22.23
CA GLY E 1111 -28.82 65.38 23.67
C GLY E 1111 -28.22 66.62 24.30
N ASN E 1112 -28.00 66.53 25.61
CA ASN E 1112 -27.47 67.62 26.42
C ASN E 1112 -26.14 67.20 27.03
N CYS E 1113 -25.62 68.05 27.91
CA CYS E 1113 -24.25 67.92 28.43
C CYS E 1113 -24.16 67.08 29.69
N ASP E 1114 -25.25 66.50 30.17
CA ASP E 1114 -25.27 65.80 31.45
C ASP E 1114 -25.23 64.29 31.31
N VAL E 1115 -24.95 63.76 30.12
CA VAL E 1115 -24.97 62.34 29.86
C VAL E 1115 -23.59 61.81 29.50
N VAL E 1116 -22.91 62.48 28.58
CA VAL E 1116 -21.65 61.98 28.05
C VAL E 1116 -20.53 62.22 29.05
N ILE E 1117 -19.80 61.15 29.38
CA ILE E 1117 -18.67 61.23 30.29
C ILE E 1117 -17.47 61.79 29.53
N GLY E 1118 -16.87 62.85 30.06
CA GLY E 1118 -15.71 63.45 29.43
C GLY E 1118 -16.00 64.55 28.45
N ILE E 1119 -17.21 65.12 28.48
CA ILE E 1119 -17.53 66.21 27.56
C ILE E 1119 -16.82 67.47 28.02
N VAL E 1120 -16.29 68.23 27.06
CA VAL E 1120 -15.50 69.41 27.35
C VAL E 1120 -16.22 70.64 26.82
N ASN E 1121 -15.78 71.81 27.28
CA ASN E 1121 -16.40 73.09 26.93
C ASN E 1121 -15.57 73.76 25.85
N ASN E 1122 -16.21 74.06 24.71
CA ASN E 1122 -15.54 74.77 23.64
C ASN E 1122 -16.58 75.41 22.74
N THR E 1123 -16.12 76.34 21.91
CA THR E 1123 -17.01 77.08 21.02
C THR E 1123 -17.23 76.30 19.73
N VAL E 1124 -18.49 76.19 19.32
CA VAL E 1124 -18.86 75.58 18.05
C VAL E 1124 -19.23 76.71 17.10
N TYR E 1125 -18.37 76.96 16.12
CA TYR E 1125 -18.55 78.09 15.21
C TYR E 1125 -19.79 77.89 14.33
N ASP E 1126 -20.47 78.98 14.03
CA ASP E 1126 -21.62 78.95 13.13
C ASP E 1126 -21.35 79.82 11.91
N PRO E 1127 -21.25 79.25 10.72
CA PRO E 1127 -20.97 80.08 9.53
C PRO E 1127 -22.04 81.13 9.25
N LEU E 1128 -23.28 80.90 9.69
CA LEU E 1128 -24.35 81.85 9.43
C LEU E 1128 -24.29 83.08 10.33
N GLN E 1129 -23.58 83.01 11.45
CA GLN E 1129 -23.54 84.13 12.38
C GLN E 1129 -22.95 85.40 11.77
N PRO E 1130 -21.81 85.38 11.07
CA PRO E 1130 -21.33 86.62 10.43
C PRO E 1130 -22.29 87.19 9.42
N GLU E 1131 -22.99 86.34 8.66
CA GLU E 1131 -23.91 86.84 7.64
C GLU E 1131 -25.24 87.30 8.24
N LEU E 1132 -25.74 86.59 9.25
CA LEU E 1132 -26.98 86.98 9.90
C LEU E 1132 -26.82 88.23 10.75
N ASP E 1133 -25.59 88.67 11.01
CA ASP E 1133 -25.33 89.88 11.77
C ASP E 1133 -25.24 91.13 10.90
N SER E 1134 -25.88 91.11 9.73
CA SER E 1134 -25.84 92.25 8.82
C SER E 1134 -26.56 93.45 9.40
N TYR F 1 4.47 -53.78 20.83
CA TYR F 1 3.64 -53.36 19.70
C TYR F 1 4.29 -52.20 18.93
N ARG F 2 3.83 -51.99 17.71
CA ARG F 2 4.30 -50.90 16.86
C ARG F 2 3.20 -49.85 16.73
N ARG F 3 3.54 -48.59 16.97
CA ARG F 3 2.58 -47.51 16.99
C ARG F 3 2.73 -46.63 15.75
N PRO F 4 1.66 -45.94 15.34
CA PRO F 4 1.76 -45.05 14.18
C PRO F 4 2.70 -43.89 14.44
N ARG F 5 3.32 -43.41 13.35
CA ARG F 5 4.29 -42.32 13.46
C ARG F 5 3.61 -41.01 13.85
N GLU F 6 2.32 -40.85 13.55
CA GLU F 6 1.62 -39.61 13.84
C GLU F 6 1.51 -39.33 15.33
N GLN F 7 1.68 -40.35 16.18
CA GLN F 7 1.55 -40.18 17.62
C GLN F 7 2.87 -39.94 18.33
N ILE F 8 3.97 -40.45 17.79
CA ILE F 8 5.29 -40.30 18.40
C ILE F 8 6.19 -39.60 17.40
N ILE F 9 6.80 -38.49 17.83
CA ILE F 9 7.64 -37.67 16.96
C ILE F 9 9.12 -37.96 17.16
N ILE F 10 9.58 -37.95 18.41
CA ILE F 10 11.00 -38.10 18.71
C ILE F 10 11.37 -39.56 18.94
N GLY F 11 10.57 -40.27 19.75
CA GLY F 11 10.89 -41.63 20.09
C GLY F 11 10.59 -42.62 18.99
N SER F 12 11.00 -43.86 19.23
CA SER F 12 10.76 -44.95 18.28
C SER F 12 9.30 -45.39 18.34
N LEU F 13 8.84 -46.01 17.25
CA LEU F 13 7.49 -46.51 17.19
C LEU F 13 7.26 -47.64 18.19
N TRP F 14 8.26 -48.50 18.37
CA TRP F 14 8.13 -49.62 19.29
C TRP F 14 7.97 -49.12 20.72
N VAL F 15 7.07 -49.76 21.47
CA VAL F 15 6.80 -49.42 22.85
C VAL F 15 6.85 -50.69 23.69
N PHE F 16 6.83 -50.51 25.00
CA PHE F 16 6.88 -51.65 25.92
C PHE F 16 5.64 -52.52 25.74
N CCS F 17 5.86 -53.84 25.64
CA CCS F 17 4.76 -54.77 25.44
CB CCS F 17 4.65 -55.16 23.96
SG CCS F 17 6.13 -55.93 23.27
CD CCS F 17 6.33 -54.80 21.93
CE CCS F 17 5.61 -54.43 20.66
OZ1 CCS F 17 6.05 -54.72 19.55
C CCS F 17 4.89 -56.03 26.29
O CCS F 17 4.12 -56.98 26.09
N GLY F 18 5.83 -56.07 27.23
CA GLY F 18 6.01 -57.24 28.07
C GLY F 18 5.00 -57.34 29.19
N NH2 F 19 5.27 -58.22 30.14
C1 NAG G . -44.38 35.84 -12.02
C2 NAG G . -45.88 36.17 -12.14
C3 NAG G . -46.65 34.93 -12.60
C4 NAG G . -46.04 34.34 -13.86
C5 NAG G . -44.56 34.08 -13.65
C6 NAG G . -43.86 33.60 -14.89
C7 NAG G . -47.26 37.69 -10.81
C8 NAG G . -47.71 38.07 -9.43
N2 NAG G . -46.41 36.68 -10.89
O3 NAG G . -48.01 35.29 -12.83
O4 NAG G . -46.70 33.12 -14.20
O5 NAG G . -43.91 35.30 -13.25
O6 NAG G . -42.44 33.74 -14.78
O7 NAG G . -47.66 38.28 -11.82
C1 NAG G . -47.41 33.31 -15.44
C2 NAG G . -47.64 31.95 -16.09
C3 NAG G . -48.45 32.10 -17.37
C4 NAG G . -49.74 32.87 -17.10
C5 NAG G . -49.43 34.19 -16.41
C6 NAG G . -50.66 34.96 -16.00
C7 NAG G . -45.79 30.42 -15.53
C8 NAG G . -44.49 29.83 -15.98
N2 NAG G . -46.37 31.29 -16.37
O3 NAG G . -48.76 30.80 -17.89
O4 NAG G . -50.42 33.12 -18.32
O5 NAG G . -48.67 33.95 -15.21
O6 NAG G . -50.37 36.32 -15.75
O7 NAG G . -46.31 30.11 -14.46
C1 NAG H . -23.95 70.92 -20.98
C2 NAG H . -24.51 71.38 -22.32
C3 NAG H . -25.17 72.74 -22.18
C4 NAG H . -26.22 72.71 -21.08
C5 NAG H . -25.62 72.17 -19.78
C6 NAG H . -26.64 71.98 -18.68
C7 NAG H . -23.40 70.63 -24.38
C8 NAG H . -22.24 70.83 -25.32
N2 NAG H . -23.45 71.44 -23.32
O3 NAG H . -25.78 73.11 -23.41
O4 NAG H . -26.72 74.02 -20.86
O5 NAG H . -25.01 70.90 -20.02
O6 NAG H . -26.91 73.19 -17.99
O7 NAG H . -24.25 69.77 -24.58
C1 NAG H . -28.16 74.04 -21.07
C2 NAG H . -28.62 75.48 -21.18
C3 NAG H . -30.12 75.55 -21.43
C4 NAG H . -30.48 74.68 -22.64
C5 NAG H . -29.94 73.27 -22.47
C6 NAG H . -30.16 72.40 -23.68
C7 NAG H . -27.19 77.02 -19.90
C8 NAG H . -26.99 77.73 -18.59
N2 NAG H . -28.27 76.24 -19.99
O3 NAG H . -30.51 76.90 -21.66
O4 NAG H . -31.90 74.63 -22.78
O5 NAG H . -28.52 73.32 -22.25
O6 NAG H . -29.59 71.11 -23.51
O7 NAG H . -26.40 77.15 -20.83
C1 NAG I . -8.06 80.89 -13.06
C2 NAG I . -6.95 80.96 -14.11
C3 NAG I . -5.73 81.69 -13.55
C4 NAG I . -6.13 83.06 -13.01
C5 NAG I . -7.27 82.91 -12.01
C6 NAG I . -7.81 84.24 -11.53
C7 NAG I . -6.92 79.14 -15.76
C8 NAG I . -6.46 77.74 -16.06
N2 NAG I . -6.58 79.63 -14.56
O3 NAG I . -4.76 81.83 -14.58
O4 NAG I . -5.01 83.68 -12.38
O5 NAG I . -8.37 82.22 -12.62
O6 NAG I . -9.08 84.52 -12.08
O7 NAG I . -7.57 79.80 -16.57
C1 NAG I . -4.59 84.79 -13.21
C2 NAG I . -4.00 85.87 -12.30
C3 NAG I . -3.50 87.04 -13.14
C4 NAG I . -2.54 86.56 -14.23
C5 NAG I . -3.18 85.44 -15.04
C6 NAG I . -2.24 84.82 -16.04
C7 NAG I . -5.05 85.81 -10.08
C8 NAG I . -6.11 86.40 -9.19
N2 NAG I . -4.98 86.33 -11.32
O3 NAG I . -2.86 87.99 -12.31
O4 NAG I . -2.20 87.64 -15.08
O5 NAG I . -3.62 84.39 -14.17
O6 NAG I . -1.48 83.76 -15.46
O7 NAG I . -4.31 84.91 -9.71
C1 NAG J . -31.73 51.67 -19.84
C2 NAG J . -32.62 52.57 -20.70
C3 NAG J . -34.04 52.02 -20.76
C4 NAG J . -34.03 50.56 -21.21
C5 NAG J . -33.09 49.75 -20.33
C6 NAG J . -32.93 48.32 -20.79
C7 NAG J . -31.79 54.88 -20.62
C8 NAG J . -31.94 56.23 -19.99
N2 NAG J . -32.63 53.93 -20.20
O3 NAG J . -34.81 52.80 -21.67
O4 NAG J . -35.35 50.03 -21.11
O5 NAG J . -31.77 50.34 -20.34
O6 NAG J . -32.64 47.46 -19.70
O7 NAG J . -30.95 54.65 -21.49
C1 NAG J . -35.81 49.60 -22.41
C2 NAG J . -37.03 48.72 -22.21
C3 NAG J . -37.57 48.26 -23.57
C4 NAG J . -37.83 49.46 -24.47
C5 NAG J . -36.58 50.33 -24.56
C6 NAG J . -36.80 51.61 -25.34
C7 NAG J . -37.19 47.43 -20.12
C8 NAG J . -36.77 46.18 -19.41
N2 NAG J . -36.72 47.58 -21.37
O3 NAG J . -38.79 47.54 -23.37
O4 NAG J . -38.18 49.02 -25.77
O5 NAG J . -36.14 50.72 -23.25
O6 NAG J . -35.73 51.85 -26.25
O7 NAG J . -37.91 48.28 -19.61
C1 NAG K . -3.36 -31.04 -39.98
C2 NAG K . -2.08 -31.02 -39.17
C3 NAG K . -1.13 -29.97 -39.73
C4 NAG K . -0.92 -30.17 -41.22
C5 NAG K . -2.25 -30.27 -41.95
C6 NAG K . -2.11 -30.64 -43.40
C7 NAG K . -2.54 -31.77 -36.88
C8 NAG K . -2.80 -31.34 -35.47
N2 NAG K . -2.34 -30.79 -37.76
O3 NAG K . 0.11 -30.04 -39.04
O4 NAG K . -0.19 -29.06 -41.76
O5 NAG K . -3.07 -31.28 -41.35
O6 NAG K . -1.16 -31.68 -43.58
O7 NAG K . -2.50 -32.95 -37.20
C1 NAG K . 1.16 -29.47 -42.05
C2 NAG K . 1.73 -28.53 -43.12
C3 NAG K . 3.19 -28.88 -43.40
C4 NAG K . 4.00 -28.91 -42.11
C5 NAG K . 3.33 -29.83 -41.09
C6 NAG K . 4.01 -29.80 -39.74
C7 NAG K . 0.75 -29.62 -45.10
C8 NAG K . -0.10 -29.42 -46.32
N2 NAG K . 0.94 -28.54 -44.33
O3 NAG K . 3.74 -27.92 -44.31
O4 NAG K . 5.32 -29.37 -42.37
O5 NAG K . 1.97 -29.42 -40.88
O6 NAG K . 3.28 -29.04 -38.80
O7 NAG K . 1.24 -30.71 -44.83
C1 NAG L . -13.65 42.90 37.03
C2 NAG L . -13.63 43.76 38.29
C3 NAG L . -13.17 42.94 39.49
C4 NAG L . -14.02 41.68 39.62
C5 NAG L . -13.98 40.89 38.33
C6 NAG L . -14.88 39.68 38.35
C7 NAG L . -13.11 46.14 38.57
C8 NAG L . -12.12 47.22 38.30
N2 NAG L . -12.79 44.93 38.11
O3 NAG L . -13.26 43.73 40.67
O4 NAG L . -13.55 40.89 40.71
O5 NAG L . -14.44 41.71 37.25
O6 NAG L . -14.39 38.66 37.48
O7 NAG L . -14.16 46.35 39.18
C1 NAG L . -14.59 40.83 41.70
C2 NAG L . -14.52 39.49 42.43
C3 NAG L . -15.59 39.42 43.51
C4 NAG L . -15.48 40.62 44.44
C5 NAG L . -15.50 41.92 43.65
C6 NAG L . -15.26 43.14 44.50
C7 NAG L . -13.62 37.69 41.03
C8 NAG L . -13.95 36.57 40.08
N2 NAG L . -14.66 38.38 41.51
O3 NAG L . -15.44 38.21 44.26
O4 NAG L . -16.56 40.63 45.37
O5 NAG L . -14.46 41.91 42.65
O6 NAG L . -13.86 43.44 44.61
O7 NAG L . -12.46 37.95 41.35
C1 NAG M . -49.43 65.85 -1.78
C2 NAG M . -50.56 64.90 -2.19
C3 NAG M . -51.00 65.19 -3.62
C4 NAG M . -51.34 66.67 -3.81
C5 NAG M . -50.18 67.53 -3.33
C6 NAG M . -50.49 69.01 -3.36
C7 NAG M . -51.01 62.50 -1.96
C8 NAG M . -50.40 61.13 -1.83
N2 NAG M . -50.15 63.51 -2.05
O3 NAG M . -52.12 64.38 -3.94
O4 NAG M . -51.59 66.96 -5.17
O5 NAG M . -49.84 67.21 -1.97
O6 NAG M . -51.23 69.40 -2.21
O7 NAG M . -52.22 62.67 -1.98
C1 NAG M . -53.01 66.97 -5.43
C2 NAG M . -53.35 68.16 -6.32
C3 NAG M . -54.84 68.16 -6.67
C4 NAG M . -55.24 66.82 -7.26
C5 NAG M . -54.83 65.68 -6.34
C6 NAG M . -55.09 64.31 -6.93
C7 NAG M . -52.27 70.37 -6.32
C8 NAG M . -51.96 71.60 -5.51
N2 NAG M . -52.97 69.41 -5.69
O3 NAG M . -55.12 69.21 -7.58
O4 NAG M . -56.65 66.78 -7.46
O5 NAG M . -53.42 65.76 -6.07
O6 NAG M . -54.77 64.28 -8.31
O7 NAG M . -51.89 70.23 -7.48
C1 NAG N . -45.71 60.82 17.69
C2 NAG N . -46.86 60.89 18.68
C3 NAG N . -47.23 62.35 18.97
C4 NAG N . -46.00 63.12 19.42
C5 NAG N . -44.88 62.97 18.39
C6 NAG N . -43.58 63.61 18.84
C7 NAG N . -48.37 58.95 18.66
C8 NAG N . -49.59 58.35 18.04
N2 NAG N . -48.02 60.17 18.20
O3 NAG N . -48.23 62.39 19.98
O4 NAG N . -46.32 64.50 19.57
O5 NAG N . -44.60 61.58 18.18
O6 NAG N . -43.23 64.70 18.00
O7 NAG N . -47.73 58.38 19.53
C1 NAG N . -46.23 64.86 20.97
C2 NAG N . -46.62 66.32 21.12
C3 NAG N . -46.58 66.73 22.59
C4 NAG N . -47.44 65.79 23.42
C5 NAG N . -47.01 64.34 23.18
C6 NAG N . -47.90 63.34 23.88
C7 NAG N . -45.97 67.46 19.04
C8 NAG N . -44.98 68.37 18.38
N2 NAG N . -45.75 67.18 20.33
O3 NAG N . -47.05 68.07 22.73
O4 NAG N . -47.28 66.10 24.81
O5 NAG N . -47.08 64.04 21.78
O6 NAG N . -47.13 62.34 24.54
O7 NAG N . -46.94 67.00 18.43
C1 NAG O . -32.35 48.04 27.02
C2 NAG O . -33.23 48.88 27.94
C3 NAG O . -32.58 49.03 29.32
C4 NAG O . -32.23 47.65 29.89
C5 NAG O . -31.38 46.87 28.89
C6 NAG O . -31.10 45.45 29.34
C7 NAG O . -34.65 50.81 27.43
C8 NAG O . -34.73 52.16 26.77
N2 NAG O . -33.47 50.19 27.36
O3 NAG O . -33.46 49.70 30.20
O4 NAG O . -31.51 47.81 31.11
O5 NAG O . -32.09 46.78 27.65
O6 NAG O . -29.84 45.01 28.83
O7 NAG O . -35.62 50.32 28.00
C1 NAG O . -32.26 47.21 32.19
C2 NAG O . -31.27 46.86 33.30
C3 NAG O . -32.02 46.26 34.50
C4 NAG O . -33.14 47.20 34.94
C5 NAG O . -34.04 47.54 33.76
C6 NAG O . -35.11 48.56 34.10
C7 NAG O . -28.96 46.23 32.78
C8 NAG O . -28.06 45.15 32.27
N2 NAG O . -30.26 45.93 32.83
O3 NAG O . -31.11 46.06 35.57
O4 NAG O . -33.91 46.59 35.97
O5 NAG O . -33.25 48.11 32.70
O6 NAG O . -36.39 47.94 34.17
O7 NAG O . -28.52 47.31 33.15
C1 NAG P . -2.63 75.46 18.77
C2 NAG P . -1.43 76.33 19.10
C3 NAG P . -1.81 77.80 19.10
C4 NAG P . -2.47 78.18 17.78
C5 NAG P . -3.65 77.24 17.49
C6 NAG P . -4.28 77.46 16.14
C7 NAG P . 0.23 75.18 20.51
C8 NAG P . 0.68 74.89 21.90
N2 NAG P . -0.86 75.95 20.39
O3 NAG P . -0.65 78.60 19.29
O4 NAG P . -2.95 79.52 17.83
O5 NAG P . -3.19 75.87 17.51
O6 NAG P . -3.41 77.07 15.08
O7 NAG P . 0.82 74.74 19.52
C1 NAG P . -2.27 80.30 16.83
C2 NAG P . -2.87 81.70 16.82
C3 NAG P . -2.16 82.58 15.79
C4 NAG P . -0.66 82.57 16.04
C5 NAG P . -0.14 81.13 16.09
C6 NAG P . 1.32 81.05 16.46
C7 NAG P . -5.22 81.81 17.51
C8 NAG P . -6.65 81.74 17.06
N2 NAG P . -4.30 81.66 16.56
O3 NAG P . -2.66 83.91 15.87
O4 NAG P . 0.01 83.28 15.00
O5 NAG P . -0.86 80.38 17.08
O6 NAG P . 1.94 79.91 15.86
O7 NAG P . -4.92 81.97 18.69
C1 NAG Q . 6.63 62.95 5.29
C2 NAG Q . 7.23 64.36 5.41
C3 NAG Q . 8.10 64.66 4.19
C4 NAG Q . 9.13 63.55 3.98
C5 NAG Q . 8.43 62.20 3.92
C6 NAG Q . 9.40 61.03 3.83
C7 NAG Q . 5.96 66.02 6.69
C8 NAG Q . 4.85 67.02 6.67
N2 NAG Q . 6.19 65.35 5.55
O3 NAG Q . 8.76 65.90 4.37
O4 NAG Q . 9.81 63.78 2.75
O5 NAG Q . 7.66 62.00 5.10
O6 NAG Q . 8.75 59.86 3.36
O7 NAG Q . 6.62 65.80 7.70
C1 NAG Q . 11.23 63.93 2.98
C2 NAG Q . 11.91 64.05 1.62
C3 NAG Q . 13.42 64.25 1.80
C4 NAG Q . 13.70 65.42 2.73
C5 NAG Q . 12.93 65.25 4.04
C6 NAG Q . 13.06 66.45 4.95
C7 NAG Q . 10.68 62.85 -0.12
C8 NAG Q . 10.54 61.56 -0.88
N2 NAG Q . 11.64 62.89 0.80
O3 NAG Q . 14.01 64.49 0.53
O4 NAG Q . 15.09 65.51 3.00
O5 NAG Q . 11.54 65.09 3.78
O6 NAG Q . 13.80 67.50 4.33
O7 NAG Q . 9.96 63.81 -0.34
C1 NAG R . 10.93 54.66 -14.54
C2 NAG R . 11.48 55.82 -15.36
C3 NAG R . 12.67 55.36 -16.21
C4 NAG R . 13.71 54.69 -15.33
C5 NAG R . 13.08 53.57 -14.52
C6 NAG R . 14.02 52.93 -13.52
C7 NAG R . 10.18 57.70 -16.26
C8 NAG R . 9.08 58.11 -17.19
N2 NAG R . 10.45 56.39 -16.21
O3 NAG R . 13.23 56.48 -16.88
O4 NAG R . 14.75 54.15 -16.15
O5 NAG R . 11.98 54.10 -13.76
O6 NAG R . 13.55 51.65 -13.10
O7 NAG R . 10.80 58.51 -15.59
C1 NAG R . 16.04 54.66 -15.74
C2 NAG R . 17.12 53.87 -16.47
C3 NAG R . 18.50 54.39 -16.12
C4 NAG R . 18.58 55.89 -16.34
C5 NAG R . 17.44 56.60 -15.62
C6 NAG R . 17.39 58.08 -15.90
C7 NAG R . 16.30 51.59 -16.91
C8 NAG R . 16.29 50.16 -16.45
N2 NAG R . 17.01 52.44 -16.16
O3 NAG R . 19.47 53.73 -16.90
O4 NAG R . 19.83 56.39 -15.88
O5 NAG R . 16.19 56.06 -16.04
O6 NAG R . 16.67 58.36 -17.09
O7 NAG R . 15.68 51.96 -17.90
C1 NAG S . -19.04 74.20 30.93
C2 NAG S . -18.58 73.72 32.31
C3 NAG S . -19.79 73.47 33.20
C4 NAG S . -20.69 74.69 33.26
C5 NAG S . -21.03 75.17 31.84
C6 NAG S . -21.79 76.46 31.83
C7 NAG S . -16.72 72.27 32.98
C8 NAG S . -15.99 70.98 32.71
N2 NAG S . -17.77 72.52 32.19
O3 NAG S . -19.34 73.13 34.51
O4 NAG S . -21.90 74.39 33.94
O5 NAG S . -19.84 75.38 31.08
O6 NAG S . -21.54 77.20 30.63
O7 NAG S . -16.37 73.05 33.85
C1 NAG S . -21.84 74.90 35.29
C2 NAG S . -23.20 75.49 35.65
C3 NAG S . -23.18 75.99 37.09
C4 NAG S . -22.74 74.87 38.03
C5 NAG S . -21.40 74.29 37.57
C6 NAG S . -20.97 73.09 38.38
C7 NAG S . -24.72 76.61 34.10
C8 NAG S . -24.93 77.81 33.21
N2 NAG S . -23.56 76.57 34.74
O3 NAG S . -24.48 76.44 37.46
O4 NAG S . -22.60 75.37 39.35
O5 NAG S . -21.50 73.86 36.21
O6 NAG S . -21.38 71.88 37.78
O7 NAG S . -25.58 75.74 34.23
C1 NAG T . -38.48 -7.64 -25.60
C2 NAG T . -38.77 -6.69 -26.76
C3 NAG T . -40.15 -6.07 -26.61
C4 NAG T . -41.21 -7.16 -26.44
C5 NAG T . -40.82 -8.09 -25.30
C6 NAG T . -41.76 -9.27 -25.15
C7 NAG T . -37.45 -5.02 -27.98
C8 NAG T . -36.37 -3.97 -27.88
N2 NAG T . -37.76 -5.65 -26.85
O3 NAG T . -40.46 -5.29 -27.76
O4 NAG T . -42.47 -6.58 -26.16
O5 NAG T . -39.51 -8.64 -25.53
O6 NAG T . -41.04 -10.50 -25.05
O7 NAG T . -38.02 -5.27 -29.04
C1 NAG U . -2.66 66.44 -18.84
C2 NAG U . -2.62 67.53 -17.76
C3 NAG U . -2.41 68.91 -18.40
C4 NAG U . -1.20 68.88 -19.32
C5 NAG U . -1.32 67.75 -20.32
C6 NAG U . -0.11 67.61 -21.21
C7 NAG U . -3.92 66.95 -15.76
C8 NAG U . -5.26 67.02 -15.09
N2 NAG U . -3.84 67.52 -16.97
O3 NAG U . -2.25 69.88 -17.38
O4 NAG U . -1.08 70.13 -20.01
O5 NAG U . -1.48 66.50 -19.64
O6 NAG U . -0.32 66.62 -22.22
O7 NAG U . -2.95 66.41 -15.23
C1 NAG V . 45.92 -30.11 -35.53
C2 NAG V . 44.47 -30.36 -35.10
C3 NAG V . 43.55 -30.28 -36.32
C4 NAG V . 43.74 -28.96 -37.06
C5 NAG V . 45.21 -28.77 -37.40
C6 NAG V . 45.51 -27.43 -38.04
C7 NAG V . 43.67 -31.82 -33.29
C8 NAG V . 43.06 -30.58 -32.71
N2 NAG V . 44.33 -31.65 -34.45
O3 NAG V . 42.19 -30.39 -35.89
O4 NAG V . 42.97 -28.94 -38.25
O5 NAG V . 46.01 -28.85 -36.21
O6 NAG V . 44.83 -26.38 -37.37
O7 NAG V . 43.57 -32.92 -32.77
C1 NAG W . -11.10 -35.12 -63.15
C2 NAG W . -10.81 -36.57 -62.76
C3 NAG W . -9.58 -36.64 -61.87
C4 NAG W . -8.39 -35.94 -62.53
C5 NAG W . -8.79 -34.52 -62.92
C6 NAG W . -7.70 -33.80 -63.69
C7 NAG W . -12.87 -37.90 -62.76
C8 NAG W . -13.99 -38.45 -61.92
N2 NAG W . -11.96 -37.17 -62.10
O3 NAG W . -9.25 -38.00 -61.62
O4 NAG W . -7.30 -35.90 -61.62
O5 NAG W . -9.94 -34.55 -63.77
O6 NAG W . -7.07 -32.80 -62.89
O7 NAG W . -12.79 -38.11 -63.97
C1 NAG X . 39.67 -6.04 -32.13
C2 NAG X . 40.51 -4.78 -31.95
C3 NAG X . 40.28 -3.82 -33.11
C4 NAG X . 40.52 -4.52 -34.43
C5 NAG X . 39.70 -5.80 -34.52
C6 NAG X . 39.99 -6.61 -35.76
C7 NAG X . 41.12 -3.46 -29.97
C8 NAG X . 40.64 -2.86 -28.69
N2 NAG X . 40.21 -4.14 -30.68
O3 NAG X . 41.15 -2.71 -32.97
O4 NAG X . 40.17 -3.66 -35.51
O5 NAG X . 39.97 -6.65 -33.39
O6 NAG X . 40.86 -7.69 -35.48
O7 NAG X . 42.29 -3.34 -30.35
C1 NAG Y . -14.62 58.42 -26.25
C2 NAG Y . -13.13 58.56 -26.55
C3 NAG Y . -12.71 57.59 -27.65
C4 NAG Y . -13.14 56.17 -27.28
C5 NAG Y . -14.63 56.14 -26.94
C6 NAG Y . -15.10 54.78 -26.46
C7 NAG Y . -12.09 60.76 -26.16
C8 NAG Y . -11.63 60.20 -24.84
N2 NAG Y . -12.80 59.93 -26.94
O3 NAG Y . -11.30 57.64 -27.82
O4 NAG Y . -12.90 55.29 -28.38
O5 NAG Y . -14.91 57.07 -25.89
O6 NAG Y . -16.27 54.37 -27.15
O7 NAG Y . -11.83 61.91 -26.51
C1 NAG Z . -34.13 -37.28 -14.04
C2 NAG Z . -35.28 -36.75 -14.90
C3 NAG Z . -36.43 -36.30 -14.00
C4 NAG Z . -36.85 -37.41 -13.06
C5 NAG Z . -35.64 -37.93 -12.28
C6 NAG Z . -35.96 -39.12 -11.41
C7 NAG Z . -34.35 -35.86 -16.98
C8 NAG Z . -33.93 -34.62 -17.72
N2 NAG Z . -34.83 -35.66 -15.75
O3 NAG Z . -37.53 -35.90 -14.82
O4 NAG Z . -37.83 -36.93 -12.14
O5 NAG Z . -34.62 -38.34 -13.19
O6 NAG Z . -35.33 -40.30 -11.90
O7 NAG Z . -34.26 -36.97 -17.48
C1 NAG AA . -9.31 -53.53 -12.91
C2 NAG AA . -10.67 -53.04 -12.36
C3 NAG AA . -10.78 -53.30 -10.85
C4 NAG AA . -10.44 -54.75 -10.52
C5 NAG AA . -9.08 -55.11 -11.12
C6 NAG AA . -8.71 -56.56 -10.90
C7 NAG AA . -10.35 -50.53 -12.37
C8 NAG AA . -9.11 -50.65 -11.51
N2 NAG AA . -10.99 -51.67 -12.71
O3 NAG AA . -12.11 -53.01 -10.42
O4 NAG AA . -10.39 -54.93 -9.11
O5 NAG AA . -9.09 -54.89 -12.53
O6 NAG AA . -9.65 -57.21 -10.06
O7 NAG AA . -10.75 -49.43 -12.74
C1 NAG BA . -10.55 -35.45 27.24
C2 NAG BA . -9.34 -34.71 26.61
C3 NAG BA . -9.50 -33.21 26.74
C4 NAG BA . -10.79 -32.79 26.04
C5 NAG BA . -11.99 -33.56 26.60
C6 NAG BA . -13.25 -33.31 25.81
C7 NAG BA . -7.52 -34.93 28.31
C8 NAG BA . -6.16 -35.55 28.56
N2 NAG BA . -8.05 -35.17 27.10
O3 NAG BA . -8.39 -32.56 26.15
O4 NAG BA . -11.00 -31.39 26.21
O5 NAG BA . -11.77 -34.98 26.58
O6 NAG BA . -14.19 -34.36 25.99
O7 NAG BA . -8.09 -34.27 29.16
C1 NAG CA . -40.68 -4.77 2.78
C2 NAG CA . -39.90 -3.63 2.11
C3 NAG CA . -39.76 -3.89 0.61
C4 NAG CA . -39.16 -5.26 0.36
C5 NAG CA . -39.98 -6.33 1.09
C6 NAG CA . -39.37 -7.72 0.97
C7 NAG CA . -39.89 -1.19 2.41
C8 NAG CA . -40.72 0.03 2.66
N2 NAG CA . -40.55 -2.35 2.35
O3 NAG CA . -38.94 -2.89 0.03
O4 NAG CA . -39.16 -5.55 -1.03
O5 NAG CA . -40.04 -6.03 2.49
O6 NAG CA . -40.11 -8.67 1.74
O7 NAG CA . -38.67 -1.13 2.26
C1 NAG DA . -49.44 49.28 -0.64
C2 NAG DA . -49.45 50.35 -1.72
C3 NAG DA . -50.77 51.10 -1.73
C4 NAG DA . -51.93 50.12 -1.84
C5 NAG DA . -51.82 49.05 -0.76
C6 NAG DA . -52.87 47.96 -0.89
C7 NAG DA . -47.11 51.02 -2.04
C8 NAG DA . -46.07 52.07 -1.76
N2 NAG DA . -48.33 51.26 -1.55
O3 NAG DA . -50.79 52.01 -2.82
O4 NAG DA . -53.16 50.82 -1.68
O5 NAG DA . -50.55 48.40 -0.84
O6 NAG DA . -52.29 46.67 -0.80
O7 NAG DA . -46.85 50.01 -2.69
C1 NAG EA . -46.29 44.06 14.10
C2 NAG EA . -45.99 43.33 15.41
C3 NAG EA . -46.30 41.84 15.27
C4 NAG EA . -47.71 41.63 14.75
C5 NAG EA . -47.94 42.44 13.48
C6 NAG EA . -49.37 42.38 12.99
C7 NAG EA . -44.26 44.28 16.87
C8 NAG EA . -42.78 44.38 17.13
N2 NAG EA . -44.61 43.54 15.81
O3 NAG EA . -46.14 41.22 16.54
O4 NAG EA . -47.93 40.25 14.47
O5 NAG EA . -47.65 43.82 13.72
O6 NAG EA . -49.43 42.12 11.59
O7 NAG EA . -45.09 44.84 17.58
C1 NAG FA . -25.37 -51.80 40.90
C2 NAG FA . -24.40 -52.95 40.62
C3 NAG FA . -24.02 -52.98 39.15
C4 NAG FA . -25.27 -53.03 38.28
C5 NAG FA . -26.22 -51.89 38.65
C6 NAG FA . -27.53 -51.95 37.91
C7 NAG FA . -23.10 -53.38 42.66
C8 NAG FA . -21.81 -53.16 43.38
N2 NAG FA . -23.21 -52.83 41.45
O3 NAG FA . -23.22 -54.12 38.89
O4 NAG FA . -24.92 -52.93 36.91
O5 NAG FA . -26.52 -51.94 40.05
O6 NAG FA . -27.43 -52.70 36.71
O7 NAG FA . -24.01 -54.04 43.16
C1 NAG GA . -5.52 -1.11 46.39
C2 NAG GA . -6.91 -0.82 46.97
C3 NAG GA . -6.84 0.43 47.85
C4 NAG GA . -5.75 0.28 48.91
C5 NAG GA . -4.42 -0.08 48.25
C6 NAG GA . -3.34 -0.37 49.26
C7 NAG GA . -9.07 -1.26 45.92
C8 NAG GA . -9.35 -2.17 47.08
N2 NAG GA . -7.89 -0.65 45.92
O3 NAG GA . -8.11 0.64 48.47
O4 NAG GA . -5.60 1.50 49.64
O5 NAG GA . -4.58 -1.26 47.46
O6 NAG GA . -3.75 -0.08 50.59
O7 NAG GA . -9.89 -1.10 45.01
C1 NAG HA . 62.64 -11.05 -14.02
C2 NAG HA . 63.88 -11.59 -14.72
C3 NAG HA . 63.48 -12.35 -15.99
C4 NAG HA . 62.48 -13.44 -15.66
C5 NAG HA . 61.29 -12.86 -14.90
C6 NAG HA . 60.33 -13.91 -14.41
C7 NAG HA . 66.14 -10.68 -14.99
C8 NAG HA . 66.96 -9.47 -15.35
N2 NAG HA . 64.81 -10.52 -15.04
O3 NAG HA . 64.64 -12.92 -16.59
O4 NAG HA . 62.02 -14.06 -16.85
O5 NAG HA . 61.74 -12.14 -13.73
O6 NAG HA . 60.74 -14.47 -13.18
O7 NAG HA . 66.66 -11.75 -14.69
C1 NAG IA . 37.96 18.06 -18.87
C2 NAG IA . 38.32 19.30 -18.04
C3 NAG IA . 38.57 20.49 -18.97
C4 NAG IA . 39.61 20.14 -20.02
C5 NAG IA . 39.20 18.88 -20.77
C6 NAG IA . 40.24 18.41 -21.75
C7 NAG IA . 37.31 19.22 -15.81
C8 NAG IA . 36.13 19.63 -14.97
N2 NAG IA . 37.26 19.60 -17.09
O3 NAG IA . 39.02 21.60 -18.19
O4 NAG IA . 39.74 21.22 -20.95
O5 NAG IA . 39.00 17.80 -19.83
O6 NAG IA . 40.33 19.30 -22.86
O7 NAG IA . 38.24 18.58 -15.35
C1 NAG JA . 17.85 13.64 34.24
C2 NAG JA . 16.57 13.63 35.09
C3 NAG JA . 16.79 14.47 36.34
C4 NAG JA . 18.02 14.00 37.10
C5 NAG JA . 19.24 13.98 36.17
C6 NAG JA . 20.47 13.40 36.82
C7 NAG JA . 14.51 13.32 33.81
C8 NAG JA . 13.40 13.98 33.06
N2 NAG JA . 15.43 14.13 34.33
O3 NAG JA . 15.64 14.37 37.18
O4 NAG JA . 18.28 14.86 38.20
O5 NAG JA . 18.95 13.17 35.02
O6 NAG JA . 21.65 13.99 36.29
O7 NAG JA . 14.57 12.10 33.94
C1 NAG KA . 22.66 32.67 33.67
C2 NAG KA . 24.11 32.30 33.93
C3 NAG KA . 24.20 31.25 35.04
C4 NAG KA . 23.46 31.74 36.28
C5 NAG KA . 22.04 32.14 35.92
C6 NAG KA . 21.28 32.75 37.08
C7 NAG KA . 25.41 32.60 31.86
C8 NAG KA . 26.01 31.93 30.66
N2 NAG KA . 24.75 31.81 32.72
O3 NAG KA . 25.57 31.01 35.34
O4 NAG KA . 23.42 30.71 37.26
O5 NAG KA . 22.06 33.13 34.88
O6 NAG KA . 20.14 33.47 36.65
O7 NAG KA . 25.52 33.80 32.05
C1 NAG LA . -9.80 60.20 32.99
C2 NAG LA . -11.19 60.49 33.56
C3 NAG LA . -11.11 61.48 34.71
C4 NAG LA . -10.11 60.99 35.76
C5 NAG LA . -8.77 60.67 35.11
C6 NAG LA . -7.78 60.06 36.07
C7 NAG LA . -12.81 60.18 31.74
C8 NAG LA . -13.66 60.86 30.71
N2 NAG LA . -12.08 60.99 32.51
O3 NAG LA . -12.39 61.63 35.29
O4 NAG LA . -9.94 61.97 36.77
O5 NAG LA . -8.95 59.73 34.04
O6 NAG LA . -6.73 59.41 35.38
O7 NAG LA . -12.79 58.96 31.86
C1 NAG MA . 1.20 63.05 25.09
C2 NAG MA . 2.69 62.76 25.26
C3 NAG MA . 3.23 63.44 26.51
C4 NAG MA . 2.88 64.92 26.50
C5 NAG MA . 1.39 65.12 26.27
C6 NAG MA . 0.99 66.58 26.13
C7 NAG MA . 4.01 60.74 24.77
C8 NAG MA . 4.09 59.26 24.92
N2 NAG MA . 2.94 61.32 25.31
O3 NAG MA . 4.64 63.26 26.59
O4 NAG MA . 3.25 65.51 27.74
O5 NAG MA . 0.99 64.47 25.05
O6 NAG MA . 0.02 66.94 27.10
O7 NAG MA . 4.88 61.38 24.19
C1 NAG NA . 40.59 -20.62 2.74
C2 NAG NA . 40.29 -20.20 4.18
C3 NAG NA . 38.83 -20.48 4.53
C4 NAG NA . 37.91 -19.83 3.51
C5 NAG NA . 38.30 -20.26 2.10
C6 NAG NA . 37.50 -19.56 1.02
C7 NAG NA . 42.32 -20.35 5.57
C8 NAG NA . 43.11 -21.19 6.52
N2 NAG NA . 41.18 -20.88 5.12
O3 NAG NA . 38.55 -19.98 5.83
O4 NAG NA . 36.56 -20.22 3.76
O5 NAG NA . 39.68 -19.94 1.85
O6 NAG NA . 36.37 -18.88 1.58
O7 NAG NA . 42.69 -19.24 5.22
C1 NAG OA . 67.26 -17.91 9.22
C2 NAG OA . 67.85 -19.31 8.99
C3 NAG OA . 66.79 -20.40 9.16
C4 NAG OA . 66.07 -20.23 10.49
C5 NAG OA . 65.54 -18.81 10.64
C6 NAG OA . 64.90 -18.55 11.98
C7 NAG OA . 68.10 -19.31 6.45
C8 NAG OA . 66.64 -19.00 6.28
N2 NAG OA . 68.56 -19.44 7.72
O3 NAG OA . 67.40 -21.68 9.09
O4 NAG OA . 64.98 -21.15 10.58
O5 NAG OA . 66.62 -17.87 10.50
O6 NAG OA . 64.18 -19.69 12.44
O7 NAG OA . 68.83 -19.46 5.48
C1 NAG PA . 15.61 -20.15 45.62
C2 NAG PA . 14.80 -19.59 46.79
C3 NAG PA . 15.63 -18.58 47.57
C4 NAG PA . 16.96 -19.18 47.98
C5 NAG PA . 17.69 -19.77 46.77
C6 NAG PA . 18.95 -20.50 47.13
C7 NAG PA . 12.47 -18.87 47.09
C8 NAG PA . 11.28 -18.22 46.44
N2 NAG PA . 13.56 -18.99 46.32
O3 NAG PA . 14.91 -18.15 48.72
O4 NAG PA . 17.78 -18.19 48.59
O5 NAG PA . 16.83 -20.71 46.11
O6 NAG PA . 19.49 -20.03 48.36
O7 NAG PA . 12.45 -19.26 48.25
#